data_8HKK
#
_entry.id   8HKK
#
_cell.length_a   1.00
_cell.length_b   1.00
_cell.length_c   1.00
_cell.angle_alpha   90.00
_cell.angle_beta   90.00
_cell.angle_gamma   90.00
#
_symmetry.space_group_name_H-M   'P 1'
#
loop_
_entity.id
_entity.type
_entity.pdbx_description
1 polymer 'Potassium channel subfamily T member 1'
2 non-polymer 'ZINC ION'
3 non-polymer 'SODIUM ION'
4 non-polymer 'POTASSIUM ION'
#
_entity_poly.entity_id   1
_entity_poly.type   'polypeptide(L)'
_entity_poly.pdbx_seq_one_letter_code
;MPLPDGARTPGGVCREARGGGYTNRTFEFDDGQCAPRRPCAGDGALLDTAGFKMSDLDSEVLPLPPRYRFRDLLLGDPSF
QNDDRVQVEFYVNENTFKERLKLFFIKNQRSSLRIRLFNFSLKLLTCLLYIVRVLLDDPALGIGCWGCPKQNYSFNDSSS
EINWAPILWVERKMTLWAIQVIVAIISFLETMLLIYLSYKGNIWEQIFRVSFVLEMINTLPFIITIFWPPLRNLFIPVFL
NCWLAKHALENMINDFHRAILRTQSAMFNQVLILFCTLLCLVFTGTCGIQHLERAGENLSLLTSFYFCIVTFSTVGYGDV
TPKIWPSQLLVVIMICVALVVLPLQFEELVYLWMERQKSGGNYSRHRAQTEKHVVLCVSSLKIDLLMDFLNEFYAHPRLQ
DYYVVILCPTEMDVQVRRVLQIPLWSQRVIYLQGSALKDQDLMRAKMDNGEACFILSSRNEVDRTAADHQTILRAWAVKD
FAPNCPLYVQILKPENKFHVKFADHVVCEEECKYAMLALNCICPATSTLITLLVHTSRGQEGQESPEQWQRMYGRCSGNE
VYHIRMGDSKFFREYEGKSFTYAAFHAHKKYGVCLIGLKREDNKSILLNPGPRHILAASDTCFYINITKEENSAFIFKQE
EKRKKRAFSGQGLHEGPARLPVHSIIASMGTVAMDLQGTEHRPTQSGGGGGGSKLALPTENGSGSRRPSIAPVLELADSS
ALLPCDLLSDQSEDEVTPSDDEGLSVVEYVKGYPPNSPYIGSSPTLCHLLPVKAPFCCLRLDKGCKHNSYEDAKAYGFKN
KLIIVSAETAGNGLYNFIVPLRAYYRSRKELNPIVLLLDNKPDHHFLEAICCFPMVYYMEGSVDNLDSLLQCGIIYADNL
VVVDKESTMSAEEDYMADAKTIVNVQTMFRLFPSLSITTELTHPSNMRFMQFRAKDSYSLALSKLEKRERENGSNLAFMF
RLPFAAGRVFSISMLDTLLYQSFVKDYMITITRLLLGLDTTPGSGYLCAMKITEGDLWIRTYGRLFQKLCSSSAEIPIGI
YRTESHVFSTSEPHDLRAQSQISVNVEDCEDTREVKGPWGSRAGTGGSSQGRHTGGGDPAEHPLLRRKSLQWARRLSRKA
PKQAGRAAAAEWISQQRLSLYRRSERQELSELVKNRMKHLGLPTTGYDEMNDHQNTLSYVLINPPPDTRLEPSDIVYLIR
SDPLAHVASSSQSRKSSCSHKLSSCNPETRDETQL
;
_entity_poly.pdbx_strand_id   A,B,C,D
#
loop_
_chem_comp.id
_chem_comp.type
_chem_comp.name
_chem_comp.formula
K non-polymer 'POTASSIUM ION' 'K 1'
NA non-polymer 'SODIUM ION' 'Na 1'
ZN non-polymer 'ZINC ION' 'Zn 2'
#
# COMPACT_ATOMS: atom_id res chain seq x y z
N ARG A 110 -32.64 31.59 12.20
CA ARG A 110 -31.27 32.03 12.40
C ARG A 110 -31.19 33.12 13.46
N SER A 111 -32.23 33.21 14.29
CA SER A 111 -32.25 34.22 15.35
C SER A 111 -31.17 33.95 16.39
N SER A 112 -30.80 32.69 16.58
CA SER A 112 -29.75 32.37 17.55
C SER A 112 -28.41 33.00 17.15
N LEU A 113 -28.07 32.94 15.86
CA LEU A 113 -26.84 33.56 15.41
C LEU A 113 -26.90 35.08 15.55
N ARG A 114 -28.09 35.67 15.36
CA ARG A 114 -28.25 37.10 15.58
C ARG A 114 -27.97 37.47 17.03
N ILE A 115 -28.43 36.63 17.97
CA ILE A 115 -28.22 36.92 19.38
C ILE A 115 -26.73 36.90 19.71
N ARG A 116 -26.02 35.87 19.24
CA ARG A 116 -24.58 35.80 19.48
C ARG A 116 -23.83 36.91 18.75
N LEU A 117 -24.26 37.25 17.54
CA LEU A 117 -23.61 38.35 16.82
C LEU A 117 -23.79 39.66 17.56
N PHE A 118 -24.99 39.92 18.08
CA PHE A 118 -25.19 41.09 18.94
C PHE A 118 -24.35 40.98 20.20
N ASN A 119 -24.26 39.78 20.77
CA ASN A 119 -23.42 39.57 21.95
C ASN A 119 -21.95 39.81 21.63
N PHE A 120 -21.50 39.37 20.45
CA PHE A 120 -20.12 39.64 20.06
C PHE A 120 -19.90 41.14 19.87
N SER A 121 -20.88 41.84 19.29
CA SER A 121 -20.74 43.27 19.06
C SER A 121 -20.62 44.04 20.37
N LEU A 122 -21.40 43.67 21.38
CA LEU A 122 -21.36 44.38 22.65
C LEU A 122 -20.05 44.12 23.40
N LYS A 123 -19.48 42.92 23.26
CA LYS A 123 -18.22 42.63 23.93
C LYS A 123 -17.09 43.49 23.39
N LEU A 124 -17.01 43.66 22.07
CA LEU A 124 -15.99 44.55 21.50
C LEU A 124 -16.31 46.01 21.81
N LEU A 125 -17.59 46.34 21.99
CA LEU A 125 -17.96 47.72 22.27
C LEU A 125 -17.49 48.14 23.66
N THR A 126 -17.71 47.29 24.67
CA THR A 126 -17.31 47.66 26.02
C THR A 126 -15.80 47.64 26.19
N CYS A 127 -15.10 46.79 25.42
CA CYS A 127 -13.63 46.85 25.42
C CYS A 127 -13.15 48.14 24.80
N LEU A 128 -13.75 48.55 23.67
CA LEU A 128 -13.41 49.83 23.08
C LEU A 128 -13.78 50.99 24.00
N LEU A 129 -14.90 50.87 24.70
CA LEU A 129 -15.32 51.91 25.62
C LEU A 129 -14.38 52.00 26.81
N TYR A 130 -13.77 50.87 27.20
CA TYR A 130 -12.69 50.91 28.17
C TYR A 130 -11.50 51.68 27.63
N ILE A 131 -11.19 51.50 26.33
CA ILE A 131 -10.10 52.25 25.71
C ILE A 131 -10.43 53.74 25.70
N VAL A 132 -11.69 54.08 25.44
CA VAL A 132 -12.10 55.48 25.50
C VAL A 132 -11.92 56.04 26.89
N ARG A 133 -12.24 55.24 27.92
CA ARG A 133 -12.07 55.68 29.30
C ARG A 133 -10.61 56.03 29.58
N VAL A 134 -9.69 55.11 29.28
CA VAL A 134 -8.29 55.34 29.61
C VAL A 134 -7.66 56.42 28.75
N LEU A 135 -8.23 56.67 27.57
CA LEU A 135 -7.73 57.77 26.74
C LEU A 135 -8.11 59.13 27.31
N LEU A 136 -9.24 59.22 27.99
CA LEU A 136 -9.70 60.47 28.60
C LEU A 136 -9.46 60.53 30.10
N ASP A 137 -8.77 59.53 30.67
CA ASP A 137 -8.48 59.51 32.10
C ASP A 137 -7.04 59.97 32.31
N ASP A 138 -6.88 61.16 32.88
CA ASP A 138 -5.55 61.71 33.16
C ASP A 138 -5.29 61.64 34.65
N PRO A 139 -4.31 60.84 35.08
CA PRO A 139 -4.09 60.65 36.53
C PRO A 139 -3.42 61.83 37.20
N ALA A 140 -2.56 62.55 36.46
CA ALA A 140 -1.82 63.67 37.05
C ALA A 140 -2.74 64.78 37.54
N LEU A 141 -3.93 64.92 36.96
CA LEU A 141 -4.89 65.90 37.44
C LEU A 141 -5.32 65.60 38.88
N GLY A 142 -5.56 64.32 39.16
CA GLY A 142 -5.94 63.90 40.50
C GLY A 142 -6.65 62.56 40.48
N ILE A 143 -6.34 61.70 41.44
CA ILE A 143 -6.95 60.38 41.55
C ILE A 143 -7.47 60.19 42.96
N GLY A 144 -8.70 59.71 43.08
CA GLY A 144 -9.32 59.47 44.37
C GLY A 144 -10.50 58.53 44.29
N CYS A 145 -11.38 58.59 45.28
CA CYS A 145 -12.58 57.76 45.31
C CYS A 145 -13.78 58.66 45.04
N TRP A 146 -14.07 58.87 43.76
CA TRP A 146 -15.26 59.58 43.30
C TRP A 146 -15.93 60.83 43.88
N GLY A 147 -15.17 61.91 43.99
CA GLY A 147 -15.51 63.07 44.80
C GLY A 147 -14.41 63.59 45.69
N CYS A 148 -14.75 63.79 46.96
CA CYS A 148 -13.91 64.47 47.93
C CYS A 148 -12.60 63.70 48.17
N PRO A 149 -11.54 64.36 48.72
CA PRO A 149 -10.21 63.75 48.74
C PRO A 149 -9.55 63.01 47.59
N LYS A 150 -9.68 63.53 46.38
CA LYS A 150 -8.78 63.07 45.35
C LYS A 150 -7.36 63.51 45.68
N GLN A 151 -6.39 62.60 45.53
CA GLN A 151 -5.02 62.86 45.95
C GLN A 151 -4.08 62.78 44.76
N ASN A 152 -3.22 63.79 44.63
CA ASN A 152 -2.14 63.73 43.65
C ASN A 152 -1.02 62.82 44.16
N TYR A 153 -0.38 62.11 43.23
CA TYR A 153 0.59 61.09 43.58
C TYR A 153 1.85 61.22 42.73
N SER A 154 2.93 60.62 43.24
CA SER A 154 4.20 60.56 42.54
C SER A 154 4.84 59.21 42.81
N PHE A 155 5.74 58.80 41.92
CA PHE A 155 6.40 57.52 42.01
C PHE A 155 7.84 57.71 42.48
N ASN A 156 8.22 56.97 43.52
CA ASN A 156 9.56 57.03 44.09
C ASN A 156 10.25 55.70 43.82
N ASP A 157 11.31 55.72 43.00
CA ASP A 157 12.03 54.49 42.69
C ASP A 157 12.79 53.97 43.90
N SER A 158 13.24 54.86 44.79
CA SER A 158 13.98 54.43 45.98
C SER A 158 13.08 53.69 46.96
N SER A 159 11.93 54.27 47.28
CA SER A 159 10.99 53.63 48.20
C SER A 159 10.32 52.44 47.52
N SER A 160 10.52 51.25 48.08
CA SER A 160 10.03 50.03 47.45
C SER A 160 8.51 49.87 47.57
N GLU A 161 7.88 50.54 48.53
CA GLU A 161 6.44 50.43 48.70
C GLU A 161 5.71 51.09 47.54
N ILE A 162 4.60 50.49 47.14
CA ILE A 162 3.85 50.91 45.95
C ILE A 162 2.46 51.34 46.38
N ASN A 163 2.07 52.56 46.00
CA ASN A 163 0.74 53.05 46.33
C ASN A 163 -0.29 52.40 45.41
N TRP A 164 -1.31 51.79 46.02
CA TRP A 164 -2.32 51.06 45.27
C TRP A 164 -3.52 51.92 44.87
N ALA A 165 -3.61 53.15 45.38
CA ALA A 165 -4.72 54.01 44.99
C ALA A 165 -4.79 54.29 43.49
N PRO A 166 -3.69 54.57 42.77
CA PRO A 166 -3.81 54.71 41.31
C PRO A 166 -4.34 53.45 40.64
N ILE A 167 -3.83 52.27 41.04
CA ILE A 167 -4.30 51.03 40.42
C ILE A 167 -5.74 50.75 40.82
N LEU A 168 -6.09 50.93 42.09
CA LEU A 168 -7.42 50.61 42.56
C LEU A 168 -8.47 51.51 41.92
N TRP A 169 -8.18 52.80 41.79
CA TRP A 169 -9.18 53.80 41.43
C TRP A 169 -8.83 54.42 40.09
N VAL A 170 -9.82 54.54 39.21
CA VAL A 170 -9.69 55.23 37.94
C VAL A 170 -10.84 56.21 37.83
N GLU A 171 -10.55 57.43 37.37
CA GLU A 171 -11.60 58.43 37.22
C GLU A 171 -12.47 58.10 36.02
N ARG A 172 -13.76 57.92 36.28
CA ARG A 172 -14.73 57.52 35.27
C ARG A 172 -15.77 58.62 35.10
N LYS A 173 -16.01 59.01 33.85
CA LYS A 173 -16.96 60.07 33.56
C LYS A 173 -18.38 59.61 33.92
N MET A 174 -19.23 60.59 34.25
CA MET A 174 -20.61 60.29 34.61
C MET A 174 -21.34 59.59 33.47
N THR A 175 -21.17 60.09 32.25
CA THR A 175 -21.75 59.40 31.09
C THR A 175 -21.09 58.05 30.87
N LEU A 176 -19.80 57.95 31.18
CA LEU A 176 -19.05 56.75 30.82
C LEU A 176 -19.40 55.57 31.74
N TRP A 177 -19.54 55.83 33.05
CA TRP A 177 -19.88 54.74 33.97
C TRP A 177 -21.26 54.17 33.70
N ALA A 178 -22.24 55.02 33.39
CA ALA A 178 -23.58 54.51 33.15
C ALA A 178 -23.64 53.68 31.87
N ILE A 179 -23.06 54.18 30.78
CA ILE A 179 -23.19 53.50 29.49
C ILE A 179 -22.48 52.14 29.52
N GLN A 180 -21.37 52.02 30.26
CA GLN A 180 -20.77 50.70 30.43
C GLN A 180 -21.62 49.80 31.32
N VAL A 181 -22.28 50.36 32.34
CA VAL A 181 -23.12 49.54 33.21
C VAL A 181 -24.31 48.99 32.44
N ILE A 182 -24.95 49.84 31.62
CA ILE A 182 -26.05 49.38 30.78
C ILE A 182 -25.56 48.30 29.82
N VAL A 183 -24.40 48.52 29.19
CA VAL A 183 -23.83 47.51 28.30
C VAL A 183 -23.54 46.23 29.07
N ALA A 184 -22.99 46.35 30.27
CA ALA A 184 -22.71 45.18 31.08
C ALA A 184 -23.99 44.44 31.47
N ILE A 185 -25.05 45.20 31.79
CA ILE A 185 -26.32 44.57 32.16
C ILE A 185 -26.89 43.80 30.97
N ILE A 186 -26.87 44.39 29.78
CA ILE A 186 -27.28 43.66 28.59
C ILE A 186 -26.34 42.48 28.33
N SER A 187 -25.03 42.69 28.56
CA SER A 187 -24.08 41.59 28.46
C SER A 187 -24.46 40.46 29.41
N PHE A 188 -24.78 40.81 30.66
CA PHE A 188 -25.11 39.80 31.67
C PHE A 188 -26.45 39.16 31.38
N LEU A 189 -27.42 39.94 30.89
CA LEU A 189 -28.75 39.41 30.59
C LEU A 189 -28.70 38.39 29.46
N GLU A 190 -28.01 38.71 28.37
CA GLU A 190 -28.01 37.84 27.20
C GLU A 190 -27.25 36.54 27.47
N THR A 191 -26.15 36.62 28.20
CA THR A 191 -25.40 35.40 28.52
C THR A 191 -26.17 34.48 29.46
N MET A 192 -26.86 35.05 30.47
CA MET A 192 -27.79 34.22 31.23
C MET A 192 -29.01 33.82 30.41
N LEU A 193 -29.40 34.62 29.41
CA LEU A 193 -30.51 34.23 28.55
C LEU A 193 -30.18 32.94 27.80
N LEU A 194 -28.95 32.83 27.30
CA LEU A 194 -28.53 31.60 26.63
C LEU A 194 -28.38 30.46 27.63
N ILE A 195 -27.86 30.74 28.83
CA ILE A 195 -27.62 29.69 29.81
C ILE A 195 -28.93 29.02 30.21
N TYR A 196 -29.96 29.81 30.51
CA TYR A 196 -31.26 29.25 30.85
C TYR A 196 -31.97 28.68 29.62
N LEU A 197 -31.68 29.19 28.43
CA LEU A 197 -32.31 28.67 27.22
C LEU A 197 -31.83 27.26 26.92
N SER A 198 -30.53 26.99 27.13
CA SER A 198 -29.92 25.71 26.78
C SER A 198 -29.29 25.09 28.02
N TYR A 199 -29.89 24.02 28.52
CA TYR A 199 -29.28 23.18 29.54
C TYR A 199 -28.67 21.90 28.94
N LYS A 200 -29.41 21.25 28.04
CA LYS A 200 -28.95 20.05 27.33
C LYS A 200 -28.53 18.95 28.32
N GLY A 201 -29.36 18.74 29.34
CA GLY A 201 -29.17 17.63 30.24
C GLY A 201 -28.13 17.82 31.33
N ASN A 202 -27.61 19.03 31.51
CA ASN A 202 -26.64 19.28 32.56
C ASN A 202 -26.87 20.67 33.14
N ILE A 203 -27.08 20.73 34.46
CA ILE A 203 -27.21 22.00 35.14
C ILE A 203 -25.87 22.47 35.70
N TRP A 204 -24.99 21.55 36.07
CA TRP A 204 -23.68 21.87 36.61
C TRP A 204 -22.70 22.06 35.46
N GLU A 205 -21.41 22.13 35.79
CA GLU A 205 -20.28 22.20 34.86
C GLU A 205 -20.24 23.48 34.05
N GLN A 206 -21.20 24.39 34.22
CA GLN A 206 -21.19 25.63 33.45
C GLN A 206 -20.09 26.57 33.89
N ILE A 207 -19.80 26.64 35.20
CA ILE A 207 -18.82 27.59 35.68
C ILE A 207 -17.40 27.05 35.55
N PHE A 208 -17.22 25.73 35.55
CA PHE A 208 -15.89 25.16 35.39
C PHE A 208 -15.33 25.35 33.98
N ARG A 209 -16.18 25.30 32.96
CA ARG A 209 -15.75 25.72 31.63
C ARG A 209 -15.42 27.20 31.67
N VAL A 210 -14.23 27.57 31.20
CA VAL A 210 -13.74 28.92 31.49
C VAL A 210 -14.25 29.90 30.43
N SER A 211 -15.52 30.27 30.56
CA SER A 211 -16.07 31.50 30.00
C SER A 211 -17.02 32.20 30.95
N PHE A 212 -17.61 31.50 31.91
CA PHE A 212 -18.50 32.11 32.88
C PHE A 212 -17.72 32.91 33.91
N VAL A 213 -16.57 32.40 34.35
CA VAL A 213 -15.80 33.07 35.39
C VAL A 213 -15.31 34.43 34.90
N LEU A 214 -14.86 34.50 33.65
CA LEU A 214 -14.45 35.79 33.09
C LEU A 214 -15.66 36.68 32.84
N GLU A 215 -16.80 36.07 32.48
CA GLU A 215 -18.02 36.84 32.25
C GLU A 215 -18.49 37.54 33.52
N MET A 216 -18.63 36.80 34.61
CA MET A 216 -19.21 37.38 35.82
C MET A 216 -18.24 38.33 36.52
N ILE A 217 -16.96 37.95 36.61
CA ILE A 217 -15.99 38.80 37.28
C ILE A 217 -15.78 40.12 36.56
N ASN A 218 -16.03 40.17 35.24
CA ASN A 218 -15.92 41.41 34.50
C ASN A 218 -17.25 42.14 34.35
N THR A 219 -18.36 41.56 34.80
CA THR A 219 -19.68 42.17 34.63
C THR A 219 -20.35 42.54 35.94
N LEU A 220 -20.48 41.59 36.87
CA LEU A 220 -21.20 41.85 38.12
C LEU A 220 -20.57 42.94 38.97
N PRO A 221 -19.25 43.21 38.88
CA PRO A 221 -18.75 44.43 39.53
C PRO A 221 -19.43 45.70 39.05
N PHE A 222 -19.80 45.77 37.77
CA PHE A 222 -20.57 46.92 37.31
C PHE A 222 -21.95 46.95 37.93
N ILE A 223 -22.51 45.78 38.26
CA ILE A 223 -23.81 45.73 38.91
C ILE A 223 -23.71 46.23 40.35
N ILE A 224 -22.68 45.80 41.08
CA ILE A 224 -22.56 46.18 42.48
C ILE A 224 -22.19 47.65 42.64
N THR A 225 -21.62 48.26 41.59
CA THR A 225 -21.24 49.68 41.68
C THR A 225 -22.46 50.59 41.72
N ILE A 226 -23.64 50.09 41.35
CA ILE A 226 -24.85 50.90 41.44
C ILE A 226 -25.17 51.24 42.90
N PHE A 227 -24.92 50.30 43.81
CA PHE A 227 -25.34 50.48 45.20
C PHE A 227 -24.58 51.59 45.90
N TRP A 228 -23.27 51.69 45.66
CA TRP A 228 -22.44 52.63 46.40
C TRP A 228 -21.85 53.69 45.46
N PRO A 229 -22.22 54.96 45.61
CA PRO A 229 -21.62 56.00 44.80
C PRO A 229 -20.10 55.96 44.83
N PRO A 230 -19.45 55.92 46.01
CA PRO A 230 -18.00 56.20 46.04
C PRO A 230 -17.16 55.21 45.24
N LEU A 231 -17.59 53.97 45.08
CA LEU A 231 -16.81 52.99 44.35
C LEU A 231 -17.21 52.89 42.88
N ARG A 232 -17.93 53.88 42.36
CA ARG A 232 -18.20 53.91 40.92
C ARG A 232 -16.92 54.06 40.13
N ASN A 233 -15.93 54.75 40.69
CA ASN A 233 -14.64 54.94 40.02
C ASN A 233 -13.65 53.84 40.43
N LEU A 234 -14.04 52.60 40.18
CA LEU A 234 -13.27 51.43 40.58
C LEU A 234 -12.82 50.68 39.34
N PHE A 235 -11.58 50.20 39.37
CA PHE A 235 -11.00 49.50 38.22
C PHE A 235 -11.54 48.08 38.13
N ILE A 236 -12.03 47.72 36.95
CA ILE A 236 -12.56 46.40 36.61
C ILE A 236 -11.91 46.02 35.30
N PRO A 237 -11.28 44.83 35.17
CA PRO A 237 -10.55 44.53 33.94
C PRO A 237 -11.43 44.16 32.76
N VAL A 238 -12.08 45.17 32.19
CA VAL A 238 -12.95 45.00 31.04
C VAL A 238 -12.16 44.58 29.80
N PHE A 239 -10.84 44.74 29.81
CA PHE A 239 -10.05 44.33 28.65
C PHE A 239 -10.04 42.82 28.50
N LEU A 240 -10.09 42.08 29.61
CA LEU A 240 -10.19 40.63 29.54
C LEU A 240 -11.48 40.17 28.86
N ASN A 241 -12.49 41.04 28.80
CA ASN A 241 -13.75 40.69 28.18
C ASN A 241 -13.58 40.43 26.69
N CYS A 242 -12.51 40.97 26.10
CA CYS A 242 -12.22 40.72 24.69
C CYS A 242 -11.97 39.23 24.42
N TRP A 243 -11.49 38.51 25.44
CA TRP A 243 -11.32 37.07 25.30
C TRP A 243 -12.66 36.38 25.04
N LEU A 244 -13.71 36.84 25.72
CA LEU A 244 -15.04 36.28 25.48
C LEU A 244 -15.54 36.62 24.07
N ALA A 245 -15.20 37.82 23.58
CA ALA A 245 -15.56 38.18 22.22
C ALA A 245 -14.92 37.24 21.21
N LYS A 246 -13.68 36.83 21.48
CA LYS A 246 -13.05 35.80 20.66
C LYS A 246 -13.83 34.50 20.72
N HIS A 247 -14.26 34.11 21.92
CA HIS A 247 -15.09 32.91 22.05
C HIS A 247 -16.41 33.08 21.32
N ALA A 248 -17.04 34.25 21.44
CA ALA A 248 -18.30 34.50 20.75
C ALA A 248 -18.14 34.45 19.24
N LEU A 249 -16.92 34.68 18.73
CA LEU A 249 -16.64 34.54 17.31
C LEU A 249 -16.49 33.07 16.91
N GLU A 250 -15.96 32.24 17.82
CA GLU A 250 -15.71 30.84 17.47
C GLU A 250 -17.03 30.09 17.23
N ASN A 251 -18.02 30.30 18.09
CA ASN A 251 -19.31 29.64 17.91
C ASN A 251 -20.04 30.15 16.67
N MET A 252 -19.74 31.37 16.21
CA MET A 252 -20.32 31.86 14.96
C MET A 252 -19.77 31.09 13.77
N ILE A 253 -18.48 30.74 13.81
CA ILE A 253 -17.85 30.00 12.72
C ILE A 253 -18.51 28.65 12.49
N ASN A 254 -19.05 28.04 13.55
CA ASN A 254 -19.66 26.71 13.40
C ASN A 254 -20.90 26.75 12.52
N ASP A 255 -21.59 27.89 12.46
CA ASP A 255 -22.85 27.99 11.74
C ASP A 255 -22.70 28.62 10.36
N PHE A 256 -22.10 29.80 10.27
CA PHE A 256 -22.02 30.53 9.01
C PHE A 256 -20.56 30.86 8.71
N HIS A 257 -20.22 30.79 7.42
CA HIS A 257 -18.85 31.12 7.00
C HIS A 257 -18.57 32.61 7.16
N ARG A 258 -19.53 33.46 6.79
CA ARG A 258 -19.35 34.90 6.88
C ARG A 258 -20.64 35.59 7.28
N SER A 265 -12.42 28.14 2.17
CA SER A 265 -12.43 28.90 3.42
C SER A 265 -12.66 27.99 4.61
N ALA A 266 -11.92 26.88 4.65
CA ALA A 266 -12.00 25.92 5.76
C ALA A 266 -10.95 26.19 6.83
N MET A 267 -9.69 26.33 6.43
CA MET A 267 -8.61 26.68 7.35
C MET A 267 -8.51 28.18 7.57
N PHE A 268 -9.11 28.98 6.69
CA PHE A 268 -9.09 30.43 6.84
C PHE A 268 -9.70 30.87 8.16
N ASN A 269 -10.75 30.16 8.60
CA ASN A 269 -11.38 30.50 9.87
C ASN A 269 -10.42 30.30 11.04
N GLN A 270 -9.66 29.21 11.03
CA GLN A 270 -8.69 28.97 12.09
C GLN A 270 -7.59 30.02 12.08
N VAL A 271 -7.12 30.40 10.89
CA VAL A 271 -6.10 31.44 10.79
C VAL A 271 -6.65 32.77 11.31
N LEU A 272 -7.89 33.09 10.94
CA LEU A 272 -8.52 34.30 11.47
C LEU A 272 -8.69 34.21 12.99
N ILE A 273 -9.03 33.03 13.50
CA ILE A 273 -9.12 32.83 14.94
C ILE A 273 -7.75 32.99 15.59
N LEU A 274 -6.70 32.48 14.93
CA LEU A 274 -5.35 32.63 15.45
C LEU A 274 -4.95 34.09 15.53
N PHE A 275 -5.34 34.89 14.53
CA PHE A 275 -5.10 36.33 14.61
C PHE A 275 -5.89 36.95 15.74
N CYS A 276 -7.10 36.46 15.98
CA CYS A 276 -7.93 36.99 17.07
C CYS A 276 -7.28 36.74 18.42
N THR A 277 -6.79 35.52 18.66
CA THR A 277 -6.16 35.23 19.94
C THR A 277 -4.84 35.98 20.08
N LEU A 278 -4.18 36.28 18.96
CA LEU A 278 -3.02 37.16 19.00
C LEU A 278 -3.43 38.57 19.38
N LEU A 279 -4.53 39.06 18.80
CA LEU A 279 -5.00 40.41 19.12
C LEU A 279 -5.42 40.51 20.57
N CYS A 280 -6.14 39.50 21.09
CA CYS A 280 -6.54 39.52 22.48
C CYS A 280 -5.33 39.46 23.41
N LEU A 281 -4.32 38.67 23.05
CA LEU A 281 -3.09 38.64 23.84
C LEU A 281 -2.41 40.01 23.85
N VAL A 282 -2.35 40.66 22.68
CA VAL A 282 -1.79 42.01 22.62
C VAL A 282 -2.69 42.99 23.38
N PHE A 283 -4.01 42.91 23.14
CA PHE A 283 -4.93 43.87 23.75
C PHE A 283 -4.90 43.78 25.27
N THR A 284 -4.88 42.56 25.80
CA THR A 284 -4.77 42.39 27.25
C THR A 284 -3.44 42.92 27.76
N GLY A 285 -2.38 42.73 26.99
CA GLY A 285 -1.08 43.22 27.42
C GLY A 285 -1.03 44.73 27.54
N THR A 286 -1.54 45.44 26.53
CA THR A 286 -1.48 46.90 26.54
C THR A 286 -2.29 47.46 27.70
N CYS A 287 -3.54 47.03 27.83
CA CYS A 287 -4.40 47.55 28.91
C CYS A 287 -3.86 47.14 30.27
N GLY A 288 -3.38 45.91 30.41
CA GLY A 288 -2.84 45.48 31.69
C GLY A 288 -1.61 46.27 32.09
N ILE A 289 -0.67 46.44 31.16
CA ILE A 289 0.56 47.16 31.47
C ILE A 289 0.29 48.64 31.71
N GLN A 290 -0.49 49.28 30.83
CA GLN A 290 -0.77 50.69 30.97
C GLN A 290 -1.45 50.99 32.30
N HIS A 291 -2.38 50.13 32.71
CA HIS A 291 -3.09 50.36 33.96
C HIS A 291 -2.23 50.01 35.16
N LEU A 292 -1.45 48.94 35.08
CA LEU A 292 -0.71 48.52 36.25
C LEU A 292 0.55 49.36 36.46
N GLU A 293 1.06 49.99 35.40
CA GLU A 293 2.11 50.98 35.54
C GLU A 293 1.57 52.40 35.69
N ARG A 294 0.25 52.59 35.80
CA ARG A 294 -0.26 53.91 36.10
C ARG A 294 0.13 54.36 37.51
N ALA A 295 0.53 53.45 38.37
CA ALA A 295 1.11 53.78 39.66
C ALA A 295 2.60 54.10 39.55
N GLY A 296 3.29 53.46 38.61
CA GLY A 296 4.71 53.66 38.44
C GLY A 296 5.15 53.93 37.02
N GLU A 297 5.71 55.12 36.77
CA GLU A 297 6.24 55.58 35.49
C GLU A 297 5.12 55.94 34.50
N ASN A 298 3.87 55.69 34.87
CA ASN A 298 2.69 56.24 34.19
C ASN A 298 2.78 56.09 32.66
N LEU A 299 2.79 54.84 32.21
CA LEU A 299 2.93 54.57 30.78
C LEU A 299 1.64 54.94 30.04
N SER A 300 1.80 55.51 28.84
CA SER A 300 0.66 55.76 27.98
C SER A 300 0.28 54.50 27.23
N LEU A 301 -0.93 54.49 26.67
CA LEU A 301 -1.38 53.33 25.90
C LEU A 301 -0.51 53.10 24.68
N LEU A 302 -0.15 54.16 23.96
CA LEU A 302 0.66 54.00 22.77
C LEU A 302 2.02 53.40 23.10
N THR A 303 2.64 53.85 24.20
CA THR A 303 3.92 53.30 24.60
C THR A 303 3.79 51.85 25.06
N SER A 304 2.76 51.55 25.87
CA SER A 304 2.58 50.18 26.34
C SER A 304 2.23 49.24 25.19
N PHE A 305 1.57 49.75 24.16
CA PHE A 305 1.27 48.92 22.99
C PHE A 305 2.54 48.54 22.25
N TYR A 306 3.44 49.51 22.05
CA TYR A 306 4.76 49.18 21.52
C TYR A 306 5.56 48.33 22.50
N PHE A 307 5.30 48.52 23.80
CA PHE A 307 5.99 47.74 24.82
C PHE A 307 5.68 46.25 24.68
N CYS A 308 4.40 45.93 24.44
CA CYS A 308 4.00 44.53 24.39
C CYS A 308 4.31 43.88 23.05
N ILE A 309 4.24 44.65 21.96
CA ILE A 309 4.52 44.08 20.64
C ILE A 309 5.95 43.58 20.56
N VAL A 310 6.90 44.36 21.08
CA VAL A 310 8.29 43.90 21.16
C VAL A 310 8.50 42.85 22.23
N THR A 311 7.51 42.60 23.08
CA THR A 311 7.60 41.53 24.06
C THR A 311 7.15 40.21 23.45
N PHE A 312 6.03 40.21 22.74
CA PHE A 312 5.53 39.01 22.06
C PHE A 312 6.51 38.49 21.01
N SER A 313 7.17 39.38 20.28
CA SER A 313 8.15 38.98 19.28
C SER A 313 9.52 38.74 19.88
N THR A 314 9.63 38.78 21.21
CA THR A 314 10.85 38.47 21.95
C THR A 314 12.02 39.39 21.61
N VAL A 315 11.73 40.58 21.07
CA VAL A 315 12.81 41.55 20.85
C VAL A 315 13.34 42.05 22.18
N GLY A 316 12.45 42.46 23.09
CA GLY A 316 12.84 42.92 24.40
C GLY A 316 13.78 44.11 24.50
N TYR A 317 13.43 45.20 23.82
CA TYR A 317 14.36 46.32 23.71
C TYR A 317 14.90 46.86 25.03
N GLY A 318 14.04 46.95 26.05
CA GLY A 318 14.44 47.44 27.34
C GLY A 318 14.32 48.93 27.55
N ASP A 319 14.00 49.70 26.50
CA ASP A 319 13.82 51.13 26.66
C ASP A 319 12.65 51.44 27.59
N VAL A 320 11.56 50.68 27.48
CA VAL A 320 10.46 50.73 28.43
C VAL A 320 10.34 49.35 29.07
N THR A 321 10.34 49.31 30.40
CA THR A 321 10.35 48.08 31.16
C THR A 321 9.49 48.23 32.41
N PRO A 322 8.90 47.14 32.89
CA PRO A 322 8.14 47.23 34.15
C PRO A 322 9.07 47.53 35.32
N LYS A 323 8.77 48.61 36.04
CA LYS A 323 9.60 49.08 37.13
C LYS A 323 9.04 48.76 38.51
N ILE A 324 7.91 48.05 38.58
CA ILE A 324 7.31 47.68 39.85
C ILE A 324 7.02 46.19 39.82
N TRP A 325 7.02 45.58 41.01
CA TRP A 325 6.81 44.13 41.09
C TRP A 325 5.48 43.66 40.52
N PRO A 326 4.35 44.35 40.69
CA PRO A 326 3.13 43.86 40.01
C PRO A 326 3.27 43.81 38.51
N SER A 327 3.88 44.84 37.92
CA SER A 327 4.00 44.89 36.46
C SER A 327 4.97 43.84 35.95
N GLN A 328 6.05 43.59 36.69
CA GLN A 328 6.97 42.51 36.35
C GLN A 328 6.27 41.17 36.41
N LEU A 329 5.44 40.96 37.44
CA LEU A 329 4.70 39.71 37.56
C LEU A 329 3.66 39.57 36.44
N LEU A 330 3.01 40.67 36.05
CA LEU A 330 2.05 40.59 34.96
C LEU A 330 2.73 40.14 33.68
N VAL A 331 3.90 40.70 33.38
CA VAL A 331 4.65 40.28 32.20
C VAL A 331 5.01 38.80 32.29
N VAL A 332 5.38 38.33 33.49
CA VAL A 332 5.80 36.94 33.63
C VAL A 332 4.62 36.00 33.45
N ILE A 333 3.52 36.25 34.16
CA ILE A 333 2.36 35.37 34.05
C ILE A 333 1.77 35.46 32.65
N MET A 334 1.93 36.61 31.99
CA MET A 334 1.39 36.76 30.64
C MET A 334 2.27 36.05 29.63
N ILE A 335 3.59 36.07 29.83
CA ILE A 335 4.49 35.34 28.94
C ILE A 335 4.23 33.85 29.02
N CYS A 336 3.98 33.33 30.23
CA CYS A 336 3.56 31.95 30.37
C CYS A 336 2.23 31.70 29.66
N VAL A 337 1.29 32.64 29.78
CA VAL A 337 -0.01 32.47 29.14
C VAL A 337 0.13 32.42 27.63
N ALA A 338 0.96 33.31 27.06
CA ALA A 338 1.16 33.32 25.62
C ALA A 338 1.81 32.01 25.15
N LEU A 339 2.77 31.49 25.92
CA LEU A 339 3.47 30.28 25.52
C LEU A 339 2.65 29.02 25.74
N VAL A 340 1.49 29.10 26.38
CA VAL A 340 0.64 27.93 26.56
C VAL A 340 -0.66 28.01 25.77
N VAL A 341 -1.03 29.20 25.28
CA VAL A 341 -2.28 29.33 24.51
C VAL A 341 -2.01 29.38 23.01
N LEU A 342 -0.88 29.95 22.60
CA LEU A 342 -0.52 30.02 21.19
C LEU A 342 -0.21 28.63 20.60
N PRO A 343 0.58 27.78 21.26
CA PRO A 343 0.86 26.46 20.68
C PRO A 343 -0.39 25.64 20.42
N LEU A 344 -1.42 25.77 21.25
CA LEU A 344 -2.68 25.07 20.98
C LEU A 344 -3.28 25.51 19.65
N GLN A 345 -3.26 26.82 19.38
CA GLN A 345 -3.72 27.31 18.09
C GLN A 345 -2.82 26.82 16.97
N PHE A 346 -1.51 26.74 17.22
CA PHE A 346 -0.58 26.24 16.21
C PHE A 346 -0.86 24.78 15.88
N GLU A 347 -1.14 23.97 16.89
CA GLU A 347 -1.41 22.55 16.66
C GLU A 347 -2.70 22.38 15.86
N GLU A 348 -3.72 23.19 16.14
CA GLU A 348 -4.95 23.14 15.36
C GLU A 348 -4.69 23.50 13.91
N LEU A 349 -3.85 24.52 13.67
CA LEU A 349 -3.48 24.87 12.30
C LEU A 349 -2.69 23.75 11.64
N VAL A 350 -1.83 23.07 12.40
CA VAL A 350 -1.10 21.93 11.86
C VAL A 350 -2.07 20.82 11.45
N TYR A 351 -3.06 20.54 12.29
CA TYR A 351 -4.05 19.50 11.98
C TYR A 351 -4.83 19.85 10.72
N LEU A 352 -5.22 21.12 10.58
CA LEU A 352 -5.93 21.54 9.37
C LEU A 352 -5.02 21.47 8.16
N TRP A 353 -3.74 21.79 8.32
CA TRP A 353 -2.82 21.79 7.18
C TRP A 353 -2.56 20.37 6.68
N MET A 354 -2.31 19.43 7.60
CA MET A 354 -2.01 18.06 7.18
C MET A 354 -3.21 17.41 6.49
N GLU A 355 -4.42 17.65 7.02
CA GLU A 355 -5.61 17.11 6.38
C GLU A 355 -5.96 17.85 5.09
N ARG A 356 -5.49 19.08 4.93
CA ARG A 356 -5.69 19.80 3.67
C ARG A 356 -4.82 19.22 2.56
N GLN A 357 -3.67 18.65 2.92
CA GLN A 357 -2.72 18.13 1.94
C GLN A 357 -3.17 16.81 1.34
N LYS A 358 -4.24 16.20 1.86
CA LYS A 358 -4.74 14.94 1.30
C LYS A 358 -6.20 15.09 0.87
N GLN A 369 -11.44 29.51 -10.87
CA GLN A 369 -10.39 30.21 -11.58
C GLN A 369 -10.97 31.25 -12.53
N THR A 370 -10.67 31.11 -13.81
CA THR A 370 -11.13 32.01 -14.86
C THR A 370 -12.29 31.37 -15.61
N GLU A 371 -12.67 32.00 -16.72
CA GLU A 371 -13.75 31.49 -17.53
C GLU A 371 -13.22 30.52 -18.59
N LYS A 372 -14.16 29.89 -19.31
CA LYS A 372 -13.87 29.12 -20.52
C LYS A 372 -12.91 27.96 -20.22
N HIS A 373 -13.41 27.00 -19.45
CA HIS A 373 -12.66 25.80 -19.16
C HIS A 373 -13.28 24.59 -19.85
N VAL A 374 -12.55 23.47 -19.85
CA VAL A 374 -13.05 22.20 -20.35
C VAL A 374 -12.72 21.14 -19.33
N VAL A 375 -13.62 20.17 -19.17
CA VAL A 375 -13.45 19.09 -18.20
C VAL A 375 -13.01 17.83 -18.94
N LEU A 376 -12.07 17.11 -18.35
CA LEU A 376 -11.53 15.88 -18.93
C LEU A 376 -11.78 14.75 -17.94
N CYS A 377 -12.73 13.87 -18.26
CA CYS A 377 -13.15 12.80 -17.36
C CYS A 377 -12.49 11.50 -17.78
N VAL A 378 -11.66 10.94 -16.90
CA VAL A 378 -10.97 9.68 -17.13
C VAL A 378 -11.06 8.83 -15.88
N SER A 379 -10.80 7.54 -16.05
CA SER A 379 -10.72 6.63 -14.91
C SER A 379 -9.32 6.59 -14.31
N SER A 380 -8.30 6.60 -15.16
CA SER A 380 -6.91 6.70 -14.71
C SER A 380 -6.16 7.57 -15.71
N LEU A 381 -5.49 8.60 -15.21
CA LEU A 381 -4.75 9.53 -16.05
C LEU A 381 -3.26 9.20 -15.97
N LYS A 382 -2.65 8.99 -17.13
CA LYS A 382 -1.24 8.72 -17.24
C LYS A 382 -0.57 9.84 -18.04
N ILE A 383 0.76 9.85 -17.99
CA ILE A 383 1.50 10.96 -18.58
C ILE A 383 1.34 10.99 -20.10
N ASP A 384 1.18 9.84 -20.73
CA ASP A 384 1.02 9.81 -22.19
C ASP A 384 -0.29 10.46 -22.61
N LEU A 385 -1.39 10.09 -21.95
CA LEU A 385 -2.68 10.65 -22.33
C LEU A 385 -2.75 12.14 -22.05
N LEU A 386 -2.22 12.57 -20.91
CA LEU A 386 -2.26 13.99 -20.55
C LEU A 386 -1.43 14.83 -21.53
N MET A 387 -0.24 14.36 -21.89
CA MET A 387 0.59 15.13 -22.81
C MET A 387 -0.02 15.16 -24.21
N ASP A 388 -0.64 14.06 -24.64
CA ASP A 388 -1.30 14.06 -25.94
C ASP A 388 -2.44 15.06 -25.98
N PHE A 389 -3.21 15.16 -24.89
CA PHE A 389 -4.30 16.12 -24.84
C PHE A 389 -3.77 17.55 -24.78
N LEU A 390 -2.79 17.80 -23.89
CA LEU A 390 -2.29 19.16 -23.71
C LEU A 390 -1.62 19.67 -24.97
N ASN A 391 -0.86 18.81 -25.66
CA ASN A 391 -0.21 19.23 -26.90
C ASN A 391 -1.24 19.61 -27.96
N GLU A 392 -2.28 18.79 -28.11
CA GLU A 392 -3.29 19.06 -29.15
C GLU A 392 -4.20 20.21 -28.74
N PHE A 393 -4.63 20.22 -27.48
CA PHE A 393 -5.58 21.26 -27.04
C PHE A 393 -4.97 22.65 -27.13
N TYR A 394 -3.73 22.80 -26.68
CA TYR A 394 -3.08 24.10 -26.64
C TYR A 394 -2.25 24.38 -27.88
N ALA A 395 -2.30 23.52 -28.89
CA ALA A 395 -1.69 23.83 -30.18
C ALA A 395 -2.43 24.93 -30.92
N HIS A 396 -3.63 25.29 -30.48
CA HIS A 396 -4.45 26.33 -31.10
C HIS A 396 -4.35 27.63 -30.31
N PRO A 397 -4.24 28.77 -31.00
CA PRO A 397 -4.15 30.05 -30.29
C PRO A 397 -5.46 30.45 -29.64
N ARG A 398 -6.58 29.96 -30.19
CA ARG A 398 -7.88 30.29 -29.65
C ARG A 398 -8.10 29.69 -28.27
N LEU A 399 -7.47 28.56 -27.96
CA LEU A 399 -7.72 27.82 -26.74
C LEU A 399 -6.60 28.03 -25.70
N GLN A 400 -5.95 29.19 -25.73
CA GLN A 400 -4.88 29.47 -24.78
C GLN A 400 -5.40 30.04 -23.47
N ASP A 401 -6.53 30.76 -23.49
CA ASP A 401 -7.13 31.26 -22.27
C ASP A 401 -7.93 30.18 -21.52
N TYR A 402 -7.94 28.95 -22.03
CA TYR A 402 -8.68 27.87 -21.42
C TYR A 402 -7.84 27.17 -20.36
N TYR A 403 -8.50 26.72 -19.30
CA TYR A 403 -7.86 25.84 -18.34
C TYR A 403 -8.61 24.51 -18.29
N VAL A 404 -7.88 23.45 -17.96
CA VAL A 404 -8.36 22.08 -18.09
C VAL A 404 -8.59 21.51 -16.70
N VAL A 405 -9.80 21.01 -16.45
CA VAL A 405 -10.15 20.33 -15.21
C VAL A 405 -10.17 18.84 -15.48
N ILE A 406 -9.38 18.09 -14.72
CA ILE A 406 -9.29 16.64 -14.86
C ILE A 406 -10.04 16.02 -13.69
N LEU A 407 -11.11 15.29 -14.01
CA LEU A 407 -11.91 14.60 -13.01
C LEU A 407 -11.56 13.11 -13.11
N CYS A 408 -10.73 12.65 -12.18
CA CYS A 408 -10.24 11.28 -12.19
C CYS A 408 -10.37 10.68 -10.80
N PRO A 409 -11.08 9.55 -10.66
CA PRO A 409 -11.24 8.94 -9.33
C PRO A 409 -9.92 8.54 -8.69
N THR A 410 -8.94 8.10 -9.48
CA THR A 410 -7.69 7.63 -8.92
C THR A 410 -6.85 8.79 -8.40
N GLU A 411 -5.95 8.46 -7.48
CA GLU A 411 -5.01 9.45 -6.97
C GLU A 411 -4.06 9.87 -8.08
N MET A 412 -3.55 11.10 -8.00
CA MET A 412 -2.69 11.64 -9.04
C MET A 412 -1.41 10.81 -9.16
N ASP A 413 -1.08 10.49 -10.42
CA ASP A 413 0.13 9.72 -10.72
C ASP A 413 1.37 10.56 -10.48
N VAL A 414 2.45 9.89 -10.06
CA VAL A 414 3.68 10.59 -9.70
C VAL A 414 4.28 11.31 -10.91
N GLN A 415 4.31 10.64 -12.06
CA GLN A 415 4.81 11.29 -13.27
C GLN A 415 3.92 12.45 -13.67
N VAL A 416 2.61 12.31 -13.47
CA VAL A 416 1.68 13.40 -13.78
C VAL A 416 1.93 14.59 -12.88
N ARG A 417 2.25 14.33 -11.61
CA ARG A 417 2.48 15.42 -10.66
C ARG A 417 3.67 16.29 -11.08
N ARG A 418 4.73 15.65 -11.57
CA ARG A 418 5.92 16.39 -11.98
C ARG A 418 5.61 17.34 -13.13
N VAL A 419 4.82 16.88 -14.10
CA VAL A 419 4.49 17.73 -15.25
C VAL A 419 3.60 18.89 -14.82
N LEU A 420 2.69 18.66 -13.88
CA LEU A 420 1.81 19.72 -13.42
C LEU A 420 2.57 20.78 -12.63
N GLN A 421 3.70 20.41 -12.02
CA GLN A 421 4.51 21.39 -11.31
C GLN A 421 5.20 22.36 -12.28
N ILE A 422 5.39 21.94 -13.53
CA ILE A 422 5.92 22.84 -14.57
C ILE A 422 5.00 24.06 -14.66
N PRO A 423 5.52 25.30 -14.63
CA PRO A 423 4.60 26.41 -14.53
C PRO A 423 3.92 26.84 -15.83
N LEU A 424 4.11 26.11 -16.93
CA LEU A 424 3.22 26.25 -18.07
C LEU A 424 1.89 25.56 -17.81
N TRP A 425 1.92 24.42 -17.13
CA TRP A 425 0.72 23.64 -16.86
C TRP A 425 0.20 23.80 -15.45
N SER A 426 0.93 24.52 -14.58
CA SER A 426 0.47 24.68 -13.20
C SER A 426 -0.80 25.51 -13.13
N GLN A 427 -0.87 26.58 -13.91
CA GLN A 427 -2.05 27.45 -13.90
C GLN A 427 -3.13 26.99 -14.87
N ARG A 428 -2.81 26.06 -15.77
CA ARG A 428 -3.76 25.64 -16.80
C ARG A 428 -4.48 24.35 -16.45
N VAL A 429 -3.83 23.43 -15.74
CA VAL A 429 -4.36 22.09 -15.51
C VAL A 429 -4.77 21.97 -14.05
N ILE A 430 -6.05 21.64 -13.83
CA ILE A 430 -6.57 21.37 -12.49
C ILE A 430 -6.96 19.90 -12.41
N TYR A 431 -6.47 19.23 -11.37
CA TYR A 431 -6.75 17.81 -11.16
C TYR A 431 -7.72 17.69 -9.99
N LEU A 432 -8.87 17.09 -10.24
CA LEU A 432 -9.88 16.84 -9.22
C LEU A 432 -10.05 15.33 -9.06
N GLN A 433 -9.89 14.83 -7.83
CA GLN A 433 -10.13 13.44 -7.54
C GLN A 433 -11.61 13.25 -7.23
N GLY A 434 -12.33 12.67 -8.16
CA GLY A 434 -13.77 12.50 -8.00
C GLY A 434 -14.34 11.69 -9.14
N SER A 435 -15.65 11.52 -9.10
CA SER A 435 -16.38 10.71 -10.06
C SER A 435 -17.44 11.56 -10.76
N ALA A 436 -17.59 11.34 -12.06
CA ALA A 436 -18.68 11.98 -12.78
C ALA A 436 -20.04 11.52 -12.30
N LEU A 437 -20.11 10.37 -11.64
CA LEU A 437 -21.37 9.82 -11.13
C LEU A 437 -21.78 10.45 -9.80
N LYS A 438 -20.93 11.29 -9.21
CA LYS A 438 -21.28 12.07 -8.03
C LYS A 438 -21.47 13.52 -8.44
N ASP A 439 -22.68 14.03 -8.25
CA ASP A 439 -22.97 15.42 -8.65
C ASP A 439 -22.14 16.42 -7.87
N GLN A 440 -21.70 16.08 -6.66
CA GLN A 440 -20.82 16.96 -5.91
C GLN A 440 -19.49 17.15 -6.63
N ASP A 441 -18.94 16.06 -7.19
CA ASP A 441 -17.69 16.15 -7.93
C ASP A 441 -17.87 16.89 -9.24
N LEU A 442 -19.05 16.79 -9.85
CA LEU A 442 -19.34 17.58 -11.04
C LEU A 442 -19.55 19.05 -10.72
N MET A 443 -19.97 19.37 -9.49
CA MET A 443 -20.06 20.77 -9.08
C MET A 443 -18.68 21.37 -8.84
N ARG A 444 -17.77 20.59 -8.24
CA ARG A 444 -16.41 21.07 -8.06
C ARG A 444 -15.71 21.31 -9.38
N ALA A 445 -16.03 20.51 -10.40
CA ALA A 445 -15.46 20.68 -11.73
C ALA A 445 -16.12 21.80 -12.52
N LYS A 446 -17.17 22.41 -11.98
CA LYS A 446 -17.94 23.44 -12.68
C LYS A 446 -18.44 22.92 -14.02
N MET A 447 -19.03 21.73 -13.98
CA MET A 447 -19.43 21.06 -15.21
C MET A 447 -20.53 21.82 -15.93
N ASP A 448 -21.42 22.48 -15.20
CA ASP A 448 -22.47 23.29 -15.81
C ASP A 448 -21.90 24.49 -16.57
N ASN A 449 -20.65 24.87 -16.32
CA ASN A 449 -20.01 25.99 -17.01
C ASN A 449 -18.94 25.56 -17.99
N GLY A 450 -18.66 24.26 -18.11
CA GLY A 450 -17.58 23.83 -18.98
C GLY A 450 -17.92 24.03 -20.44
N GLU A 451 -16.89 24.33 -21.24
CA GLU A 451 -17.09 24.50 -22.68
C GLU A 451 -17.28 23.15 -23.36
N ALA A 452 -16.64 22.11 -22.86
CA ALA A 452 -16.75 20.78 -23.46
C ALA A 452 -16.38 19.75 -22.41
N CYS A 453 -16.81 18.51 -22.66
CA CYS A 453 -16.48 17.38 -21.81
C CYS A 453 -15.86 16.28 -22.66
N PHE A 454 -14.74 15.75 -22.21
CA PHE A 454 -14.04 14.67 -22.90
C PHE A 454 -14.05 13.44 -22.01
N ILE A 455 -14.92 12.47 -22.33
CA ILE A 455 -14.96 11.20 -21.64
C ILE A 455 -14.15 10.21 -22.46
N LEU A 456 -13.03 9.75 -21.90
CA LEU A 456 -12.11 8.88 -22.61
C LEU A 456 -12.07 7.52 -21.93
N SER A 457 -12.19 6.47 -22.73
CA SER A 457 -12.14 5.11 -22.21
C SER A 457 -10.73 4.74 -21.80
N SER A 458 -10.63 3.78 -20.89
CA SER A 458 -9.35 3.25 -20.44
C SER A 458 -9.01 2.01 -21.28
N ARG A 459 -7.92 2.10 -22.02
CA ARG A 459 -7.51 1.00 -22.89
C ARG A 459 -6.63 -0.01 -22.18
N ASN A 460 -5.94 0.40 -21.12
CA ASN A 460 -5.12 -0.54 -20.36
C ASN A 460 -5.96 -1.55 -19.60
N GLU A 461 -7.23 -1.23 -19.36
CA GLU A 461 -8.12 -2.16 -18.66
C GLU A 461 -8.27 -3.45 -19.46
N VAL A 462 -8.14 -4.58 -18.77
CA VAL A 462 -8.23 -5.87 -19.44
C VAL A 462 -9.66 -6.14 -19.89
N ASP A 463 -10.65 -5.63 -19.16
CA ASP A 463 -12.06 -5.79 -19.51
C ASP A 463 -12.51 -4.50 -20.20
N ARG A 464 -12.65 -4.56 -21.53
CA ARG A 464 -13.08 -3.40 -22.30
C ARG A 464 -14.58 -3.19 -22.28
N THR A 465 -15.36 -4.26 -22.08
CA THR A 465 -16.80 -4.10 -21.91
C THR A 465 -17.12 -3.33 -20.63
N ALA A 466 -16.42 -3.68 -19.54
CA ALA A 466 -16.61 -2.95 -18.29
C ALA A 466 -16.17 -1.50 -18.41
N ALA A 467 -15.04 -1.27 -19.09
CA ALA A 467 -14.57 0.10 -19.30
C ALA A 467 -15.55 0.89 -20.15
N ASP A 468 -16.11 0.25 -21.19
CA ASP A 468 -17.11 0.92 -22.02
C ASP A 468 -18.37 1.22 -21.22
N HIS A 469 -18.76 0.32 -20.31
CA HIS A 469 -19.90 0.59 -19.44
C HIS A 469 -19.65 1.80 -18.56
N GLN A 470 -18.40 1.96 -18.08
CA GLN A 470 -18.09 3.09 -17.22
C GLN A 470 -18.17 4.41 -17.98
N THR A 471 -17.71 4.44 -19.23
CA THR A 471 -17.79 5.67 -20.01
C THR A 471 -19.21 5.98 -20.44
N ILE A 472 -20.03 4.96 -20.66
CA ILE A 472 -21.43 5.19 -20.97
C ILE A 472 -22.13 5.85 -19.78
N LEU A 473 -21.86 5.36 -18.57
CA LEU A 473 -22.43 5.98 -17.38
C LEU A 473 -21.90 7.40 -17.19
N ARG A 474 -20.61 7.61 -17.42
CA ARG A 474 -20.05 8.95 -17.28
C ARG A 474 -20.66 9.91 -18.29
N ALA A 475 -20.86 9.46 -19.52
CA ALA A 475 -21.56 10.29 -20.50
C ALA A 475 -22.99 10.57 -20.07
N TRP A 476 -23.67 9.56 -19.53
CA TRP A 476 -25.02 9.76 -19.01
C TRP A 476 -25.02 10.69 -17.81
N ALA A 477 -24.04 10.55 -16.92
CA ALA A 477 -23.99 11.39 -15.73
C ALA A 477 -23.77 12.85 -16.09
N VAL A 478 -22.87 13.12 -17.04
CA VAL A 478 -22.62 14.49 -17.45
C VAL A 478 -23.83 15.06 -18.19
N LYS A 479 -24.46 14.25 -19.03
CA LYS A 479 -25.66 14.71 -19.73
C LYS A 479 -26.80 15.03 -18.77
N ASP A 480 -26.98 14.21 -17.73
CA ASP A 480 -27.99 14.48 -16.73
C ASP A 480 -27.68 15.76 -15.96
N PHE A 481 -26.41 15.97 -15.61
CA PHE A 481 -26.03 17.16 -14.84
C PHE A 481 -26.02 18.41 -15.70
N ALA A 482 -25.35 18.36 -16.85
CA ALA A 482 -25.16 19.51 -17.71
C ALA A 482 -25.62 19.15 -19.12
N PRO A 483 -26.93 19.22 -19.39
CA PRO A 483 -27.41 18.89 -20.74
C PRO A 483 -26.83 19.78 -21.83
N ASN A 484 -26.59 21.05 -21.55
CA ASN A 484 -26.03 21.97 -22.55
C ASN A 484 -24.52 22.03 -22.45
N CYS A 485 -23.88 20.86 -22.46
CA CYS A 485 -22.43 20.74 -22.46
C CYS A 485 -22.07 19.72 -23.53
N PRO A 486 -21.37 20.11 -24.59
CA PRO A 486 -21.01 19.13 -25.64
C PRO A 486 -20.15 18.01 -25.07
N LEU A 487 -20.52 16.78 -25.40
CA LEU A 487 -19.80 15.59 -24.95
C LEU A 487 -18.89 15.09 -26.05
N TYR A 488 -17.69 14.66 -25.67
CA TYR A 488 -16.71 14.07 -26.57
C TYR A 488 -16.31 12.72 -25.99
N VAL A 489 -16.97 11.67 -26.44
CA VAL A 489 -16.85 10.34 -25.85
C VAL A 489 -15.94 9.47 -26.72
N GLN A 490 -15.04 8.75 -26.08
CA GLN A 490 -14.17 7.77 -26.73
C GLN A 490 -14.67 6.38 -26.32
N ILE A 491 -15.17 5.63 -27.30
CA ILE A 491 -15.78 4.32 -27.06
C ILE A 491 -14.84 3.24 -27.59
N LEU A 492 -14.68 2.18 -26.80
CA LEU A 492 -13.81 1.07 -27.19
C LEU A 492 -14.49 0.12 -28.17
N LYS A 493 -15.60 -0.49 -27.75
CA LYS A 493 -16.27 -1.55 -28.51
C LYS A 493 -17.46 -1.00 -29.29
N PRO A 494 -17.58 -1.39 -30.56
CA PRO A 494 -18.67 -0.86 -31.39
C PRO A 494 -20.07 -1.19 -30.88
N GLU A 495 -20.23 -2.31 -30.16
CA GLU A 495 -21.55 -2.68 -29.67
C GLU A 495 -22.10 -1.69 -28.65
N ASN A 496 -21.23 -0.93 -28.00
CA ASN A 496 -21.63 0.02 -26.98
C ASN A 496 -21.71 1.45 -27.51
N LYS A 497 -21.59 1.63 -28.82
CA LYS A 497 -21.53 2.96 -29.42
C LYS A 497 -22.90 3.64 -29.50
N PHE A 498 -23.99 2.87 -29.59
CA PHE A 498 -25.30 3.48 -29.73
C PHE A 498 -25.90 3.93 -28.40
N HIS A 499 -25.22 3.67 -27.29
CA HIS A 499 -25.66 4.19 -26.00
C HIS A 499 -25.19 5.62 -25.77
N VAL A 500 -24.14 6.06 -26.46
CA VAL A 500 -23.64 7.43 -26.33
C VAL A 500 -23.81 8.14 -27.67
N LYS A 501 -24.78 7.70 -28.47
CA LYS A 501 -25.06 8.35 -29.74
C LYS A 501 -25.52 9.79 -29.55
N PHE A 502 -26.14 10.08 -28.41
CA PHE A 502 -26.58 11.44 -28.12
C PHE A 502 -25.42 12.42 -28.02
N ALA A 503 -24.21 11.93 -27.77
CA ALA A 503 -23.05 12.82 -27.64
C ALA A 503 -22.76 13.50 -28.97
N ASP A 504 -22.23 14.72 -28.87
CA ASP A 504 -21.96 15.51 -30.07
C ASP A 504 -20.92 14.84 -30.96
N HIS A 505 -19.86 14.30 -30.35
CA HIS A 505 -18.78 13.67 -31.11
C HIS A 505 -18.34 12.40 -30.40
N VAL A 506 -18.39 11.29 -31.13
CA VAL A 506 -18.03 9.97 -30.59
C VAL A 506 -17.00 9.35 -31.51
N VAL A 507 -15.96 8.77 -30.91
CA VAL A 507 -14.93 8.05 -31.65
C VAL A 507 -14.89 6.61 -31.13
N CYS A 508 -15.11 5.65 -32.02
CA CYS A 508 -15.00 4.24 -31.68
C CYS A 508 -13.61 3.75 -32.07
N GLU A 509 -12.83 3.33 -31.07
CA GLU A 509 -11.45 2.92 -31.34
C GLU A 509 -11.39 1.66 -32.21
N GLU A 510 -12.23 0.66 -31.93
CA GLU A 510 -12.16 -0.59 -32.67
C GLU A 510 -12.59 -0.42 -34.12
N GLU A 511 -13.56 0.45 -34.38
CA GLU A 511 -13.97 0.71 -35.76
C GLU A 511 -12.86 1.32 -36.58
N CYS A 512 -12.24 2.38 -36.04
CA CYS A 512 -11.20 3.09 -36.81
C CYS A 512 -9.92 2.27 -36.89
N LYS A 513 -9.56 1.56 -35.82
CA LYS A 513 -8.34 0.77 -35.81
C LYS A 513 -8.35 -0.26 -36.92
N TYR A 514 -9.45 -1.00 -37.05
CA TYR A 514 -9.51 -2.08 -38.04
C TYR A 514 -9.79 -1.56 -39.44
N ALA A 515 -10.50 -0.43 -39.57
CA ALA A 515 -10.70 0.17 -40.88
C ALA A 515 -9.38 0.72 -41.44
N MET A 516 -8.58 1.36 -40.59
CA MET A 516 -7.26 1.81 -41.02
C MET A 516 -6.34 0.63 -41.32
N LEU A 517 -6.39 -0.42 -40.50
CA LEU A 517 -5.59 -1.60 -40.77
C LEU A 517 -6.01 -2.29 -42.07
N ALA A 518 -7.31 -2.29 -42.37
CA ALA A 518 -7.78 -2.88 -43.61
C ALA A 518 -7.39 -2.02 -44.82
N LEU A 519 -7.49 -0.70 -44.69
CA LEU A 519 -7.10 0.17 -45.79
C LEU A 519 -5.60 0.12 -46.06
N ASN A 520 -4.80 -0.09 -45.03
CA ASN A 520 -3.36 -0.28 -45.23
C ASN A 520 -3.09 -1.48 -46.13
N CYS A 521 -3.97 -2.49 -46.09
CA CYS A 521 -3.84 -3.61 -46.99
C CYS A 521 -4.27 -3.27 -48.42
N ILE A 522 -5.06 -2.21 -48.59
CA ILE A 522 -5.48 -1.77 -49.92
C ILE A 522 -4.58 -0.62 -50.36
N CYS A 523 -4.61 0.48 -49.61
CA CYS A 523 -3.76 1.64 -49.87
C CYS A 523 -2.66 1.70 -48.81
N PRO A 524 -1.41 1.47 -49.18
CA PRO A 524 -0.35 1.41 -48.16
C PRO A 524 -0.20 2.72 -47.40
N ALA A 525 0.08 2.59 -46.11
CA ALA A 525 0.32 3.74 -45.22
C ALA A 525 -0.87 4.69 -45.17
N THR A 526 -2.09 4.15 -45.25
CA THR A 526 -3.27 4.98 -45.04
C THR A 526 -3.35 5.47 -43.59
N SER A 527 -3.00 4.61 -42.64
CA SER A 527 -3.00 5.01 -41.25
C SER A 527 -2.01 6.15 -40.99
N THR A 528 -0.86 6.09 -41.65
CA THR A 528 0.11 7.20 -41.55
C THR A 528 -0.47 8.47 -42.15
N LEU A 529 -1.17 8.35 -43.29
CA LEU A 529 -1.78 9.50 -43.92
C LEU A 529 -2.82 10.14 -43.01
N ILE A 530 -3.68 9.32 -42.39
CA ILE A 530 -4.70 9.85 -41.49
C ILE A 530 -4.05 10.42 -40.23
N THR A 531 -2.98 9.78 -39.75
CA THR A 531 -2.35 10.21 -38.51
C THR A 531 -1.82 11.64 -38.64
N LEU A 532 -1.10 11.93 -39.72
CA LEU A 532 -0.56 13.27 -39.90
C LEU A 532 -1.66 14.31 -40.10
N LEU A 533 -2.73 13.93 -40.80
CA LEU A 533 -3.81 14.89 -41.06
C LEU A 533 -4.53 15.30 -39.78
N VAL A 534 -4.72 14.38 -38.85
CA VAL A 534 -5.50 14.67 -37.65
C VAL A 534 -4.62 15.27 -36.57
N HIS A 535 -3.35 15.52 -36.90
CA HIS A 535 -2.40 16.13 -35.98
C HIS A 535 -2.17 17.59 -36.37
N THR A 536 -2.23 18.47 -35.38
CA THR A 536 -2.04 19.90 -35.63
C THR A 536 -0.54 20.21 -35.72
N SER A 537 -0.09 20.63 -36.90
CA SER A 537 1.32 20.89 -37.13
C SER A 537 1.47 21.99 -38.17
N ARG A 538 2.61 22.68 -38.11
CA ARG A 538 2.93 23.76 -39.05
C ARG A 538 3.77 23.30 -40.22
N GLY A 539 4.13 22.02 -40.29
CA GLY A 539 5.01 21.56 -41.35
C GLY A 539 6.42 22.09 -41.27
N GLN A 540 6.97 22.22 -40.06
CA GLN A 540 8.33 22.69 -39.86
C GLN A 540 9.29 21.57 -39.48
N GLU A 541 8.83 20.31 -39.54
CA GLU A 541 9.65 19.19 -39.14
C GLU A 541 10.66 18.83 -40.22
N GLY A 542 11.89 18.57 -39.81
CA GLY A 542 12.93 18.13 -40.73
C GLY A 542 13.25 19.14 -41.82
N GLN A 543 13.05 20.42 -41.55
CA GLN A 543 13.37 21.45 -42.53
C GLN A 543 14.86 21.74 -42.60
N GLU A 544 15.63 21.37 -41.58
CA GLU A 544 17.08 21.48 -41.61
C GLU A 544 17.76 20.20 -42.05
N SER A 545 17.00 19.16 -42.36
CA SER A 545 17.58 17.86 -42.66
C SER A 545 18.34 17.90 -43.98
N PRO A 546 19.54 17.31 -44.04
CA PRO A 546 20.26 17.24 -45.32
C PRO A 546 19.57 16.37 -46.36
N GLU A 547 18.70 15.46 -45.94
CA GLU A 547 18.01 14.57 -46.87
C GLU A 547 16.82 15.27 -47.50
N GLN A 548 16.68 15.13 -48.82
CA GLN A 548 15.57 15.76 -49.52
C GLN A 548 14.23 15.15 -49.13
N TRP A 549 14.19 13.82 -48.98
CA TRP A 549 12.93 13.17 -48.65
C TRP A 549 12.43 13.58 -47.27
N GLN A 550 13.34 13.82 -46.32
CA GLN A 550 12.92 14.23 -44.99
C GLN A 550 12.34 15.64 -44.99
N ARG A 551 12.90 16.53 -45.80
CA ARG A 551 12.40 17.90 -45.87
C ARG A 551 11.00 17.94 -46.48
N MET A 552 10.80 17.21 -47.57
CA MET A 552 9.50 17.22 -48.23
C MET A 552 8.48 16.38 -47.46
N TYR A 553 8.93 15.40 -46.68
CA TYR A 553 8.02 14.61 -45.86
C TYR A 553 7.56 15.40 -44.63
N GLY A 554 8.50 16.12 -44.00
CA GLY A 554 8.13 16.97 -42.87
C GLY A 554 7.36 18.19 -43.29
N ARG A 555 7.56 18.67 -44.52
CA ARG A 555 6.79 19.81 -45.01
C ARG A 555 5.35 19.39 -45.31
N CYS A 556 5.18 18.34 -46.11
CA CYS A 556 3.85 17.89 -46.49
C CYS A 556 3.05 17.39 -45.30
N SER A 557 3.71 17.08 -44.18
CA SER A 557 3.01 16.63 -42.99
C SER A 557 2.27 17.75 -42.29
N GLY A 558 2.54 19.00 -42.65
CA GLY A 558 1.80 20.13 -42.11
C GLY A 558 0.42 20.30 -42.67
N ASN A 559 0.02 19.46 -43.62
CA ASN A 559 -1.32 19.52 -44.19
C ASN A 559 -2.37 19.12 -43.17
N GLU A 560 -3.52 19.79 -43.23
CA GLU A 560 -4.66 19.50 -42.38
C GLU A 560 -5.91 19.63 -43.24
N VAL A 561 -7.05 19.29 -42.66
CA VAL A 561 -8.34 19.42 -43.32
C VAL A 561 -9.06 20.62 -42.74
N TYR A 562 -9.40 21.59 -43.59
CA TYR A 562 -10.08 22.80 -43.17
C TYR A 562 -11.38 22.94 -43.96
N HIS A 563 -12.32 23.68 -43.37
CA HIS A 563 -13.59 23.97 -44.00
C HIS A 563 -13.76 25.48 -44.11
N ILE A 564 -14.47 25.91 -45.15
CA ILE A 564 -14.75 27.32 -45.35
C ILE A 564 -15.98 27.44 -46.24
N ARG A 565 -16.82 28.43 -45.94
CA ARG A 565 -17.91 28.76 -46.84
C ARG A 565 -17.31 29.25 -48.16
N MET A 566 -17.84 28.72 -49.27
CA MET A 566 -17.16 28.89 -50.54
C MET A 566 -17.21 30.35 -51.00
N GLY A 567 -18.34 31.02 -50.77
CA GLY A 567 -18.44 32.43 -51.12
C GLY A 567 -17.45 33.28 -50.37
N ASP A 568 -17.14 32.91 -49.13
CA ASP A 568 -16.14 33.60 -48.32
C ASP A 568 -14.73 33.11 -48.58
N SER A 569 -14.54 32.14 -49.47
CA SER A 569 -13.25 31.50 -49.67
C SER A 569 -12.54 32.13 -50.86
N LYS A 570 -11.37 32.73 -50.61
CA LYS A 570 -10.54 33.23 -51.70
C LYS A 570 -9.98 32.12 -52.56
N PHE A 571 -9.96 30.88 -52.06
CA PHE A 571 -9.46 29.75 -52.84
C PHE A 571 -10.45 29.34 -53.93
N PHE A 572 -11.74 29.28 -53.60
CA PHE A 572 -12.72 28.64 -54.47
C PHE A 572 -13.84 29.56 -54.93
N ARG A 573 -13.85 30.84 -54.54
CA ARG A 573 -14.97 31.71 -54.90
C ARG A 573 -15.05 31.92 -56.41
N GLU A 574 -13.91 31.92 -57.10
CA GLU A 574 -13.89 32.15 -58.54
C GLU A 574 -14.51 31.02 -59.34
N TYR A 575 -14.76 29.87 -58.73
CA TYR A 575 -15.33 28.72 -59.44
C TYR A 575 -16.85 28.60 -59.18
N GLU A 576 -17.55 29.73 -59.11
CA GLU A 576 -19.01 29.71 -59.00
C GLU A 576 -19.66 29.23 -60.28
N GLY A 577 -20.61 28.31 -60.15
CA GLY A 577 -21.24 27.71 -61.30
C GLY A 577 -20.42 26.64 -61.98
N LYS A 578 -19.26 26.31 -61.43
CA LYS A 578 -18.34 25.36 -62.03
C LYS A 578 -18.43 24.02 -61.30
N SER A 579 -17.95 22.98 -61.98
CA SER A 579 -17.99 21.64 -61.41
C SER A 579 -17.00 21.53 -60.25
N PHE A 580 -17.27 20.56 -59.38
CA PHE A 580 -16.42 20.36 -58.21
C PHE A 580 -15.00 19.98 -58.60
N THR A 581 -14.86 19.12 -59.61
CA THR A 581 -13.53 18.67 -60.01
C THR A 581 -12.74 19.77 -60.68
N TYR A 582 -13.42 20.65 -61.42
CA TYR A 582 -12.74 21.80 -62.02
C TYR A 582 -12.17 22.71 -60.95
N ALA A 583 -12.95 22.99 -59.90
CA ALA A 583 -12.45 23.82 -58.81
C ALA A 583 -11.31 23.13 -58.08
N ALA A 584 -11.43 21.83 -57.85
CA ALA A 584 -10.40 21.11 -57.10
C ALA A 584 -9.06 21.13 -57.83
N PHE A 585 -9.10 20.90 -59.15
CA PHE A 585 -7.86 20.94 -59.93
C PHE A 585 -7.27 22.34 -59.97
N HIS A 586 -8.09 23.34 -60.32
CA HIS A 586 -7.56 24.68 -60.55
C HIS A 586 -7.11 25.34 -59.26
N ALA A 587 -7.79 25.08 -58.14
CA ALA A 587 -7.32 25.58 -56.86
C ALA A 587 -6.01 24.93 -56.44
N HIS A 588 -5.79 23.66 -56.79
CA HIS A 588 -4.51 23.02 -56.54
C HIS A 588 -3.43 23.56 -57.47
N LYS A 589 -3.78 23.77 -58.74
CA LYS A 589 -2.81 24.30 -59.69
C LYS A 589 -2.39 25.72 -59.32
N LYS A 590 -3.30 26.49 -58.71
CA LYS A 590 -3.03 27.89 -58.39
C LYS A 590 -2.43 28.06 -57.00
N TYR A 591 -3.07 27.49 -55.98
CA TYR A 591 -2.64 27.67 -54.60
C TYR A 591 -2.09 26.41 -53.94
N GLY A 592 -2.27 25.24 -54.54
CA GLY A 592 -1.80 24.02 -53.92
C GLY A 592 -2.72 23.45 -52.87
N VAL A 593 -3.99 23.83 -52.87
CA VAL A 593 -4.98 23.31 -51.93
C VAL A 593 -5.74 22.17 -52.61
N CYS A 594 -6.06 21.14 -51.83
CA CYS A 594 -6.73 19.96 -52.34
C CYS A 594 -8.17 19.95 -51.85
N LEU A 595 -9.09 20.38 -52.69
CA LEU A 595 -10.52 20.29 -52.39
C LEU A 595 -10.93 18.83 -52.38
N ILE A 596 -11.33 18.31 -51.22
CA ILE A 596 -11.62 16.89 -51.08
C ILE A 596 -13.13 16.65 -50.96
N GLY A 597 -13.87 17.63 -50.47
CA GLY A 597 -15.29 17.43 -50.30
C GLY A 597 -16.01 18.73 -49.98
N LEU A 598 -17.34 18.62 -49.90
CA LEU A 598 -18.17 19.77 -49.59
C LEU A 598 -19.40 19.32 -48.83
N LYS A 599 -20.05 20.28 -48.18
CA LYS A 599 -21.31 20.08 -47.48
C LYS A 599 -22.29 21.13 -47.94
N ARG A 600 -23.37 20.70 -48.59
CA ARG A 600 -24.39 21.63 -49.04
C ARG A 600 -25.14 22.23 -47.85
N GLU A 601 -25.66 23.44 -48.05
CA GLU A 601 -26.43 24.09 -46.99
C GLU A 601 -27.77 23.42 -46.74
N ASP A 602 -28.31 22.71 -47.72
CA ASP A 602 -29.58 22.02 -47.54
C ASP A 602 -29.45 20.83 -46.60
N ASN A 603 -28.41 20.02 -46.79
CA ASN A 603 -28.21 18.80 -46.03
C ASN A 603 -27.12 19.00 -44.97
N LYS A 604 -27.04 18.04 -44.05
CA LYS A 604 -25.98 17.99 -43.05
C LYS A 604 -24.89 17.00 -43.41
N SER A 605 -24.97 16.36 -44.56
CA SER A 605 -24.04 15.29 -44.93
C SER A 605 -22.88 15.84 -45.73
N ILE A 606 -21.67 15.46 -45.34
CA ILE A 606 -20.46 15.84 -46.04
C ILE A 606 -20.14 14.77 -47.08
N LEU A 607 -19.90 15.20 -48.31
CA LEU A 607 -19.61 14.29 -49.42
C LEU A 607 -18.17 14.50 -49.86
N LEU A 608 -17.39 13.40 -49.89
CA LEU A 608 -16.03 13.44 -50.38
C LEU A 608 -16.04 13.24 -51.89
N ASN A 609 -15.48 14.22 -52.62
CA ASN A 609 -15.45 14.19 -54.08
C ASN A 609 -16.84 13.94 -54.67
N PRO A 610 -17.74 14.92 -54.62
CA PRO A 610 -19.07 14.72 -55.21
C PRO A 610 -19.02 14.36 -56.69
N GLY A 611 -18.02 14.83 -57.42
CA GLY A 611 -17.85 14.45 -58.80
C GLY A 611 -18.00 15.61 -59.76
N PRO A 612 -17.89 15.33 -61.06
CA PRO A 612 -18.02 16.41 -62.06
C PRO A 612 -19.45 16.89 -62.25
N ARG A 613 -20.44 16.05 -61.97
CA ARG A 613 -21.83 16.48 -62.15
C ARG A 613 -22.27 17.50 -61.10
N HIS A 614 -21.58 17.57 -59.96
CA HIS A 614 -21.93 18.52 -58.92
C HIS A 614 -21.50 19.92 -59.32
N ILE A 615 -22.39 20.88 -59.14
CA ILE A 615 -22.14 22.28 -59.50
C ILE A 615 -22.04 23.09 -58.22
N LEU A 616 -21.00 23.92 -58.13
CA LEU A 616 -20.67 24.64 -56.92
C LEU A 616 -21.59 25.84 -56.71
N ALA A 617 -21.77 26.21 -55.44
CA ALA A 617 -22.64 27.32 -55.07
C ALA A 617 -22.04 28.05 -53.87
N ALA A 618 -22.48 29.29 -53.67
CA ALA A 618 -21.95 30.14 -52.60
C ALA A 618 -22.27 29.62 -51.20
N SER A 619 -23.35 28.86 -51.05
CA SER A 619 -23.75 28.37 -49.74
C SER A 619 -23.02 27.10 -49.33
N ASP A 620 -22.30 26.47 -50.25
CA ASP A 620 -21.61 25.23 -49.94
C ASP A 620 -20.41 25.48 -49.04
N THR A 621 -20.17 24.55 -48.12
CA THR A 621 -18.99 24.57 -47.26
C THR A 621 -17.96 23.64 -47.86
N CYS A 622 -16.81 24.18 -48.25
CA CYS A 622 -15.79 23.43 -48.96
C CYS A 622 -14.75 22.90 -47.98
N PHE A 623 -14.46 21.61 -48.10
CA PHE A 623 -13.45 20.95 -47.27
C PHE A 623 -12.20 20.71 -48.11
N TYR A 624 -11.08 21.26 -47.67
CA TYR A 624 -9.85 21.21 -48.43
C TYR A 624 -8.69 20.82 -47.53
N ILE A 625 -7.66 20.25 -48.15
CA ILE A 625 -6.41 19.95 -47.46
C ILE A 625 -5.38 21.01 -47.83
N ASN A 626 -4.75 21.61 -46.83
CA ASN A 626 -3.77 22.66 -47.07
C ASN A 626 -2.86 22.76 -45.85
N ILE A 627 -1.68 23.34 -46.08
CA ILE A 627 -0.73 23.54 -44.98
C ILE A 627 -1.31 24.48 -43.94
N THR A 628 -1.93 25.58 -44.37
CA THR A 628 -2.45 26.59 -43.47
C THR A 628 -3.89 26.91 -43.82
N LYS A 629 -4.63 27.38 -42.82
CA LYS A 629 -5.98 27.86 -43.03
C LYS A 629 -5.94 29.04 -44.01
N GLU A 630 -7.04 29.20 -44.77
CA GLU A 630 -7.11 30.29 -45.73
C GLU A 630 -6.98 31.64 -45.03
N GLU A 631 -7.67 31.81 -43.91
CA GLU A 631 -7.53 33.04 -43.12
C GLU A 631 -6.11 33.15 -42.56
N ASN A 632 -5.57 32.04 -42.06
CA ASN A 632 -4.20 32.05 -41.57
C ASN A 632 -3.17 32.09 -42.69
N SER A 633 -3.59 31.92 -43.94
CA SER A 633 -2.71 32.10 -45.10
C SER A 633 -2.82 33.49 -45.69
N ALA A 634 -3.04 34.52 -44.87
CA ALA A 634 -3.09 35.88 -45.36
C ALA A 634 -1.76 36.33 -45.96
N PHE A 635 -0.67 35.62 -45.68
CA PHE A 635 0.63 35.99 -46.23
C PHE A 635 0.74 35.61 -47.70
N ILE A 636 0.26 34.42 -48.07
CA ILE A 636 0.42 33.96 -49.45
C ILE A 636 -0.44 34.79 -50.40
N PHE A 637 -1.62 35.20 -49.95
CA PHE A 637 -2.45 36.09 -50.76
C PHE A 637 -1.76 37.44 -50.95
N LYS A 638 -1.13 37.95 -49.90
CA LYS A 638 -0.28 39.11 -50.05
C LYS A 638 0.97 38.78 -50.87
N GLN A 639 1.51 37.56 -50.70
CA GLN A 639 2.61 37.13 -51.53
C GLN A 639 2.16 36.97 -52.98
N GLU A 640 0.90 36.62 -53.20
CA GLU A 640 0.34 36.63 -54.54
C GLU A 640 0.33 38.05 -55.09
N GLU A 641 -0.02 39.02 -54.25
CA GLU A 641 0.07 40.43 -54.63
C GLU A 641 1.51 40.90 -54.78
N LYS A 642 2.47 40.22 -54.16
CA LYS A 642 3.88 40.55 -54.38
C LYS A 642 4.28 40.29 -55.82
N ARG A 643 3.78 39.18 -56.40
CA ARG A 643 4.02 38.92 -57.81
C ARG A 643 3.28 39.89 -58.71
N LYS A 644 2.08 40.31 -58.32
CA LYS A 644 1.30 41.26 -59.10
C LYS A 644 1.92 42.65 -59.08
N ILE A 710 -2.25 16.16 -72.46
CA ILE A 710 -3.33 15.88 -71.51
C ILE A 710 -4.54 16.76 -71.82
N ALA A 711 -5.72 16.16 -71.84
CA ALA A 711 -6.93 16.90 -72.13
C ALA A 711 -7.23 17.88 -70.99
N PRO A 712 -7.76 19.06 -71.31
CA PRO A 712 -8.07 20.05 -70.28
C PRO A 712 -9.32 19.68 -69.50
N VAL A 713 -9.33 20.05 -68.22
CA VAL A 713 -10.50 19.82 -67.38
C VAL A 713 -11.64 20.74 -67.82
N LEU A 714 -12.83 20.18 -67.94
CA LEU A 714 -13.98 20.91 -68.45
C LEU A 714 -14.69 21.67 -67.34
N GLU A 715 -15.21 22.85 -67.68
CA GLU A 715 -16.00 23.62 -66.73
C GLU A 715 -17.28 22.88 -66.37
N LEU A 716 -17.96 22.28 -67.35
CA LEU A 716 -19.18 21.54 -67.14
C LEU A 716 -18.96 20.07 -67.49
N ALA A 717 -19.60 19.19 -66.74
CA ALA A 717 -19.47 17.75 -66.96
C ALA A 717 -20.08 17.35 -68.31
N VAL A 747 -16.74 -19.68 -59.00
CA VAL A 747 -17.94 -19.16 -58.36
C VAL A 747 -17.96 -17.63 -58.45
N GLU A 748 -19.02 -17.10 -59.03
CA GLU A 748 -19.20 -15.66 -59.15
C GLU A 748 -19.96 -15.13 -57.94
N TYR A 749 -19.64 -13.89 -57.56
CA TYR A 749 -20.18 -13.29 -56.34
C TYR A 749 -21.32 -12.33 -56.67
N VAL A 750 -22.31 -12.28 -55.78
CA VAL A 750 -23.40 -11.33 -55.88
C VAL A 750 -22.99 -10.04 -55.17
N LYS A 751 -23.70 -8.96 -55.45
CA LYS A 751 -23.43 -7.66 -54.83
C LYS A 751 -24.64 -7.29 -53.97
N GLY A 752 -24.43 -7.23 -52.66
CA GLY A 752 -25.51 -6.91 -51.75
C GLY A 752 -24.96 -6.55 -50.37
N TYR A 753 -25.88 -6.29 -49.46
CA TYR A 753 -25.51 -5.92 -48.10
C TYR A 753 -25.42 -7.17 -47.23
N PRO A 754 -24.45 -7.22 -46.31
CA PRO A 754 -24.36 -8.34 -45.39
C PRO A 754 -25.63 -8.49 -44.58
N PRO A 755 -26.19 -9.70 -44.52
CA PRO A 755 -27.50 -9.89 -43.90
C PRO A 755 -27.53 -9.60 -42.40
N ASN A 756 -26.66 -10.26 -41.63
CA ASN A 756 -26.69 -10.17 -40.18
C ASN A 756 -25.70 -9.11 -39.72
N SER A 757 -26.20 -7.90 -39.48
CA SER A 757 -25.36 -6.85 -38.94
C SER A 757 -24.99 -7.18 -37.50
N PRO A 758 -23.71 -7.14 -37.13
CA PRO A 758 -23.33 -7.59 -35.78
C PRO A 758 -23.75 -6.65 -34.68
N TYR A 759 -23.90 -5.36 -34.95
CA TYR A 759 -24.23 -4.40 -33.90
C TYR A 759 -25.03 -3.25 -34.49
N ILE A 760 -25.66 -2.48 -33.60
CA ILE A 760 -26.44 -1.32 -33.98
C ILE A 760 -25.48 -0.17 -34.28
N GLY A 761 -25.69 0.50 -35.40
CA GLY A 761 -24.81 1.56 -35.83
C GLY A 761 -23.81 1.16 -36.89
N SER A 762 -23.73 -0.13 -37.20
CA SER A 762 -22.87 -0.61 -38.28
C SER A 762 -23.37 -0.04 -39.59
N SER A 763 -22.58 0.84 -40.19
CA SER A 763 -22.96 1.44 -41.45
C SER A 763 -22.99 0.37 -42.53
N PRO A 764 -24.11 0.22 -43.25
CA PRO A 764 -24.24 -0.88 -44.21
C PRO A 764 -23.57 -0.52 -45.52
N THR A 765 -22.56 -1.31 -45.90
CA THR A 765 -21.80 -1.11 -47.11
C THR A 765 -22.11 -2.24 -48.09
N LEU A 766 -22.43 -1.87 -49.33
CA LEU A 766 -22.62 -2.87 -50.37
C LEU A 766 -21.31 -3.57 -50.64
N CYS A 767 -21.31 -4.90 -50.52
CA CYS A 767 -20.09 -5.68 -50.54
C CYS A 767 -20.22 -6.83 -51.54
N HIS A 768 -19.09 -7.46 -51.83
CA HIS A 768 -19.08 -8.71 -52.57
C HIS A 768 -19.55 -9.82 -51.65
N LEU A 769 -20.64 -10.48 -52.01
CA LEU A 769 -21.26 -11.48 -51.16
C LEU A 769 -21.27 -12.83 -51.86
N LEU A 770 -21.13 -13.89 -51.08
CA LEU A 770 -21.28 -15.23 -51.61
C LEU A 770 -22.75 -15.45 -52.00
N PRO A 771 -23.00 -16.16 -53.11
CA PRO A 771 -24.40 -16.43 -53.48
C PRO A 771 -25.17 -17.19 -52.42
N VAL A 772 -24.52 -18.09 -51.70
CA VAL A 772 -25.13 -18.86 -50.63
C VAL A 772 -24.26 -18.71 -49.38
N LYS A 773 -24.90 -18.72 -48.21
CA LYS A 773 -24.17 -18.65 -46.95
C LYS A 773 -23.18 -19.80 -46.84
N ALA A 774 -21.96 -19.48 -46.45
CA ALA A 774 -20.95 -20.51 -46.24
C ALA A 774 -21.15 -21.17 -44.90
N PRO A 775 -21.27 -22.49 -44.84
CA PRO A 775 -21.38 -23.16 -43.54
C PRO A 775 -20.15 -22.94 -42.69
N PHE A 776 -20.35 -22.96 -41.37
CA PHE A 776 -19.27 -22.63 -40.43
C PHE A 776 -18.10 -23.59 -40.56
N CYS A 777 -18.32 -24.81 -41.05
CA CYS A 777 -17.22 -25.73 -41.28
C CYS A 777 -16.31 -25.26 -42.40
N CYS A 778 -16.87 -24.61 -43.42
CA CYS A 778 -16.07 -24.17 -44.55
C CYS A 778 -15.30 -22.88 -44.26
N LEU A 779 -15.60 -22.21 -43.14
CA LEU A 779 -14.88 -21.01 -42.75
C LEU A 779 -13.61 -21.32 -41.97
N ARG A 780 -13.36 -22.58 -41.64
CA ARG A 780 -12.18 -22.98 -40.89
C ARG A 780 -11.10 -23.45 -41.85
N LEU A 781 -9.93 -22.81 -41.78
CA LEU A 781 -8.81 -23.23 -42.61
C LEU A 781 -8.09 -24.43 -42.02
N ASP A 782 -8.29 -24.72 -40.74
CA ASP A 782 -7.63 -25.87 -40.12
C ASP A 782 -8.25 -27.18 -40.55
N LYS A 783 -9.49 -27.43 -40.14
CA LYS A 783 -10.09 -28.75 -40.25
C LYS A 783 -10.77 -28.90 -41.61
N GLY A 784 -10.61 -30.07 -42.21
CA GLY A 784 -11.37 -30.40 -43.40
C GLY A 784 -12.80 -30.78 -43.05
N CYS A 785 -13.69 -30.60 -44.03
CA CYS A 785 -15.10 -30.86 -43.79
C CYS A 785 -15.68 -31.73 -44.91
N LYS A 786 -17.01 -31.84 -44.94
CA LYS A 786 -17.66 -32.61 -46.00
C LYS A 786 -17.40 -32.00 -47.37
N HIS A 787 -17.44 -30.66 -47.44
CA HIS A 787 -17.28 -29.98 -48.73
C HIS A 787 -15.83 -29.96 -49.21
N ASN A 788 -14.86 -29.99 -48.29
CA ASN A 788 -13.46 -29.97 -48.69
C ASN A 788 -12.60 -30.68 -47.65
N SER A 789 -11.53 -31.31 -48.13
CA SER A 789 -10.57 -31.98 -47.27
C SER A 789 -9.34 -31.12 -46.98
N TYR A 790 -9.35 -29.86 -47.39
CA TYR A 790 -8.19 -29.00 -47.24
C TYR A 790 -7.91 -28.73 -45.77
N GLU A 791 -6.63 -28.84 -45.40
CA GLU A 791 -6.21 -28.66 -44.01
C GLU A 791 -5.28 -27.48 -43.83
N ASP A 792 -4.86 -26.82 -44.89
CA ASP A 792 -4.05 -25.61 -44.82
C ASP A 792 -4.25 -24.83 -46.10
N ALA A 793 -3.67 -23.62 -46.13
CA ALA A 793 -3.86 -22.72 -47.27
C ALA A 793 -3.25 -23.26 -48.55
N LYS A 794 -2.26 -24.15 -48.47
CA LYS A 794 -1.68 -24.73 -49.68
C LYS A 794 -2.67 -25.62 -50.41
N ALA A 795 -3.46 -26.40 -49.68
CA ALA A 795 -4.48 -27.24 -50.29
C ALA A 795 -5.57 -26.42 -50.95
N TYR A 796 -5.82 -25.20 -50.46
CA TYR A 796 -6.81 -24.34 -51.09
C TYR A 796 -6.34 -23.85 -52.46
N GLY A 797 -5.07 -23.45 -52.56
CA GLY A 797 -4.55 -22.94 -53.80
C GLY A 797 -5.18 -21.64 -54.23
N PHE A 798 -5.05 -20.61 -53.40
CA PHE A 798 -5.63 -19.31 -53.73
C PHE A 798 -4.91 -18.69 -54.91
N LYS A 799 -5.67 -17.94 -55.72
CA LYS A 799 -5.09 -17.23 -56.85
C LYS A 799 -4.32 -15.99 -56.40
N ASN A 800 -4.83 -15.29 -55.38
CA ASN A 800 -4.23 -14.05 -54.91
C ASN A 800 -3.49 -14.27 -53.61
N LYS A 801 -2.78 -13.23 -53.18
CA LYS A 801 -2.02 -13.29 -51.95
C LYS A 801 -2.92 -13.07 -50.74
N LEU A 802 -2.59 -13.75 -49.65
CA LEU A 802 -3.44 -13.79 -48.47
C LEU A 802 -3.16 -12.61 -47.54
N ILE A 803 -4.19 -12.21 -46.80
CA ILE A 803 -4.06 -11.26 -45.71
C ILE A 803 -4.30 -12.02 -44.42
N ILE A 804 -3.29 -12.11 -43.57
CA ILE A 804 -3.37 -12.86 -42.33
C ILE A 804 -3.50 -11.84 -41.20
N VAL A 805 -4.57 -11.95 -40.43
CA VAL A 805 -4.82 -11.07 -39.30
C VAL A 805 -4.60 -11.88 -38.03
N SER A 806 -3.60 -11.48 -37.25
CA SER A 806 -3.27 -12.15 -35.99
C SER A 806 -3.95 -11.37 -34.87
N ALA A 807 -5.16 -11.79 -34.51
CA ALA A 807 -5.93 -11.15 -33.45
C ALA A 807 -6.16 -12.13 -32.32
N GLU A 808 -6.50 -11.59 -31.15
CA GLU A 808 -6.76 -12.42 -29.98
C GLU A 808 -8.17 -13.02 -30.03
N THR A 809 -9.18 -12.16 -30.12
CA THR A 809 -10.57 -12.58 -30.16
C THR A 809 -11.25 -11.98 -31.38
N ALA A 810 -12.19 -12.72 -31.95
CA ALA A 810 -12.95 -12.26 -33.11
C ALA A 810 -14.23 -11.60 -32.63
N GLY A 811 -14.33 -10.29 -32.82
CA GLY A 811 -15.48 -9.52 -32.39
C GLY A 811 -15.99 -8.62 -33.50
N ASN A 812 -16.61 -7.52 -33.10
CA ASN A 812 -17.14 -6.56 -34.06
C ASN A 812 -16.03 -5.72 -34.68
N GLY A 813 -14.88 -5.59 -34.02
CA GLY A 813 -13.75 -4.91 -34.62
C GLY A 813 -13.23 -5.63 -35.83
N LEU A 814 -13.07 -6.96 -35.73
CA LEU A 814 -12.63 -7.75 -36.87
C LEU A 814 -13.64 -7.69 -38.01
N TYR A 815 -14.92 -7.51 -37.69
CA TYR A 815 -15.92 -7.29 -38.73
C TYR A 815 -15.64 -6.01 -39.51
N ASN A 816 -15.19 -4.97 -38.81
CA ASN A 816 -14.84 -3.72 -39.48
C ASN A 816 -13.53 -3.84 -40.26
N PHE A 817 -12.81 -4.95 -40.11
CA PHE A 817 -11.62 -5.18 -40.94
C PHE A 817 -12.00 -5.85 -42.25
N ILE A 818 -12.98 -6.75 -42.22
CA ILE A 818 -13.35 -7.51 -43.41
C ILE A 818 -14.21 -6.67 -44.36
N VAL A 819 -15.04 -5.78 -43.81
CA VAL A 819 -15.96 -5.01 -44.66
C VAL A 819 -15.24 -4.15 -45.68
N PRO A 820 -14.22 -3.34 -45.33
CA PRO A 820 -13.56 -2.53 -46.37
C PRO A 820 -12.89 -3.36 -47.45
N LEU A 821 -12.42 -4.56 -47.13
CA LEU A 821 -11.73 -5.40 -48.10
C LEU A 821 -12.69 -6.14 -49.02
N ARG A 822 -13.98 -6.20 -48.68
CA ARG A 822 -14.97 -6.88 -49.48
C ARG A 822 -15.96 -5.92 -50.12
N ALA A 823 -15.68 -4.61 -50.08
CA ALA A 823 -16.62 -3.62 -50.58
C ALA A 823 -16.80 -3.76 -52.09
N TYR A 824 -17.96 -3.29 -52.56
CA TYR A 824 -18.34 -3.53 -53.96
C TYR A 824 -17.45 -2.77 -54.93
N TYR A 825 -16.92 -1.62 -54.54
CA TYR A 825 -16.04 -0.89 -55.43
C TYR A 825 -14.64 -1.47 -55.49
N ARG A 826 -14.26 -2.29 -54.51
CA ARG A 826 -13.02 -3.04 -54.60
C ARG A 826 -13.11 -4.06 -55.73
N SER A 827 -12.01 -4.19 -56.47
CA SER A 827 -12.00 -5.11 -57.61
C SER A 827 -12.19 -6.55 -57.15
N ARG A 828 -13.01 -7.29 -57.89
CA ARG A 828 -13.33 -8.67 -57.55
C ARG A 828 -12.19 -9.62 -57.85
N LYS A 829 -11.42 -9.37 -58.91
CA LYS A 829 -10.28 -10.22 -59.21
C LYS A 829 -9.14 -9.99 -58.23
N GLU A 830 -8.98 -8.75 -57.77
CA GLU A 830 -7.95 -8.42 -56.78
C GLU A 830 -8.39 -8.71 -55.35
N LEU A 831 -9.44 -9.50 -55.16
CA LEU A 831 -9.87 -9.85 -53.82
C LEU A 831 -8.83 -10.74 -53.15
N ASN A 832 -8.39 -10.33 -51.96
CA ASN A 832 -7.37 -11.06 -51.22
C ASN A 832 -8.02 -11.94 -50.17
N PRO A 833 -7.72 -13.23 -50.14
CA PRO A 833 -8.24 -14.08 -49.06
C PRO A 833 -7.80 -13.56 -47.70
N ILE A 834 -8.73 -13.60 -46.76
CA ILE A 834 -8.49 -13.11 -45.40
C ILE A 834 -8.47 -14.31 -44.47
N VAL A 835 -7.34 -14.53 -43.80
CA VAL A 835 -7.18 -15.60 -42.84
C VAL A 835 -7.04 -14.98 -41.46
N LEU A 836 -7.99 -15.29 -40.58
CA LEU A 836 -8.00 -14.77 -39.22
C LEU A 836 -7.29 -15.76 -38.30
N LEU A 837 -6.13 -15.35 -37.79
CA LEU A 837 -5.34 -16.19 -36.89
C LEU A 837 -5.73 -15.83 -35.46
N LEU A 838 -6.78 -16.46 -34.98
CA LEU A 838 -7.37 -16.12 -33.69
C LEU A 838 -6.79 -16.98 -32.58
N ASP A 839 -6.61 -16.35 -31.41
CA ASP A 839 -6.19 -17.09 -30.23
C ASP A 839 -7.33 -17.92 -29.65
N ASN A 840 -8.54 -17.37 -29.65
CA ASN A 840 -9.72 -18.05 -29.14
C ASN A 840 -10.66 -18.41 -30.28
N LYS A 841 -11.44 -19.47 -30.07
CA LYS A 841 -12.42 -19.87 -31.07
C LYS A 841 -13.50 -18.79 -31.21
N PRO A 842 -13.80 -18.36 -32.42
CA PRO A 842 -14.83 -17.34 -32.60
C PRO A 842 -16.21 -17.85 -32.23
N ASP A 843 -17.00 -16.97 -31.64
CA ASP A 843 -18.38 -17.31 -31.32
C ASP A 843 -19.23 -17.32 -32.58
N HIS A 844 -20.40 -17.93 -32.47
CA HIS A 844 -21.24 -18.15 -33.65
C HIS A 844 -21.83 -16.87 -34.20
N HIS A 845 -21.90 -15.81 -33.39
CA HIS A 845 -22.39 -14.53 -33.91
C HIS A 845 -21.41 -13.91 -34.89
N PHE A 846 -20.11 -13.99 -34.58
CA PHE A 846 -19.11 -13.49 -35.52
C PHE A 846 -19.11 -14.30 -36.81
N LEU A 847 -19.22 -15.63 -36.70
CA LEU A 847 -19.26 -16.47 -37.89
C LEU A 847 -20.50 -16.19 -38.71
N GLU A 848 -21.62 -15.90 -38.05
CA GLU A 848 -22.84 -15.53 -38.76
C GLU A 848 -22.67 -14.20 -39.49
N ALA A 849 -21.86 -13.30 -38.94
CA ALA A 849 -21.65 -12.01 -39.57
C ALA A 849 -20.72 -12.09 -40.78
N ILE A 850 -19.82 -13.08 -40.81
CA ILE A 850 -18.81 -13.18 -41.86
C ILE A 850 -19.03 -14.38 -42.76
N CYS A 851 -20.11 -15.14 -42.56
CA CYS A 851 -20.35 -16.32 -43.38
C CYS A 851 -20.71 -15.97 -44.82
N CYS A 852 -21.14 -14.74 -45.08
CA CYS A 852 -21.53 -14.31 -46.41
C CYS A 852 -20.37 -13.76 -47.23
N PHE A 853 -19.21 -13.55 -46.63
CA PHE A 853 -18.07 -12.93 -47.29
C PHE A 853 -17.20 -14.00 -47.95
N PRO A 854 -16.82 -13.78 -49.22
CA PRO A 854 -16.01 -14.77 -49.93
C PRO A 854 -14.57 -14.78 -49.43
N MET A 855 -14.00 -15.99 -49.34
CA MET A 855 -12.59 -16.19 -48.99
C MET A 855 -12.21 -15.49 -47.68
N VAL A 856 -13.02 -15.72 -46.65
CA VAL A 856 -12.71 -15.29 -45.30
C VAL A 856 -12.67 -16.54 -44.42
N TYR A 857 -11.48 -16.85 -43.90
CA TYR A 857 -11.25 -18.06 -43.12
C TYR A 857 -10.61 -17.70 -41.80
N TYR A 858 -10.69 -18.64 -40.85
CA TYR A 858 -10.12 -18.44 -39.52
C TYR A 858 -9.36 -19.70 -39.10
N MET A 859 -8.44 -19.52 -38.15
CA MET A 859 -7.62 -20.60 -37.63
C MET A 859 -7.15 -20.25 -36.22
N GLU A 860 -6.88 -21.29 -35.44
CA GLU A 860 -6.39 -21.13 -34.08
C GLU A 860 -4.86 -21.05 -34.09
N GLY A 861 -4.32 -20.01 -33.48
CA GLY A 861 -2.89 -19.83 -33.43
C GLY A 861 -2.55 -18.40 -33.05
N SER A 862 -1.27 -18.08 -33.17
CA SER A 862 -0.79 -16.75 -32.79
C SER A 862 0.40 -16.39 -33.66
N VAL A 863 0.83 -15.14 -33.55
CA VAL A 863 1.99 -14.67 -34.29
C VAL A 863 3.29 -15.25 -33.75
N ASP A 864 3.30 -15.73 -32.51
CA ASP A 864 4.50 -16.32 -31.93
C ASP A 864 4.65 -17.80 -32.24
N ASN A 865 3.62 -18.44 -32.79
CA ASN A 865 3.66 -19.85 -33.15
C ASN A 865 3.97 -19.95 -34.64
N LEU A 866 5.18 -20.39 -34.97
CA LEU A 866 5.59 -20.44 -36.37
C LEU A 866 4.85 -21.54 -37.14
N ASP A 867 4.46 -22.62 -36.46
CA ASP A 867 3.70 -23.67 -37.12
C ASP A 867 2.37 -23.13 -37.63
N SER A 868 1.66 -22.38 -36.80
CA SER A 868 0.38 -21.82 -37.21
C SER A 868 0.54 -20.84 -38.37
N LEU A 869 1.57 -20.00 -38.32
CA LEU A 869 1.78 -19.00 -39.37
C LEU A 869 2.07 -19.68 -40.71
N LEU A 870 2.89 -20.74 -40.70
CA LEU A 870 3.13 -21.49 -41.93
C LEU A 870 1.85 -22.19 -42.40
N GLN A 871 0.98 -22.58 -41.48
CA GLN A 871 -0.31 -23.14 -41.85
C GLN A 871 -1.22 -22.08 -42.43
N CYS A 872 -1.05 -20.82 -42.00
CA CYS A 872 -1.88 -19.74 -42.53
C CYS A 872 -1.64 -19.52 -44.01
N GLY A 873 -0.40 -19.66 -44.46
CA GLY A 873 -0.04 -19.30 -45.80
C GLY A 873 0.82 -18.07 -45.81
N ILE A 874 1.64 -17.93 -44.76
CA ILE A 874 2.51 -16.76 -44.63
C ILE A 874 3.56 -16.74 -45.73
N ILE A 875 3.76 -17.86 -46.41
CA ILE A 875 4.73 -17.91 -47.50
C ILE A 875 4.28 -17.02 -48.65
N TYR A 876 2.97 -17.01 -48.92
CA TYR A 876 2.40 -16.25 -50.04
C TYR A 876 1.31 -15.32 -49.52
N ALA A 877 1.62 -14.61 -48.44
CA ALA A 877 0.75 -13.61 -47.86
C ALA A 877 1.37 -12.24 -48.08
N ASP A 878 0.61 -11.33 -48.71
CA ASP A 878 1.15 -10.01 -48.99
C ASP A 878 1.19 -9.14 -47.73
N ASN A 879 0.24 -9.35 -46.83
CA ASN A 879 0.14 -8.56 -45.61
C ASN A 879 -0.05 -9.47 -44.41
N LEU A 880 0.60 -9.12 -43.30
CA LEU A 880 0.38 -9.77 -42.01
C LEU A 880 0.05 -8.69 -40.99
N VAL A 881 -1.20 -8.66 -40.54
CA VAL A 881 -1.68 -7.65 -39.61
C VAL A 881 -1.70 -8.26 -38.21
N VAL A 882 -0.97 -7.64 -37.29
CA VAL A 882 -0.85 -8.11 -35.92
C VAL A 882 -1.61 -7.14 -35.04
N VAL A 883 -2.70 -7.62 -34.43
CA VAL A 883 -3.50 -6.84 -33.51
C VAL A 883 -3.49 -7.50 -32.12
N ASP A 884 -2.49 -8.33 -31.86
CA ASP A 884 -2.44 -9.09 -30.61
C ASP A 884 -2.33 -8.16 -29.40
N LYS A 885 -3.06 -8.50 -28.34
CA LYS A 885 -3.10 -7.71 -27.12
C LYS A 885 -2.54 -8.53 -25.97
N GLU A 886 -1.71 -7.89 -25.14
CA GLU A 886 -1.13 -8.56 -23.98
C GLU A 886 -1.63 -7.92 -22.70
N ALA A 891 1.15 -4.33 -17.69
CA ALA A 891 2.47 -4.10 -17.11
C ALA A 891 2.49 -2.82 -16.27
N GLU A 892 3.30 -2.82 -15.22
CA GLU A 892 3.42 -1.64 -14.38
C GLU A 892 4.15 -0.52 -15.12
N GLU A 893 5.30 -0.83 -15.72
CA GLU A 893 6.00 0.13 -16.56
C GLU A 893 5.27 0.27 -17.87
N ASP A 894 4.82 1.49 -18.18
CA ASP A 894 3.82 1.69 -19.22
C ASP A 894 4.33 1.25 -20.59
N TYR A 895 5.55 1.65 -20.94
CA TYR A 895 6.05 1.37 -22.28
C TYR A 895 6.34 -0.10 -22.50
N MET A 896 6.33 -0.91 -21.44
CA MET A 896 6.64 -2.32 -21.57
C MET A 896 5.44 -3.15 -22.00
N ALA A 897 4.27 -2.53 -22.15
CA ALA A 897 3.09 -3.26 -22.59
C ALA A 897 3.26 -3.82 -24.00
N ASP A 898 4.05 -3.15 -24.83
CA ASP A 898 4.28 -3.58 -26.21
C ASP A 898 5.48 -4.49 -26.35
N ALA A 899 6.11 -4.88 -25.25
CA ALA A 899 7.34 -5.68 -25.33
C ALA A 899 7.08 -7.02 -26.01
N LYS A 900 5.97 -7.68 -25.66
CA LYS A 900 5.67 -8.97 -26.26
C LYS A 900 5.33 -8.84 -27.73
N THR A 901 4.54 -7.81 -28.09
CA THR A 901 4.17 -7.62 -29.49
C THR A 901 5.37 -7.21 -30.34
N ILE A 902 6.22 -6.34 -29.81
CA ILE A 902 7.36 -5.84 -30.58
C ILE A 902 8.33 -6.96 -30.91
N VAL A 903 8.65 -7.81 -29.92
CA VAL A 903 9.62 -8.88 -30.13
C VAL A 903 9.04 -9.96 -31.02
N ASN A 904 7.76 -10.30 -30.82
CA ASN A 904 7.12 -11.32 -31.65
C ASN A 904 7.09 -10.89 -33.11
N VAL A 905 6.76 -9.62 -33.37
CA VAL A 905 6.80 -9.10 -34.72
C VAL A 905 8.22 -9.05 -35.24
N GLN A 906 9.18 -8.75 -34.36
CA GLN A 906 10.58 -8.71 -34.76
C GLN A 906 11.07 -10.08 -35.20
N THR A 907 10.65 -11.14 -34.51
CA THR A 907 11.06 -12.48 -34.89
C THR A 907 10.63 -12.82 -36.31
N MET A 908 9.40 -12.44 -36.67
CA MET A 908 8.93 -12.68 -38.04
C MET A 908 9.56 -11.70 -39.02
N PHE A 909 10.01 -10.54 -38.54
CA PHE A 909 10.78 -9.65 -39.40
C PHE A 909 12.11 -10.26 -39.79
N ARG A 910 12.68 -11.11 -38.92
CA ARG A 910 13.94 -11.78 -39.22
C ARG A 910 13.73 -13.10 -39.95
N LEU A 911 12.64 -13.82 -39.67
CA LEU A 911 12.38 -15.07 -40.37
C LEU A 911 11.91 -14.83 -41.80
N PHE A 912 11.08 -13.81 -42.01
CA PHE A 912 10.54 -13.47 -43.33
C PHE A 912 10.82 -12.00 -43.60
N PRO A 913 12.04 -11.66 -44.04
CA PRO A 913 12.37 -10.24 -44.25
C PRO A 913 11.53 -9.56 -45.32
N SER A 914 11.05 -10.30 -46.32
CA SER A 914 10.27 -9.71 -47.41
C SER A 914 8.80 -9.55 -47.06
N LEU A 915 8.33 -10.13 -45.97
CA LEU A 915 6.93 -10.04 -45.60
C LEU A 915 6.60 -8.64 -45.09
N SER A 916 5.39 -8.19 -45.41
CA SER A 916 4.89 -6.89 -44.98
C SER A 916 4.03 -7.09 -43.72
N ILE A 917 4.55 -6.67 -42.58
CA ILE A 917 3.86 -6.80 -41.30
C ILE A 917 3.38 -5.43 -40.88
N THR A 918 2.10 -5.34 -40.52
CA THR A 918 1.50 -4.11 -40.02
C THR A 918 1.08 -4.33 -38.58
N THR A 919 1.48 -3.42 -37.70
CA THR A 919 1.27 -3.57 -36.26
C THR A 919 0.63 -2.31 -35.69
N GLU A 920 -0.10 -2.50 -34.59
CA GLU A 920 -0.68 -1.42 -33.82
C GLU A 920 -0.07 -1.45 -32.43
N LEU A 921 0.48 -0.32 -31.99
CA LEU A 921 1.16 -0.23 -30.71
C LEU A 921 0.45 0.76 -29.80
N THR A 922 0.47 0.47 -28.49
CA THR A 922 -0.18 1.34 -27.53
C THR A 922 0.50 2.70 -27.43
N HIS A 923 1.83 2.74 -27.49
CA HIS A 923 2.59 3.96 -27.30
C HIS A 923 3.33 4.31 -28.58
N PRO A 924 3.20 5.54 -29.10
CA PRO A 924 4.00 5.94 -30.27
C PRO A 924 5.49 5.97 -30.00
N SER A 925 5.91 6.06 -28.75
CA SER A 925 7.34 6.03 -28.44
C SER A 925 7.96 4.67 -28.75
N ASN A 926 7.13 3.63 -28.86
CA ASN A 926 7.61 2.30 -29.18
C ASN A 926 7.66 2.02 -30.66
N MET A 927 7.27 2.97 -31.51
CA MET A 927 7.27 2.76 -32.95
C MET A 927 8.67 2.57 -33.52
N ARG A 928 9.70 3.01 -32.79
CA ARG A 928 11.07 2.85 -33.25
C ARG A 928 11.53 1.41 -33.22
N PHE A 929 10.85 0.55 -32.48
CA PHE A 929 11.28 -0.83 -32.26
C PHE A 929 10.62 -1.82 -33.20
N MET A 930 9.81 -1.36 -34.16
CA MET A 930 9.07 -2.29 -34.99
C MET A 930 9.96 -3.14 -35.89
N GLN A 931 10.85 -2.51 -36.66
CA GLN A 931 11.80 -3.26 -37.47
C GLN A 931 13.19 -2.76 -37.13
N PHE A 932 13.78 -3.33 -36.08
CA PHE A 932 14.94 -2.75 -35.43
C PHE A 932 16.21 -3.33 -36.04
N ARG A 933 17.00 -2.48 -36.68
CA ARG A 933 18.32 -2.83 -37.18
C ARG A 933 19.35 -2.14 -36.29
N ALA A 934 19.89 -2.88 -35.33
CA ALA A 934 20.86 -2.30 -34.40
C ALA A 934 22.16 -1.92 -35.10
N LYS A 935 22.60 -2.73 -36.04
CA LYS A 935 23.81 -2.43 -36.82
C LYS A 935 23.43 -1.69 -38.09
N ASP A 936 22.88 -0.48 -37.89
CA ASP A 936 22.43 0.34 -39.00
C ASP A 936 22.59 1.80 -38.60
N SER A 937 23.51 2.50 -39.26
CA SER A 937 23.77 3.89 -38.91
C SER A 937 22.60 4.80 -39.28
N TYR A 938 21.91 4.51 -40.38
CA TYR A 938 20.83 5.38 -40.82
C TYR A 938 19.67 5.38 -39.82
N SER A 939 19.20 4.20 -39.43
CA SER A 939 18.13 4.12 -38.46
C SER A 939 18.56 4.63 -37.09
N LEU A 940 19.85 4.53 -36.77
CA LEU A 940 20.38 5.09 -35.54
C LEU A 940 20.52 6.60 -35.61
N ALA A 941 20.76 7.13 -36.81
CA ALA A 941 20.81 8.59 -36.98
C ALA A 941 19.43 9.22 -36.91
N LEU A 942 18.38 8.44 -37.22
CA LEU A 942 17.02 8.96 -37.11
C LEU A 942 16.67 9.29 -35.66
N SER A 943 17.34 8.64 -34.70
CA SER A 943 17.13 8.98 -33.30
C SER A 943 17.56 10.41 -33.02
N LYS A 944 18.68 10.84 -33.61
CA LYS A 944 19.14 12.22 -33.43
C LYS A 944 18.14 13.20 -34.03
N LEU A 945 17.60 12.89 -35.21
CA LEU A 945 16.59 13.74 -35.83
C LEU A 945 15.32 13.79 -34.99
N GLU A 946 14.89 12.64 -34.48
CA GLU A 946 13.68 12.60 -33.65
C GLU A 946 13.87 13.39 -32.37
N LYS A 947 15.06 13.34 -31.78
CA LYS A 947 15.32 14.11 -30.56
C LYS A 947 15.36 15.60 -30.85
N ARG A 948 15.89 15.99 -32.01
CA ARG A 948 15.91 17.40 -32.38
C ARG A 948 14.50 17.95 -32.56
N GLU A 949 13.65 17.17 -33.24
CA GLU A 949 12.25 17.59 -33.39
C GLU A 949 11.54 17.64 -32.04
N ARG A 950 11.83 16.66 -31.18
CA ARG A 950 11.29 16.68 -29.82
C ARG A 950 11.83 17.86 -29.02
N GLU A 951 13.04 18.34 -29.36
CA GLU A 951 13.58 19.53 -28.71
C GLU A 951 12.80 20.77 -29.09
N ASN A 952 12.40 20.88 -30.36
CA ASN A 952 11.67 22.03 -30.86
C ASN A 952 10.19 21.99 -30.49
N GLY A 953 9.76 21.06 -29.64
CA GLY A 953 8.38 21.00 -29.23
C GLY A 953 7.42 20.45 -30.25
N SER A 954 7.91 19.67 -31.20
CA SER A 954 7.04 19.08 -32.21
C SER A 954 6.28 17.89 -31.64
N ASN A 955 4.97 17.88 -31.87
CA ASN A 955 4.14 16.74 -31.47
C ASN A 955 4.28 15.56 -32.42
N LEU A 956 4.81 15.79 -33.63
CA LEU A 956 5.07 14.72 -34.59
C LEU A 956 6.57 14.46 -34.63
N ALA A 957 7.06 13.70 -33.66
CA ALA A 957 8.47 13.34 -33.56
C ALA A 957 8.74 11.90 -33.97
N PHE A 958 7.77 11.00 -33.73
CA PHE A 958 7.84 9.62 -34.19
C PHE A 958 7.73 9.56 -35.71
N MET A 959 7.47 10.72 -36.32
CA MET A 959 7.12 10.77 -37.73
C MET A 959 8.22 10.24 -38.62
N PHE A 960 9.48 10.55 -38.30
CA PHE A 960 10.60 10.22 -39.17
C PHE A 960 11.11 8.80 -38.96
N ARG A 961 10.53 8.05 -38.03
CA ARG A 961 10.86 6.63 -37.93
C ARG A 961 10.39 5.90 -39.17
N LEU A 962 11.26 5.02 -39.69
CA LEU A 962 10.95 4.35 -40.96
C LEU A 962 9.70 3.49 -40.91
N PRO A 963 9.45 2.66 -39.88
CA PRO A 963 8.20 1.88 -39.89
C PRO A 963 6.95 2.73 -39.94
N PHE A 964 6.93 3.87 -39.24
CA PHE A 964 5.75 4.72 -39.25
C PHE A 964 5.54 5.35 -40.62
N ALA A 965 6.61 5.89 -41.21
CA ALA A 965 6.49 6.57 -42.50
C ALA A 965 6.04 5.63 -43.60
N ALA A 966 6.36 4.34 -43.50
CA ALA A 966 5.96 3.36 -44.50
C ALA A 966 4.62 2.71 -44.20
N GLY A 967 3.95 3.12 -43.13
CA GLY A 967 2.68 2.56 -42.77
C GLY A 967 2.74 1.23 -42.06
N ARG A 968 3.92 0.82 -41.60
CA ARG A 968 4.04 -0.45 -40.90
C ARG A 968 3.48 -0.40 -39.49
N VAL A 969 3.47 0.77 -38.87
CA VAL A 969 2.97 0.94 -37.51
C VAL A 969 2.09 2.17 -37.44
N PHE A 970 1.04 2.07 -36.62
CA PHE A 970 0.32 3.23 -36.14
C PHE A 970 -0.12 2.91 -34.72
N SER A 971 -0.39 3.97 -33.96
CA SER A 971 -0.88 3.84 -32.60
C SER A 971 -2.33 4.28 -32.56
N ILE A 972 -3.08 3.73 -31.60
CA ILE A 972 -4.46 4.18 -31.38
C ILE A 972 -4.52 5.51 -30.66
N SER A 973 -3.40 6.00 -30.14
CA SER A 973 -3.38 7.32 -29.50
C SER A 973 -3.67 8.44 -30.47
N MET A 974 -3.53 8.21 -31.79
CA MET A 974 -3.91 9.23 -32.75
C MET A 974 -5.41 9.47 -32.74
N LEU A 975 -6.19 8.44 -32.42
CA LEU A 975 -7.63 8.60 -32.30
C LEU A 975 -7.98 9.55 -31.17
N ASP A 976 -7.17 9.57 -30.12
CA ASP A 976 -7.36 10.56 -29.06
C ASP A 976 -7.18 11.96 -29.61
N THR A 977 -6.13 12.17 -30.43
CA THR A 977 -5.91 13.47 -31.04
C THR A 977 -7.04 13.85 -31.98
N LEU A 978 -7.62 12.86 -32.67
CA LEU A 978 -8.77 13.13 -33.53
C LEU A 978 -9.95 13.65 -32.72
N LEU A 979 -10.18 13.08 -31.54
CA LEU A 979 -11.26 13.56 -30.68
C LEU A 979 -10.97 14.97 -30.15
N TYR A 980 -9.74 15.23 -29.73
CA TYR A 980 -9.40 16.56 -29.23
C TYR A 980 -9.48 17.60 -30.33
N GLN A 981 -9.14 17.21 -31.57
CA GLN A 981 -9.28 18.11 -32.70
C GLN A 981 -10.74 18.47 -32.97
N SER A 982 -11.66 17.57 -32.62
CA SER A 982 -13.08 17.80 -32.90
C SER A 982 -13.65 18.95 -32.08
N PHE A 983 -12.99 19.33 -30.98
CA PHE A 983 -13.43 20.51 -30.25
C PHE A 983 -13.24 21.77 -31.07
N VAL A 984 -12.29 21.75 -32.01
CA VAL A 984 -12.07 22.87 -32.91
C VAL A 984 -12.53 22.56 -34.33
N LYS A 985 -12.51 21.30 -34.75
CA LYS A 985 -12.94 20.89 -36.09
C LYS A 985 -14.05 19.86 -35.93
N ASP A 986 -15.30 20.33 -35.91
CA ASP A 986 -16.44 19.43 -35.74
C ASP A 986 -16.63 18.49 -36.92
N TYR A 987 -15.95 18.74 -38.04
CA TYR A 987 -16.04 17.89 -39.22
C TYR A 987 -14.98 16.81 -39.27
N MET A 988 -13.99 16.84 -38.36
CA MET A 988 -12.83 15.97 -38.50
C MET A 988 -13.21 14.50 -38.36
N ILE A 989 -14.10 14.18 -37.42
CA ILE A 989 -14.53 12.80 -37.22
C ILE A 989 -15.26 12.29 -38.46
N THR A 990 -16.15 13.11 -39.01
CA THR A 990 -16.91 12.70 -40.19
C THR A 990 -15.98 12.47 -41.39
N ILE A 991 -15.00 13.35 -41.57
CA ILE A 991 -14.09 13.22 -42.70
C ILE A 991 -13.29 11.93 -42.60
N THR A 992 -12.80 11.62 -41.41
CA THR A 992 -12.01 10.41 -41.22
C THR A 992 -12.82 9.16 -41.53
N ARG A 993 -14.04 9.08 -41.01
CA ARG A 993 -14.87 7.91 -41.28
C ARG A 993 -15.27 7.83 -42.75
N LEU A 994 -15.46 8.97 -43.40
CA LEU A 994 -15.73 8.95 -44.83
C LEU A 994 -14.55 8.38 -45.61
N LEU A 995 -13.33 8.75 -45.21
CA LEU A 995 -12.14 8.19 -45.86
C LEU A 995 -12.01 6.70 -45.56
N LEU A 996 -12.27 6.30 -44.32
CA LEU A 996 -12.18 4.90 -43.93
C LEU A 996 -13.37 4.07 -44.39
N GLY A 997 -14.40 4.70 -44.93
CA GLY A 997 -15.61 3.96 -45.27
C GLY A 997 -16.46 3.59 -44.08
N LEU A 998 -16.15 4.13 -42.90
CA LEU A 998 -16.88 3.75 -41.70
C LEU A 998 -18.32 4.25 -41.74
N ASP A 999 -18.55 5.41 -42.36
CA ASP A 999 -19.91 5.88 -42.63
C ASP A 999 -20.07 6.04 -44.15
N THR A 1000 -21.19 5.54 -44.66
CA THR A 1000 -21.44 5.51 -46.10
C THR A 1000 -22.59 6.45 -46.42
N THR A 1001 -22.25 7.63 -46.94
CA THR A 1001 -23.25 8.59 -47.41
C THR A 1001 -23.42 8.43 -48.90
N PRO A 1002 -24.64 8.25 -49.40
CA PRO A 1002 -24.84 8.17 -50.86
C PRO A 1002 -24.33 9.42 -51.54
N GLY A 1003 -23.57 9.24 -52.62
CA GLY A 1003 -22.94 10.33 -53.31
C GLY A 1003 -21.60 10.76 -52.76
N SER A 1004 -21.02 10.01 -51.82
CA SER A 1004 -19.74 10.33 -51.21
C SER A 1004 -18.69 9.34 -51.69
N GLY A 1005 -17.47 9.84 -51.93
CA GLY A 1005 -16.42 9.04 -52.49
C GLY A 1005 -15.72 8.14 -51.48
N TYR A 1006 -14.78 7.35 -51.99
CA TYR A 1006 -14.03 6.39 -51.18
C TYR A 1006 -12.54 6.55 -51.47
N LEU A 1007 -11.73 6.21 -50.47
CA LEU A 1007 -10.29 6.28 -50.62
C LEU A 1007 -9.79 5.10 -51.45
N CYS A 1008 -9.01 5.40 -52.48
CA CYS A 1008 -8.45 4.41 -53.38
C CYS A 1008 -6.98 4.72 -53.61
N ALA A 1009 -6.32 3.88 -54.41
CA ALA A 1009 -4.92 4.07 -54.74
C ALA A 1009 -4.67 3.60 -56.16
N MET A 1010 -3.79 4.30 -56.87
CA MET A 1010 -3.37 3.92 -58.20
C MET A 1010 -1.85 3.83 -58.26
N LYS A 1011 -1.36 2.88 -59.04
CA LYS A 1011 0.07 2.67 -59.21
C LYS A 1011 0.57 3.45 -60.41
N ILE A 1012 1.66 4.19 -60.23
CA ILE A 1012 2.29 4.93 -61.30
C ILE A 1012 3.39 4.03 -61.88
N THR A 1013 3.08 3.38 -62.99
CA THR A 1013 4.01 2.50 -63.67
C THR A 1013 4.75 3.27 -64.76
N GLU A 1014 5.73 2.59 -65.38
CA GLU A 1014 6.56 3.23 -66.40
C GLU A 1014 5.76 3.71 -67.60
N GLY A 1015 4.57 3.15 -67.83
CA GLY A 1015 3.71 3.66 -68.88
C GLY A 1015 3.02 4.96 -68.55
N ASP A 1016 3.08 5.37 -67.29
CA ASP A 1016 2.50 6.64 -66.85
C ASP A 1016 3.55 7.68 -66.51
N LEU A 1017 4.82 7.40 -66.78
CA LEU A 1017 5.89 8.35 -66.49
C LEU A 1017 5.98 9.49 -67.51
N TRP A 1018 5.26 9.41 -68.62
CA TRP A 1018 5.15 10.59 -69.47
C TRP A 1018 4.41 11.72 -68.78
N ILE A 1019 3.60 11.39 -67.77
CA ILE A 1019 3.03 12.38 -66.86
C ILE A 1019 4.12 12.73 -65.86
N ARG A 1020 4.86 13.81 -66.12
CA ARG A 1020 6.09 14.08 -65.39
C ARG A 1020 5.81 14.47 -63.94
N THR A 1021 4.81 15.32 -63.71
CA THR A 1021 4.60 15.91 -62.40
C THR A 1021 3.26 15.48 -61.80
N TYR A 1022 3.13 15.76 -60.50
CA TYR A 1022 1.91 15.45 -59.77
C TYR A 1022 0.75 16.34 -60.20
N GLY A 1023 1.03 17.58 -60.60
CA GLY A 1023 -0.02 18.46 -61.08
C GLY A 1023 -0.62 17.98 -62.40
N ARG A 1024 0.23 17.47 -63.31
CA ARG A 1024 -0.28 16.95 -64.56
C ARG A 1024 -1.12 15.69 -64.35
N LEU A 1025 -0.76 14.89 -63.35
CA LEU A 1025 -1.62 13.76 -62.97
C LEU A 1025 -2.96 14.24 -62.46
N PHE A 1026 -2.97 15.32 -61.67
CA PHE A 1026 -4.22 15.92 -61.23
C PHE A 1026 -5.07 16.34 -62.42
N GLN A 1027 -4.45 16.87 -63.47
CA GLN A 1027 -5.19 17.28 -64.65
C GLN A 1027 -5.78 16.08 -65.38
N LYS A 1028 -4.99 15.03 -65.58
CA LYS A 1028 -5.48 13.86 -66.30
C LYS A 1028 -6.60 13.17 -65.55
N LEU A 1029 -6.47 13.06 -64.23
CA LEU A 1029 -7.53 12.41 -63.44
C LEU A 1029 -8.81 13.24 -63.45
N CYS A 1030 -8.69 14.56 -63.30
CA CYS A 1030 -9.85 15.43 -63.27
C CYS A 1030 -10.47 15.64 -64.65
N SER A 1031 -9.77 15.27 -65.72
CA SER A 1031 -10.32 15.39 -67.06
C SER A 1031 -10.90 14.10 -67.59
N SER A 1032 -10.55 12.95 -67.02
CA SER A 1032 -11.00 11.66 -67.49
C SER A 1032 -11.90 10.95 -66.48
N SER A 1033 -11.44 10.74 -65.25
CA SER A 1033 -12.18 10.01 -64.25
C SER A 1033 -12.60 10.84 -63.06
N ALA A 1034 -12.20 12.10 -62.99
CA ALA A 1034 -12.63 13.02 -61.94
C ALA A 1034 -12.24 12.52 -60.54
N GLU A 1035 -11.03 12.00 -60.43
CA GLU A 1035 -10.49 11.57 -59.15
C GLU A 1035 -9.53 12.61 -58.61
N ILE A 1036 -9.49 12.73 -57.28
CA ILE A 1036 -8.73 13.79 -56.63
C ILE A 1036 -7.59 13.19 -55.82
N PRO A 1037 -6.34 13.37 -56.25
CA PRO A 1037 -5.20 12.78 -55.53
C PRO A 1037 -4.95 13.47 -54.20
N ILE A 1038 -5.07 12.72 -53.12
CA ILE A 1038 -4.70 13.23 -51.81
C ILE A 1038 -3.19 13.43 -51.71
N GLY A 1039 -2.42 12.44 -52.13
CA GLY A 1039 -0.99 12.52 -52.02
C GLY A 1039 -0.31 11.36 -52.72
N ILE A 1040 0.97 11.19 -52.43
CA ILE A 1040 1.79 10.16 -53.04
C ILE A 1040 2.43 9.32 -51.96
N TYR A 1041 2.43 7.99 -52.16
CA TYR A 1041 3.21 7.06 -51.36
C TYR A 1041 4.49 6.76 -52.14
N ARG A 1042 5.61 7.31 -51.68
CA ARG A 1042 6.86 7.25 -52.42
C ARG A 1042 7.78 6.19 -51.83
N THR A 1043 8.59 5.57 -52.69
CA THR A 1043 9.53 4.53 -52.27
C THR A 1043 10.88 4.82 -52.91
N GLU A 1044 11.95 4.71 -52.11
CA GLU A 1044 13.31 4.93 -52.58
C GLU A 1044 14.18 3.74 -52.24
N SER A 1045 15.33 3.67 -52.91
CA SER A 1045 16.30 2.60 -52.68
C SER A 1045 17.19 2.96 -51.48
N HIS A 1046 17.12 2.15 -50.43
CA HIS A 1046 17.83 2.42 -49.19
C HIS A 1046 18.51 1.15 -48.67
N VAL A 1047 19.33 0.53 -49.53
CA VAL A 1047 20.08 -0.68 -49.15
C VAL A 1047 20.69 -0.51 -47.77
N PHE A 1048 20.58 -1.55 -46.95
CA PHE A 1048 20.96 -1.46 -45.55
C PHE A 1048 22.26 -2.20 -45.28
N ALA A 1128 37.99 -42.44 -43.50
CA ALA A 1128 38.18 -41.10 -44.07
C ALA A 1128 36.94 -40.25 -43.83
N ALA A 1129 36.03 -40.74 -43.00
CA ALA A 1129 34.81 -40.00 -42.70
C ALA A 1129 35.11 -38.71 -41.95
N ALA A 1130 36.24 -38.66 -41.23
CA ALA A 1130 36.61 -37.46 -40.48
C ALA A 1130 36.85 -36.28 -41.41
N GLU A 1131 37.32 -36.54 -42.63
CA GLU A 1131 37.50 -35.46 -43.61
C GLU A 1131 36.16 -34.82 -43.96
N TRP A 1132 35.13 -35.64 -44.16
CA TRP A 1132 33.80 -35.12 -44.42
C TRP A 1132 33.24 -34.41 -43.18
N ILE A 1133 33.53 -34.93 -42.00
CA ILE A 1133 33.07 -34.29 -40.76
C ILE A 1133 33.72 -32.91 -40.62
N SER A 1134 35.02 -32.82 -40.91
CA SER A 1134 35.71 -31.53 -40.83
C SER A 1134 35.15 -30.55 -41.85
N GLN A 1135 34.79 -31.04 -43.05
CA GLN A 1135 34.23 -30.16 -44.07
C GLN A 1135 32.89 -29.59 -43.62
N GLN A 1136 32.03 -30.43 -43.04
CA GLN A 1136 30.76 -29.95 -42.52
C GLN A 1136 30.95 -29.06 -41.31
N ARG A 1137 32.00 -29.31 -40.53
CA ARG A 1137 32.25 -28.48 -39.34
C ARG A 1137 32.63 -27.07 -39.73
N LEU A 1138 33.53 -26.91 -40.69
CA LEU A 1138 33.93 -25.58 -41.14
C LEU A 1138 32.78 -24.88 -41.85
N SER A 1139 32.01 -25.63 -42.64
CA SER A 1139 30.85 -25.03 -43.31
C SER A 1139 29.83 -24.54 -42.31
N LEU A 1140 29.56 -25.33 -41.27
CA LEU A 1140 28.53 -24.97 -40.31
C LEU A 1140 29.00 -23.84 -39.39
N TYR A 1141 30.31 -23.73 -39.18
CA TYR A 1141 30.86 -22.63 -38.40
C TYR A 1141 30.84 -21.32 -39.20
N ARG A 1142 31.03 -21.41 -40.51
CA ARG A 1142 31.06 -20.23 -41.36
C ARG A 1142 29.67 -19.72 -41.73
N ARG A 1143 28.62 -20.50 -41.49
CA ARG A 1143 27.29 -20.13 -41.92
C ARG A 1143 26.79 -18.93 -41.13
N SER A 1144 26.01 -18.08 -41.79
CA SER A 1144 25.57 -16.83 -41.21
C SER A 1144 24.25 -17.00 -40.46
N GLU A 1145 23.77 -15.91 -39.87
CA GLU A 1145 22.51 -15.93 -39.16
C GLU A 1145 21.32 -16.03 -40.11
N ARG A 1146 21.42 -15.44 -41.29
CA ARG A 1146 20.35 -15.56 -42.28
C ARG A 1146 20.15 -17.01 -42.69
N GLN A 1147 21.24 -17.76 -42.87
CA GLN A 1147 21.13 -19.18 -43.15
C GLN A 1147 20.51 -19.94 -41.97
N GLU A 1148 20.82 -19.49 -40.75
CA GLU A 1148 20.21 -20.12 -39.57
C GLU A 1148 18.71 -19.91 -39.56
N LEU A 1149 18.25 -18.69 -39.85
CA LEU A 1149 16.81 -18.42 -39.88
C LEU A 1149 16.15 -19.14 -41.04
N SER A 1150 16.82 -19.19 -42.20
CA SER A 1150 16.24 -19.86 -43.36
C SER A 1150 16.06 -21.35 -43.12
N GLU A 1151 17.06 -22.00 -42.53
CA GLU A 1151 16.96 -23.44 -42.30
C GLU A 1151 15.93 -23.77 -41.23
N LEU A 1152 15.75 -22.89 -40.24
CA LEU A 1152 14.73 -23.11 -39.23
C LEU A 1152 13.34 -23.12 -39.86
N VAL A 1153 13.07 -22.16 -40.73
CA VAL A 1153 11.77 -22.10 -41.41
C VAL A 1153 11.60 -23.32 -42.31
N LYS A 1154 12.65 -23.69 -43.05
CA LYS A 1154 12.56 -24.86 -43.91
C LYS A 1154 12.39 -26.15 -43.11
N ASN A 1155 13.06 -26.27 -41.97
CA ASN A 1155 12.89 -27.45 -41.13
C ASN A 1155 11.44 -27.56 -40.65
N ARG A 1156 10.85 -26.43 -40.26
CA ARG A 1156 9.45 -26.45 -39.85
C ARG A 1156 8.53 -26.74 -41.01
N MET A 1157 8.88 -26.26 -42.21
CA MET A 1157 8.02 -26.46 -43.37
C MET A 1157 7.97 -27.91 -43.80
N LYS A 1158 9.12 -28.58 -43.88
CA LYS A 1158 9.13 -30.00 -44.19
C LYS A 1158 8.47 -30.82 -43.10
N HIS A 1159 8.58 -30.39 -41.85
CA HIS A 1159 7.83 -31.04 -40.77
C HIS A 1159 6.34 -30.95 -41.02
N LEU A 1160 5.84 -29.76 -41.35
CA LEU A 1160 4.41 -29.57 -41.60
C LEU A 1160 3.98 -30.12 -42.95
N GLY A 1161 4.91 -30.44 -43.83
CA GLY A 1161 4.61 -30.99 -45.14
C GLY A 1161 4.61 -29.99 -46.26
N LEU A 1162 4.96 -28.73 -45.99
CA LEU A 1162 4.96 -27.72 -47.04
C LEU A 1162 6.30 -27.73 -47.79
N PRO A 1163 6.26 -27.50 -49.11
CA PRO A 1163 7.51 -27.49 -49.88
C PRO A 1163 8.45 -26.37 -49.43
N THR A 1164 9.74 -26.67 -49.44
CA THR A 1164 10.74 -25.65 -49.10
C THR A 1164 10.75 -24.53 -50.13
N THR A 1165 10.67 -24.88 -51.41
CA THR A 1165 10.66 -23.88 -52.46
C THR A 1165 9.40 -23.03 -52.38
N GLY A 1166 9.55 -21.77 -52.75
CA GLY A 1166 8.50 -20.77 -52.57
C GLY A 1166 8.71 -19.88 -51.37
N TYR A 1167 9.49 -20.32 -50.39
CA TYR A 1167 9.90 -19.46 -49.29
C TYR A 1167 10.91 -18.41 -49.73
N ASP A 1168 11.62 -18.64 -50.83
CA ASP A 1168 12.59 -17.69 -51.34
C ASP A 1168 11.90 -16.45 -51.91
N HIS A 1173 16.43 -8.29 -47.50
CA HIS A 1173 15.49 -8.59 -48.58
C HIS A 1173 14.61 -7.40 -48.90
N GLN A 1174 14.49 -6.47 -47.95
CA GLN A 1174 13.68 -5.26 -48.10
C GLN A 1174 14.64 -4.07 -48.01
N ASN A 1175 15.24 -3.72 -49.14
CA ASN A 1175 16.15 -2.59 -49.22
C ASN A 1175 15.43 -1.39 -49.83
N THR A 1176 14.42 -0.90 -49.11
CA THR A 1176 13.61 0.21 -49.60
C THR A 1176 13.24 1.12 -48.43
N LEU A 1177 12.96 2.38 -48.77
CA LEU A 1177 12.52 3.38 -47.81
C LEU A 1177 11.26 4.04 -48.38
N SER A 1178 10.21 4.09 -47.58
CA SER A 1178 8.93 4.61 -48.04
C SER A 1178 8.42 5.69 -47.08
N TYR A 1179 7.64 6.63 -47.63
CA TYR A 1179 7.06 7.72 -46.85
C TYR A 1179 5.84 8.22 -47.59
N VAL A 1180 5.09 9.10 -46.93
CA VAL A 1180 3.82 9.62 -47.43
C VAL A 1180 3.93 11.12 -47.63
N LEU A 1181 3.55 11.59 -48.80
CA LEU A 1181 3.54 13.01 -49.12
C LEU A 1181 2.10 13.49 -49.24
N ILE A 1182 1.60 14.16 -48.20
CA ILE A 1182 0.22 14.63 -48.19
C ILE A 1182 0.14 15.92 -48.99
N ASN A 1183 -0.68 15.92 -50.04
CA ASN A 1183 -0.92 17.10 -50.87
C ASN A 1183 0.39 17.76 -51.32
N PRO A 1184 1.18 17.08 -52.15
CA PRO A 1184 2.41 17.70 -52.64
C PRO A 1184 2.10 18.81 -53.63
N PRO A 1185 3.02 19.76 -53.80
CA PRO A 1185 2.81 20.83 -54.78
C PRO A 1185 2.69 20.26 -56.18
N PRO A 1186 1.97 20.94 -57.07
CA PRO A 1186 1.77 20.41 -58.43
C PRO A 1186 3.04 20.28 -59.25
N ASP A 1187 4.18 20.75 -58.74
CA ASP A 1187 5.45 20.66 -59.45
C ASP A 1187 6.25 19.41 -59.10
N THR A 1188 5.84 18.64 -58.10
CA THR A 1188 6.62 17.49 -57.67
C THR A 1188 6.64 16.42 -58.76
N ARG A 1189 7.83 15.87 -58.99
CA ARG A 1189 8.02 14.90 -60.06
C ARG A 1189 7.50 13.52 -59.64
N LEU A 1190 6.89 12.84 -60.60
CA LEU A 1190 6.39 11.48 -60.38
C LEU A 1190 7.52 10.49 -60.58
N GLU A 1191 7.78 9.67 -59.58
CA GLU A 1191 8.80 8.63 -59.65
C GLU A 1191 8.16 7.28 -59.92
N PRO A 1192 8.92 6.33 -60.45
CA PRO A 1192 8.38 4.97 -60.64
C PRO A 1192 8.07 4.32 -59.31
N SER A 1193 7.13 3.37 -59.36
CA SER A 1193 6.60 2.65 -58.20
C SER A 1193 5.94 3.57 -57.18
N ASP A 1194 5.55 4.77 -57.60
CA ASP A 1194 4.79 5.67 -56.74
C ASP A 1194 3.33 5.23 -56.68
N ILE A 1195 2.74 5.35 -55.50
CA ILE A 1195 1.34 5.03 -55.28
C ILE A 1195 0.62 6.31 -54.88
N VAL A 1196 -0.40 6.67 -55.65
CA VAL A 1196 -1.11 7.93 -55.45
C VAL A 1196 -2.44 7.65 -54.76
N TYR A 1197 -2.65 8.27 -53.60
CA TYR A 1197 -3.93 8.15 -52.91
C TYR A 1197 -4.99 8.93 -53.66
N LEU A 1198 -6.15 8.32 -53.88
CA LEU A 1198 -7.23 8.93 -54.65
C LEU A 1198 -8.53 8.88 -53.87
N ILE A 1199 -9.37 9.89 -54.10
CA ILE A 1199 -10.74 9.90 -53.63
C ILE A 1199 -11.64 9.77 -54.84
N ARG A 1200 -12.05 8.54 -55.14
CA ARG A 1200 -12.87 8.26 -56.31
C ARG A 1200 -14.33 8.56 -56.02
N SER A 1201 -15.00 9.21 -56.96
CA SER A 1201 -16.40 9.55 -56.79
C SER A 1201 -17.25 8.29 -56.73
N ASP A 1202 -18.42 8.42 -56.11
CA ASP A 1202 -19.28 7.27 -55.91
C ASP A 1202 -19.74 6.70 -57.27
N PRO A 1203 -19.53 5.41 -57.52
CA PRO A 1203 -19.93 4.86 -58.82
C PRO A 1203 -21.44 4.79 -59.01
N LEU A 1204 -22.20 4.59 -57.93
CA LEU A 1204 -23.65 4.48 -58.04
C LEU A 1204 -24.34 5.83 -58.09
N ALA A 1205 -23.63 6.91 -57.77
CA ALA A 1205 -24.22 8.24 -57.78
C ALA A 1205 -24.09 8.88 -59.16
N ARG B 110 11.81 36.67 -26.99
CA ARG B 110 12.16 36.83 -25.57
C ARG B 110 12.27 38.30 -25.19
N SER B 111 11.68 39.17 -26.03
CA SER B 111 11.71 40.60 -25.74
C SER B 111 10.94 40.95 -24.48
N SER B 112 9.90 40.17 -24.15
CA SER B 112 9.13 40.43 -22.94
C SER B 112 10.00 40.27 -21.69
N LEU B 113 10.86 39.24 -21.68
CA LEU B 113 11.75 39.05 -20.54
C LEU B 113 12.78 40.18 -20.45
N ARG B 114 13.22 40.70 -21.60
CA ARG B 114 14.12 41.86 -21.59
C ARG B 114 13.44 43.07 -20.96
N ILE B 115 12.15 43.27 -21.24
CA ILE B 115 11.44 44.43 -20.71
C ILE B 115 11.35 44.34 -19.19
N ARG B 116 10.99 43.17 -18.66
CA ARG B 116 10.90 43.00 -17.22
C ARG B 116 12.29 43.08 -16.57
N LEU B 117 13.32 42.55 -17.23
CA LEU B 117 14.67 42.65 -16.69
C LEU B 117 15.11 44.11 -16.60
N PHE B 118 14.81 44.91 -17.61
CA PHE B 118 15.12 46.34 -17.54
C PHE B 118 14.34 47.03 -16.44
N ASN B 119 13.06 46.67 -16.27
CA ASN B 119 12.26 47.25 -15.21
C ASN B 119 12.78 46.84 -13.83
N PHE B 120 13.22 45.59 -13.70
CA PHE B 120 13.84 45.16 -12.44
C PHE B 120 15.13 45.93 -12.19
N SER B 121 15.93 46.15 -13.24
CA SER B 121 17.13 46.96 -13.08
C SER B 121 16.80 48.40 -12.71
N LEU B 122 15.73 48.95 -13.31
CA LEU B 122 15.32 50.31 -12.98
C LEU B 122 14.88 50.41 -11.53
N LYS B 123 14.13 49.42 -11.04
CA LYS B 123 13.61 49.48 -9.67
C LYS B 123 14.75 49.45 -8.65
N LEU B 124 15.74 48.58 -8.87
CA LEU B 124 16.88 48.55 -7.97
C LEU B 124 17.75 49.79 -8.13
N LEU B 125 17.74 50.40 -9.32
CA LEU B 125 18.54 51.61 -9.55
C LEU B 125 18.00 52.77 -8.72
N THR B 126 16.69 52.99 -8.72
CA THR B 126 16.13 54.12 -7.99
C THR B 126 16.19 53.88 -6.48
N CYS B 127 16.13 52.62 -6.03
CA CYS B 127 16.33 52.33 -4.62
C CYS B 127 17.75 52.66 -4.18
N LEU B 128 18.74 52.30 -4.99
CA LEU B 128 20.11 52.68 -4.70
C LEU B 128 20.31 54.18 -4.78
N LEU B 129 19.64 54.85 -5.72
CA LEU B 129 19.73 56.29 -5.82
C LEU B 129 19.16 56.98 -4.58
N TYR B 130 18.14 56.36 -3.97
CA TYR B 130 17.65 56.85 -2.69
C TYR B 130 18.72 56.71 -1.61
N ILE B 131 19.45 55.60 -1.61
CA ILE B 131 20.54 55.41 -0.66
C ILE B 131 21.62 56.45 -0.90
N VAL B 132 21.87 56.79 -2.16
CA VAL B 132 22.83 57.85 -2.48
C VAL B 132 22.36 59.18 -1.91
N ARG B 133 21.07 59.47 -2.03
CA ARG B 133 20.53 60.72 -1.50
C ARG B 133 20.71 60.80 0.01
N VAL B 134 20.30 59.75 0.73
CA VAL B 134 20.38 59.76 2.18
C VAL B 134 21.83 59.79 2.66
N LEU B 135 22.77 59.32 1.84
CA LEU B 135 24.18 59.40 2.21
C LEU B 135 24.72 60.82 2.09
N LEU B 136 24.25 61.58 1.09
CA LEU B 136 24.71 62.93 0.86
C LEU B 136 23.76 63.99 1.41
N ASP B 137 22.75 63.58 2.19
CA ASP B 137 21.81 64.51 2.80
C ASP B 137 22.15 64.64 4.28
N ASP B 138 22.66 65.81 4.67
CA ASP B 138 23.02 66.08 6.05
C ASP B 138 22.01 67.03 6.67
N PRO B 139 21.26 66.61 7.68
CA PRO B 139 20.18 67.46 8.21
C PRO B 139 20.69 68.61 9.06
N ALA B 140 21.82 68.41 9.75
CA ALA B 140 22.34 69.43 10.65
C ALA B 140 22.73 70.71 9.93
N LEU B 141 23.08 70.62 8.64
CA LEU B 141 23.39 71.82 7.88
C LEU B 141 22.16 72.72 7.75
N GLY B 142 21.00 72.12 7.50
CA GLY B 142 19.76 72.85 7.40
C GLY B 142 18.71 72.09 6.62
N ILE B 143 17.47 72.14 7.09
CA ILE B 143 16.36 71.45 6.45
C ILE B 143 15.23 72.45 6.24
N GLY B 144 14.66 72.46 5.04
CA GLY B 144 13.57 73.36 4.73
C GLY B 144 12.79 72.92 3.49
N CYS B 145 12.09 73.86 2.86
CA CYS B 145 11.32 73.58 1.64
C CYS B 145 12.05 74.24 0.47
N TRP B 146 13.03 73.52 -0.08
CA TRP B 146 13.72 73.93 -1.30
C TRP B 146 14.76 75.05 -1.40
N GLY B 147 14.45 76.21 -0.84
CA GLY B 147 15.29 77.38 -0.98
C GLY B 147 15.23 78.15 0.32
N CYS B 148 14.50 79.27 0.29
CA CYS B 148 14.46 80.25 1.35
C CYS B 148 13.85 79.65 2.63
N PRO B 149 14.13 80.23 3.83
CA PRO B 149 13.78 79.58 5.09
C PRO B 149 14.09 78.14 5.50
N LYS B 150 15.24 77.62 5.06
CA LYS B 150 15.66 76.38 5.70
C LYS B 150 15.92 76.63 7.17
N GLN B 151 15.40 75.76 8.03
CA GLN B 151 15.48 75.93 9.48
C GLN B 151 16.32 74.83 10.10
N ASN B 152 17.23 75.21 10.99
CA ASN B 152 17.94 74.24 11.81
C ASN B 152 17.04 73.76 12.94
N TYR B 153 17.23 72.51 13.33
CA TYR B 153 16.34 71.86 14.29
C TYR B 153 17.13 71.08 15.32
N SER B 154 16.47 70.80 16.45
CA SER B 154 17.02 69.99 17.52
C SER B 154 15.90 69.14 18.11
N PHE B 155 16.28 68.05 18.76
CA PHE B 155 15.34 67.11 19.36
C PHE B 155 15.32 67.29 20.87
N ASN B 156 14.12 67.45 21.43
CA ASN B 156 13.92 67.61 22.86
C ASN B 156 13.18 66.39 23.38
N ASP B 157 13.86 65.60 24.22
CA ASP B 157 13.23 64.41 24.78
C ASP B 157 12.12 64.76 25.76
N SER B 158 12.25 65.88 26.46
CA SER B 158 11.22 66.29 27.42
C SER B 158 9.93 66.69 26.71
N SER B 159 10.03 67.54 25.70
CA SER B 159 8.84 67.96 24.95
C SER B 159 8.35 66.82 24.08
N SER B 160 7.12 66.38 24.32
CA SER B 160 6.59 65.21 23.62
C SER B 160 6.24 65.49 22.17
N GLU B 161 6.04 66.76 21.81
CA GLU B 161 5.69 67.09 20.43
C GLU B 161 6.87 66.86 19.51
N ILE B 162 6.58 66.42 18.28
CA ILE B 162 7.60 66.03 17.32
C ILE B 162 7.49 66.94 16.10
N ASN B 163 8.60 67.56 15.73
CA ASN B 163 8.62 68.42 14.55
C ASN B 163 8.61 67.56 13.30
N TRP B 164 7.65 67.84 12.40
CA TRP B 164 7.46 67.03 11.20
C TRP B 164 8.23 67.53 9.99
N ALA B 165 8.88 68.70 10.09
CA ALA B 165 9.68 69.17 8.97
C ALA B 165 10.85 68.25 8.62
N PRO B 166 11.63 67.72 9.58
CA PRO B 166 12.71 66.78 9.19
C PRO B 166 12.21 65.56 8.44
N ILE B 167 11.06 65.00 8.81
CA ILE B 167 10.58 63.80 8.12
C ILE B 167 9.89 64.16 6.82
N LEU B 168 9.24 65.32 6.76
CA LEU B 168 8.48 65.69 5.57
C LEU B 168 9.39 66.10 4.43
N TRP B 169 10.47 66.82 4.73
CA TRP B 169 11.32 67.43 3.71
C TRP B 169 12.69 66.78 3.75
N VAL B 170 13.21 66.43 2.57
CA VAL B 170 14.56 65.91 2.41
C VAL B 170 15.29 66.80 1.43
N GLU B 171 16.54 67.13 1.72
CA GLU B 171 17.31 67.96 0.82
C GLU B 171 17.82 67.12 -0.35
N ARG B 172 17.34 67.43 -1.54
CA ARG B 172 17.64 66.66 -2.73
C ARG B 172 18.45 67.51 -3.69
N LYS B 173 19.55 66.95 -4.19
CA LYS B 173 20.43 67.66 -5.09
C LYS B 173 19.73 67.90 -6.42
N MET B 174 20.16 68.95 -7.14
CA MET B 174 19.49 69.28 -8.39
C MET B 174 19.62 68.14 -9.40
N THR B 175 20.80 67.53 -9.48
CA THR B 175 20.97 66.36 -10.34
C THR B 175 20.15 65.19 -9.83
N LEU B 176 20.09 65.02 -8.51
CA LEU B 176 19.43 63.84 -7.93
C LEU B 176 17.93 63.86 -8.20
N TRP B 177 17.27 65.01 -8.01
CA TRP B 177 15.83 65.06 -8.17
C TRP B 177 15.42 64.81 -9.63
N ALA B 178 16.14 65.41 -10.57
CA ALA B 178 15.79 65.25 -11.99
C ALA B 178 16.08 63.85 -12.50
N ILE B 179 17.21 63.26 -12.13
CA ILE B 179 17.56 61.94 -12.64
C ILE B 179 16.61 60.88 -12.10
N GLN B 180 16.18 61.02 -10.84
CA GLN B 180 15.25 60.06 -10.27
C GLN B 180 13.83 60.29 -10.75
N VAL B 181 13.49 61.54 -11.10
CA VAL B 181 12.23 61.80 -11.78
C VAL B 181 12.20 61.10 -13.13
N ILE B 182 13.32 61.17 -13.86
CA ILE B 182 13.43 60.48 -15.14
C ILE B 182 13.27 58.98 -14.96
N VAL B 183 13.95 58.42 -13.95
CA VAL B 183 13.87 56.98 -13.72
C VAL B 183 12.45 56.58 -13.36
N ALA B 184 11.78 57.36 -12.51
CA ALA B 184 10.40 57.05 -12.14
C ALA B 184 9.47 57.10 -13.34
N ILE B 185 9.67 58.09 -14.23
CA ILE B 185 8.80 58.21 -15.40
C ILE B 185 8.95 57.00 -16.32
N ILE B 186 10.18 56.55 -16.55
CA ILE B 186 10.40 55.36 -17.38
C ILE B 186 9.77 54.15 -16.71
N SER B 187 9.96 54.01 -15.40
CA SER B 187 9.38 52.87 -14.69
C SER B 187 7.86 52.89 -14.77
N PHE B 188 7.25 54.06 -14.57
CA PHE B 188 5.80 54.17 -14.72
C PHE B 188 5.38 53.89 -16.16
N LEU B 189 6.16 54.37 -17.13
CA LEU B 189 5.83 54.14 -18.52
C LEU B 189 5.83 52.65 -18.87
N GLU B 190 6.84 51.91 -18.40
CA GLU B 190 6.94 50.51 -18.75
C GLU B 190 5.89 49.66 -18.03
N THR B 191 5.66 49.95 -16.74
CA THR B 191 4.62 49.22 -16.01
C THR B 191 3.24 49.47 -16.62
N MET B 192 2.94 50.71 -16.97
CA MET B 192 1.69 51.00 -17.67
C MET B 192 1.72 50.47 -19.09
N LEU B 193 2.91 50.35 -19.69
CA LEU B 193 3.01 49.70 -20.99
C LEU B 193 2.60 48.24 -20.90
N LEU B 194 3.05 47.54 -19.85
CA LEU B 194 2.67 46.15 -19.67
C LEU B 194 1.19 46.03 -19.32
N ILE B 195 0.67 46.94 -18.50
CA ILE B 195 -0.73 46.89 -18.12
C ILE B 195 -1.63 47.06 -19.34
N TYR B 196 -1.31 48.04 -20.20
CA TYR B 196 -2.08 48.24 -21.42
C TYR B 196 -1.79 47.16 -22.46
N LEU B 197 -0.61 46.55 -22.42
CA LEU B 197 -0.29 45.48 -23.37
C LEU B 197 -1.12 44.23 -23.09
N SER B 198 -1.28 43.88 -21.81
CA SER B 198 -1.93 42.63 -21.42
C SER B 198 -3.15 42.94 -20.55
N TYR B 199 -4.34 42.69 -21.09
CA TYR B 199 -5.57 42.72 -20.31
C TYR B 199 -6.05 41.32 -19.95
N LYS B 200 -6.00 40.40 -20.91
CA LYS B 200 -6.38 38.99 -20.70
C LYS B 200 -7.81 38.86 -20.16
N GLY B 201 -8.72 39.64 -20.74
CA GLY B 201 -10.13 39.49 -20.44
C GLY B 201 -10.60 40.16 -19.17
N ASN B 202 -9.78 40.98 -18.53
CA ASN B 202 -10.20 41.69 -17.32
C ASN B 202 -9.59 43.09 -17.32
N ILE B 203 -10.46 44.10 -17.21
CA ILE B 203 -9.98 45.47 -17.10
C ILE B 203 -9.87 45.90 -15.64
N TRP B 204 -10.74 45.40 -14.77
CA TRP B 204 -10.70 45.69 -13.35
C TRP B 204 -9.66 44.81 -12.67
N GLU B 205 -9.67 44.81 -11.33
CA GLU B 205 -8.88 43.95 -10.46
C GLU B 205 -7.38 44.22 -10.54
N GLN B 206 -6.93 45.18 -11.35
CA GLN B 206 -5.51 45.45 -11.44
C GLN B 206 -4.98 46.18 -10.21
N ILE B 207 -5.78 47.08 -9.64
CA ILE B 207 -5.29 47.87 -8.51
C ILE B 207 -5.44 47.10 -7.20
N PHE B 208 -6.40 46.18 -7.11
CA PHE B 208 -6.57 45.41 -5.89
C PHE B 208 -5.43 44.42 -5.65
N ARG B 209 -4.87 43.84 -6.71
CA ARG B 209 -3.64 43.07 -6.57
C ARG B 209 -2.54 44.03 -6.13
N VAL B 210 -1.83 43.69 -5.05
CA VAL B 210 -0.98 44.69 -4.43
C VAL B 210 0.40 44.71 -5.10
N SER B 211 0.45 45.32 -6.27
CA SER B 211 1.68 45.85 -6.86
C SER B 211 1.48 47.20 -7.52
N PHE B 212 0.25 47.54 -7.92
CA PHE B 212 -0.04 48.83 -8.53
C PHE B 212 -0.05 49.94 -7.48
N VAL B 213 -0.60 49.65 -6.31
CA VAL B 213 -0.71 50.68 -5.28
C VAL B 213 0.66 51.14 -4.81
N LEU B 214 1.59 50.20 -4.66
CA LEU B 214 2.96 50.56 -4.31
C LEU B 214 3.65 51.26 -5.47
N GLU B 215 3.34 50.85 -6.70
CA GLU B 215 3.96 51.45 -7.88
C GLU B 215 3.59 52.92 -8.00
N MET B 216 2.29 53.22 -7.94
CA MET B 216 1.85 54.59 -8.21
C MET B 216 2.18 55.52 -7.06
N ILE B 217 1.99 55.07 -5.81
CA ILE B 217 2.27 55.92 -4.66
C ILE B 217 3.76 56.25 -4.55
N ASN B 218 4.63 55.39 -5.08
CA ASN B 218 6.07 55.66 -5.07
C ASN B 218 6.58 56.31 -6.35
N THR B 219 5.73 56.49 -7.36
CA THR B 219 6.17 57.04 -8.64
C THR B 219 5.52 58.37 -8.98
N LEU B 220 4.19 58.43 -8.98
CA LEU B 220 3.47 59.64 -9.40
C LEU B 220 3.77 60.86 -8.52
N PRO B 221 4.19 60.71 -7.25
CA PRO B 221 4.67 61.91 -6.54
C PRO B 221 5.82 62.61 -7.24
N PHE B 222 6.70 61.88 -7.93
CA PHE B 222 7.73 62.55 -8.71
C PHE B 222 7.15 63.31 -9.89
N ILE B 223 6.01 62.85 -10.41
CA ILE B 223 5.37 63.54 -11.51
C ILE B 223 4.77 64.86 -11.05
N ILE B 224 4.17 64.88 -9.86
CA ILE B 224 3.54 66.10 -9.36
C ILE B 224 4.58 67.10 -8.84
N THR B 225 5.76 66.62 -8.43
CA THR B 225 6.80 67.54 -7.97
C THR B 225 7.32 68.44 -9.08
N ILE B 226 7.16 68.04 -10.34
CA ILE B 226 7.58 68.89 -11.44
C ILE B 226 6.76 70.17 -11.49
N PHE B 227 5.47 70.07 -11.16
CA PHE B 227 4.60 71.24 -11.24
C PHE B 227 5.00 72.32 -10.23
N TRP B 228 5.37 71.91 -9.01
CA TRP B 228 5.65 72.86 -7.94
C TRP B 228 7.11 72.80 -7.54
N PRO B 229 7.90 73.83 -7.83
CA PRO B 229 9.32 73.82 -7.46
C PRO B 229 9.56 73.66 -5.97
N PRO B 230 8.81 74.34 -5.09
CA PRO B 230 9.08 74.16 -3.64
C PRO B 230 8.80 72.77 -3.13
N LEU B 231 8.03 71.95 -3.85
CA LEU B 231 7.73 70.60 -3.42
C LEU B 231 8.71 69.57 -3.97
N ARG B 232 9.75 70.02 -4.67
CA ARG B 232 10.73 69.09 -5.22
C ARG B 232 11.46 68.32 -4.13
N ASN B 233 11.70 68.95 -2.99
CA ASN B 233 12.44 68.34 -1.89
C ASN B 233 11.49 67.74 -0.86
N LEU B 234 10.74 66.73 -1.29
CA LEU B 234 9.71 66.11 -0.47
C LEU B 234 10.04 64.63 -0.30
N PHE B 235 9.77 64.11 0.91
CA PHE B 235 10.06 62.71 1.22
C PHE B 235 8.99 61.85 0.56
N ILE B 236 9.39 60.95 -0.33
CA ILE B 236 8.48 59.85 -0.67
C ILE B 236 9.22 58.52 -0.41
N PRO B 237 8.57 57.39 0.07
CA PRO B 237 9.30 56.23 0.26
C PRO B 237 9.79 55.48 -0.94
N VAL B 238 10.96 55.85 -1.46
CA VAL B 238 11.54 55.06 -2.56
C VAL B 238 11.86 53.64 -2.11
N PHE B 239 11.95 53.41 -0.78
CA PHE B 239 12.49 52.14 -0.30
C PHE B 239 11.51 50.99 -0.46
N LEU B 240 10.21 51.27 -0.48
CA LEU B 240 9.24 50.19 -0.72
C LEU B 240 9.25 49.75 -2.18
N ASN B 241 9.83 50.55 -3.08
CA ASN B 241 9.94 50.15 -4.48
C ASN B 241 10.81 48.91 -4.64
N CYS B 242 11.65 48.63 -3.65
CA CYS B 242 12.45 47.40 -3.68
C CYS B 242 11.57 46.17 -3.60
N TRP B 243 10.40 46.29 -2.97
CA TRP B 243 9.44 45.19 -2.95
C TRP B 243 8.98 44.84 -4.35
N LEU B 244 8.74 45.86 -5.18
CA LEU B 244 8.34 45.62 -6.56
C LEU B 244 9.44 44.91 -7.34
N ALA B 245 10.70 45.28 -7.08
CA ALA B 245 11.81 44.61 -7.75
C ALA B 245 11.84 43.13 -7.42
N LYS B 246 11.49 42.79 -6.18
CA LYS B 246 11.34 41.38 -5.81
C LYS B 246 10.25 40.70 -6.63
N HIS B 247 9.11 41.40 -6.81
CA HIS B 247 8.05 40.86 -7.66
C HIS B 247 8.51 40.73 -9.11
N ALA B 248 9.25 41.73 -9.60
CA ALA B 248 9.79 41.65 -10.95
C ALA B 248 10.77 40.49 -11.11
N LEU B 249 11.40 40.06 -10.02
CA LEU B 249 12.27 38.89 -10.06
C LEU B 249 11.47 37.59 -10.05
N GLU B 250 10.34 37.56 -9.34
CA GLU B 250 9.53 36.35 -9.27
C GLU B 250 9.00 35.96 -10.64
N ASN B 251 8.49 36.95 -11.39
CA ASN B 251 8.01 36.67 -12.74
C ASN B 251 9.14 36.29 -13.69
N MET B 252 10.36 36.75 -13.42
CA MET B 252 11.51 36.35 -14.24
C MET B 252 11.82 34.87 -14.05
N ILE B 253 11.62 34.34 -12.84
CA ILE B 253 11.88 32.94 -12.55
C ILE B 253 10.99 32.02 -13.38
N ASN B 254 9.76 32.46 -13.67
CA ASN B 254 8.82 31.59 -14.39
C ASN B 254 9.30 31.23 -15.78
N ASP B 255 10.08 32.11 -16.42
CA ASP B 255 10.51 31.91 -17.80
C ASP B 255 11.90 31.32 -17.93
N PHE B 256 12.90 31.90 -17.27
CA PHE B 256 14.28 31.49 -17.42
C PHE B 256 14.88 31.17 -16.06
N HIS B 257 15.72 30.14 -16.02
CA HIS B 257 16.38 29.77 -14.78
C HIS B 257 17.41 30.82 -14.36
N ARG B 258 18.19 31.31 -15.32
CA ARG B 258 19.22 32.30 -15.04
C ARG B 258 19.32 33.33 -16.14
N SER B 265 18.06 22.99 -9.85
CA SER B 265 17.80 24.39 -9.52
C SER B 265 16.31 24.67 -9.52
N ALA B 266 15.53 23.79 -8.88
CA ALA B 266 14.09 23.94 -8.74
C ALA B 266 13.70 24.69 -7.48
N MET B 267 14.20 24.26 -6.33
CA MET B 267 13.97 24.97 -5.08
C MET B 267 15.02 26.02 -4.79
N PHE B 268 16.07 26.10 -5.62
CA PHE B 268 17.06 27.18 -5.47
C PHE B 268 16.43 28.53 -5.79
N ASN B 269 15.48 28.55 -6.72
CA ASN B 269 14.81 29.81 -7.05
C ASN B 269 14.02 30.34 -5.86
N GLN B 270 13.32 29.46 -5.15
CA GLN B 270 12.54 29.91 -4.00
C GLN B 270 13.43 30.41 -2.87
N VAL B 271 14.50 29.67 -2.55
CA VAL B 271 15.37 30.08 -1.45
C VAL B 271 16.08 31.38 -1.80
N LEU B 272 16.34 31.62 -3.09
CA LEU B 272 16.83 32.92 -3.51
C LEU B 272 15.75 33.99 -3.33
N ILE B 273 14.50 33.64 -3.61
CA ILE B 273 13.40 34.57 -3.40
C ILE B 273 13.22 34.85 -1.91
N LEU B 274 13.37 33.82 -1.07
CA LEU B 274 13.29 34.02 0.37
C LEU B 274 14.36 34.97 0.86
N PHE B 275 15.58 34.86 0.32
CA PHE B 275 16.62 35.82 0.66
C PHE B 275 16.27 37.21 0.17
N CYS B 276 15.60 37.31 -0.99
CA CYS B 276 15.22 38.61 -1.51
C CYS B 276 14.20 39.30 -0.62
N THR B 277 13.16 38.56 -0.18
CA THR B 277 12.16 39.17 0.68
C THR B 277 12.75 39.47 2.06
N LEU B 278 13.78 38.73 2.46
CA LEU B 278 14.52 39.09 3.67
C LEU B 278 15.30 40.38 3.45
N LEU B 279 15.96 40.51 2.29
CA LEU B 279 16.72 41.72 1.99
C LEU B 279 15.80 42.93 1.91
N CYS B 280 14.65 42.80 1.24
CA CYS B 280 13.72 43.91 1.15
C CYS B 280 13.16 44.26 2.53
N LEU B 281 12.90 43.24 3.36
CA LEU B 281 12.47 43.49 4.74
C LEU B 281 13.52 44.26 5.50
N VAL B 282 14.79 43.87 5.37
CA VAL B 282 15.87 44.62 6.02
C VAL B 282 16.01 45.99 5.40
N PHE B 283 16.00 46.06 4.06
CA PHE B 283 16.21 47.33 3.37
C PHE B 283 15.13 48.34 3.75
N THR B 284 13.86 47.90 3.81
CA THR B 284 12.80 48.78 4.28
C THR B 284 13.03 49.19 5.73
N GLY B 285 13.58 48.28 6.53
CA GLY B 285 13.84 48.60 7.94
C GLY B 285 14.86 49.70 8.11
N THR B 286 16.02 49.57 7.44
CA THR B 286 17.08 50.56 7.62
C THR B 286 16.64 51.93 7.13
N CYS B 287 16.10 51.98 5.91
CA CYS B 287 15.70 53.26 5.34
C CYS B 287 14.54 53.87 6.11
N GLY B 288 13.57 53.06 6.51
CA GLY B 288 12.43 53.58 7.25
C GLY B 288 12.82 54.13 8.61
N ILE B 289 13.62 53.38 9.35
CA ILE B 289 14.04 53.85 10.67
C ILE B 289 14.94 55.06 10.56
N GLN B 290 15.90 55.04 9.62
CA GLN B 290 16.80 56.18 9.45
C GLN B 290 16.03 57.44 9.12
N HIS B 291 14.94 57.32 8.35
CA HIS B 291 14.21 58.50 7.92
C HIS B 291 13.29 59.04 9.01
N LEU B 292 12.55 58.16 9.69
CA LEU B 292 11.64 58.64 10.73
C LEU B 292 12.39 59.08 11.97
N GLU B 293 13.60 58.55 12.20
CA GLU B 293 14.45 59.05 13.26
C GLU B 293 15.29 60.24 12.85
N ARG B 294 15.16 60.71 11.60
CA ARG B 294 15.81 61.95 11.22
C ARG B 294 15.25 63.15 11.96
N ALA B 295 14.06 63.01 12.55
CA ALA B 295 13.52 64.03 13.44
C ALA B 295 14.00 63.84 14.88
N GLY B 296 14.20 62.60 15.29
CA GLY B 296 14.64 62.31 16.65
C GLY B 296 15.84 61.40 16.73
N GLU B 297 16.93 61.92 17.30
CA GLU B 297 18.19 61.21 17.55
C GLU B 297 19.01 61.03 16.28
N ASN B 298 18.45 61.39 15.11
CA ASN B 298 19.17 61.49 13.84
C ASN B 298 20.07 60.27 13.60
N LEU B 299 19.41 59.11 13.46
CA LEU B 299 20.14 57.87 13.27
C LEU B 299 20.83 57.85 11.90
N SER B 300 22.07 57.36 11.88
CA SER B 300 22.77 57.15 10.63
C SER B 300 22.29 55.86 9.96
N LEU B 301 22.52 55.76 8.65
CA LEU B 301 22.08 54.59 7.91
C LEU B 301 22.80 53.33 8.37
N LEU B 302 24.10 53.43 8.64
CA LEU B 302 24.85 52.27 9.13
C LEU B 302 24.33 51.82 10.50
N THR B 303 24.04 52.77 11.40
CA THR B 303 23.52 52.42 12.70
C THR B 303 22.13 51.80 12.60
N SER B 304 21.26 52.37 11.77
CA SER B 304 19.92 51.82 11.61
C SER B 304 19.95 50.45 10.96
N PHE B 305 20.95 50.19 10.10
CA PHE B 305 21.08 48.87 9.52
C PHE B 305 21.42 47.82 10.58
N TYR B 306 22.36 48.15 11.47
CA TYR B 306 22.62 47.28 12.62
C TYR B 306 21.42 47.25 13.55
N PHE B 307 20.68 48.35 13.61
CA PHE B 307 19.50 48.41 14.47
C PHE B 307 18.46 47.37 14.06
N CYS B 308 18.22 47.21 12.76
CA CYS B 308 17.16 46.34 12.30
C CYS B 308 17.61 44.88 12.23
N ILE B 309 18.90 44.63 11.96
CA ILE B 309 19.38 43.26 11.89
C ILE B 309 19.22 42.56 13.24
N VAL B 310 19.56 43.26 14.33
CA VAL B 310 19.31 42.72 15.66
C VAL B 310 17.84 42.74 16.03
N THR B 311 17.00 43.41 15.25
CA THR B 311 15.56 43.38 15.48
C THR B 311 14.93 42.15 14.83
N PHE B 312 15.30 41.86 13.59
CA PHE B 312 14.79 40.69 12.90
C PHE B 312 15.23 39.38 13.54
N SER B 313 16.44 39.36 14.12
CA SER B 313 16.93 38.19 14.83
C SER B 313 16.41 38.12 16.26
N THR B 314 15.52 39.04 16.65
CA THR B 314 14.93 39.13 17.98
C THR B 314 15.98 39.30 19.08
N VAL B 315 17.19 39.76 18.72
CA VAL B 315 18.20 40.01 19.73
C VAL B 315 17.80 41.18 20.62
N GLY B 316 17.38 42.29 20.01
CA GLY B 316 16.91 43.44 20.75
C GLY B 316 17.82 44.17 21.71
N TYR B 317 19.10 44.32 21.35
CA TYR B 317 20.06 44.89 22.28
C TYR B 317 19.64 46.08 23.13
N GLY B 318 18.96 47.05 22.52
CA GLY B 318 18.49 48.22 23.24
C GLY B 318 19.45 49.39 23.25
N ASP B 319 20.68 49.22 22.78
CA ASP B 319 21.61 50.34 22.73
C ASP B 319 21.10 51.45 21.82
N VAL B 320 20.45 51.09 20.71
CA VAL B 320 19.73 52.03 19.86
C VAL B 320 18.28 51.59 19.82
N THR B 321 17.37 52.51 20.11
CA THR B 321 15.94 52.23 20.22
C THR B 321 15.15 53.41 19.67
N PRO B 322 13.96 53.16 19.12
CA PRO B 322 13.13 54.28 18.66
C PRO B 322 12.66 55.13 19.83
N LYS B 323 13.03 56.40 19.80
CA LYS B 323 12.74 57.33 20.89
C LYS B 323 11.52 58.19 20.63
N ILE B 324 10.84 58.01 19.49
CA ILE B 324 9.65 58.78 19.15
C ILE B 324 8.57 57.82 18.69
N TRP B 325 7.31 58.23 18.89
CA TRP B 325 6.20 57.33 18.62
C TRP B 325 6.08 56.88 17.16
N PRO B 326 6.26 57.72 16.13
CA PRO B 326 6.17 57.18 14.77
C PRO B 326 7.26 56.18 14.46
N SER B 327 8.45 56.34 15.06
CA SER B 327 9.50 55.34 14.92
C SER B 327 9.15 54.08 15.68
N GLN B 328 8.58 54.21 16.87
CA GLN B 328 8.14 53.05 17.62
C GLN B 328 7.03 52.31 16.89
N LEU B 329 6.08 53.05 16.33
CA LEU B 329 5.00 52.42 15.57
C LEU B 329 5.53 51.70 14.33
N LEU B 330 6.51 52.29 13.65
CA LEU B 330 7.10 51.66 12.48
C LEU B 330 7.69 50.29 12.85
N VAL B 331 8.39 50.22 13.99
CA VAL B 331 8.92 48.94 14.43
C VAL B 331 7.79 47.95 14.70
N VAL B 332 6.65 48.43 15.18
CA VAL B 332 5.56 47.53 15.55
C VAL B 332 4.91 46.95 14.31
N ILE B 333 4.47 47.82 13.38
CA ILE B 333 3.79 47.32 12.18
C ILE B 333 4.73 46.47 11.35
N MET B 334 6.02 46.82 11.33
CA MET B 334 6.94 46.09 10.47
C MET B 334 7.32 44.75 11.07
N ILE B 335 7.32 44.65 12.41
CA ILE B 335 7.47 43.34 13.06
C ILE B 335 6.26 42.47 12.73
N CYS B 336 5.06 43.05 12.77
CA CYS B 336 3.87 42.33 12.35
C CYS B 336 3.97 41.93 10.88
N VAL B 337 4.47 42.84 10.03
CA VAL B 337 4.65 42.53 8.62
C VAL B 337 5.65 41.38 8.45
N ALA B 338 6.73 41.41 9.22
CA ALA B 338 7.74 40.35 9.14
C ALA B 338 7.15 39.01 9.53
N LEU B 339 6.34 38.98 10.59
CA LEU B 339 5.79 37.73 11.08
C LEU B 339 4.63 37.20 10.23
N VAL B 340 4.15 37.97 9.26
CA VAL B 340 3.07 37.50 8.38
C VAL B 340 3.53 37.27 6.95
N VAL B 341 4.69 37.79 6.55
CA VAL B 341 5.17 37.60 5.19
C VAL B 341 6.24 36.51 5.12
N LEU B 342 7.05 36.36 6.15
CA LEU B 342 8.08 35.32 6.19
C LEU B 342 7.49 33.91 6.24
N PRO B 343 6.50 33.63 7.09
CA PRO B 343 5.93 32.27 7.11
C PRO B 343 5.36 31.83 5.77
N LEU B 344 4.82 32.75 4.97
CA LEU B 344 4.34 32.37 3.64
C LEU B 344 5.47 31.87 2.77
N GLN B 345 6.66 32.48 2.89
CA GLN B 345 7.83 31.95 2.19
C GLN B 345 8.27 30.63 2.78
N PHE B 346 8.12 30.46 4.10
CA PHE B 346 8.52 29.22 4.75
C PHE B 346 7.67 28.05 4.32
N GLU B 347 6.35 28.25 4.22
CA GLU B 347 5.47 27.16 3.83
C GLU B 347 5.70 26.74 2.38
N GLU B 348 6.00 27.71 1.51
CA GLU B 348 6.36 27.38 0.14
C GLU B 348 7.65 26.57 0.08
N LEU B 349 8.62 26.92 0.94
CA LEU B 349 9.83 26.11 1.04
C LEU B 349 9.53 24.71 1.56
N VAL B 350 8.63 24.62 2.54
CA VAL B 350 8.20 23.31 3.03
C VAL B 350 7.49 22.55 1.92
N TYR B 351 6.65 23.24 1.15
CA TYR B 351 5.96 22.59 0.03
C TYR B 351 6.95 22.08 -0.99
N LEU B 352 7.99 22.86 -1.30
CA LEU B 352 8.99 22.40 -2.26
C LEU B 352 9.84 21.28 -1.69
N TRP B 353 10.18 21.36 -0.39
CA TRP B 353 11.05 20.36 0.22
C TRP B 353 10.38 18.98 0.24
N MET B 354 9.10 18.92 0.59
CA MET B 354 8.43 17.64 0.76
C MET B 354 8.31 16.91 -0.58
N GLU B 355 7.97 17.64 -1.65
CA GLU B 355 7.92 17.03 -2.98
C GLU B 355 9.32 16.70 -3.51
N ARG B 356 10.35 17.41 -3.05
CA ARG B 356 11.71 17.05 -3.44
C ARG B 356 12.13 15.71 -2.82
N GLN B 357 11.53 15.33 -1.69
CA GLN B 357 11.86 14.08 -1.02
C GLN B 357 11.21 12.88 -1.68
N LYS B 358 10.32 13.07 -2.65
CA LYS B 358 9.70 11.96 -3.35
C LYS B 358 9.93 12.07 -4.86
N GLN B 369 28.15 14.41 -11.77
CA GLN B 369 29.26 14.15 -10.86
C GLN B 369 30.60 14.27 -11.58
N THR B 370 31.38 13.20 -11.56
CA THR B 370 32.68 13.13 -12.19
C THR B 370 32.57 12.43 -13.54
N GLU B 371 33.71 12.13 -14.13
CA GLU B 371 33.74 11.42 -15.40
C GLU B 371 33.77 9.91 -15.19
N LYS B 372 33.69 9.17 -16.29
CA LYS B 372 33.93 7.73 -16.32
C LYS B 372 32.96 6.98 -15.40
N HIS B 373 31.69 7.00 -15.78
CA HIS B 373 30.68 6.25 -15.06
C HIS B 373 30.15 5.10 -15.91
N VAL B 374 29.41 4.20 -15.25
CA VAL B 374 28.71 3.10 -15.93
C VAL B 374 27.28 3.09 -15.43
N VAL B 375 26.36 2.68 -16.30
CA VAL B 375 24.94 2.63 -15.98
C VAL B 375 24.52 1.18 -15.80
N LEU B 376 23.71 0.92 -14.79
CA LEU B 376 23.23 -0.43 -14.46
C LEU B 376 21.72 -0.42 -14.57
N CYS B 377 21.19 -1.04 -15.62
CA CYS B 377 19.75 -1.03 -15.90
C CYS B 377 19.14 -2.34 -15.44
N VAL B 378 18.23 -2.26 -14.46
CA VAL B 378 17.53 -3.42 -13.92
C VAL B 378 16.05 -3.07 -13.79
N SER B 379 15.23 -4.10 -13.63
CA SER B 379 13.82 -3.90 -13.36
C SER B 379 13.54 -3.78 -11.87
N SER B 380 14.21 -4.59 -11.05
CA SER B 380 14.14 -4.48 -9.60
C SER B 380 15.52 -4.82 -9.05
N LEU B 381 16.08 -3.90 -8.27
CA LEU B 381 17.41 -4.08 -7.68
C LEU B 381 17.26 -4.53 -6.23
N LYS B 382 17.88 -5.66 -5.91
CA LYS B 382 17.90 -6.19 -4.56
C LYS B 382 19.31 -6.12 -4.00
N ILE B 383 19.43 -6.36 -2.70
CA ILE B 383 20.71 -6.20 -2.03
C ILE B 383 21.72 -7.22 -2.53
N ASP B 384 21.29 -8.43 -2.85
CA ASP B 384 22.22 -9.43 -3.37
C ASP B 384 22.76 -9.01 -4.72
N LEU B 385 21.90 -8.58 -5.63
CA LEU B 385 22.35 -8.21 -6.97
C LEU B 385 23.29 -7.01 -6.92
N LEU B 386 22.99 -6.04 -6.04
CA LEU B 386 23.83 -4.84 -5.96
C LEU B 386 25.22 -5.16 -5.43
N MET B 387 25.31 -5.96 -4.37
CA MET B 387 26.61 -6.22 -3.75
C MET B 387 27.50 -7.08 -4.64
N ASP B 388 26.92 -8.04 -5.36
CA ASP B 388 27.70 -8.82 -6.31
C ASP B 388 28.30 -7.93 -7.39
N PHE B 389 27.54 -6.94 -7.85
CA PHE B 389 28.08 -5.98 -8.81
C PHE B 389 29.15 -5.10 -8.17
N LEU B 390 28.85 -4.56 -6.99
CA LEU B 390 29.79 -3.64 -6.35
C LEU B 390 31.09 -4.33 -5.98
N ASN B 391 31.01 -5.55 -5.46
CA ASN B 391 32.22 -6.29 -5.09
C ASN B 391 33.08 -6.57 -6.31
N GLU B 392 32.45 -7.00 -7.41
CA GLU B 392 33.20 -7.34 -8.61
C GLU B 392 33.69 -6.08 -9.34
N PHE B 393 32.83 -5.07 -9.45
CA PHE B 393 33.19 -3.87 -10.19
C PHE B 393 34.37 -3.15 -9.56
N TYR B 394 34.35 -3.00 -8.23
CA TYR B 394 35.35 -2.24 -7.51
C TYR B 394 36.49 -3.10 -6.98
N ALA B 395 36.52 -4.40 -7.32
CA ALA B 395 37.67 -5.22 -6.99
C ALA B 395 38.89 -4.88 -7.82
N HIS B 396 38.74 -4.06 -8.86
CA HIS B 396 39.83 -3.65 -9.73
C HIS B 396 40.30 -2.24 -9.37
N PRO B 397 41.60 -2.00 -9.36
CA PRO B 397 42.10 -0.66 -9.03
C PRO B 397 41.84 0.35 -10.14
N ARG B 398 41.71 -0.14 -11.37
CA ARG B 398 41.45 0.74 -12.51
C ARG B 398 40.05 1.35 -12.45
N LEU B 399 39.10 0.68 -11.82
CA LEU B 399 37.70 1.10 -11.82
C LEU B 399 37.30 1.75 -10.50
N GLN B 400 38.24 2.38 -9.81
CA GLN B 400 37.94 3.03 -8.53
C GLN B 400 37.45 4.46 -8.71
N ASP B 401 37.88 5.15 -9.77
CA ASP B 401 37.38 6.49 -10.04
C ASP B 401 36.02 6.48 -10.72
N TYR B 402 35.44 5.29 -10.94
CA TYR B 402 34.15 5.16 -11.61
C TYR B 402 33.03 5.28 -10.59
N TYR B 403 31.92 5.89 -11.01
CA TYR B 403 30.70 5.88 -10.21
C TYR B 403 29.59 5.17 -10.99
N VAL B 404 28.66 4.57 -10.26
CA VAL B 404 27.69 3.66 -10.82
C VAL B 404 26.31 4.31 -10.75
N VAL B 405 25.63 4.37 -11.89
CA VAL B 405 24.28 4.89 -11.98
C VAL B 405 23.34 3.70 -12.17
N ILE B 406 22.33 3.59 -11.30
CA ILE B 406 21.36 2.51 -11.35
C ILE B 406 20.05 3.09 -11.87
N LEU B 407 19.61 2.61 -13.03
CA LEU B 407 18.34 3.02 -13.62
C LEU B 407 17.34 1.89 -13.39
N CYS B 408 16.48 2.05 -12.39
CA CYS B 408 15.53 1.03 -12.00
C CYS B 408 14.15 1.65 -11.83
N PRO B 409 13.14 1.15 -12.55
CA PRO B 409 11.80 1.73 -12.42
C PRO B 409 11.21 1.63 -11.02
N THR B 410 11.53 0.57 -10.30
CA THR B 410 10.95 0.37 -8.98
C THR B 410 11.59 1.33 -7.97
N GLU B 411 10.83 1.62 -6.92
CA GLU B 411 11.34 2.45 -5.84
C GLU B 411 12.46 1.73 -5.11
N MET B 412 13.40 2.51 -4.57
CA MET B 412 14.59 1.94 -3.95
C MET B 412 14.21 1.04 -2.77
N ASP B 413 14.81 -0.14 -2.73
CA ASP B 413 14.56 -1.10 -1.66
C ASP B 413 15.08 -0.57 -0.33
N VAL B 414 14.43 -0.98 0.75
CA VAL B 414 14.85 -0.54 2.08
C VAL B 414 16.25 -1.05 2.40
N GLN B 415 16.53 -2.32 2.07
CA GLN B 415 17.85 -2.87 2.29
C GLN B 415 18.89 -2.18 1.40
N VAL B 416 18.51 -1.84 0.17
CA VAL B 416 19.43 -1.15 -0.73
C VAL B 416 19.76 0.23 -0.20
N ARG B 417 18.77 0.91 0.38
CA ARG B 417 18.99 2.27 0.88
C ARG B 417 20.03 2.29 1.99
N ARG B 418 19.99 1.32 2.90
CA ARG B 418 20.92 1.31 4.01
C ARG B 418 22.37 1.18 3.53
N VAL B 419 22.60 0.32 2.55
CA VAL B 419 23.95 0.12 2.03
C VAL B 419 24.43 1.36 1.28
N LEU B 420 23.53 2.03 0.56
CA LEU B 420 23.92 3.26 -0.11
C LEU B 420 24.27 4.36 0.87
N GLN B 421 23.73 4.30 2.08
CA GLN B 421 24.07 5.27 3.12
C GLN B 421 25.50 5.09 3.61
N ILE B 422 26.03 3.87 3.50
CA ILE B 422 27.44 3.61 3.84
C ILE B 422 28.32 4.55 3.01
N PRO B 423 29.25 5.30 3.61
CA PRO B 423 29.91 6.34 2.82
C PRO B 423 30.97 5.85 1.86
N LEU B 424 31.24 4.54 1.82
CA LEU B 424 31.99 3.98 0.70
C LEU B 424 31.16 4.00 -0.57
N TRP B 425 29.86 3.73 -0.46
CA TRP B 425 28.97 3.66 -1.61
C TRP B 425 28.11 4.89 -1.79
N SER B 426 28.16 5.85 -0.85
CA SER B 426 27.32 7.04 -0.97
C SER B 426 27.74 7.90 -2.15
N GLN B 427 29.05 8.07 -2.35
CA GLN B 427 29.56 8.90 -3.43
C GLN B 427 29.73 8.13 -4.74
N ARG B 428 29.71 6.80 -4.69
CA ARG B 428 29.97 5.99 -5.88
C ARG B 428 28.69 5.54 -6.58
N VAL B 429 27.61 5.33 -5.85
CA VAL B 429 26.40 4.72 -6.40
C VAL B 429 25.28 5.74 -6.38
N ILE B 430 24.71 6.00 -7.56
CA ILE B 430 23.53 6.85 -7.71
C ILE B 430 22.36 5.98 -8.18
N TYR B 431 21.21 6.17 -7.56
CA TYR B 431 20.01 5.42 -7.88
C TYR B 431 19.03 6.36 -8.59
N LEU B 432 18.68 6.03 -9.82
CA LEU B 432 17.72 6.79 -10.60
C LEU B 432 16.49 5.94 -10.86
N GLN B 433 15.32 6.46 -10.48
CA GLN B 433 14.06 5.78 -10.74
C GLN B 433 13.56 6.19 -12.12
N GLY B 434 13.62 5.27 -13.07
CA GLY B 434 13.25 5.58 -14.43
C GLY B 434 13.34 4.35 -15.30
N SER B 435 13.04 4.53 -16.57
CA SER B 435 13.01 3.46 -17.55
C SER B 435 14.00 3.74 -18.66
N ALA B 436 14.67 2.68 -19.13
CA ALA B 436 15.50 2.81 -20.31
C ALA B 436 14.69 3.14 -21.56
N LEU B 437 13.39 2.89 -21.54
CA LEU B 437 12.52 3.14 -22.68
C LEU B 437 12.05 4.58 -22.75
N LYS B 438 12.37 5.40 -21.73
CA LYS B 438 12.15 6.84 -21.78
C LYS B 438 13.50 7.52 -21.97
N ASP B 439 13.63 8.26 -23.07
CA ASP B 439 14.90 8.93 -23.34
C ASP B 439 15.25 9.96 -22.28
N GLN B 440 14.25 10.56 -21.63
CA GLN B 440 14.53 11.51 -20.55
C GLN B 440 15.27 10.84 -19.40
N ASP B 441 14.90 9.60 -19.07
CA ASP B 441 15.59 8.89 -18.01
C ASP B 441 16.99 8.47 -18.45
N LEU B 442 17.20 8.26 -19.74
CA LEU B 442 18.55 8.00 -20.25
C LEU B 442 19.40 9.27 -20.29
N MET B 443 18.78 10.45 -20.39
CA MET B 443 19.54 11.68 -20.28
C MET B 443 19.95 11.94 -18.84
N ARG B 444 19.07 11.66 -17.87
CA ARG B 444 19.42 11.82 -16.47
C ARG B 444 20.55 10.88 -16.07
N ALA B 445 20.61 9.69 -16.68
CA ALA B 445 21.67 8.74 -16.41
C ALA B 445 22.95 9.05 -17.17
N LYS B 446 22.95 10.09 -18.01
CA LYS B 446 24.10 10.43 -18.84
C LYS B 446 24.54 9.24 -19.67
N MET B 447 23.56 8.61 -20.33
CA MET B 447 23.83 7.37 -21.07
C MET B 447 24.76 7.60 -22.24
N ASP B 448 24.68 8.77 -22.89
CA ASP B 448 25.59 9.08 -23.98
C ASP B 448 27.04 9.19 -23.54
N ASN B 449 27.29 9.34 -22.23
CA ASN B 449 28.64 9.44 -21.71
C ASN B 449 29.07 8.23 -20.89
N GLY B 450 28.18 7.24 -20.70
CA GLY B 450 28.53 6.11 -19.88
C GLY B 450 29.61 5.25 -20.53
N GLU B 451 30.47 4.69 -19.68
CA GLU B 451 31.52 3.81 -20.19
C GLU B 451 30.96 2.46 -20.62
N ALA B 452 29.92 1.99 -19.95
CA ALA B 452 29.32 0.70 -20.28
C ALA B 452 27.89 0.68 -19.76
N CYS B 453 27.10 -0.25 -20.31
CA CYS B 453 25.73 -0.46 -19.88
C CYS B 453 25.56 -1.93 -19.53
N PHE B 454 24.97 -2.20 -18.37
CA PHE B 454 24.69 -3.55 -17.93
C PHE B 454 23.19 -3.74 -17.81
N ILE B 455 22.60 -4.43 -18.78
CA ILE B 455 21.18 -4.78 -18.75
C ILE B 455 21.08 -6.20 -18.20
N LEU B 456 20.48 -6.33 -17.02
CA LEU B 456 20.42 -7.61 -16.32
C LEU B 456 18.97 -8.05 -16.21
N SER B 457 18.70 -9.29 -16.61
CA SER B 457 17.36 -9.85 -16.53
C SER B 457 16.97 -10.11 -15.08
N SER B 458 15.67 -10.11 -14.83
CA SER B 458 15.12 -10.42 -13.53
C SER B 458 14.80 -11.90 -13.45
N ARG B 459 15.50 -12.61 -12.57
CA ARG B 459 15.32 -14.06 -12.44
C ARG B 459 14.21 -14.41 -11.47
N ASN B 460 13.86 -13.50 -10.55
CA ASN B 460 12.76 -13.76 -9.63
C ASN B 460 11.42 -13.71 -10.33
N GLU B 461 11.35 -13.05 -11.48
CA GLU B 461 10.10 -12.97 -12.24
C GLU B 461 9.64 -14.37 -12.65
N VAL B 462 8.36 -14.66 -12.43
CA VAL B 462 7.84 -15.98 -12.75
C VAL B 462 7.77 -16.19 -14.26
N ASP B 463 7.55 -15.12 -15.03
CA ASP B 463 7.52 -15.19 -16.48
C ASP B 463 8.86 -14.74 -17.02
N ARG B 464 9.69 -15.69 -17.44
CA ARG B 464 11.01 -15.38 -17.97
C ARG B 464 10.98 -14.91 -19.41
N THR B 465 9.99 -15.33 -20.20
CA THR B 465 9.85 -14.80 -21.55
C THR B 465 9.53 -13.31 -21.52
N ALA B 466 8.63 -12.90 -20.63
CA ALA B 466 8.32 -11.48 -20.49
C ALA B 466 9.53 -10.69 -19.99
N ALA B 467 10.26 -11.26 -19.02
CA ALA B 467 11.46 -10.60 -18.53
C ALA B 467 12.51 -10.48 -19.62
N ASP B 468 12.66 -11.53 -20.44
CA ASP B 468 13.59 -11.46 -21.56
C ASP B 468 13.16 -10.42 -22.58
N HIS B 469 11.85 -10.29 -22.80
CA HIS B 469 11.35 -9.25 -23.69
C HIS B 469 11.70 -7.87 -23.17
N GLN B 470 11.61 -7.67 -21.85
CA GLN B 470 11.92 -6.37 -21.27
C GLN B 470 13.39 -6.02 -21.44
N THR B 471 14.28 -6.99 -21.28
CA THR B 471 15.71 -6.72 -21.47
C THR B 471 16.07 -6.53 -22.93
N ILE B 472 15.35 -7.19 -23.84
CA ILE B 472 15.57 -6.96 -25.27
C ILE B 472 15.20 -5.53 -25.64
N LEU B 473 14.07 -5.04 -25.13
CA LEU B 473 13.69 -3.66 -25.37
C LEU B 473 14.66 -2.67 -24.74
N ARG B 474 15.12 -2.96 -23.51
CA ARG B 474 16.07 -2.09 -22.85
C ARG B 474 17.39 -2.02 -23.62
N ALA B 475 17.86 -3.16 -24.11
CA ALA B 475 19.05 -3.17 -24.95
C ALA B 475 18.81 -2.37 -26.23
N TRP B 476 17.63 -2.52 -26.83
CA TRP B 476 17.29 -1.76 -28.03
C TRP B 476 17.20 -0.26 -27.72
N ALA B 477 16.59 0.08 -26.58
CA ALA B 477 16.45 1.49 -26.22
C ALA B 477 17.81 2.14 -25.98
N VAL B 478 18.71 1.46 -25.29
CA VAL B 478 20.04 2.01 -25.03
C VAL B 478 20.84 2.10 -26.32
N LYS B 479 20.74 1.08 -27.18
CA LYS B 479 21.42 1.14 -28.47
C LYS B 479 20.88 2.28 -29.33
N ASP B 480 19.57 2.49 -29.32
CA ASP B 480 19.00 3.61 -30.06
C ASP B 480 19.48 4.95 -29.51
N PHE B 481 19.48 5.10 -28.18
CA PHE B 481 19.90 6.35 -27.58
C PHE B 481 21.40 6.56 -27.71
N ALA B 482 22.19 5.54 -27.37
CA ALA B 482 23.65 5.65 -27.30
C ALA B 482 24.27 4.50 -28.08
N PRO B 483 24.37 4.63 -29.40
CA PRO B 483 24.99 3.57 -30.20
C PRO B 483 26.42 3.26 -29.81
N ASN B 484 27.21 4.27 -29.43
CA ASN B 484 28.60 4.08 -29.05
C ASN B 484 28.75 3.87 -27.54
N CYS B 485 27.97 2.93 -27.01
CA CYS B 485 28.03 2.55 -25.60
C CYS B 485 28.02 1.03 -25.56
N PRO B 486 29.08 0.38 -25.08
CA PRO B 486 29.10 -1.08 -25.02
C PRO B 486 28.00 -1.61 -24.12
N LEU B 487 27.24 -2.57 -24.64
CA LEU B 487 26.14 -3.18 -23.91
C LEU B 487 26.59 -4.51 -23.31
N TYR B 488 26.17 -4.76 -22.07
CA TYR B 488 26.45 -6.01 -21.37
C TYR B 488 25.10 -6.58 -20.93
N VAL B 489 24.54 -7.47 -21.73
CA VAL B 489 23.16 -7.94 -21.56
C VAL B 489 23.18 -9.34 -20.96
N GLN B 490 22.32 -9.55 -19.96
CA GLN B 490 22.11 -10.86 -19.35
C GLN B 490 20.77 -11.39 -19.83
N ILE B 491 20.79 -12.48 -20.57
CA ILE B 491 19.60 -13.06 -21.19
C ILE B 491 19.25 -14.35 -20.47
N LEU B 492 17.95 -14.55 -20.19
CA LEU B 492 17.47 -15.74 -19.51
C LEU B 492 17.36 -16.94 -20.45
N LYS B 493 16.52 -16.82 -21.48
CA LYS B 493 16.16 -17.93 -22.36
C LYS B 493 16.95 -17.87 -23.67
N PRO B 494 17.48 -19.02 -24.11
CA PRO B 494 18.30 -19.03 -25.32
C PRO B 494 17.57 -18.59 -26.57
N GLU B 495 16.26 -18.78 -26.64
CA GLU B 495 15.52 -18.41 -27.84
C GLU B 495 15.52 -16.91 -28.08
N ASN B 496 15.75 -16.11 -27.04
CA ASN B 496 15.74 -14.66 -27.13
C ASN B 496 17.15 -14.08 -27.25
N LYS B 497 18.17 -14.93 -27.38
CA LYS B 497 19.55 -14.48 -27.39
C LYS B 497 19.96 -13.80 -28.69
N PHE B 498 19.34 -14.15 -29.81
CA PHE B 498 19.73 -13.59 -31.10
C PHE B 498 19.12 -12.22 -31.36
N HIS B 499 18.26 -11.73 -30.46
CA HIS B 499 17.76 -10.36 -30.56
C HIS B 499 18.73 -9.35 -29.98
N VAL B 500 19.62 -9.76 -29.09
CA VAL B 500 20.60 -8.87 -28.50
C VAL B 500 22.01 -9.31 -28.91
N LYS B 501 22.10 -9.96 -30.06
CA LYS B 501 23.41 -10.38 -30.57
C LYS B 501 24.29 -9.17 -30.88
N PHE B 502 23.68 -8.03 -31.20
CA PHE B 502 24.44 -6.82 -31.47
C PHE B 502 25.23 -6.34 -30.26
N ALA B 503 24.82 -6.73 -29.06
CA ALA B 503 25.51 -6.29 -27.85
C ALA B 503 26.93 -6.83 -27.82
N ASP B 504 27.84 -6.07 -27.21
CA ASP B 504 29.24 -6.45 -27.17
C ASP B 504 29.45 -7.75 -26.39
N HIS B 505 28.76 -7.90 -25.26
CA HIS B 505 28.91 -9.08 -24.43
C HIS B 505 27.54 -9.53 -23.92
N VAL B 506 27.17 -10.75 -24.25
CA VAL B 506 25.87 -11.32 -23.88
C VAL B 506 26.11 -12.61 -23.11
N VAL B 507 25.39 -12.78 -22.00
CA VAL B 507 25.45 -13.99 -21.20
C VAL B 507 24.05 -14.59 -21.15
N CYS B 508 23.92 -15.84 -21.58
CA CYS B 508 22.66 -16.57 -21.48
C CYS B 508 22.71 -17.47 -20.26
N GLU B 509 21.81 -17.23 -19.31
CA GLU B 509 21.85 -17.99 -18.06
C GLU B 509 21.51 -19.46 -18.26
N GLU B 510 20.49 -19.75 -19.07
CA GLU B 510 20.06 -21.13 -19.25
C GLU B 510 21.11 -21.96 -20.00
N GLU B 511 21.81 -21.35 -20.96
CA GLU B 511 22.87 -22.08 -21.64
C GLU B 511 23.99 -22.47 -20.70
N CYS B 512 24.46 -21.52 -19.88
CA CYS B 512 25.59 -21.80 -19.01
C CYS B 512 25.19 -22.67 -17.83
N LYS B 513 23.98 -22.48 -17.30
CA LYS B 513 23.53 -23.27 -16.16
C LYS B 513 23.51 -24.76 -16.49
N TYR B 514 22.93 -25.11 -17.64
CA TYR B 514 22.79 -26.52 -17.99
C TYR B 514 24.08 -27.12 -18.54
N ALA B 515 24.91 -26.31 -19.21
CA ALA B 515 26.20 -26.81 -19.65
C ALA B 515 27.11 -27.12 -18.47
N MET B 516 27.09 -26.27 -17.44
CA MET B 516 27.85 -26.55 -16.23
C MET B 516 27.28 -27.73 -15.47
N LEU B 517 25.95 -27.84 -15.40
CA LEU B 517 25.33 -28.98 -14.74
C LEU B 517 25.64 -30.27 -15.48
N ALA B 518 25.69 -30.23 -16.81
CA ALA B 518 26.04 -31.41 -17.58
C ALA B 518 27.51 -31.77 -17.43
N LEU B 519 28.39 -30.77 -17.42
CA LEU B 519 29.82 -31.05 -17.24
C LEU B 519 30.11 -31.59 -15.85
N ASN B 520 29.35 -31.15 -14.84
CA ASN B 520 29.51 -31.72 -13.51
C ASN B 520 29.25 -33.22 -13.52
N CYS B 521 28.39 -33.70 -14.43
CA CYS B 521 28.16 -35.12 -14.59
C CYS B 521 29.32 -35.80 -15.31
N ILE B 522 30.14 -35.06 -16.05
CA ILE B 522 31.29 -35.62 -16.72
C ILE B 522 32.53 -35.37 -15.87
N CYS B 523 32.84 -34.09 -15.65
CA CYS B 523 33.96 -33.67 -14.82
C CYS B 523 33.40 -33.12 -13.51
N PRO B 524 33.62 -33.79 -12.38
CA PRO B 524 33.01 -33.33 -11.13
C PRO B 524 33.51 -31.95 -10.73
N ALA B 525 32.59 -31.16 -10.17
CA ALA B 525 32.87 -29.82 -9.66
C ALA B 525 33.41 -28.89 -10.75
N THR B 526 32.93 -29.05 -11.98
CA THR B 526 33.29 -28.10 -13.04
C THR B 526 32.68 -26.73 -12.75
N SER B 527 31.46 -26.69 -12.23
CA SER B 527 30.83 -25.43 -11.88
C SER B 527 31.63 -24.69 -10.81
N THR B 528 32.16 -25.43 -9.83
CA THR B 528 33.01 -24.82 -8.82
C THR B 528 34.30 -24.28 -9.44
N LEU B 529 34.88 -25.03 -10.37
CA LEU B 529 36.09 -24.58 -11.07
C LEU B 529 35.82 -23.29 -11.84
N ILE B 530 34.69 -23.23 -12.55
CA ILE B 530 34.34 -22.02 -13.30
C ILE B 530 34.02 -20.88 -12.34
N THR B 531 33.36 -21.18 -11.22
CA THR B 531 32.96 -20.14 -10.27
C THR B 531 34.17 -19.40 -9.73
N LEU B 532 35.19 -20.12 -9.29
CA LEU B 532 36.37 -19.48 -8.71
C LEU B 532 37.15 -18.71 -9.76
N LEU B 533 37.19 -19.22 -10.99
CA LEU B 533 37.96 -18.56 -12.05
C LEU B 533 37.36 -17.21 -12.41
N VAL B 534 36.04 -17.09 -12.41
CA VAL B 534 35.38 -15.88 -12.88
C VAL B 534 35.21 -14.88 -11.74
N HIS B 535 35.77 -15.19 -10.59
CA HIS B 535 35.73 -14.30 -9.42
C HIS B 535 37.11 -13.69 -9.21
N THR B 536 37.14 -12.37 -9.04
CA THR B 536 38.40 -11.68 -8.78
C THR B 536 38.79 -11.87 -7.32
N SER B 537 39.91 -12.56 -7.09
CA SER B 537 40.38 -12.83 -5.75
C SER B 537 41.90 -12.89 -5.77
N ARG B 538 42.51 -12.59 -4.62
CA ARG B 538 43.96 -12.58 -4.48
C ARG B 538 44.52 -13.89 -3.94
N GLY B 539 43.67 -14.89 -3.70
CA GLY B 539 44.12 -16.13 -3.13
C GLY B 539 44.59 -16.03 -1.69
N GLN B 540 43.92 -15.21 -0.89
CA GLN B 540 44.26 -15.02 0.52
C GLN B 540 43.27 -15.70 1.46
N GLU B 541 42.34 -16.48 0.93
CA GLU B 541 41.32 -17.11 1.76
C GLU B 541 41.88 -18.34 2.46
N GLY B 542 41.54 -18.47 3.74
CA GLY B 542 41.94 -19.65 4.50
C GLY B 542 43.43 -19.82 4.64
N GLN B 543 44.18 -18.72 4.59
CA GLN B 543 45.64 -18.80 4.74
C GLN B 543 46.07 -18.97 6.18
N GLU B 544 45.19 -18.68 7.14
CA GLU B 544 45.44 -18.93 8.54
C GLU B 544 44.86 -20.25 9.02
N SER B 545 44.21 -21.00 8.15
CA SER B 545 43.51 -22.20 8.57
C SER B 545 44.51 -23.28 9.00
N PRO B 546 44.24 -23.97 10.10
CA PRO B 546 45.12 -25.08 10.50
C PRO B 546 45.08 -26.27 9.54
N GLU B 547 44.03 -26.39 8.74
CA GLU B 547 43.91 -27.50 7.81
C GLU B 547 44.71 -27.23 6.54
N GLN B 548 45.48 -28.23 6.12
CA GLN B 548 46.30 -28.07 4.92
C GLN B 548 45.43 -27.93 3.67
N TRP B 549 44.35 -28.70 3.59
CA TRP B 549 43.49 -28.64 2.41
C TRP B 549 42.83 -27.28 2.26
N GLN B 550 42.50 -26.62 3.37
CA GLN B 550 41.87 -25.31 3.28
C GLN B 550 42.85 -24.25 2.81
N ARG B 551 44.11 -24.33 3.26
CA ARG B 551 45.11 -23.36 2.83
C ARG B 551 45.39 -23.47 1.34
N MET B 552 45.56 -24.71 0.85
CA MET B 552 45.85 -24.91 -0.56
C MET B 552 44.61 -24.70 -1.43
N TYR B 553 43.42 -24.89 -0.88
CA TYR B 553 42.19 -24.63 -1.63
C TYR B 553 41.92 -23.13 -1.74
N GLY B 554 42.15 -22.39 -0.66
CA GLY B 554 41.98 -20.95 -0.72
C GLY B 554 43.10 -20.25 -1.49
N ARG B 555 44.28 -20.86 -1.53
CA ARG B 555 45.37 -20.30 -2.32
C ARG B 555 45.10 -20.50 -3.82
N CYS B 556 44.81 -21.74 -4.22
CA CYS B 556 44.57 -22.03 -5.62
C CYS B 556 43.32 -21.35 -6.16
N SER B 557 42.43 -20.89 -5.27
CA SER B 557 41.22 -20.19 -5.72
C SER B 557 41.53 -18.80 -6.23
N GLY B 558 42.72 -18.27 -5.97
CA GLY B 558 43.11 -16.98 -6.49
C GLY B 558 43.46 -16.97 -7.96
N ASN B 559 43.43 -18.13 -8.61
CA ASN B 559 43.72 -18.21 -10.03
C ASN B 559 42.63 -17.54 -10.85
N GLU B 560 43.04 -16.89 -11.93
CA GLU B 560 42.14 -16.24 -12.87
C GLU B 560 42.65 -16.52 -14.27
N VAL B 561 41.91 -16.04 -15.27
CA VAL B 561 42.31 -16.16 -16.67
C VAL B 561 42.73 -14.79 -17.16
N TYR B 562 43.97 -14.69 -17.64
CA TYR B 562 44.51 -13.44 -18.15
C TYR B 562 44.98 -13.64 -19.58
N HIS B 563 45.14 -12.53 -20.29
CA HIS B 563 45.65 -12.53 -21.65
C HIS B 563 46.82 -11.57 -21.75
N ILE B 564 47.76 -11.89 -22.64
CA ILE B 564 48.93 -11.06 -22.88
C ILE B 564 49.49 -11.39 -24.24
N ARG B 565 50.00 -10.38 -24.93
CA ARG B 565 50.71 -10.62 -26.18
C ARG B 565 51.97 -11.41 -25.91
N MET B 566 52.22 -12.42 -26.73
CA MET B 566 53.33 -13.34 -26.46
C MET B 566 54.67 -12.62 -26.51
N GLY B 567 54.85 -11.72 -27.46
CA GLY B 567 56.10 -10.98 -27.54
C GLY B 567 56.34 -10.11 -26.32
N ASP B 568 55.27 -9.55 -25.74
CA ASP B 568 55.37 -8.72 -24.55
C ASP B 568 55.34 -9.52 -23.27
N SER B 569 55.22 -10.84 -23.34
CA SER B 569 55.02 -11.67 -22.15
C SER B 569 56.37 -12.24 -21.69
N LYS B 570 56.75 -11.92 -20.46
CA LYS B 570 57.94 -12.53 -19.88
C LYS B 570 57.74 -14.00 -19.58
N PHE B 571 56.50 -14.48 -19.54
CA PHE B 571 56.23 -15.89 -19.31
C PHE B 571 56.54 -16.74 -20.55
N PHE B 572 56.13 -16.26 -21.73
CA PHE B 572 56.12 -17.10 -22.93
C PHE B 572 56.97 -16.57 -24.07
N ARG B 573 57.68 -15.46 -23.90
CA ARG B 573 58.45 -14.91 -25.02
C ARG B 573 59.60 -15.82 -25.43
N GLU B 574 60.20 -16.53 -24.46
CA GLU B 574 61.32 -17.41 -24.77
C GLU B 574 60.93 -18.60 -25.63
N TYR B 575 59.63 -18.87 -25.79
CA TYR B 575 59.15 -20.02 -26.56
C TYR B 575 58.66 -19.62 -27.95
N GLU B 576 59.23 -18.57 -28.53
CA GLU B 576 58.88 -18.19 -29.88
C GLU B 576 59.40 -19.24 -30.87
N GLY B 577 58.54 -19.66 -31.78
CA GLY B 577 58.87 -20.73 -32.70
C GLY B 577 58.76 -22.12 -32.12
N LYS B 578 58.32 -22.25 -30.88
CA LYS B 578 58.12 -23.53 -30.23
C LYS B 578 56.63 -23.89 -30.24
N SER B 579 56.36 -25.17 -30.01
CA SER B 579 54.98 -25.65 -30.00
C SER B 579 54.23 -25.10 -28.79
N PHE B 580 52.90 -25.06 -28.92
CA PHE B 580 52.07 -24.52 -27.85
C PHE B 580 52.19 -25.36 -26.59
N THR B 581 52.23 -26.70 -26.73
CA THR B 581 52.29 -27.56 -25.58
C THR B 581 53.65 -27.47 -24.88
N TYR B 582 54.72 -27.28 -25.65
CA TYR B 582 56.04 -27.09 -25.04
C TYR B 582 56.07 -25.83 -24.20
N ALA B 583 55.48 -24.74 -24.71
CA ALA B 583 55.43 -23.50 -23.95
C ALA B 583 54.59 -23.66 -22.70
N ALA B 584 53.44 -24.34 -22.81
CA ALA B 584 52.55 -24.49 -21.67
C ALA B 584 53.21 -25.29 -20.55
N PHE B 585 53.91 -26.37 -20.90
CA PHE B 585 54.56 -27.18 -19.88
C PHE B 585 55.71 -26.43 -19.23
N HIS B 586 56.58 -25.82 -20.03
CA HIS B 586 57.78 -25.18 -19.49
C HIS B 586 57.45 -23.90 -18.74
N ALA B 587 56.43 -23.15 -19.15
CA ALA B 587 56.00 -22.01 -18.37
C ALA B 587 55.40 -22.41 -17.03
N HIS B 588 54.70 -23.54 -16.98
CA HIS B 588 54.19 -24.05 -15.71
C HIS B 588 55.31 -24.58 -14.84
N LYS B 589 56.28 -25.27 -15.45
CA LYS B 589 57.42 -25.79 -14.69
C LYS B 589 58.26 -24.66 -14.12
N LYS B 590 58.34 -23.53 -14.81
CA LYS B 590 59.18 -22.42 -14.40
C LYS B 590 58.45 -21.44 -13.49
N TYR B 591 57.29 -20.93 -13.94
CA TYR B 591 56.56 -19.91 -13.19
C TYR B 591 55.25 -20.39 -12.58
N GLY B 592 54.78 -21.58 -12.93
CA GLY B 592 53.51 -22.06 -12.41
C GLY B 592 52.29 -21.47 -13.09
N VAL B 593 52.44 -20.99 -14.32
CA VAL B 593 51.32 -20.46 -15.10
C VAL B 593 50.84 -21.54 -16.06
N CYS B 594 49.52 -21.60 -16.27
CA CYS B 594 48.90 -22.61 -17.12
C CYS B 594 48.42 -21.95 -18.40
N LEU B 595 49.19 -22.10 -19.47
CA LEU B 595 48.77 -21.64 -20.79
C LEU B 595 47.63 -22.52 -21.28
N ILE B 596 46.45 -21.94 -21.45
CA ILE B 596 45.26 -22.73 -21.78
C ILE B 596 44.82 -22.46 -23.22
N GLY B 597 45.15 -21.30 -23.76
CA GLY B 597 44.71 -20.98 -25.11
C GLY B 597 45.43 -19.78 -25.67
N LEU B 598 45.16 -19.52 -26.95
CA LEU B 598 45.74 -18.38 -27.63
C LEU B 598 44.78 -17.87 -28.70
N LYS B 599 45.01 -16.64 -29.12
CA LYS B 599 44.26 -16.00 -30.20
C LYS B 599 45.26 -15.43 -31.20
N ARG B 600 45.26 -15.97 -32.42
CA ARG B 600 46.13 -15.46 -33.46
C ARG B 600 45.70 -14.05 -33.88
N GLU B 601 46.67 -13.28 -34.36
CA GLU B 601 46.36 -11.93 -34.81
C GLU B 601 45.53 -11.91 -36.10
N ASP B 602 45.63 -12.97 -36.90
CA ASP B 602 44.86 -13.03 -38.14
C ASP B 602 43.37 -13.19 -37.86
N ASN B 603 43.02 -14.10 -36.96
CA ASN B 603 41.63 -14.42 -36.66
C ASN B 603 41.19 -13.75 -35.36
N LYS B 604 39.88 -13.75 -35.13
CA LYS B 604 39.30 -13.27 -33.89
C LYS B 604 38.89 -14.41 -32.96
N SER B 605 39.18 -15.65 -33.33
CA SER B 605 38.71 -16.80 -32.58
C SER B 605 39.77 -17.25 -31.58
N ILE B 606 39.33 -17.51 -30.34
CA ILE B 606 40.21 -18.00 -29.30
C ILE B 606 40.14 -19.53 -29.29
N LEU B 607 41.31 -20.17 -29.31
CA LEU B 607 41.40 -21.62 -29.34
C LEU B 607 41.99 -22.11 -28.02
N LEU B 608 41.29 -23.01 -27.35
CA LEU B 608 41.78 -23.62 -26.12
C LEU B 608 42.63 -24.84 -26.49
N ASN B 609 43.89 -24.82 -26.07
CA ASN B 609 44.85 -25.89 -26.36
C ASN B 609 44.89 -26.18 -27.85
N PRO B 610 45.49 -25.31 -28.67
CA PRO B 610 45.59 -25.60 -30.10
C PRO B 610 46.32 -26.89 -30.41
N GLY B 611 47.24 -27.32 -29.56
CA GLY B 611 47.90 -28.60 -29.72
C GLY B 611 49.37 -28.47 -30.02
N PRO B 612 50.04 -29.61 -30.23
CA PRO B 612 51.48 -29.57 -30.50
C PRO B 612 51.83 -29.10 -31.89
N ARG B 613 50.93 -29.25 -32.87
CA ARG B 613 51.22 -28.80 -34.22
C ARG B 613 51.23 -27.29 -34.34
N HIS B 614 50.63 -26.59 -33.40
CA HIS B 614 50.61 -25.13 -33.43
C HIS B 614 51.96 -24.58 -33.00
N ILE B 615 52.46 -23.60 -33.75
CA ILE B 615 53.76 -22.97 -33.50
C ILE B 615 53.52 -21.54 -33.05
N LEU B 616 54.14 -21.15 -31.95
CA LEU B 616 53.94 -19.83 -31.37
C LEU B 616 54.57 -18.74 -32.23
N ALA B 617 53.96 -17.56 -32.19
CA ALA B 617 54.48 -16.38 -32.86
C ALA B 617 54.27 -15.17 -31.96
N ALA B 618 55.13 -14.17 -32.13
CA ALA B 618 55.11 -13.01 -31.25
C ALA B 618 53.82 -12.22 -31.31
N SER B 619 53.03 -12.38 -32.37
CA SER B 619 51.77 -11.66 -32.50
C SER B 619 50.61 -12.35 -31.78
N ASP B 620 50.78 -13.61 -31.36
CA ASP B 620 49.69 -14.33 -30.72
C ASP B 620 49.42 -13.77 -29.33
N THR B 621 48.14 -13.77 -28.97
CA THR B 621 47.70 -13.37 -27.63
C THR B 621 47.49 -14.62 -26.80
N CYS B 622 48.28 -14.76 -25.73
CA CYS B 622 48.28 -15.98 -24.94
C CYS B 622 47.32 -15.84 -23.76
N PHE B 623 46.48 -16.85 -23.57
CA PHE B 623 45.54 -16.91 -22.46
C PHE B 623 46.06 -17.92 -21.45
N TYR B 624 46.27 -17.48 -20.22
CA TYR B 624 46.88 -18.31 -19.19
C TYR B 624 46.11 -18.19 -17.88
N ILE B 625 46.21 -19.21 -17.05
CA ILE B 625 45.68 -19.19 -15.70
C ILE B 625 46.82 -18.96 -14.72
N ASN B 626 46.67 -17.98 -13.85
CA ASN B 626 47.71 -17.67 -12.89
C ASN B 626 47.09 -16.93 -11.71
N ILE B 627 47.78 -16.95 -10.58
CA ILE B 627 47.33 -16.24 -9.40
C ILE B 627 47.28 -14.74 -9.66
N THR B 628 48.32 -14.19 -10.29
CA THR B 628 48.42 -12.77 -10.52
C THR B 628 48.73 -12.51 -11.99
N LYS B 629 48.34 -11.32 -12.46
CA LYS B 629 48.71 -10.88 -13.79
C LYS B 629 50.22 -10.80 -13.91
N GLU B 630 50.72 -11.00 -15.13
CA GLU B 630 52.16 -10.95 -15.35
C GLU B 630 52.72 -9.59 -14.99
N GLU B 631 52.03 -8.51 -15.41
CA GLU B 631 52.45 -7.17 -15.01
C GLU B 631 52.34 -6.99 -13.51
N ASN B 632 51.25 -7.48 -12.91
CA ASN B 632 51.09 -7.41 -11.47
C ASN B 632 51.97 -8.39 -10.73
N SER B 633 52.60 -9.33 -11.43
CA SER B 633 53.59 -10.22 -10.83
C SER B 633 55.01 -9.69 -10.99
N ALA B 634 55.19 -8.37 -10.96
CA ALA B 634 56.52 -7.80 -11.06
C ALA B 634 57.40 -8.17 -9.87
N PHE B 635 56.83 -8.73 -8.80
CA PHE B 635 57.61 -9.14 -7.65
C PHE B 635 58.31 -10.48 -7.89
N ILE B 636 57.62 -11.43 -8.51
CA ILE B 636 58.21 -12.76 -8.68
C ILE B 636 59.36 -12.71 -9.69
N PHE B 637 59.23 -11.86 -10.71
CA PHE B 637 60.34 -11.67 -11.64
C PHE B 637 61.55 -11.05 -10.94
N LYS B 638 61.31 -10.09 -10.05
CA LYS B 638 62.37 -9.60 -9.19
C LYS B 638 62.78 -10.66 -8.17
N GLN B 639 61.83 -11.46 -7.70
CA GLN B 639 62.16 -12.59 -6.83
C GLN B 639 62.97 -13.63 -7.59
N GLU B 640 62.71 -13.77 -8.90
CA GLU B 640 63.56 -14.60 -9.73
C GLU B 640 64.97 -14.04 -9.78
N GLU B 641 65.09 -12.72 -9.87
CA GLU B 641 66.39 -12.06 -9.77
C GLU B 641 66.99 -12.16 -8.38
N LYS B 642 66.16 -12.36 -7.34
CA LYS B 642 66.70 -12.58 -6.00
C LYS B 642 67.50 -13.88 -5.94
N ARG B 643 67.03 -14.90 -6.66
CA ARG B 643 67.79 -16.15 -6.74
C ARG B 643 69.02 -16.01 -7.62
N LYS B 644 68.96 -15.18 -8.65
CA LYS B 644 70.09 -14.96 -9.55
C LYS B 644 71.18 -14.14 -8.85
N ILE B 710 59.84 -40.50 -17.57
CA ILE B 710 58.91 -39.77 -18.41
C ILE B 710 59.65 -39.15 -19.59
N ALA B 711 59.08 -39.33 -20.79
CA ALA B 711 59.70 -38.79 -21.99
C ALA B 711 59.65 -37.26 -21.96
N PRO B 712 60.69 -36.60 -22.48
CA PRO B 712 60.71 -35.14 -22.47
C PRO B 712 59.78 -34.55 -23.53
N VAL B 713 59.23 -33.38 -23.22
CA VAL B 713 58.37 -32.68 -24.18
C VAL B 713 59.22 -32.14 -25.31
N LEU B 714 58.75 -32.35 -26.54
CA LEU B 714 59.51 -31.99 -27.73
C LEU B 714 59.25 -30.54 -28.12
N GLU B 715 60.29 -29.88 -28.62
CA GLU B 715 60.13 -28.53 -29.14
C GLU B 715 59.22 -28.51 -30.35
N LEU B 716 59.38 -29.47 -31.27
CA LEU B 716 58.57 -29.58 -32.46
C LEU B 716 57.74 -30.86 -32.42
N ALA B 717 56.52 -30.78 -32.92
CA ALA B 717 55.62 -31.93 -32.94
C ALA B 717 56.15 -33.01 -33.87
N VAL B 747 22.80 -51.73 -30.85
CA VAL B 747 22.65 -50.67 -31.84
C VAL B 747 23.83 -49.71 -31.78
N GLU B 748 24.51 -49.55 -32.91
CA GLU B 748 25.63 -48.63 -33.01
C GLU B 748 25.16 -47.25 -33.44
N TYR B 749 25.85 -46.23 -32.97
CA TYR B 749 25.45 -44.85 -33.18
C TYR B 749 26.25 -44.21 -34.30
N VAL B 750 25.60 -43.30 -35.04
CA VAL B 750 26.27 -42.52 -36.06
C VAL B 750 26.78 -41.23 -35.43
N LYS B 751 27.72 -40.56 -36.11
CA LYS B 751 28.29 -39.31 -35.63
C LYS B 751 27.87 -38.20 -36.60
N GLY B 752 27.06 -37.27 -36.10
CA GLY B 752 26.59 -36.18 -36.94
C GLY B 752 26.00 -35.08 -36.09
N TYR B 753 25.49 -34.06 -36.77
CA TYR B 753 24.90 -32.92 -36.06
C TYR B 753 23.40 -33.16 -35.84
N PRO B 754 22.87 -32.72 -34.70
CA PRO B 754 21.44 -32.83 -34.46
C PRO B 754 20.65 -32.09 -35.53
N PRO B 755 19.66 -32.74 -36.15
CA PRO B 755 18.97 -32.14 -37.28
C PRO B 755 18.19 -30.87 -36.95
N ASN B 756 17.29 -30.94 -35.97
CA ASN B 756 16.38 -29.84 -35.67
C ASN B 756 16.97 -29.02 -34.53
N SER B 757 17.65 -27.94 -34.89
CA SER B 757 18.17 -27.01 -33.89
C SER B 757 17.01 -26.28 -33.24
N PRO B 758 16.92 -26.28 -31.90
CA PRO B 758 15.74 -25.69 -31.26
C PRO B 758 15.65 -24.18 -31.36
N TYR B 759 16.79 -23.48 -31.50
CA TYR B 759 16.77 -22.03 -31.51
C TYR B 759 17.93 -21.50 -32.35
N ILE B 760 17.84 -20.23 -32.70
CA ILE B 760 18.90 -19.57 -33.47
C ILE B 760 20.03 -19.19 -32.52
N GLY B 761 21.26 -19.49 -32.92
CA GLY B 761 22.43 -19.29 -32.09
C GLY B 761 22.94 -20.55 -31.42
N SER B 762 22.20 -21.65 -31.51
CA SER B 762 22.67 -22.92 -30.97
C SER B 762 23.87 -23.40 -31.76
N SER B 763 25.03 -23.42 -31.12
CA SER B 763 26.26 -23.84 -31.81
C SER B 763 26.15 -25.31 -32.17
N PRO B 764 26.39 -25.67 -33.43
CA PRO B 764 26.27 -27.09 -33.84
C PRO B 764 27.46 -27.89 -33.35
N THR B 765 27.19 -28.87 -32.50
CA THR B 765 28.21 -29.76 -31.97
C THR B 765 27.99 -31.15 -32.54
N LEU B 766 29.05 -31.75 -33.09
CA LEU B 766 28.97 -33.12 -33.55
C LEU B 766 28.74 -34.04 -32.37
N CYS B 767 27.69 -34.84 -32.43
CA CYS B 767 27.24 -35.64 -31.30
C CYS B 767 27.06 -37.09 -31.72
N HIS B 768 26.90 -37.95 -30.73
CA HIS B 768 26.47 -39.33 -30.97
C HIS B 768 24.98 -39.31 -31.30
N LEU B 769 24.61 -39.77 -32.49
CA LEU B 769 23.24 -39.70 -32.95
C LEU B 769 22.70 -41.10 -33.21
N LEU B 770 21.41 -41.28 -32.96
CA LEU B 770 20.75 -42.51 -33.32
C LEU B 770 20.69 -42.64 -34.84
N PRO B 771 20.86 -43.84 -35.39
CA PRO B 771 20.76 -43.99 -36.85
C PRO B 771 19.40 -43.57 -37.40
N VAL B 772 18.33 -43.79 -36.66
CA VAL B 772 16.99 -43.38 -37.06
C VAL B 772 16.38 -42.57 -35.92
N LYS B 773 15.52 -41.62 -36.27
CA LYS B 773 14.82 -40.83 -35.27
C LYS B 773 13.99 -41.71 -34.36
N ALA B 774 14.10 -41.50 -33.06
CA ALA B 774 13.32 -42.25 -32.11
C ALA B 774 11.90 -41.70 -32.04
N PRO B 775 10.88 -42.54 -32.21
CA PRO B 775 9.50 -42.05 -32.08
C PRO B 775 9.24 -41.54 -30.66
N PHE B 776 8.31 -40.59 -30.56
CA PHE B 776 8.05 -39.94 -29.28
C PHE B 776 7.57 -40.91 -28.22
N CYS B 777 6.97 -42.03 -28.62
CA CYS B 777 6.55 -43.03 -27.63
C CYS B 777 7.75 -43.70 -26.99
N CYS B 778 8.84 -43.88 -27.73
CA CYS B 778 10.02 -44.54 -27.19
C CYS B 778 10.85 -43.64 -26.31
N LEU B 779 10.59 -42.33 -26.33
CA LEU B 779 11.28 -41.39 -25.45
C LEU B 779 10.67 -41.31 -24.06
N ARG B 780 9.55 -41.99 -23.83
CA ARG B 780 8.87 -41.96 -22.54
C ARG B 780 9.28 -43.17 -21.73
N LEU B 781 9.84 -42.93 -20.54
CA LEU B 781 10.18 -44.01 -19.63
C LEU B 781 8.96 -44.57 -18.90
N ASP B 782 7.89 -43.80 -18.79
CA ASP B 782 6.72 -44.23 -18.03
C ASP B 782 5.92 -45.28 -18.79
N LYS B 783 5.39 -44.91 -19.94
CA LYS B 783 4.42 -45.74 -20.65
C LYS B 783 5.12 -46.67 -21.62
N GLY B 784 4.62 -47.91 -21.69
CA GLY B 784 5.08 -48.83 -22.72
C GLY B 784 4.45 -48.52 -24.07
N CYS B 785 5.14 -48.92 -25.13
CA CYS B 785 4.68 -48.63 -26.48
C CYS B 785 4.69 -49.88 -27.35
N LYS B 786 4.50 -49.71 -28.66
CA LYS B 786 4.54 -50.84 -29.58
C LYS B 786 5.92 -51.46 -29.60
N HIS B 787 6.97 -50.63 -29.59
CA HIS B 787 8.33 -51.13 -29.69
C HIS B 787 8.82 -51.75 -28.38
N ASN B 788 8.29 -51.32 -27.24
CA ASN B 788 8.73 -51.86 -25.96
C ASN B 788 7.60 -51.76 -24.94
N SER B 789 7.51 -52.77 -24.07
CA SER B 789 6.55 -52.79 -22.98
C SER B 789 7.13 -52.28 -21.68
N TYR B 790 8.34 -51.74 -21.70
CA TYR B 790 9.02 -51.30 -20.50
C TYR B 790 8.28 -50.13 -19.87
N GLU B 791 8.10 -50.19 -18.54
CA GLU B 791 7.39 -49.16 -17.81
C GLU B 791 8.24 -48.44 -16.78
N ASP B 792 9.47 -48.87 -16.56
CA ASP B 792 10.41 -48.18 -15.67
C ASP B 792 11.82 -48.54 -16.09
N ALA B 793 12.79 -47.87 -15.47
CA ALA B 793 14.19 -48.06 -15.84
C ALA B 793 14.70 -49.45 -15.56
N LYS B 794 14.06 -50.19 -14.65
CA LYS B 794 14.49 -51.57 -14.38
C LYS B 794 14.21 -52.48 -15.57
N ALA B 795 13.06 -52.30 -16.22
CA ALA B 795 12.74 -53.09 -17.40
C ALA B 795 13.68 -52.80 -18.56
N TYR B 796 14.22 -51.58 -18.63
CA TYR B 796 15.17 -51.26 -19.70
C TYR B 796 16.48 -52.02 -19.51
N GLY B 797 16.98 -52.07 -18.28
CA GLY B 797 18.24 -52.74 -18.01
C GLY B 797 19.43 -52.03 -18.63
N PHE B 798 19.65 -50.79 -18.24
CA PHE B 798 20.76 -50.01 -18.79
C PHE B 798 22.09 -50.59 -18.31
N LYS B 799 23.09 -50.49 -19.19
CA LYS B 799 24.42 -50.98 -18.86
C LYS B 799 25.17 -49.99 -17.96
N ASN B 800 24.96 -48.70 -18.16
CA ASN B 800 25.64 -47.66 -17.41
C ASN B 800 24.70 -47.02 -16.40
N LYS B 801 25.26 -46.18 -15.54
CA LYS B 801 24.48 -45.50 -14.53
C LYS B 801 23.75 -44.30 -15.11
N LEU B 802 22.56 -44.05 -14.60
CA LEU B 802 21.66 -43.06 -15.16
C LEU B 802 21.97 -41.66 -14.62
N ILE B 803 21.62 -40.66 -15.41
CA ILE B 803 21.61 -39.27 -14.98
C ILE B 803 20.16 -38.82 -14.99
N ILE B 804 19.63 -38.47 -13.81
CA ILE B 804 18.25 -38.05 -13.66
C ILE B 804 18.24 -36.55 -13.47
N VAL B 805 17.54 -35.84 -14.35
CA VAL B 805 17.42 -34.39 -14.28
C VAL B 805 16.00 -34.08 -13.83
N SER B 806 15.88 -33.48 -12.66
CA SER B 806 14.58 -33.09 -12.10
C SER B 806 14.34 -31.62 -12.45
N ALA B 807 13.67 -31.40 -13.57
CA ALA B 807 13.36 -30.06 -14.05
C ALA B 807 11.86 -29.85 -14.05
N GLU B 808 11.45 -28.58 -14.12
CA GLU B 808 10.03 -28.25 -14.13
C GLU B 808 9.46 -28.35 -15.55
N THR B 809 10.11 -27.69 -16.51
CA THR B 809 9.67 -27.71 -17.90
C THR B 809 10.86 -28.05 -18.80
N ALA B 810 10.59 -28.74 -19.89
CA ALA B 810 11.61 -29.10 -20.86
C ALA B 810 11.64 -28.03 -21.96
N GLY B 811 12.74 -27.29 -22.03
CA GLY B 811 12.89 -26.22 -22.99
C GLY B 811 14.24 -26.31 -23.68
N ASN B 812 14.72 -25.13 -24.11
CA ASN B 812 16.01 -25.06 -24.78
C ASN B 812 17.17 -25.18 -23.80
N GLY B 813 16.94 -24.86 -22.53
CA GLY B 813 17.97 -25.07 -21.52
C GLY B 813 18.28 -26.54 -21.32
N LEU B 814 17.25 -27.38 -21.23
CA LEU B 814 17.47 -28.81 -21.12
C LEU B 814 18.16 -29.39 -22.35
N TYR B 815 17.94 -28.76 -23.51
CA TYR B 815 18.68 -29.15 -24.71
C TYR B 815 20.18 -28.92 -24.52
N ASN B 816 20.54 -27.82 -23.86
CA ASN B 816 21.94 -27.54 -23.58
C ASN B 816 22.51 -28.44 -22.49
N PHE B 817 21.67 -29.23 -21.84
CA PHE B 817 22.15 -30.23 -20.88
C PHE B 817 22.49 -31.54 -21.58
N ILE B 818 21.72 -31.89 -22.61
CA ILE B 818 21.92 -33.17 -23.28
C ILE B 818 23.07 -33.11 -24.28
N VAL B 819 23.29 -31.94 -24.90
CA VAL B 819 24.33 -31.84 -25.93
C VAL B 819 25.72 -32.15 -25.39
N PRO B 820 26.19 -31.58 -24.27
CA PRO B 820 27.53 -31.93 -23.80
C PRO B 820 27.70 -33.40 -23.45
N LEU B 821 26.64 -34.06 -22.99
CA LEU B 821 26.72 -35.46 -22.61
C LEU B 821 26.68 -36.41 -23.80
N ARG B 822 26.28 -35.92 -24.97
CA ARG B 822 26.21 -36.75 -26.17
C ARG B 822 27.25 -36.36 -27.22
N ALA B 823 28.21 -35.51 -26.85
CA ALA B 823 29.18 -35.02 -27.82
C ALA B 823 30.06 -36.16 -28.35
N TYR B 824 30.60 -35.94 -29.55
CA TYR B 824 31.30 -37.01 -30.24
C TYR B 824 32.60 -37.39 -29.55
N TYR B 825 33.27 -36.43 -28.89
CA TYR B 825 34.50 -36.77 -28.19
C TYR B 825 34.24 -37.50 -26.87
N ARG B 826 33.03 -37.40 -26.33
CA ARG B 826 32.66 -38.23 -25.20
C ARG B 826 32.63 -39.69 -25.62
N SER B 827 33.17 -40.56 -24.78
CA SER B 827 33.25 -41.98 -25.11
C SER B 827 31.86 -42.58 -25.23
N ARG B 828 31.69 -43.46 -26.22
CA ARG B 828 30.40 -44.06 -26.52
C ARG B 828 30.01 -45.14 -25.52
N LYS B 829 30.98 -45.90 -25.00
CA LYS B 829 30.66 -46.92 -24.02
C LYS B 829 30.29 -46.32 -22.68
N GLU B 830 30.93 -45.21 -22.30
CA GLU B 830 30.60 -44.53 -21.05
C GLU B 830 29.41 -43.58 -21.19
N LEU B 831 28.61 -43.72 -22.23
CA LEU B 831 27.41 -42.90 -22.38
C LEU B 831 26.42 -43.22 -21.26
N ASN B 832 25.99 -42.20 -20.55
CA ASN B 832 25.06 -42.36 -19.44
C ASN B 832 23.65 -42.07 -19.89
N PRO B 833 22.71 -42.97 -19.67
CA PRO B 833 21.30 -42.66 -19.99
C PRO B 833 20.83 -41.43 -19.23
N ILE B 834 20.07 -40.58 -19.92
CA ILE B 834 19.56 -39.34 -19.34
C ILE B 834 18.06 -39.49 -19.19
N VAL B 835 17.58 -39.39 -17.96
CA VAL B 835 16.15 -39.47 -17.66
C VAL B 835 15.72 -38.09 -17.17
N LEU B 836 14.81 -37.47 -17.90
CA LEU B 836 14.29 -36.15 -17.57
C LEU B 836 13.03 -36.31 -16.74
N LEU B 837 13.11 -35.91 -15.48
CA LEU B 837 11.97 -36.00 -14.56
C LEU B 837 11.26 -34.65 -14.58
N LEU B 838 10.35 -34.49 -15.53
CA LEU B 838 9.69 -33.22 -15.79
C LEU B 838 8.37 -33.11 -15.03
N ASP B 839 8.10 -31.90 -14.54
CA ASP B 839 6.82 -31.62 -13.92
C ASP B 839 5.70 -31.52 -14.95
N ASN B 840 5.99 -30.93 -16.09
CA ASN B 840 5.02 -30.76 -17.16
C ASN B 840 5.41 -31.63 -18.35
N LYS B 841 4.40 -32.03 -19.12
CA LYS B 841 4.67 -32.82 -20.32
C LYS B 841 5.44 -31.98 -21.34
N PRO B 842 6.55 -32.50 -21.88
CA PRO B 842 7.32 -31.72 -22.83
C PRO B 842 6.54 -31.48 -24.13
N ASP B 843 6.72 -30.29 -24.67
CA ASP B 843 6.12 -29.98 -25.96
C ASP B 843 6.88 -30.71 -27.07
N HIS B 844 6.20 -30.87 -28.21
CA HIS B 844 6.74 -31.67 -29.30
C HIS B 844 8.00 -31.07 -29.93
N HIS B 845 8.21 -29.76 -29.81
CA HIS B 845 9.45 -29.18 -30.32
C HIS B 845 10.67 -29.69 -29.55
N PHE B 846 10.55 -29.80 -28.23
CA PHE B 846 11.64 -30.35 -27.44
C PHE B 846 11.90 -31.80 -27.81
N LEU B 847 10.83 -32.58 -28.00
CA LEU B 847 10.99 -33.99 -28.37
C LEU B 847 11.65 -34.14 -29.73
N GLU B 848 11.30 -33.27 -30.68
CA GLU B 848 11.95 -33.31 -31.99
C GLU B 848 13.41 -32.89 -31.88
N ALA B 849 13.76 -32.07 -30.89
CA ALA B 849 15.15 -31.68 -30.71
C ALA B 849 15.99 -32.80 -30.11
N ILE B 850 15.37 -33.67 -29.31
CA ILE B 850 16.10 -34.71 -28.59
C ILE B 850 15.78 -36.11 -29.08
N CYS B 851 14.96 -36.25 -30.12
CA CYS B 851 14.61 -37.58 -30.61
C CYS B 851 15.78 -38.29 -31.28
N CYS B 852 16.82 -37.55 -31.67
CA CYS B 852 17.98 -38.14 -32.33
C CYS B 852 19.06 -38.60 -31.36
N PHE B 853 18.94 -38.27 -30.08
CA PHE B 853 19.95 -38.57 -29.07
C PHE B 853 19.70 -39.94 -28.44
N PRO B 854 20.72 -40.78 -28.35
CA PRO B 854 20.54 -42.13 -27.79
C PRO B 854 20.36 -42.08 -26.27
N MET B 855 19.46 -42.93 -25.77
CA MET B 855 19.24 -43.11 -24.34
C MET B 855 18.92 -41.79 -23.64
N VAL B 856 18.00 -41.03 -24.21
CA VAL B 856 17.44 -39.84 -23.57
C VAL B 856 15.95 -40.07 -23.41
N TYR B 857 15.50 -40.16 -22.16
CA TYR B 857 14.11 -40.45 -21.84
C TYR B 857 13.57 -39.37 -20.90
N TYR B 858 12.25 -39.27 -20.86
CA TYR B 858 11.58 -38.31 -19.99
C TYR B 858 10.48 -39.02 -19.21
N MET B 859 10.07 -38.41 -18.12
CA MET B 859 9.08 -39.00 -17.23
C MET B 859 8.44 -37.91 -16.41
N GLU B 860 7.19 -38.16 -15.98
CA GLU B 860 6.43 -37.18 -15.21
C GLU B 860 6.63 -37.42 -13.72
N GLY B 861 7.01 -36.38 -13.00
CA GLY B 861 7.24 -36.49 -11.57
C GLY B 861 8.06 -35.32 -11.09
N SER B 862 8.56 -35.44 -9.86
CA SER B 862 9.34 -34.39 -9.24
C SER B 862 10.30 -35.01 -8.24
N VAL B 863 11.21 -34.18 -7.73
CA VAL B 863 12.17 -34.64 -6.74
C VAL B 863 11.51 -34.91 -5.39
N ASP B 864 10.35 -34.32 -5.13
CA ASP B 864 9.66 -34.55 -3.86
C ASP B 864 8.79 -35.80 -3.87
N ASN B 865 8.57 -36.40 -5.04
CA ASN B 865 7.77 -37.61 -5.17
C ASN B 865 8.71 -38.81 -5.20
N LEU B 866 8.76 -39.56 -4.10
CA LEU B 866 9.68 -40.70 -4.02
C LEU B 866 9.27 -41.81 -4.96
N ASP B 867 7.96 -41.99 -5.20
CA ASP B 867 7.51 -43.00 -6.14
C ASP B 867 8.04 -42.74 -7.54
N SER B 868 8.00 -41.48 -7.97
CA SER B 868 8.53 -41.12 -9.28
C SER B 868 10.03 -41.36 -9.36
N LEU B 869 10.76 -40.99 -8.32
CA LEU B 869 12.22 -41.12 -8.34
C LEU B 869 12.64 -42.59 -8.42
N LEU B 870 11.94 -43.47 -7.71
CA LEU B 870 12.25 -44.90 -7.80
C LEU B 870 11.91 -45.45 -9.19
N GLN B 871 10.89 -44.91 -9.83
CA GLN B 871 10.56 -45.32 -11.19
C GLN B 871 11.63 -44.87 -12.18
N CYS B 872 12.22 -43.69 -11.94
CA CYS B 872 13.24 -43.17 -12.84
C CYS B 872 14.49 -44.05 -12.85
N GLY B 873 14.80 -44.67 -11.72
CA GLY B 873 16.01 -45.46 -11.63
C GLY B 873 17.03 -44.84 -10.70
N ILE B 874 16.56 -44.19 -9.64
CA ILE B 874 17.45 -43.50 -8.71
C ILE B 874 18.34 -44.49 -7.97
N ILE B 875 17.97 -45.78 -7.98
CA ILE B 875 18.77 -46.79 -7.29
C ILE B 875 20.15 -46.92 -7.94
N TYR B 876 20.21 -46.84 -9.27
CA TYR B 876 21.44 -47.03 -10.02
C TYR B 876 21.68 -45.80 -10.89
N ALA B 877 21.53 -44.62 -10.30
CA ALA B 877 21.80 -43.35 -10.96
C ALA B 877 23.03 -42.73 -10.32
N ASP B 878 24.05 -42.42 -11.14
CA ASP B 878 25.27 -41.85 -10.61
C ASP B 878 25.07 -40.38 -10.22
N ASN B 879 24.21 -39.68 -10.94
CA ASN B 879 23.97 -38.26 -10.70
C ASN B 879 22.48 -37.97 -10.69
N LEU B 880 22.07 -37.08 -9.79
CA LEU B 880 20.70 -36.57 -9.75
C LEU B 880 20.79 -35.05 -9.76
N VAL B 881 20.42 -34.44 -10.88
CA VAL B 881 20.53 -33.00 -11.08
C VAL B 881 19.16 -32.40 -10.81
N VAL B 882 19.07 -31.57 -9.77
CA VAL B 882 17.82 -30.93 -9.38
C VAL B 882 17.87 -29.48 -9.85
N VAL B 883 17.09 -29.16 -10.88
CA VAL B 883 16.93 -27.81 -11.39
C VAL B 883 15.55 -27.25 -11.04
N ASP B 884 14.80 -27.97 -10.22
CA ASP B 884 13.40 -27.62 -9.95
C ASP B 884 13.29 -26.24 -9.33
N LYS B 885 12.37 -25.44 -9.87
CA LYS B 885 12.07 -24.14 -9.29
C LYS B 885 11.20 -24.30 -8.06
N GLU B 886 11.40 -23.42 -7.08
CA GLU B 886 10.65 -23.47 -5.84
C GLU B 886 9.69 -22.29 -5.72
N ALA B 891 8.93 -15.65 -3.22
CA ALA B 891 8.77 -15.34 -1.80
C ALA B 891 9.15 -13.91 -1.50
N GLU B 892 8.56 -13.34 -0.46
CA GLU B 892 8.88 -11.98 -0.06
C GLU B 892 10.27 -11.89 0.57
N GLU B 893 10.50 -12.68 1.61
CA GLU B 893 11.85 -12.82 2.16
C GLU B 893 12.73 -13.52 1.14
N ASP B 894 13.80 -12.84 0.73
CA ASP B 894 14.54 -13.24 -0.47
C ASP B 894 15.15 -14.63 -0.32
N TYR B 895 15.82 -14.89 0.80
CA TYR B 895 16.56 -16.13 0.95
C TYR B 895 15.65 -17.33 1.09
N MET B 896 14.34 -17.12 1.25
CA MET B 896 13.42 -18.22 1.44
C MET B 896 12.98 -18.83 0.13
N ALA B 897 13.42 -18.29 -1.00
CA ALA B 897 13.05 -18.83 -2.30
C ALA B 897 13.57 -20.24 -2.50
N ASP B 898 14.68 -20.59 -1.86
CA ASP B 898 15.30 -21.90 -1.99
C ASP B 898 14.83 -22.88 -0.93
N ALA B 899 13.87 -22.49 -0.07
CA ALA B 899 13.48 -23.34 1.04
C ALA B 899 12.90 -24.67 0.56
N LYS B 900 12.07 -24.62 -0.48
CA LYS B 900 11.46 -25.85 -0.98
C LYS B 900 12.48 -26.76 -1.65
N THR B 901 13.39 -26.18 -2.43
CA THR B 901 14.41 -26.99 -3.10
C THR B 901 15.42 -27.56 -2.10
N ILE B 902 15.79 -26.77 -1.08
CA ILE B 902 16.80 -27.22 -0.13
C ILE B 902 16.28 -28.40 0.68
N VAL B 903 15.04 -28.33 1.14
CA VAL B 903 14.49 -29.40 1.98
C VAL B 903 14.22 -30.65 1.16
N ASN B 904 13.71 -30.48 -0.07
CA ASN B 904 13.45 -31.63 -0.93
C ASN B 904 14.73 -32.37 -1.26
N VAL B 905 15.79 -31.63 -1.57
CA VAL B 905 17.09 -32.24 -1.82
C VAL B 905 17.63 -32.88 -0.54
N GLN B 906 17.37 -32.25 0.61
CA GLN B 906 17.81 -32.82 1.88
C GLN B 906 17.14 -34.15 2.16
N THR B 907 15.85 -34.27 1.83
CA THR B 907 15.14 -35.52 2.05
C THR B 907 15.79 -36.68 1.30
N MET B 908 16.18 -36.43 0.05
CA MET B 908 16.86 -37.47 -0.73
C MET B 908 18.29 -37.66 -0.28
N PHE B 909 18.88 -36.63 0.34
CA PHE B 909 20.19 -36.80 0.95
C PHE B 909 20.12 -37.78 2.13
N ARG B 910 18.99 -37.82 2.84
CA ARG B 910 18.81 -38.75 3.95
C ARG B 910 18.29 -40.11 3.51
N LEU B 911 17.49 -40.16 2.44
CA LEU B 911 16.99 -41.45 1.96
C LEU B 911 18.08 -42.20 1.19
N PHE B 912 18.89 -41.49 0.41
CA PHE B 912 19.95 -42.09 -0.40
C PHE B 912 21.25 -41.36 -0.08
N PRO B 913 21.93 -41.70 1.01
CA PRO B 913 23.15 -40.97 1.38
C PRO B 913 24.28 -41.11 0.36
N SER B 914 24.34 -42.21 -0.39
CA SER B 914 25.40 -42.43 -1.35
C SER B 914 25.15 -41.77 -2.70
N LEU B 915 23.93 -41.28 -2.93
CA LEU B 915 23.61 -40.67 -4.21
C LEU B 915 24.27 -39.30 -4.33
N SER B 916 24.69 -38.96 -5.54
CA SER B 916 25.30 -37.67 -5.85
C SER B 916 24.23 -36.75 -6.42
N ILE B 917 23.83 -35.75 -5.66
CA ILE B 917 22.79 -34.79 -6.05
C ILE B 917 23.47 -33.46 -6.33
N THR B 918 23.20 -32.90 -7.50
CA THR B 918 23.73 -31.59 -7.88
C THR B 918 22.56 -30.60 -7.99
N THR B 919 22.70 -29.46 -7.34
CA THR B 919 21.61 -28.50 -7.22
C THR B 919 22.10 -27.11 -7.61
N GLU B 920 21.15 -26.30 -8.09
CA GLU B 920 21.38 -24.90 -8.40
C GLU B 920 20.51 -24.06 -7.49
N LEU B 921 21.11 -23.10 -6.79
CA LEU B 921 20.41 -22.27 -5.83
C LEU B 921 20.45 -20.82 -6.26
N THR B 922 19.38 -20.09 -5.95
CA THR B 922 19.31 -18.67 -6.30
C THR B 922 20.34 -17.85 -5.54
N HIS B 923 20.55 -18.14 -4.26
CA HIS B 923 21.42 -17.36 -3.40
C HIS B 923 22.61 -18.19 -2.96
N PRO B 924 23.84 -17.72 -3.14
CA PRO B 924 25.00 -18.47 -2.62
C PRO B 924 25.02 -18.59 -1.10
N SER B 925 24.32 -17.70 -0.39
CA SER B 925 24.27 -17.81 1.07
C SER B 925 23.51 -19.04 1.52
N ASN B 926 22.71 -19.64 0.63
CA ASN B 926 21.97 -20.84 0.96
C ASN B 926 22.74 -22.11 0.66
N MET B 927 23.96 -22.00 0.13
CA MET B 927 24.74 -23.19 -0.20
C MET B 927 25.13 -24.00 1.03
N ARG B 928 25.07 -23.40 2.22
CA ARG B 928 25.41 -24.13 3.44
C ARG B 928 24.36 -25.16 3.81
N PHE B 929 23.16 -25.07 3.24
CA PHE B 929 22.04 -25.93 3.61
C PHE B 929 21.86 -27.12 2.69
N MET B 930 22.77 -27.31 1.73
CA MET B 930 22.58 -28.36 0.74
C MET B 930 22.63 -29.76 1.35
N GLN B 931 23.67 -30.08 2.12
CA GLN B 931 23.74 -31.36 2.82
C GLN B 931 24.03 -31.08 4.29
N PHE B 932 22.97 -30.83 5.05
CA PHE B 932 23.09 -30.23 6.36
C PHE B 932 23.20 -31.33 7.42
N ARG B 933 24.34 -31.37 8.08
CA ARG B 933 24.56 -32.24 9.23
C ARG B 933 24.59 -31.35 10.48
N ALA B 934 23.47 -31.28 11.18
CA ALA B 934 23.38 -30.42 12.36
C ALA B 934 24.27 -30.92 13.49
N LYS B 935 24.38 -32.23 13.65
CA LYS B 935 25.26 -32.82 14.65
C LYS B 935 26.61 -33.16 14.03
N ASP B 936 27.31 -32.11 13.61
CA ASP B 936 28.61 -32.27 12.97
C ASP B 936 29.46 -31.04 13.32
N SER B 937 30.51 -31.25 14.10
CA SER B 937 31.34 -30.13 14.53
C SER B 937 32.13 -29.52 13.38
N TYR B 938 32.59 -30.34 12.44
CA TYR B 938 33.39 -29.82 11.34
C TYR B 938 32.58 -28.89 10.44
N SER B 939 31.40 -29.32 10.01
CA SER B 939 30.55 -28.46 9.19
C SER B 939 30.07 -27.24 9.96
N LEU B 940 29.94 -27.36 11.28
CA LEU B 940 29.60 -26.20 12.11
C LEU B 940 30.80 -25.27 12.31
N ALA B 941 32.01 -25.82 12.30
CA ALA B 941 33.20 -24.98 12.41
C ALA B 941 33.47 -24.22 11.12
N LEU B 942 32.98 -24.73 9.98
CA LEU B 942 33.16 -24.03 8.72
C LEU B 942 32.41 -22.69 8.71
N SER B 943 31.37 -22.57 9.54
CA SER B 943 30.67 -21.29 9.66
C SER B 943 31.60 -20.22 10.22
N LYS B 944 32.41 -20.59 11.21
CA LYS B 944 33.37 -19.64 11.78
C LYS B 944 34.41 -19.22 10.75
N LEU B 945 34.89 -20.17 9.94
CA LEU B 945 35.83 -19.84 8.87
C LEU B 945 35.17 -18.94 7.83
N GLU B 946 33.93 -19.24 7.47
CA GLU B 946 33.22 -18.42 6.49
C GLU B 946 32.99 -17.02 7.02
N LYS B 947 32.72 -16.88 8.32
CA LYS B 947 32.52 -15.55 8.90
C LYS B 947 33.82 -14.77 8.95
N ARG B 948 34.94 -15.45 9.21
CA ARG B 948 36.24 -14.78 9.23
C ARG B 948 36.60 -14.26 7.85
N GLU B 949 36.37 -15.07 6.81
CA GLU B 949 36.64 -14.62 5.45
C GLU B 949 35.71 -13.47 5.07
N ARG B 950 34.44 -13.55 5.47
CA ARG B 950 33.53 -12.43 5.27
C ARG B 950 33.93 -11.20 6.05
N GLU B 951 34.61 -11.38 7.19
CA GLU B 951 35.14 -10.24 7.93
C GLU B 951 36.24 -9.54 7.15
N ASN B 952 37.11 -10.30 6.49
CA ASN B 952 38.21 -9.75 5.72
C ASN B 952 37.78 -9.21 4.36
N GLY B 953 36.48 -9.10 4.10
CA GLY B 953 36.02 -8.55 2.83
C GLY B 953 36.17 -9.47 1.65
N SER B 954 36.25 -10.77 1.87
CA SER B 954 36.39 -11.73 0.77
C SER B 954 35.05 -11.94 0.08
N ASN B 955 35.04 -11.84 -1.25
CA ASN B 955 33.86 -12.14 -2.03
C ASN B 955 33.62 -13.64 -2.19
N LEU B 956 34.66 -14.46 -1.98
CA LEU B 956 34.53 -15.91 -2.00
C LEU B 956 34.51 -16.41 -0.55
N ALA B 957 33.34 -16.28 0.08
CA ALA B 957 33.16 -16.75 1.45
C ALA B 957 32.41 -18.08 1.52
N PHE B 958 31.46 -18.30 0.61
CA PHE B 958 30.75 -19.56 0.49
C PHE B 958 31.70 -20.67 0.05
N MET B 959 32.92 -20.29 -0.30
CA MET B 959 33.86 -21.19 -0.96
C MET B 959 34.19 -22.40 -0.10
N PHE B 960 34.32 -22.22 1.21
CA PHE B 960 34.77 -23.30 2.09
C PHE B 960 33.63 -24.21 2.54
N ARG B 961 32.39 -23.93 2.14
CA ARG B 961 31.31 -24.87 2.39
C ARG B 961 31.56 -26.17 1.62
N LEU B 962 31.36 -27.30 2.30
CA LEU B 962 31.65 -28.58 1.68
C LEU B 962 30.86 -28.87 0.41
N PRO B 963 29.54 -28.64 0.35
CA PRO B 963 28.83 -28.91 -0.91
C PRO B 963 29.36 -28.11 -2.10
N PHE B 964 29.72 -26.85 -1.88
CA PHE B 964 30.25 -26.04 -2.99
C PHE B 964 31.60 -26.55 -3.46
N ALA B 965 32.49 -26.83 -2.51
CA ALA B 965 33.84 -27.29 -2.87
C ALA B 965 33.82 -28.61 -3.61
N ALA B 966 32.82 -29.46 -3.37
CA ALA B 966 32.70 -30.75 -4.03
C ALA B 966 31.90 -30.67 -5.31
N GLY B 967 31.44 -29.48 -5.71
CA GLY B 967 30.64 -29.33 -6.90
C GLY B 967 29.20 -29.73 -6.76
N ARG B 968 28.71 -29.91 -5.53
CA ARG B 968 27.33 -30.31 -5.33
C ARG B 968 26.36 -29.17 -5.56
N VAL B 969 26.80 -27.92 -5.37
CA VAL B 969 25.95 -26.76 -5.56
C VAL B 969 26.73 -25.67 -6.29
N PHE B 970 26.02 -24.96 -7.15
CA PHE B 970 26.48 -23.68 -7.67
C PHE B 970 25.27 -22.78 -7.81
N SER B 971 25.52 -21.48 -7.88
CA SER B 971 24.47 -20.50 -8.06
C SER B 971 24.64 -19.84 -9.43
N ILE B 972 23.52 -19.34 -9.96
CA ILE B 972 23.57 -18.56 -11.20
C ILE B 972 24.12 -17.16 -10.94
N SER B 973 24.18 -16.73 -9.69
CA SER B 973 24.77 -15.43 -9.36
C SER B 973 26.23 -15.31 -9.80
N MET B 974 26.93 -16.43 -9.97
CA MET B 974 28.30 -16.36 -10.49
C MET B 974 28.30 -15.85 -11.92
N LEU B 975 27.23 -16.12 -12.67
CA LEU B 975 27.16 -15.72 -14.07
C LEU B 975 27.08 -14.20 -14.19
N ASP B 976 26.45 -13.54 -13.22
CA ASP B 976 26.49 -12.09 -13.18
C ASP B 976 27.92 -11.59 -12.98
N THR B 977 28.68 -12.25 -12.11
CA THR B 977 30.08 -11.89 -11.92
C THR B 977 30.88 -12.10 -13.20
N LEU B 978 30.52 -13.11 -13.99
CA LEU B 978 31.15 -13.30 -15.29
C LEU B 978 30.88 -12.13 -16.22
N LEU B 979 29.66 -11.60 -16.18
CA LEU B 979 29.33 -10.44 -17.02
C LEU B 979 30.06 -9.19 -16.56
N TYR B 980 30.11 -8.95 -15.26
CA TYR B 980 30.81 -7.77 -14.76
C TYR B 980 32.30 -7.87 -15.02
N GLN B 981 32.86 -9.07 -14.96
CA GLN B 981 34.27 -9.27 -15.30
C GLN B 981 34.55 -8.93 -16.76
N SER B 982 33.54 -9.08 -17.63
CA SER B 982 33.73 -8.82 -19.05
C SER B 982 33.97 -7.34 -19.34
N PHE B 983 33.61 -6.44 -18.42
CA PHE B 983 33.96 -5.04 -18.59
C PHE B 983 35.46 -4.84 -18.50
N VAL B 984 36.16 -5.72 -17.78
CA VAL B 984 37.61 -5.66 -17.70
C VAL B 984 38.28 -6.78 -18.50
N LYS B 985 37.61 -7.92 -18.66
CA LYS B 985 38.15 -9.07 -19.40
C LYS B 985 37.17 -9.40 -20.53
N ASP B 986 37.39 -8.81 -21.70
CA ASP B 986 36.50 -9.04 -22.83
C ASP B 986 36.55 -10.48 -23.35
N TYR B 987 37.53 -11.26 -22.91
CA TYR B 987 37.68 -12.64 -23.34
C TYR B 987 37.01 -13.64 -22.39
N MET B 988 36.54 -13.17 -21.22
CA MET B 988 36.11 -14.10 -20.18
C MET B 988 34.90 -14.91 -20.62
N ILE B 989 33.93 -14.26 -21.28
CA ILE B 989 32.74 -14.98 -21.74
C ILE B 989 33.10 -16.05 -22.75
N THR B 990 33.98 -15.70 -23.70
CA THR B 990 34.38 -16.66 -24.73
C THR B 990 35.10 -17.84 -24.11
N ILE B 991 35.99 -17.59 -23.15
CA ILE B 991 36.74 -18.67 -22.51
C ILE B 991 35.80 -19.63 -21.80
N THR B 992 34.82 -19.07 -21.07
CA THR B 992 33.89 -19.92 -20.33
C THR B 992 33.08 -20.82 -21.26
N ARG B 993 32.54 -20.25 -22.34
CA ARG B 993 31.77 -21.05 -23.28
C ARG B 993 32.63 -22.08 -24.00
N LEU B 994 33.89 -21.74 -24.26
CA LEU B 994 34.81 -22.72 -24.85
C LEU B 994 35.03 -23.89 -23.91
N LEU B 995 35.16 -23.62 -22.61
CA LEU B 995 35.28 -24.71 -21.63
C LEU B 995 34.00 -25.50 -21.53
N LEU B 996 32.85 -24.83 -21.56
CA LEU B 996 31.56 -25.50 -21.46
C LEU B 996 31.12 -26.13 -22.77
N GLY B 997 31.83 -25.88 -23.87
CA GLY B 997 31.39 -26.37 -25.16
C GLY B 997 30.23 -25.60 -25.75
N LEU B 998 29.86 -24.47 -25.15
CA LEU B 998 28.73 -23.70 -25.64
C LEU B 998 29.00 -23.14 -27.03
N ASP B 999 30.23 -22.70 -27.30
CA ASP B 999 30.64 -22.31 -28.63
C ASP B 999 31.74 -23.25 -29.12
N THR B 1000 31.61 -23.71 -30.36
CA THR B 1000 32.52 -24.71 -30.92
C THR B 1000 33.31 -24.08 -32.05
N THR B 1001 34.55 -23.71 -31.77
CA THR B 1001 35.46 -23.21 -32.78
C THR B 1001 36.32 -24.35 -33.29
N PRO B 1002 36.39 -24.58 -34.60
CA PRO B 1002 37.27 -25.63 -35.13
C PRO B 1002 38.71 -25.39 -34.70
N GLY B 1003 39.36 -26.45 -34.22
CA GLY B 1003 40.69 -26.36 -33.70
C GLY B 1003 40.79 -25.95 -32.24
N SER B 1004 39.68 -25.92 -31.52
CA SER B 1004 39.66 -25.54 -30.11
C SER B 1004 39.34 -26.76 -29.26
N GLY B 1005 39.99 -26.86 -28.11
CA GLY B 1005 39.87 -28.02 -27.26
C GLY B 1005 38.62 -28.02 -26.40
N TYR B 1006 38.46 -29.10 -25.65
CA TYR B 1006 37.31 -29.31 -24.80
C TYR B 1006 37.75 -29.73 -23.40
N LEU B 1007 36.94 -29.39 -22.42
CA LEU B 1007 37.24 -29.76 -21.03
C LEU B 1007 36.97 -31.25 -20.81
N CYS B 1008 37.96 -31.95 -20.28
CA CYS B 1008 37.87 -33.37 -19.99
C CYS B 1008 38.39 -33.64 -18.58
N ALA B 1009 38.39 -34.91 -18.20
CA ALA B 1009 38.89 -35.31 -16.89
C ALA B 1009 39.51 -36.70 -16.99
N MET B 1010 40.59 -36.91 -16.25
CA MET B 1010 41.24 -38.20 -16.17
C MET B 1010 41.38 -38.61 -14.72
N LYS B 1011 41.24 -39.91 -14.47
CA LYS B 1011 41.36 -40.47 -13.13
C LYS B 1011 42.79 -40.90 -12.86
N ILE B 1012 43.32 -40.52 -11.71
CA ILE B 1012 44.65 -40.93 -11.29
C ILE B 1012 44.48 -42.16 -10.42
N THR B 1013 44.70 -43.33 -11.02
CA THR B 1013 44.59 -44.60 -10.31
C THR B 1013 45.96 -45.02 -9.79
N GLU B 1014 45.97 -46.13 -9.05
CA GLU B 1014 47.21 -46.61 -8.44
C GLU B 1014 48.27 -46.98 -9.46
N GLY B 1015 47.88 -47.28 -10.70
CA GLY B 1015 48.85 -47.51 -11.74
C GLY B 1015 49.53 -46.26 -12.26
N ASP B 1016 49.01 -45.09 -11.88
CA ASP B 1016 49.59 -43.82 -12.27
C ASP B 1016 50.25 -43.09 -11.09
N LEU B 1017 50.36 -43.75 -9.94
CA LEU B 1017 50.98 -43.13 -8.78
C LEU B 1017 52.50 -43.10 -8.85
N TRP B 1018 53.11 -43.79 -9.81
CA TRP B 1018 54.54 -43.59 -10.03
C TRP B 1018 54.84 -42.18 -10.53
N ILE B 1019 53.84 -41.51 -11.10
CA ILE B 1019 53.91 -40.08 -11.39
C ILE B 1019 53.63 -39.37 -10.07
N ARG B 1020 54.70 -38.99 -9.35
CA ARG B 1020 54.54 -38.56 -7.97
C ARG B 1020 53.85 -37.20 -7.87
N THR B 1021 54.20 -36.27 -8.75
CA THR B 1021 53.77 -34.88 -8.61
C THR B 1021 52.91 -34.46 -9.80
N TYR B 1022 52.25 -33.31 -9.63
CA TYR B 1022 51.40 -32.73 -10.66
C TYR B 1022 52.21 -32.20 -11.83
N GLY B 1023 53.43 -31.72 -11.58
CA GLY B 1023 54.28 -31.26 -12.65
C GLY B 1023 54.74 -32.39 -13.56
N ARG B 1024 55.03 -33.56 -12.99
CA ARG B 1024 55.43 -34.70 -13.80
C ARG B 1024 54.26 -35.21 -14.65
N LEU B 1025 53.03 -35.10 -14.13
CA LEU B 1025 51.86 -35.40 -14.94
C LEU B 1025 51.75 -34.43 -16.11
N PHE B 1026 52.02 -33.14 -15.86
CA PHE B 1026 52.04 -32.16 -16.93
C PHE B 1026 53.04 -32.54 -18.01
N GLN B 1027 54.22 -33.03 -17.60
CA GLN B 1027 55.23 -33.44 -18.57
C GLN B 1027 54.78 -34.65 -19.38
N LYS B 1028 54.21 -35.65 -18.71
CA LYS B 1028 53.78 -36.86 -19.41
C LYS B 1028 52.65 -36.56 -20.39
N LEU B 1029 51.68 -35.75 -19.98
CA LEU B 1029 50.57 -35.41 -20.87
C LEU B 1029 51.04 -34.60 -22.06
N CYS B 1030 51.93 -33.63 -21.83
CA CYS B 1030 52.43 -32.78 -22.90
C CYS B 1030 53.42 -33.50 -23.80
N SER B 1031 53.93 -34.66 -23.39
CA SER B 1031 54.87 -35.41 -24.22
C SER B 1031 54.20 -36.55 -24.98
N SER B 1032 53.00 -36.97 -24.57
CA SER B 1032 52.31 -38.09 -25.21
C SER B 1032 51.02 -37.65 -25.89
N SER B 1033 50.10 -37.02 -25.15
CA SER B 1033 48.80 -36.65 -25.70
C SER B 1033 48.60 -35.15 -25.80
N ALA B 1034 49.53 -34.34 -25.31
CA ALA B 1034 49.49 -32.88 -25.46
C ALA B 1034 48.23 -32.29 -24.81
N GLU B 1035 47.87 -32.82 -23.65
CA GLU B 1035 46.76 -32.29 -22.87
C GLU B 1035 47.28 -31.42 -21.73
N ILE B 1036 46.50 -30.39 -21.39
CA ILE B 1036 46.94 -29.38 -20.43
C ILE B 1036 46.08 -29.45 -19.17
N PRO B 1037 46.64 -29.89 -18.04
CA PRO B 1037 45.84 -29.99 -16.80
C PRO B 1037 45.51 -28.64 -16.22
N ILE B 1038 44.21 -28.33 -16.15
CA ILE B 1038 43.76 -27.12 -15.47
C ILE B 1038 44.01 -27.23 -13.96
N GLY B 1039 43.61 -28.34 -13.37
CA GLY B 1039 43.73 -28.50 -11.95
C GLY B 1039 43.41 -29.91 -11.53
N ILE B 1040 43.23 -30.10 -10.22
CA ILE B 1040 42.95 -31.40 -9.63
C ILE B 1040 41.67 -31.32 -8.81
N TYR B 1041 40.85 -32.36 -8.92
CA TYR B 1041 39.71 -32.58 -8.03
C TYR B 1041 40.14 -33.60 -6.99
N ARG B 1042 40.37 -33.15 -5.76
CA ARG B 1042 40.95 -33.97 -4.71
C ARG B 1042 39.87 -34.44 -3.76
N THR B 1043 40.05 -35.65 -3.23
CA THR B 1043 39.11 -36.25 -2.29
C THR B 1043 39.89 -36.78 -1.08
N GLU B 1044 39.37 -36.51 0.11
CA GLU B 1044 40.01 -36.93 1.35
C GLU B 1044 39.00 -37.67 2.22
N SER B 1045 39.54 -38.45 3.17
CA SER B 1045 38.70 -39.21 4.10
C SER B 1045 38.26 -38.31 5.24
N HIS B 1046 36.94 -38.13 5.38
CA HIS B 1046 36.36 -37.21 6.36
C HIS B 1046 35.18 -37.86 7.08
N VAL B 1047 35.41 -39.05 7.64
CA VAL B 1047 34.39 -39.77 8.40
C VAL B 1047 33.66 -38.81 9.33
N PHE B 1048 32.33 -38.76 9.21
CA PHE B 1048 31.52 -37.78 9.93
C PHE B 1048 30.98 -38.36 11.23
N ALA B 1128 1.46 -67.21 24.47
CA ALA B 1128 2.84 -66.77 24.61
C ALA B 1128 3.20 -65.77 23.51
N ALA B 1129 2.19 -65.32 22.78
CA ALA B 1129 2.42 -64.35 21.71
C ALA B 1129 2.91 -63.02 22.26
N ALA B 1130 2.58 -62.70 23.51
CA ALA B 1130 3.02 -61.44 24.10
C ALA B 1130 4.54 -61.37 24.21
N GLU B 1131 5.20 -62.52 24.38
CA GLU B 1131 6.66 -62.54 24.40
C GLU B 1131 7.23 -62.10 23.06
N TRP B 1132 6.65 -62.58 21.97
CA TRP B 1132 7.08 -62.14 20.65
C TRP B 1132 6.74 -60.67 20.41
N ILE B 1133 5.59 -60.22 20.91
CA ILE B 1133 5.22 -58.82 20.77
C ILE B 1133 6.21 -57.92 21.52
N SER B 1134 6.59 -58.34 22.72
CA SER B 1134 7.56 -57.57 23.50
C SER B 1134 8.91 -57.53 22.79
N GLN B 1135 9.30 -58.64 22.15
CA GLN B 1135 10.56 -58.67 21.42
C GLN B 1135 10.55 -57.67 20.26
N GLN B 1136 9.44 -57.64 19.51
CA GLN B 1136 9.33 -56.69 18.41
C GLN B 1136 9.21 -55.26 18.92
N ARG B 1137 8.59 -55.07 20.10
CA ARG B 1137 8.44 -53.73 20.64
C ARG B 1137 9.81 -53.14 21.01
N LEU B 1138 10.65 -53.93 21.69
CA LEU B 1138 11.97 -53.44 22.05
C LEU B 1138 12.84 -53.26 20.82
N SER B 1139 12.69 -54.13 19.82
CA SER B 1139 13.45 -53.99 18.58
C SER B 1139 13.07 -52.70 17.85
N LEU B 1140 11.77 -52.41 17.77
CA LEU B 1140 11.33 -51.22 17.05
C LEU B 1140 11.63 -49.96 17.82
N TYR B 1141 11.71 -50.04 19.16
CA TYR B 1141 12.09 -48.88 19.96
C TYR B 1141 13.58 -48.59 19.83
N ARG B 1142 14.40 -49.63 19.68
CA ARG B 1142 15.85 -49.47 19.58
C ARG B 1142 16.31 -49.10 18.18
N ARG B 1143 15.46 -49.26 17.16
CA ARG B 1143 15.89 -49.03 15.79
C ARG B 1143 16.16 -47.54 15.55
N SER B 1144 17.15 -47.27 14.70
CA SER B 1144 17.64 -45.93 14.50
C SER B 1144 16.87 -45.24 13.38
N GLU B 1145 17.22 -43.98 13.11
CA GLU B 1145 16.59 -43.23 12.04
C GLU B 1145 17.02 -43.73 10.66
N ARG B 1146 18.25 -44.21 10.53
CA ARG B 1146 18.71 -44.77 9.26
C ARG B 1146 17.88 -45.99 8.88
N GLN B 1147 17.56 -46.84 9.85
CA GLN B 1147 16.69 -47.98 9.59
C GLN B 1147 15.29 -47.53 9.21
N GLU B 1148 14.82 -46.43 9.81
CA GLU B 1148 13.52 -45.89 9.44
C GLU B 1148 13.50 -45.43 7.99
N LEU B 1149 14.53 -44.70 7.57
CA LEU B 1149 14.60 -44.23 6.19
C LEU B 1149 14.80 -45.39 5.23
N SER B 1150 15.61 -46.36 5.61
CA SER B 1150 15.84 -47.51 4.74
C SER B 1150 14.57 -48.32 4.52
N GLU B 1151 13.79 -48.53 5.59
CA GLU B 1151 12.56 -49.30 5.46
C GLU B 1151 11.51 -48.56 4.66
N LEU B 1152 11.46 -47.23 4.76
CA LEU B 1152 10.50 -46.46 3.97
C LEU B 1152 10.78 -46.62 2.48
N VAL B 1153 12.05 -46.56 2.09
CA VAL B 1153 12.40 -46.73 0.68
C VAL B 1153 12.07 -48.15 0.23
N LYS B 1154 12.39 -49.14 1.06
CA LYS B 1154 12.08 -50.53 0.71
C LYS B 1154 10.58 -50.78 0.65
N ASN B 1155 9.80 -50.17 1.55
CA ASN B 1155 8.36 -50.32 1.50
C ASN B 1155 7.81 -49.75 0.20
N ARG B 1156 8.30 -48.59 -0.22
CA ARG B 1156 7.87 -48.01 -1.48
C ARG B 1156 8.32 -48.85 -2.66
N MET B 1157 9.53 -49.39 -2.60
CA MET B 1157 10.06 -50.18 -3.71
C MET B 1157 9.24 -51.45 -3.93
N LYS B 1158 8.87 -52.15 -2.85
CA LYS B 1158 8.00 -53.31 -3.00
C LYS B 1158 6.60 -52.92 -3.42
N HIS B 1159 6.12 -51.75 -3.01
CA HIS B 1159 4.84 -51.26 -3.51
C HIS B 1159 4.90 -51.03 -5.02
N LEU B 1160 6.01 -50.46 -5.51
CA LEU B 1160 6.17 -50.23 -6.93
C LEU B 1160 6.61 -51.48 -7.68
N GLY B 1161 7.06 -52.52 -6.97
CA GLY B 1161 7.48 -53.76 -7.59
C GLY B 1161 8.96 -53.90 -7.80
N LEU B 1162 9.78 -52.95 -7.35
CA LEU B 1162 11.21 -53.05 -7.55
C LEU B 1162 11.85 -53.88 -6.44
N PRO B 1163 12.90 -54.65 -6.76
CA PRO B 1163 13.56 -55.46 -5.73
C PRO B 1163 14.19 -54.58 -4.65
N THR B 1164 14.11 -55.05 -3.40
CA THR B 1164 14.74 -54.34 -2.29
C THR B 1164 16.25 -54.34 -2.44
N THR B 1165 16.83 -55.47 -2.82
CA THR B 1165 18.27 -55.56 -2.99
C THR B 1165 18.72 -54.68 -4.15
N GLY B 1166 19.92 -54.12 -4.01
CA GLY B 1166 20.43 -53.12 -4.91
C GLY B 1166 20.32 -51.71 -4.39
N TYR B 1167 19.42 -51.47 -3.43
CA TYR B 1167 19.37 -50.19 -2.73
C TYR B 1167 20.56 -50.01 -1.79
N ASP B 1168 21.18 -51.10 -1.37
CA ASP B 1168 22.34 -51.03 -0.47
C ASP B 1168 23.55 -50.46 -1.19
N HIS B 1173 27.18 -42.83 4.71
CA HIS B 1173 27.57 -43.61 3.54
C HIS B 1173 28.59 -42.86 2.68
N GLN B 1174 28.62 -41.53 2.84
CA GLN B 1174 29.55 -40.67 2.11
C GLN B 1174 30.47 -40.01 3.13
N ASN B 1175 31.54 -40.71 3.49
CA ASN B 1175 32.53 -40.20 4.43
C ASN B 1175 33.74 -39.69 3.67
N THR B 1176 33.53 -38.65 2.87
CA THR B 1176 34.58 -38.09 2.04
C THR B 1176 34.45 -36.57 1.99
N LEU B 1177 35.57 -35.91 1.73
CA LEU B 1177 35.64 -34.46 1.57
C LEU B 1177 36.36 -34.16 0.27
N SER B 1178 35.75 -33.33 -0.57
CA SER B 1178 36.30 -33.03 -1.88
C SER B 1178 36.43 -31.53 -2.10
N TYR B 1179 37.42 -31.14 -2.89
CA TYR B 1179 37.66 -29.73 -3.21
C TYR B 1179 38.40 -29.66 -4.53
N VAL B 1180 38.50 -28.45 -5.07
CA VAL B 1180 39.07 -28.20 -6.39
C VAL B 1180 40.34 -27.36 -6.23
N LEU B 1181 41.42 -27.81 -6.84
CA LEU B 1181 42.69 -27.10 -6.83
C LEU B 1181 42.95 -26.56 -8.23
N ILE B 1182 42.74 -25.27 -8.43
CA ILE B 1182 42.93 -24.65 -9.74
C ILE B 1182 44.41 -24.34 -9.92
N ASN B 1183 45.01 -24.91 -10.95
CA ASN B 1183 46.41 -24.67 -11.29
C ASN B 1183 47.34 -24.83 -10.09
N PRO B 1184 47.46 -26.04 -9.54
CA PRO B 1184 48.37 -26.25 -8.43
C PRO B 1184 49.82 -26.16 -8.90
N PRO B 1185 50.74 -25.82 -8.00
CA PRO B 1185 52.16 -25.77 -8.37
C PRO B 1185 52.65 -27.13 -8.83
N PRO B 1186 53.68 -27.17 -9.68
CA PRO B 1186 54.15 -28.46 -10.21
C PRO B 1186 54.71 -29.40 -9.17
N ASP B 1187 54.90 -28.96 -7.93
CA ASP B 1187 55.43 -29.81 -6.88
C ASP B 1187 54.37 -30.51 -6.05
N THR B 1188 53.08 -30.22 -6.29
CA THR B 1188 52.03 -30.85 -5.50
C THR B 1188 51.95 -32.33 -5.79
N ARG B 1189 51.83 -33.12 -4.73
CA ARG B 1189 51.84 -34.57 -4.85
C ARG B 1189 50.49 -35.08 -5.34
N LEU B 1190 50.54 -36.12 -6.17
CA LEU B 1190 49.34 -36.76 -6.69
C LEU B 1190 48.87 -37.82 -5.71
N GLU B 1191 47.62 -37.70 -5.27
CA GLU B 1191 47.01 -38.67 -4.37
C GLU B 1191 46.11 -39.62 -5.14
N PRO B 1192 45.82 -40.80 -4.59
CA PRO B 1192 44.89 -41.71 -5.25
C PRO B 1192 43.48 -41.12 -5.29
N SER B 1193 42.71 -41.61 -6.27
CA SER B 1193 41.34 -41.15 -6.54
C SER B 1193 41.28 -39.67 -6.90
N ASP B 1194 42.38 -39.10 -7.35
CA ASP B 1194 42.40 -37.71 -7.80
C ASP B 1194 41.93 -37.62 -9.24
N ILE B 1195 41.14 -36.59 -9.54
CA ILE B 1195 40.62 -36.36 -10.87
C ILE B 1195 41.23 -35.06 -11.38
N VAL B 1196 41.91 -35.15 -12.53
CA VAL B 1196 42.62 -34.01 -13.10
C VAL B 1196 41.82 -33.45 -14.26
N TYR B 1197 41.49 -32.16 -14.17
CA TYR B 1197 40.80 -31.48 -15.27
C TYR B 1197 41.78 -31.28 -16.42
N LEU B 1198 41.34 -31.60 -17.63
CA LEU B 1198 42.18 -31.52 -18.81
C LEU B 1198 41.49 -30.71 -19.90
N ILE B 1199 42.30 -30.03 -20.71
CA ILE B 1199 41.85 -29.41 -21.94
C ILE B 1199 42.48 -30.18 -23.08
N ARG B 1200 41.75 -31.13 -23.63
CA ARG B 1200 42.26 -31.98 -24.70
C ARG B 1200 42.07 -31.29 -26.04
N SER B 1201 43.11 -31.35 -26.87
CA SER B 1201 43.07 -30.70 -28.17
C SER B 1201 42.00 -31.32 -29.06
N ASP B 1202 41.58 -30.57 -30.05
CA ASP B 1202 40.50 -31.02 -30.93
C ASP B 1202 40.94 -32.26 -31.70
N PRO B 1203 40.17 -33.35 -31.65
CA PRO B 1203 40.59 -34.56 -32.38
C PRO B 1203 40.50 -34.42 -33.88
N LEU B 1204 39.54 -33.64 -34.39
CA LEU B 1204 39.38 -33.49 -35.83
C LEU B 1204 40.36 -32.48 -36.43
N ALA B 1205 41.02 -31.68 -35.60
CA ALA B 1205 41.98 -30.69 -36.09
C ALA B 1205 43.36 -31.29 -36.20
N ARG C 110 46.33 2.82 7.79
CA ARG C 110 45.55 3.86 8.46
C ARG C 110 46.39 5.09 8.75
N SER C 111 47.51 5.22 8.04
CA SER C 111 48.39 6.37 8.23
C SER C 111 47.72 7.67 7.78
N SER C 112 46.80 7.59 6.81
CA SER C 112 46.10 8.79 6.36
C SER C 112 45.27 9.40 7.48
N LEU C 113 44.56 8.57 8.25
CA LEU C 113 43.78 9.08 9.36
C LEU C 113 44.67 9.66 10.45
N ARG C 114 45.87 9.09 10.63
CA ARG C 114 46.82 9.67 11.58
C ARG C 114 47.24 11.06 11.14
N ILE C 115 47.45 11.26 9.84
CA ILE C 115 47.87 12.56 9.34
C ILE C 115 46.79 13.61 9.59
N ARG C 116 45.53 13.27 9.28
CA ARG C 116 44.44 14.21 9.52
C ARG C 116 44.22 14.45 11.00
N LEU C 117 44.40 13.43 11.84
CA LEU C 117 44.26 13.61 13.28
C LEU C 117 45.33 14.56 13.80
N PHE C 118 46.57 14.40 13.34
CA PHE C 118 47.63 15.33 13.74
C PHE C 118 47.33 16.74 13.26
N ASN C 119 46.81 16.87 12.03
CA ASN C 119 46.44 18.18 11.53
C ASN C 119 45.31 18.78 12.36
N PHE C 120 44.30 17.96 12.70
CA PHE C 120 43.22 18.45 13.55
C PHE C 120 43.74 18.89 14.92
N SER C 121 44.68 18.13 15.47
CA SER C 121 45.31 18.54 16.73
C SER C 121 46.08 19.83 16.56
N LEU C 122 46.74 20.00 15.41
CA LEU C 122 47.49 21.24 15.15
C LEU C 122 46.56 22.44 15.09
N LYS C 123 45.43 22.31 14.41
CA LYS C 123 44.53 23.44 14.24
C LYS C 123 43.93 23.87 15.58
N LEU C 124 43.53 22.90 16.42
CA LEU C 124 43.01 23.26 17.73
C LEU C 124 44.11 23.79 18.64
N LEU C 125 45.36 23.40 18.40
CA LEU C 125 46.46 23.89 19.23
C LEU C 125 46.73 25.36 18.96
N THR C 126 46.79 25.75 17.68
CA THR C 126 47.08 27.15 17.37
C THR C 126 45.92 28.07 17.72
N CYS C 127 44.69 27.55 17.72
CA CYS C 127 43.57 28.33 18.22
C CYS C 127 43.70 28.57 19.73
N LEU C 128 44.13 27.54 20.47
CA LEU C 128 44.37 27.72 21.89
C LEU C 128 45.57 28.63 22.15
N LEU C 129 46.58 28.57 21.28
CA LEU C 129 47.70 29.49 21.41
C LEU C 129 47.26 30.93 21.21
N TYR C 130 46.31 31.16 20.29
CA TYR C 130 45.70 32.47 20.16
C TYR C 130 44.97 32.87 21.43
N ILE C 131 44.30 31.90 22.06
CA ILE C 131 43.64 32.13 23.35
C ILE C 131 44.68 32.51 24.40
N VAL C 132 45.81 31.79 24.43
CA VAL C 132 46.88 32.09 25.38
C VAL C 132 47.44 33.49 25.10
N ARG C 133 47.63 33.83 23.83
CA ARG C 133 48.08 35.17 23.45
C ARG C 133 47.19 36.24 24.09
N VAL C 134 45.91 36.24 23.76
CA VAL C 134 45.03 37.32 24.17
C VAL C 134 44.87 37.35 25.69
N LEU C 135 45.11 36.22 26.36
CA LEU C 135 45.08 36.21 27.82
C LEU C 135 46.27 36.94 28.42
N LEU C 136 47.43 36.91 27.76
CA LEU C 136 48.63 37.57 28.24
C LEU C 136 48.93 38.87 27.51
N ASP C 137 48.02 39.35 26.67
CA ASP C 137 48.21 40.60 25.93
C ASP C 137 47.36 41.68 26.59
N ASP C 138 48.02 42.63 27.24
CA ASP C 138 47.35 43.74 27.92
C ASP C 138 47.56 45.02 27.13
N PRO C 139 46.49 45.62 26.58
CA PRO C 139 46.67 46.79 25.72
C PRO C 139 46.99 48.06 26.50
N ALA C 140 46.50 48.16 27.73
CA ALA C 140 46.68 49.38 28.52
C ALA C 140 48.16 49.65 28.82
N LEU C 141 48.99 48.62 28.87
CA LEU C 141 50.43 48.82 29.08
C LEU C 141 51.03 49.60 27.92
N GLY C 142 50.63 49.27 26.71
CA GLY C 142 51.11 49.96 25.52
C GLY C 142 50.94 49.11 24.28
N ILE C 143 50.51 49.73 23.18
CA ILE C 143 50.30 49.03 21.92
C ILE C 143 51.06 49.78 20.82
N GLY C 144 51.78 49.03 20.00
CA GLY C 144 52.54 49.61 18.91
C GLY C 144 52.92 48.57 17.87
N CYS C 145 53.87 48.91 17.01
CA CYS C 145 54.35 48.01 15.96
C CYS C 145 55.72 47.48 16.39
N TRP C 146 55.70 46.42 17.19
CA TRP C 146 56.90 45.70 17.60
C TRP C 146 57.49 46.94 18.28
N GLY C 147 58.64 46.77 18.92
CA GLY C 147 59.44 47.89 19.37
C GLY C 147 60.42 49.03 19.61
N CYS C 148 60.11 50.21 19.45
CA CYS C 148 59.98 51.65 19.34
C CYS C 148 58.62 52.31 19.01
N PRO C 149 58.33 53.51 19.60
CA PRO C 149 56.98 54.06 19.54
C PRO C 149 55.63 53.36 19.67
N LYS C 150 55.71 52.47 20.89
CA LYS C 150 54.43 51.93 21.29
C LYS C 150 53.66 53.10 21.89
N GLN C 151 52.36 53.20 21.57
CA GLN C 151 51.54 54.33 21.95
C GLN C 151 50.39 53.88 22.85
N ASN C 152 50.20 54.57 23.97
CA ASN C 152 49.03 54.38 24.79
C ASN C 152 47.83 55.05 24.14
N TYR C 153 46.65 54.45 24.31
CA TYR C 153 45.44 54.89 23.62
C TYR C 153 44.27 54.96 24.58
N SER C 154 43.24 55.70 24.17
CA SER C 154 42.00 55.81 24.91
C SER C 154 40.85 55.88 23.90
N PHE C 155 39.65 55.54 24.37
CA PHE C 155 38.46 55.53 23.54
C PHE C 155 37.59 56.75 23.86
N ASN C 156 37.21 57.48 22.83
CA ASN C 156 36.35 58.66 22.96
C ASN C 156 35.02 58.36 22.29
N ASP C 157 33.96 58.29 23.09
CA ASP C 157 32.63 58.02 22.53
C ASP C 157 32.12 59.19 21.70
N SER C 158 32.51 60.42 22.05
CA SER C 158 32.07 61.59 21.29
C SER C 158 32.68 61.61 19.89
N SER C 159 34.00 61.44 19.81
CA SER C 159 34.68 61.44 18.52
C SER C 159 34.36 60.16 17.78
N SER C 160 33.75 60.28 16.60
CA SER C 160 33.29 59.11 15.85
C SER C 160 34.43 58.34 15.21
N GLU C 161 35.59 58.98 14.99
CA GLU C 161 36.70 58.29 14.36
C GLU C 161 37.27 57.23 15.30
N ILE C 162 37.70 56.11 14.72
CA ILE C 162 38.18 54.95 15.48
C ILE C 162 39.64 54.72 15.14
N ASN C 163 40.48 54.64 16.17
CA ASN C 163 41.89 54.35 15.96
C ASN C 163 42.07 52.86 15.65
N TRP C 164 42.73 52.57 14.53
CA TRP C 164 42.89 51.21 14.06
C TRP C 164 44.15 50.52 14.58
N ALA C 165 45.04 51.26 15.24
CA ALA C 165 46.25 50.64 15.78
C ALA C 165 45.95 49.55 16.81
N PRO C 166 45.05 49.74 17.80
CA PRO C 166 44.73 48.61 18.68
C PRO C 166 44.22 47.39 17.94
N ILE C 167 43.40 47.59 16.91
CA ILE C 167 42.90 46.46 16.13
C ILE C 167 44.02 45.86 15.28
N LEU C 168 44.80 46.71 14.60
CA LEU C 168 45.70 46.20 13.59
C LEU C 168 46.98 45.65 14.20
N TRP C 169 47.43 46.23 15.31
CA TRP C 169 48.63 45.78 16.02
C TRP C 169 48.24 44.99 17.27
N VAL C 170 48.91 43.87 17.49
CA VAL C 170 48.78 43.06 18.70
C VAL C 170 50.17 42.73 19.21
N GLU C 171 50.41 43.02 20.49
CA GLU C 171 51.70 42.65 21.09
C GLU C 171 51.78 41.14 21.25
N ARG C 172 52.84 40.56 20.69
CA ARG C 172 53.06 39.11 20.72
C ARG C 172 54.39 38.81 21.38
N LYS C 173 54.39 37.84 22.28
CA LYS C 173 55.62 37.46 22.97
C LYS C 173 56.61 36.83 22.00
N MET C 174 57.89 36.90 22.35
CA MET C 174 58.93 36.39 21.47
C MET C 174 58.78 34.89 21.25
N THR C 175 58.47 34.15 22.32
CA THR C 175 58.26 32.71 22.20
C THR C 175 56.97 32.41 21.45
N LEU C 176 55.94 33.25 21.64
CA LEU C 176 54.63 32.94 21.10
C LEU C 176 54.59 33.11 19.59
N TRP C 177 55.28 34.12 19.06
CA TRP C 177 55.28 34.33 17.61
C TRP C 177 56.04 33.23 16.89
N ALA C 178 57.14 32.75 17.48
CA ALA C 178 57.90 31.67 16.87
C ALA C 178 57.16 30.34 16.92
N ILE C 179 56.54 30.02 18.05
CA ILE C 179 55.86 28.73 18.18
C ILE C 179 54.62 28.68 17.30
N GLN C 180 53.92 29.80 17.15
CA GLN C 180 52.77 29.82 16.25
C GLN C 180 53.19 29.81 14.79
N VAL C 181 54.33 30.44 14.47
CA VAL C 181 54.87 30.35 13.12
C VAL C 181 55.24 28.92 12.79
N ILE C 182 55.87 28.22 13.74
CA ILE C 182 56.25 26.83 13.51
C ILE C 182 55.01 25.96 13.33
N VAL C 183 53.96 26.22 14.12
CA VAL C 183 52.73 25.43 14.00
C VAL C 183 52.03 25.72 12.68
N ALA C 184 52.00 26.99 12.28
CA ALA C 184 51.38 27.34 11.01
C ALA C 184 52.12 26.71 9.84
N ILE C 185 53.45 26.69 9.90
CA ILE C 185 54.24 26.10 8.81
C ILE C 185 53.95 24.61 8.68
N ILE C 186 53.92 23.88 9.80
CA ILE C 186 53.61 22.46 9.74
C ILE C 186 52.19 22.23 9.21
N SER C 187 51.24 23.03 9.69
CA SER C 187 49.88 22.91 9.19
C SER C 187 49.80 23.25 7.71
N PHE C 188 50.51 24.29 7.29
CA PHE C 188 50.59 24.61 5.86
C PHE C 188 51.26 23.49 5.08
N LEU C 189 52.33 22.90 5.65
CA LEU C 189 53.02 21.81 4.96
C LEU C 189 52.13 20.60 4.78
N GLU C 190 51.37 20.23 5.83
CA GLU C 190 50.58 19.01 5.76
C GLU C 190 49.36 19.17 4.87
N THR C 191 48.72 20.34 4.90
CA THR C 191 47.57 20.55 4.02
C THR C 191 47.98 20.53 2.55
N MET C 192 49.10 21.18 2.22
CA MET C 192 49.62 21.08 0.86
C MET C 192 50.23 19.72 0.59
N LEU C 193 50.65 19.00 1.63
CA LEU C 193 51.05 17.62 1.44
C LEU C 193 49.88 16.77 0.97
N LEU C 194 48.70 16.98 1.58
CA LEU C 194 47.51 16.26 1.14
C LEU C 194 47.05 16.73 -0.23
N ILE C 195 47.12 18.04 -0.49
CA ILE C 195 46.67 18.58 -1.78
C ILE C 195 47.51 18.01 -2.91
N TYR C 196 48.84 17.99 -2.74
CA TYR C 196 49.71 17.41 -3.75
C TYR C 196 49.64 15.90 -3.78
N LEU C 197 49.28 15.26 -2.67
CA LEU C 197 49.15 13.81 -2.64
C LEU C 197 47.95 13.35 -3.46
N SER C 198 46.83 14.05 -3.34
CA SER C 198 45.58 13.63 -3.96
C SER C 198 45.11 14.72 -4.93
N TYR C 199 45.14 14.41 -6.22
CA TYR C 199 44.52 15.24 -7.24
C TYR C 199 43.19 14.66 -7.71
N LYS C 200 43.15 13.35 -7.94
CA LYS C 200 41.93 12.63 -8.34
C LYS C 200 41.33 13.23 -9.61
N GLY C 201 42.19 13.51 -10.59
CA GLY C 201 41.73 13.93 -11.90
C GLY C 201 41.34 15.38 -12.04
N ASN C 202 41.62 16.21 -11.04
CA ASN C 202 41.29 17.64 -11.13
C ASN C 202 42.39 18.45 -10.46
N ILE C 203 42.97 19.38 -11.20
CA ILE C 203 43.96 20.29 -10.64
C ILE C 203 43.31 21.59 -10.17
N TRP C 204 42.27 22.04 -10.86
CA TRP C 204 41.55 23.26 -10.48
C TRP C 204 40.55 22.94 -9.37
N GLU C 205 39.68 23.89 -9.07
CA GLU C 205 38.54 23.78 -8.16
C GLU C 205 38.94 23.60 -6.70
N GLN C 206 40.24 23.54 -6.39
CA GLN C 206 40.66 23.36 -5.01
C GLN C 206 40.43 24.63 -4.17
N ILE C 207 40.64 25.80 -4.77
CA ILE C 207 40.53 27.04 -3.99
C ILE C 207 39.08 27.50 -3.89
N PHE C 208 38.23 27.14 -4.86
CA PHE C 208 36.82 27.53 -4.80
C PHE C 208 36.07 26.81 -3.70
N ARG C 209 36.39 25.54 -3.43
CA ARG C 209 35.86 24.87 -2.26
C ARG C 209 36.39 25.59 -1.02
N VAL C 210 35.51 25.98 -0.12
CA VAL C 210 35.91 26.92 0.92
C VAL C 210 36.51 26.17 2.11
N SER C 211 37.76 25.73 1.94
CA SER C 211 38.66 25.42 3.03
C SER C 211 40.08 25.89 2.77
N PHE C 212 40.46 26.09 1.50
CA PHE C 212 41.80 26.58 1.17
C PHE C 212 41.91 28.06 1.48
N VAL C 213 40.87 28.84 1.18
CA VAL C 213 40.95 30.29 1.36
C VAL C 213 41.14 30.63 2.84
N LEU C 214 40.44 29.91 3.72
CA LEU C 214 40.64 30.13 5.15
C LEU C 214 41.98 29.58 5.60
N GLU C 215 42.45 28.51 4.97
CA GLU C 215 43.75 27.94 5.32
C GLU C 215 44.88 28.91 5.02
N MET C 216 44.93 29.44 3.81
CA MET C 216 46.07 30.26 3.42
C MET C 216 46.02 31.64 4.06
N ILE C 217 44.84 32.27 4.12
CA ILE C 217 44.73 33.59 4.71
C ILE C 217 45.05 33.58 6.20
N ASN C 218 44.84 32.47 6.88
CA ASN C 218 45.18 32.36 8.30
C ASN C 218 46.58 31.79 8.55
N THR C 219 47.29 31.36 7.50
CA THR C 219 48.59 30.73 7.69
C THR C 219 49.74 31.50 7.03
N LEU C 220 49.62 31.82 5.74
CA LEU C 220 50.72 32.46 5.03
C LEU C 220 51.08 33.84 5.60
N PRO C 221 50.17 34.56 6.28
CA PRO C 221 50.63 35.75 7.02
C PRO C 221 51.70 35.44 8.04
N PHE C 222 51.65 34.28 8.69
CA PHE C 222 52.75 33.90 9.58
C PHE C 222 54.04 33.70 8.80
N ILE C 223 53.94 33.25 7.55
CA ILE C 223 55.14 33.06 6.73
C ILE C 223 55.76 34.40 6.36
N ILE C 224 54.93 35.38 6.01
CA ILE C 224 55.46 36.68 5.59
C ILE C 224 55.98 37.47 6.78
N THR C 225 55.56 37.13 8.01
CA THR C 225 56.06 37.83 9.18
C THR C 225 57.54 37.59 9.42
N ILE C 226 58.10 36.49 8.89
CA ILE C 226 59.51 36.21 9.09
C ILE C 226 60.37 37.25 8.38
N PHE C 227 59.93 37.72 7.20
CA PHE C 227 60.75 38.62 6.40
C PHE C 227 60.97 39.96 7.09
N TRP C 228 59.92 40.50 7.72
CA TRP C 228 59.98 41.84 8.31
C TRP C 228 59.86 41.75 9.83
N PRO C 229 60.84 42.22 10.57
CA PRO C 229 60.70 42.32 12.04
C PRO C 229 59.53 43.20 12.47
N PRO C 230 59.34 44.39 11.88
CA PRO C 230 58.34 45.32 12.46
C PRO C 230 56.92 44.78 12.47
N LEU C 231 56.53 43.91 11.55
CA LEU C 231 55.16 43.44 11.49
C LEU C 231 54.97 42.07 12.13
N ARG C 232 55.91 41.62 12.98
CA ARG C 232 55.70 40.38 13.72
C ARG C 232 54.53 40.51 14.69
N ASN C 233 54.29 41.72 15.20
CA ASN C 233 53.20 41.97 16.14
C ASN C 233 51.95 42.45 15.39
N LEU C 234 51.42 41.58 14.54
CA LEU C 234 50.35 41.94 13.62
C LEU C 234 49.19 40.95 13.77
N PHE C 235 47.97 41.47 13.63
CA PHE C 235 46.76 40.68 13.86
C PHE C 235 46.49 39.79 12.65
N ILE C 236 46.43 38.48 12.86
CA ILE C 236 45.74 37.64 11.87
C ILE C 236 44.66 36.83 12.61
N PRO C 237 43.40 36.58 12.08
CA PRO C 237 42.51 35.83 12.81
C PRO C 237 42.74 34.35 12.91
N VAL C 238 43.56 33.94 13.88
CA VAL C 238 43.74 32.49 14.11
C VAL C 238 42.42 31.84 14.48
N PHE C 239 41.42 32.61 14.89
CA PHE C 239 40.20 32.02 15.46
C PHE C 239 39.33 31.39 14.39
N LEU C 240 39.44 31.82 13.14
CA LEU C 240 38.68 31.18 12.07
C LEU C 240 39.27 29.81 11.70
N ASN C 241 40.52 29.56 12.09
CA ASN C 241 41.13 28.27 11.79
C ASN C 241 40.43 27.15 12.53
N CYS C 242 39.66 27.48 13.57
CA CYS C 242 38.87 26.48 14.28
C CYS C 242 37.81 25.88 13.36
N TRP C 243 37.34 26.64 12.38
CA TRP C 243 36.42 26.08 11.38
C TRP C 243 37.07 24.93 10.62
N LEU C 244 38.34 25.10 10.27
CA LEU C 244 39.04 24.04 9.54
C LEU C 244 39.19 22.80 10.38
N ALA C 245 39.41 22.97 11.69
CA ALA C 245 39.47 21.82 12.60
C ALA C 245 38.14 21.08 12.61
N LYS C 246 37.03 21.81 12.51
CA LYS C 246 35.73 21.17 12.37
C LYS C 246 35.65 20.36 11.07
N HIS C 247 36.15 20.94 9.97
CA HIS C 247 36.20 20.19 8.71
C HIS C 247 37.12 18.98 8.82
N ALA C 248 38.27 19.15 9.49
CA ALA C 248 39.16 18.02 9.71
C ALA C 248 38.52 16.94 10.56
N LEU C 249 37.56 17.31 11.40
CA LEU C 249 36.81 16.32 12.18
C LEU C 249 35.75 15.61 11.35
N GLU C 250 35.13 16.33 10.41
CA GLU C 250 34.10 15.72 9.56
C GLU C 250 34.68 14.58 8.73
N ASN C 251 35.85 14.80 8.13
CA ASN C 251 36.46 13.78 7.30
C ASN C 251 36.93 12.58 8.12
N MET C 252 37.22 12.78 9.40
CA MET C 252 37.58 11.65 10.27
C MET C 252 36.38 10.75 10.51
N ILE C 253 35.18 11.33 10.61
CA ILE C 253 33.97 10.55 10.84
C ILE C 253 33.71 9.57 9.71
N ASN C 254 34.13 9.88 8.49
CA ASN C 254 33.88 9.00 7.36
C ASN C 254 34.60 7.67 7.49
N ASP C 255 35.73 7.64 8.19
CA ASP C 255 36.57 6.44 8.27
C ASP C 255 36.35 5.67 9.56
N PHE C 256 36.46 6.33 10.71
CA PHE C 256 36.39 5.65 12.00
C PHE C 256 35.32 6.29 12.87
N HIS C 257 34.61 5.45 13.64
CA HIS C 257 33.59 5.95 14.54
C HIS C 257 34.20 6.74 15.70
N ARG C 258 35.28 6.23 16.26
CA ARG C 258 35.94 6.90 17.39
C ARG C 258 37.45 6.78 17.29
N SER C 265 25.64 4.39 16.74
CA SER C 265 26.43 5.62 16.79
C SER C 265 26.46 6.30 15.42
N ALA C 266 25.37 6.17 14.66
CA ALA C 266 25.24 6.82 13.36
C ALA C 266 24.62 8.22 13.49
N MET C 267 23.66 8.39 14.41
CA MET C 267 23.08 9.68 14.71
C MET C 267 23.97 10.53 15.61
N PHE C 268 24.88 9.90 16.36
CA PHE C 268 25.69 10.63 17.32
C PHE C 268 26.69 11.54 16.61
N ASN C 269 27.21 11.10 15.47
CA ASN C 269 28.23 11.87 14.77
C ASN C 269 27.69 13.21 14.28
N GLN C 270 26.49 13.21 13.70
CA GLN C 270 25.91 14.46 13.20
C GLN C 270 25.61 15.42 14.34
N VAL C 271 25.09 14.91 15.46
CA VAL C 271 24.83 15.76 16.62
C VAL C 271 26.13 16.34 17.15
N LEU C 272 27.18 15.51 17.24
CA LEU C 272 28.47 16.00 17.69
C LEU C 272 29.02 17.06 16.75
N ILE C 273 28.84 16.86 15.44
CA ILE C 273 29.26 17.88 14.47
C ILE C 273 28.47 19.16 14.66
N LEU C 274 27.17 19.05 14.95
CA LEU C 274 26.36 20.23 15.19
C LEU C 274 26.86 21.00 16.41
N PHE C 275 27.26 20.28 17.46
CA PHE C 275 27.85 20.95 18.62
C PHE C 275 29.17 21.62 18.24
N CYS C 276 29.95 20.99 17.35
CA CYS C 276 31.22 21.57 16.94
C CYS C 276 31.02 22.88 16.21
N THR C 277 30.09 22.92 15.25
CA THR C 277 29.84 24.16 14.52
C THR C 277 29.21 25.22 15.42
N LEU C 278 28.50 24.78 16.46
CA LEU C 278 28.04 25.72 17.49
C LEU C 278 29.22 26.27 18.28
N LEU C 279 30.16 25.39 18.65
CA LEU C 279 31.34 25.84 19.39
C LEU C 279 32.18 26.81 18.56
N CYS C 280 32.36 26.51 17.28
CA CYS C 280 33.11 27.41 16.40
C CYS C 280 32.39 28.75 16.28
N LEU C 281 31.06 28.73 16.13
CA LEU C 281 30.31 29.97 16.01
C LEU C 281 30.48 30.83 17.26
N VAL C 282 30.42 30.20 18.44
CA VAL C 282 30.67 30.93 19.67
C VAL C 282 32.12 31.38 19.74
N PHE C 283 33.06 30.46 19.47
CA PHE C 283 34.48 30.75 19.67
C PHE C 283 34.94 31.95 18.85
N THR C 284 34.69 31.92 17.54
CA THR C 284 35.05 33.05 16.69
C THR C 284 34.26 34.29 17.06
N GLY C 285 33.04 34.11 17.57
CA GLY C 285 32.29 35.24 18.08
C GLY C 285 32.99 35.94 19.23
N THR C 286 33.48 35.15 20.21
CA THR C 286 34.13 35.73 21.37
C THR C 286 35.43 36.42 20.99
N CYS C 287 36.31 35.73 20.26
CA CYS C 287 37.58 36.33 19.90
C CYS C 287 37.40 37.50 18.94
N GLY C 288 36.44 37.39 18.02
CA GLY C 288 36.19 38.50 17.11
C GLY C 288 35.70 39.74 17.85
N ILE C 289 34.74 39.56 18.76
CA ILE C 289 34.23 40.70 19.52
C ILE C 289 35.29 41.23 20.46
N GLN C 290 36.05 40.34 21.12
CA GLN C 290 37.06 40.78 22.08
C GLN C 290 38.09 41.69 21.43
N HIS C 291 38.49 41.39 20.20
CA HIS C 291 39.62 42.10 19.63
C HIS C 291 39.16 43.32 18.82
N LEU C 292 38.01 43.24 18.16
CA LEU C 292 37.48 44.42 17.48
C LEU C 292 36.98 45.45 18.48
N GLU C 293 36.66 45.03 19.70
CA GLU C 293 36.42 45.98 20.79
C GLU C 293 37.67 46.30 21.59
N ARG C 294 38.83 45.76 21.21
CA ARG C 294 40.07 46.19 21.84
C ARG C 294 40.40 47.64 21.55
N ALA C 295 39.82 48.22 20.50
CA ALA C 295 39.92 49.64 20.23
C ALA C 295 38.88 50.45 21.01
N GLY C 296 37.70 49.85 21.23
CA GLY C 296 36.65 50.54 21.95
C GLY C 296 36.05 49.73 23.09
N GLU C 297 36.18 50.27 24.32
CA GLU C 297 35.63 49.71 25.55
C GLU C 297 36.41 48.48 26.04
N ASN C 298 37.38 48.02 25.26
CA ASN C 298 38.37 47.03 25.68
C ASN C 298 37.73 45.85 26.41
N LEU C 299 36.90 45.10 25.68
CA LEU C 299 36.18 43.99 26.27
C LEU C 299 37.15 42.85 26.63
N SER C 300 36.95 42.26 27.80
CA SER C 300 37.67 41.06 28.19
C SER C 300 37.06 39.84 27.51
N LEU C 301 37.86 38.77 27.42
CA LEU C 301 37.37 37.55 26.78
C LEU C 301 36.20 36.94 27.54
N LEU C 302 36.28 36.92 28.87
CA LEU C 302 35.18 36.36 29.65
C LEU C 302 33.90 37.16 29.44
N THR C 303 34.00 38.48 29.34
CA THR C 303 32.83 39.30 29.08
C THR C 303 32.30 39.09 27.67
N SER C 304 33.19 39.04 26.67
CA SER C 304 32.74 38.83 25.30
C SER C 304 32.17 37.43 25.10
N PHE C 305 32.66 36.45 25.84
CA PHE C 305 32.09 35.10 25.76
C PHE C 305 30.65 35.10 26.27
N TYR C 306 30.41 35.77 27.40
CA TYR C 306 29.04 35.95 27.86
C TYR C 306 28.25 36.82 26.89
N PHE C 307 28.93 37.76 26.23
CA PHE C 307 28.27 38.64 25.27
C PHE C 307 27.70 37.84 24.10
N CYS C 308 28.48 36.87 23.60
CA CYS C 308 28.06 36.14 22.40
C CYS C 308 27.07 35.03 22.72
N ILE C 309 27.16 34.43 23.91
CA ILE C 309 26.23 33.37 24.27
C ILE C 309 24.81 33.91 24.33
N VAL C 310 24.63 35.07 24.97
CA VAL C 310 23.31 35.70 24.99
C VAL C 310 22.94 36.32 23.66
N THR C 311 23.88 36.42 22.73
CA THR C 311 23.58 36.93 21.39
C THR C 311 23.01 35.83 20.50
N PHE C 312 23.71 34.71 20.40
CA PHE C 312 23.25 33.61 19.56
C PHE C 312 22.03 32.91 20.13
N SER C 313 21.73 33.11 21.42
CA SER C 313 20.48 32.63 22.01
C SER C 313 19.37 33.66 21.91
N THR C 314 19.63 34.80 21.25
CA THR C 314 18.67 35.88 21.03
C THR C 314 18.17 36.50 22.32
N VAL C 315 18.88 36.32 23.43
CA VAL C 315 18.47 36.97 24.67
C VAL C 315 18.69 38.48 24.57
N GLY C 316 19.87 38.90 24.13
CA GLY C 316 20.18 40.32 23.95
C GLY C 316 20.22 41.35 25.05
N TYR C 317 20.75 40.96 26.23
CA TYR C 317 20.54 41.71 27.46
C TYR C 317 20.80 43.20 27.26
N GLY C 318 21.85 43.54 26.54
CA GLY C 318 22.18 44.93 26.28
C GLY C 318 23.11 45.58 27.29
N ASP C 319 23.48 44.88 28.36
CA ASP C 319 24.43 45.44 29.32
C ASP C 319 25.80 45.65 28.68
N VAL C 320 26.20 44.76 27.78
CA VAL C 320 27.40 44.94 26.96
C VAL C 320 26.96 44.87 25.50
N THR C 321 27.30 45.89 24.73
CA THR C 321 26.93 46.02 23.32
C THR C 321 28.11 46.56 22.52
N PRO C 322 28.13 46.33 21.22
CA PRO C 322 29.14 46.97 20.38
C PRO C 322 28.93 48.47 20.31
N LYS C 323 29.94 49.21 20.75
CA LYS C 323 29.87 50.66 20.81
C LYS C 323 30.51 51.33 19.60
N ILE C 324 31.11 50.55 18.69
CA ILE C 324 31.77 51.05 17.50
C ILE C 324 31.45 50.20 16.28
N TRP C 325 31.52 50.84 15.10
CA TRP C 325 30.84 50.30 13.91
C TRP C 325 31.35 48.95 13.42
N PRO C 326 32.65 48.66 13.30
CA PRO C 326 33.02 47.33 12.79
C PRO C 326 32.77 46.19 13.77
N SER C 327 32.55 46.47 15.06
CA SER C 327 32.01 45.45 15.94
C SER C 327 30.52 45.26 15.70
N GLN C 328 29.80 46.36 15.46
CA GLN C 328 28.38 46.27 15.15
C GLN C 328 28.17 45.50 13.85
N LEU C 329 28.99 45.78 12.84
CA LEU C 329 28.94 45.00 11.60
C LEU C 329 29.33 43.55 11.84
N LEU C 330 30.27 43.31 12.75
CA LEU C 330 30.68 41.93 13.05
C LEU C 330 29.52 41.16 13.66
N VAL C 331 28.76 41.78 14.57
CA VAL C 331 27.59 41.11 15.12
C VAL C 331 26.55 40.87 14.04
N VAL C 332 26.38 41.82 13.12
CA VAL C 332 25.40 41.66 12.05
C VAL C 332 25.76 40.47 11.17
N ILE C 333 27.01 40.40 10.72
CA ILE C 333 27.42 39.31 9.83
C ILE C 333 27.45 37.99 10.59
N MET C 334 27.76 38.01 11.88
CA MET C 334 27.73 36.79 12.67
C MET C 334 26.29 36.26 12.81
N ILE C 335 25.34 37.16 13.02
CA ILE C 335 23.94 36.74 13.07
C ILE C 335 23.52 36.17 11.73
N CYS C 336 23.90 36.82 10.63
CA CYS C 336 23.59 36.31 9.31
C CYS C 336 24.28 34.97 9.06
N VAL C 337 25.55 34.84 9.45
CA VAL C 337 26.27 33.59 9.25
C VAL C 337 25.64 32.47 10.06
N ALA C 338 25.30 32.75 11.32
CA ALA C 338 24.70 31.72 12.17
C ALA C 338 23.35 31.27 11.62
N LEU C 339 22.54 32.22 11.15
CA LEU C 339 21.22 31.88 10.65
C LEU C 339 21.24 31.22 9.27
N VAL C 340 22.40 31.16 8.60
CA VAL C 340 22.49 30.45 7.33
C VAL C 340 23.32 29.17 7.43
N VAL C 341 24.06 28.96 8.52
CA VAL C 341 24.87 27.76 8.65
C VAL C 341 24.23 26.74 9.59
N LEU C 342 23.42 27.19 10.54
CA LEU C 342 22.82 26.28 11.50
C LEU C 342 21.61 25.54 10.91
N PRO C 343 20.76 26.19 10.12
CA PRO C 343 19.70 25.44 9.42
C PRO C 343 20.23 24.27 8.61
N LEU C 344 21.38 24.42 7.93
CA LEU C 344 21.93 23.31 7.16
C LEU C 344 22.26 22.11 8.04
N GLN C 345 22.83 22.37 9.22
CA GLN C 345 23.05 21.29 10.18
C GLN C 345 21.72 20.73 10.68
N PHE C 346 20.73 21.60 10.87
CA PHE C 346 19.42 21.13 11.32
C PHE C 346 18.77 20.24 10.27
N GLU C 347 18.85 20.62 9.00
CA GLU C 347 18.25 19.81 7.93
C GLU C 347 18.94 18.46 7.82
N GLU C 348 20.25 18.42 7.99
CA GLU C 348 20.96 17.14 7.99
C GLU C 348 20.49 16.27 9.15
N LEU C 349 20.26 16.87 10.31
CA LEU C 349 19.69 16.12 11.44
C LEU C 349 18.27 15.67 11.13
N VAL C 350 17.50 16.51 10.45
CA VAL C 350 16.12 16.15 10.11
C VAL C 350 16.10 14.98 9.12
N TYR C 351 16.93 15.05 8.08
CA TYR C 351 17.03 13.93 7.14
C TYR C 351 17.51 12.67 7.85
N LEU C 352 18.46 12.82 8.77
CA LEU C 352 18.95 11.67 9.52
C LEU C 352 17.90 11.12 10.47
N TRP C 353 17.09 12.01 11.06
CA TRP C 353 16.09 11.56 12.03
C TRP C 353 14.98 10.76 11.36
N MET C 354 14.47 11.24 10.23
CA MET C 354 13.36 10.55 9.56
C MET C 354 13.79 9.17 9.09
N GLU C 355 14.99 9.06 8.51
CA GLU C 355 15.49 7.76 8.08
C GLU C 355 15.77 6.83 9.25
N ARG C 356 16.02 7.38 10.44
CA ARG C 356 16.16 6.55 11.62
C ARG C 356 14.83 5.97 12.08
N GLN C 357 13.73 6.66 11.79
CA GLN C 357 12.42 6.21 12.22
C GLN C 357 11.88 5.06 11.39
N LYS C 358 12.55 4.67 10.31
CA LYS C 358 12.11 3.55 9.49
C LYS C 358 13.21 2.49 9.40
N GLN C 369 21.40 -4.62 25.49
CA GLN C 369 20.73 -4.37 26.77
C GLN C 369 21.46 -5.09 27.90
N THR C 370 20.71 -5.91 28.65
CA THR C 370 21.23 -6.68 29.76
C THR C 370 21.60 -8.09 29.28
N GLU C 371 21.87 -8.97 30.24
CA GLU C 371 22.20 -10.35 29.94
C GLU C 371 20.94 -11.22 29.91
N LYS C 372 21.14 -12.48 29.53
CA LYS C 372 20.14 -13.54 29.67
C LYS C 372 18.85 -13.19 28.91
N HIS C 373 18.97 -13.19 27.58
CA HIS C 373 17.81 -12.96 26.73
C HIS C 373 17.45 -14.24 25.96
N VAL C 374 16.28 -14.22 25.33
CA VAL C 374 15.83 -15.29 24.45
C VAL C 374 15.34 -14.66 23.16
N VAL C 375 15.57 -15.35 22.04
CA VAL C 375 15.17 -14.87 20.73
C VAL C 375 13.93 -15.63 20.29
N LEU C 376 12.98 -14.90 19.70
CA LEU C 376 11.72 -15.47 19.22
C LEU C 376 11.63 -15.22 17.72
N CYS C 377 11.81 -16.27 16.93
CA CYS C 377 11.86 -16.16 15.48
C CYS C 377 10.52 -16.57 14.90
N VAL C 378 9.84 -15.64 14.24
CA VAL C 378 8.54 -15.86 13.63
C VAL C 378 8.55 -15.25 12.24
N SER C 379 7.58 -15.69 11.42
CA SER C 379 7.37 -15.09 10.11
C SER C 379 6.46 -13.87 10.18
N SER C 380 5.38 -13.97 10.95
CA SER C 380 4.51 -12.83 11.23
C SER C 380 4.06 -12.94 12.68
N LEU C 381 4.23 -11.85 13.43
CA LEU C 381 3.87 -11.80 14.84
C LEU C 381 2.55 -11.07 15.00
N LYS C 382 1.59 -11.74 15.65
CA LYS C 382 0.29 -11.16 15.95
C LYS C 382 0.13 -11.01 17.46
N ILE C 383 -0.90 -10.29 17.86
CA ILE C 383 -1.08 -9.96 19.27
C ILE C 383 -1.39 -11.20 20.09
N ASP C 384 -2.08 -12.18 19.49
CA ASP C 384 -2.41 -13.40 20.22
C ASP C 384 -1.16 -14.22 20.51
N LEU C 385 -0.29 -14.38 19.52
CA LEU C 385 0.92 -15.17 19.70
C LEU C 385 1.89 -14.50 20.67
N LEU C 386 1.99 -13.17 20.60
CA LEU C 386 2.89 -12.44 21.48
C LEU C 386 2.45 -12.53 22.94
N MET C 387 1.16 -12.27 23.21
CA MET C 387 0.66 -12.31 24.58
C MET C 387 0.69 -13.72 25.15
N ASP C 388 0.46 -14.73 24.30
CA ASP C 388 0.56 -16.11 24.76
C ASP C 388 1.97 -16.41 25.23
N PHE C 389 2.97 -15.94 24.49
CA PHE C 389 4.36 -16.13 24.90
C PHE C 389 4.70 -15.32 26.13
N LEU C 390 4.32 -14.04 26.14
CA LEU C 390 4.67 -13.16 27.25
C LEU C 390 4.04 -13.63 28.55
N ASN C 391 2.77 -14.05 28.50
CA ASN C 391 2.12 -14.54 29.71
C ASN C 391 2.80 -15.79 30.25
N GLU C 392 3.14 -16.72 29.36
CA GLU C 392 3.76 -17.98 29.81
C GLU C 392 5.22 -17.77 30.20
N PHE C 393 5.96 -17.00 29.41
CA PHE C 393 7.38 -16.82 29.66
C PHE C 393 7.61 -16.10 30.99
N TYR C 394 6.85 -15.05 31.25
CA TYR C 394 7.04 -14.23 32.44
C TYR C 394 6.15 -14.66 33.60
N ALA C 395 5.43 -15.76 33.47
CA ALA C 395 4.71 -16.32 34.61
C ALA C 395 5.64 -16.94 35.64
N HIS C 396 6.92 -17.10 35.32
CA HIS C 396 7.90 -17.66 36.22
C HIS C 396 8.75 -16.55 36.84
N PRO C 397 9.12 -16.69 38.12
CA PRO C 397 9.93 -15.66 38.76
C PRO C 397 11.38 -15.71 38.33
N ARG C 398 11.82 -16.89 37.89
CA ARG C 398 13.20 -17.05 37.44
C ARG C 398 13.49 -16.33 36.13
N LEU C 399 12.46 -16.10 35.31
CA LEU C 399 12.63 -15.53 33.97
C LEU C 399 12.18 -14.07 33.92
N GLN C 400 12.29 -13.35 35.04
CA GLN C 400 11.90 -11.95 35.07
C GLN C 400 13.02 -11.01 34.65
N ASP C 401 14.27 -11.39 34.88
CA ASP C 401 15.40 -10.60 34.40
C ASP C 401 15.68 -10.81 32.92
N TYR C 402 14.89 -11.65 32.26
CA TYR C 402 15.09 -11.94 30.85
C TYR C 402 14.38 -10.91 29.99
N TYR C 403 14.99 -10.57 28.85
CA TYR C 403 14.32 -9.77 27.84
C TYR C 403 14.20 -10.57 26.55
N VAL C 404 13.19 -10.24 25.76
CA VAL C 404 12.78 -11.06 24.62
C VAL C 404 13.08 -10.30 23.34
N VAL C 405 13.81 -10.94 22.45
CA VAL C 405 14.13 -10.39 21.13
C VAL C 405 13.26 -11.11 20.10
N ILE C 406 12.50 -10.34 19.33
CA ILE C 406 11.63 -10.88 18.30
C ILE C 406 12.26 -10.58 16.95
N LEU C 407 12.61 -11.64 16.22
CA LEU C 407 13.18 -11.51 14.89
C LEU C 407 12.08 -11.90 13.89
N CYS C 408 11.45 -10.89 13.28
CA CYS C 408 10.34 -11.10 12.38
C CYS C 408 10.55 -10.28 11.11
N PRO C 409 10.54 -10.93 9.94
CA PRO C 409 10.77 -10.18 8.69
C PRO C 409 9.72 -9.11 8.43
N THR C 410 8.47 -9.35 8.82
CA THR C 410 7.41 -8.41 8.53
C THR C 410 7.54 -7.17 9.42
N GLU C 411 6.92 -6.08 8.97
CA GLU C 411 6.86 -4.87 9.77
C GLU C 411 5.97 -5.09 10.98
N MET C 412 6.25 -4.34 12.05
CA MET C 412 5.54 -4.53 13.31
C MET C 412 4.05 -4.27 13.15
N ASP C 413 3.24 -5.13 13.73
CA ASP C 413 1.79 -4.98 13.68
C ASP C 413 1.37 -3.77 14.51
N VAL C 414 0.30 -3.11 14.07
CA VAL C 414 -0.19 -1.94 14.80
C VAL C 414 -0.67 -2.33 16.19
N GLN C 415 -1.35 -3.48 16.29
CA GLN C 415 -1.79 -3.97 17.60
C GLN C 415 -0.59 -4.36 18.47
N VAL C 416 0.45 -4.92 17.85
CA VAL C 416 1.65 -5.29 18.60
C VAL C 416 2.34 -4.04 19.13
N ARG C 417 2.33 -2.97 18.34
CA ARG C 417 3.01 -1.74 18.75
C ARG C 417 2.39 -1.15 20.01
N ARG C 418 1.06 -1.18 20.13
CA ARG C 418 0.40 -0.63 21.30
C ARG C 418 0.79 -1.40 22.56
N VAL C 419 0.87 -2.72 22.48
CA VAL C 419 1.23 -3.52 23.65
C VAL C 419 2.69 -3.27 24.04
N LEU C 420 3.57 -3.09 23.05
CA LEU C 420 4.96 -2.84 23.35
C LEU C 420 5.16 -1.46 23.98
N GLN C 421 4.27 -0.51 23.70
CA GLN C 421 4.36 0.79 24.34
C GLN C 421 4.02 0.73 25.82
N ILE C 422 3.27 -0.28 26.23
CA ILE C 422 3.01 -0.51 27.66
C ILE C 422 4.35 -0.66 28.38
N PRO C 423 4.60 0.06 29.49
CA PRO C 423 5.95 0.03 30.02
C PRO C 423 6.33 -1.20 30.84
N LEU C 424 5.44 -2.18 30.96
CA LEU C 424 5.85 -3.50 31.42
C LEU C 424 6.62 -4.24 30.32
N TRP C 425 6.20 -4.06 29.06
CA TRP C 425 6.82 -4.76 27.94
C TRP C 425 7.76 -3.87 27.14
N SER C 426 7.84 -2.57 27.45
CA SER C 426 8.70 -1.68 26.68
C SER C 426 10.18 -2.03 26.89
N GLN C 427 10.57 -2.33 28.13
CA GLN C 427 11.95 -2.66 28.44
C GLN C 427 12.26 -4.14 28.27
N ARG C 428 11.25 -4.99 28.17
CA ARG C 428 11.46 -6.43 28.10
C ARG C 428 11.47 -6.97 26.68
N VAL C 429 10.71 -6.37 25.77
CA VAL C 429 10.50 -6.91 24.43
C VAL C 429 11.14 -5.98 23.42
N ILE C 430 12.06 -6.52 22.61
CA ILE C 430 12.63 -5.80 21.49
C ILE C 430 12.19 -6.49 20.21
N TYR C 431 11.77 -5.70 19.23
CA TYR C 431 11.32 -6.20 17.94
C TYR C 431 12.36 -5.85 16.89
N LEU C 432 12.93 -6.87 16.25
CA LEU C 432 13.90 -6.70 15.18
C LEU C 432 13.30 -7.21 13.87
N GLN C 433 13.29 -6.34 12.86
CA GLN C 433 12.83 -6.72 11.53
C GLN C 433 14.01 -7.31 10.77
N GLY C 434 13.99 -8.62 10.59
CA GLY C 434 15.08 -9.30 9.92
C GLY C 434 14.76 -10.77 9.75
N SER C 435 15.71 -11.48 9.18
CA SER C 435 15.56 -12.89 8.85
C SER C 435 16.62 -13.70 9.57
N ALA C 436 16.24 -14.88 10.05
CA ALA C 436 17.21 -15.81 10.61
C ALA C 436 18.18 -16.31 9.56
N LEU C 437 17.84 -16.19 8.27
CA LEU C 437 18.69 -16.65 7.19
C LEU C 437 19.77 -15.63 6.82
N LYS C 438 19.73 -14.44 7.40
CA LYS C 438 20.80 -13.46 7.27
C LYS C 438 21.58 -13.41 8.57
N ASP C 439 22.87 -13.72 8.52
CA ASP C 439 23.69 -13.72 9.72
C ASP C 439 23.79 -12.34 10.35
N GLN C 440 23.66 -11.28 9.55
CA GLN C 440 23.65 -9.93 10.10
C GLN C 440 22.48 -9.72 11.04
N ASP C 441 21.29 -10.24 10.67
CA ASP C 441 20.13 -10.11 11.54
C ASP C 441 20.25 -10.99 12.77
N LEU C 442 20.98 -12.11 12.67
CA LEU C 442 21.25 -12.92 13.85
C LEU C 442 22.29 -12.29 14.75
N MET C 443 23.18 -11.46 14.20
CA MET C 443 24.11 -10.71 15.04
C MET C 443 23.41 -9.60 15.80
N ARG C 444 22.47 -8.91 15.16
CA ARG C 444 21.70 -7.87 15.85
C ARG C 444 20.87 -8.45 16.97
N ALA C 445 20.38 -9.68 16.82
CA ALA C 445 19.62 -10.36 17.85
C ALA C 445 20.50 -10.95 18.95
N LYS C 446 21.82 -10.87 18.80
CA LYS C 446 22.76 -11.47 19.74
C LYS C 446 22.47 -12.96 19.92
N MET C 447 22.32 -13.65 18.79
CA MET C 447 21.89 -15.04 18.80
C MET C 447 22.93 -15.93 19.48
N ASP C 448 24.21 -15.63 19.30
CA ASP C 448 25.27 -16.40 19.96
C ASP C 448 25.23 -16.30 21.47
N ASN C 449 24.53 -15.31 22.02
CA ASN C 449 24.41 -15.13 23.46
C ASN C 449 23.01 -15.45 23.99
N GLY C 450 22.07 -15.80 23.12
CA GLY C 450 20.71 -16.05 23.58
C GLY C 450 20.63 -17.31 24.44
N GLU C 451 19.74 -17.26 25.43
CA GLU C 451 19.54 -18.43 26.28
C GLU C 451 18.78 -19.52 25.53
N ALA C 452 17.85 -19.15 24.66
CA ALA C 452 17.05 -20.12 23.92
C ALA C 452 16.54 -19.46 22.65
N CYS C 453 16.14 -20.30 21.70
CA CYS C 453 15.54 -19.84 20.46
C CYS C 453 14.21 -20.54 20.26
N PHE C 454 13.18 -19.78 19.93
CA PHE C 454 11.85 -20.31 19.68
C PHE C 454 11.48 -20.04 18.23
N ILE C 455 11.54 -21.07 17.40
CA ILE C 455 11.11 -20.99 16.01
C ILE C 455 9.69 -21.52 15.95
N LEU C 456 8.74 -20.65 15.62
CA LEU C 456 7.33 -20.98 15.62
C LEU C 456 6.79 -20.90 14.20
N SER C 457 6.06 -21.94 13.78
CA SER C 457 5.49 -21.97 12.45
C SER C 457 4.29 -21.02 12.37
N SER C 458 4.01 -20.57 11.15
CA SER C 458 2.87 -19.71 10.87
C SER C 458 1.67 -20.59 10.49
N ARG C 459 0.64 -20.58 11.34
CA ARG C 459 -0.54 -21.40 11.10
C ARG C 459 -1.55 -20.72 10.19
N ASN C 460 -1.55 -19.39 10.15
CA ASN C 460 -2.48 -18.68 9.26
C ASN C 460 -2.12 -18.87 7.80
N GLU C 461 -0.88 -19.25 7.52
CA GLU C 461 -0.45 -19.48 6.13
C GLU C 461 -1.25 -20.62 5.52
N VAL C 462 -1.75 -20.38 4.30
CA VAL C 462 -2.57 -21.40 3.63
C VAL C 462 -1.72 -22.60 3.24
N ASP C 463 -0.45 -22.39 2.91
CA ASP C 463 0.47 -23.46 2.55
C ASP C 463 1.29 -23.82 3.78
N ARG C 464 0.96 -24.93 4.41
CA ARG C 464 1.68 -25.38 5.60
C ARG C 464 2.98 -26.09 5.28
N THR C 465 3.09 -26.72 4.12
CA THR C 465 4.36 -27.31 3.71
C THR C 465 5.41 -26.23 3.49
N ALA C 466 5.02 -25.13 2.85
CA ALA C 466 5.95 -24.02 2.66
C ALA C 466 6.32 -23.39 3.99
N ALA C 467 5.35 -23.23 4.89
CA ALA C 467 5.64 -22.69 6.21
C ALA C 467 6.58 -23.61 6.99
N ASP C 468 6.35 -24.92 6.89
CA ASP C 468 7.24 -25.87 7.55
C ASP C 468 8.64 -25.82 6.97
N HIS C 469 8.75 -25.62 5.65
CA HIS C 469 10.06 -25.46 5.03
C HIS C 469 10.77 -24.23 5.57
N GLN C 470 10.02 -23.15 5.80
CA GLN C 470 10.63 -21.92 6.32
C GLN C 470 11.17 -22.12 7.73
N THR C 471 10.43 -22.84 8.58
CA THR C 471 10.90 -23.08 9.94
C THR C 471 12.06 -24.06 9.98
N ILE C 472 12.11 -25.01 9.04
CA ILE C 472 13.24 -25.92 8.96
C ILE C 472 14.51 -25.15 8.60
N LEU C 473 14.41 -24.22 7.65
CA LEU C 473 15.55 -23.38 7.31
C LEU C 473 15.95 -22.48 8.46
N ARG C 474 14.97 -21.90 9.15
CA ARG C 474 15.27 -21.05 10.30
C ARG C 474 15.96 -21.83 11.41
N ALA C 475 15.50 -23.04 11.67
CA ALA C 475 16.18 -23.90 12.64
C ALA C 475 17.59 -24.22 12.18
N TRP C 476 17.76 -24.51 10.89
CA TRP C 476 19.10 -24.76 10.35
C TRP C 476 19.97 -23.52 10.42
N ALA C 477 19.40 -22.35 10.12
CA ALA C 477 20.17 -21.12 10.14
C ALA C 477 20.66 -20.78 11.55
N VAL C 478 19.80 -20.96 12.54
CA VAL C 478 20.18 -20.68 13.92
C VAL C 478 21.20 -21.71 14.41
N LYS C 479 21.02 -22.97 14.03
CA LYS C 479 21.99 -24.00 14.41
C LYS C 479 23.35 -23.75 13.79
N ASP C 480 23.38 -23.31 12.53
CA ASP C 480 24.64 -22.97 11.88
C ASP C 480 25.32 -21.78 12.55
N PHE C 481 24.54 -20.75 12.88
CA PHE C 481 25.11 -19.54 13.49
C PHE C 481 25.49 -19.80 14.94
N ALA C 482 24.59 -20.39 15.73
CA ALA C 482 24.78 -20.57 17.17
C ALA C 482 24.52 -22.03 17.51
N PRO C 483 25.50 -22.90 17.32
CA PRO C 483 25.31 -24.32 17.66
C PRO C 483 24.97 -24.56 19.12
N ASN C 484 25.55 -23.78 20.04
CA ASN C 484 25.29 -23.94 21.46
C ASN C 484 24.15 -23.03 21.93
N CYS C 485 23.03 -23.12 21.23
CA CYS C 485 21.81 -22.39 21.59
C CYS C 485 20.65 -23.37 21.49
N PRO C 486 19.97 -23.69 22.59
CA PRO C 486 18.86 -24.64 22.51
C PRO C 486 17.76 -24.11 21.59
N LEU C 487 17.30 -24.97 20.69
CA LEU C 487 16.24 -24.65 19.75
C LEU C 487 14.90 -25.19 20.24
N TYR C 488 13.86 -24.40 20.07
CA TYR C 488 12.50 -24.79 20.41
C TYR C 488 11.64 -24.57 19.17
N VAL C 489 11.46 -25.63 18.39
CA VAL C 489 10.84 -25.55 17.07
C VAL C 489 9.40 -26.03 17.14
N GLN C 490 8.50 -25.29 16.51
CA GLN C 490 7.10 -25.68 16.38
C GLN C 490 6.87 -26.09 14.93
N ILE C 491 6.56 -27.36 14.72
CA ILE C 491 6.42 -27.95 13.38
C ILE C 491 4.96 -28.22 13.11
N LEU C 492 4.50 -27.88 11.91
CA LEU C 492 3.11 -28.08 11.52
C LEU C 492 2.84 -29.53 11.10
N LYS C 493 3.53 -30.01 10.07
CA LYS C 493 3.25 -31.30 9.45
C LYS C 493 4.24 -32.36 9.93
N PRO C 494 3.73 -33.54 10.28
CA PRO C 494 4.62 -34.59 10.81
C PRO C 494 5.70 -35.04 9.85
N GLU C 495 5.46 -34.95 8.53
CA GLU C 495 6.46 -35.40 7.57
C GLU C 495 7.72 -34.56 7.62
N ASN C 496 7.65 -33.33 8.11
CA ASN C 496 8.79 -32.43 8.18
C ASN C 496 9.45 -32.42 9.55
N LYS C 497 9.04 -33.30 10.45
CA LYS C 497 9.52 -33.28 11.82
C LYS C 497 10.94 -33.85 11.98
N PHE C 498 11.35 -34.76 11.10
CA PHE C 498 12.67 -35.37 11.24
C PHE C 498 13.78 -34.51 10.68
N HIS C 499 13.47 -33.37 10.07
CA HIS C 499 14.48 -32.42 9.65
C HIS C 499 14.95 -31.52 10.78
N VAL C 500 14.13 -31.33 11.81
CA VAL C 500 14.50 -30.51 12.97
C VAL C 500 14.60 -31.39 14.19
N LYS C 501 14.89 -32.68 13.99
CA LYS C 501 15.05 -33.60 15.11
C LYS C 501 16.24 -33.21 15.98
N PHE C 502 17.25 -32.57 15.39
CA PHE C 502 18.40 -32.11 16.15
C PHE C 502 18.03 -31.10 17.23
N ALA C 503 16.90 -30.41 17.08
CA ALA C 503 16.50 -29.40 18.05
C ALA C 503 16.22 -30.05 19.40
N ASP C 504 16.47 -29.29 20.47
CA ASP C 504 16.31 -29.81 21.81
C ASP C 504 14.86 -30.16 22.11
N HIS C 505 13.92 -29.32 21.67
CA HIS C 505 12.51 -29.54 21.94
C HIS C 505 11.70 -29.18 20.71
N VAL C 506 10.93 -30.15 20.20
CA VAL C 506 10.12 -29.99 19.01
C VAL C 506 8.68 -30.37 19.33
N VAL C 507 7.74 -29.53 18.90
CA VAL C 507 6.31 -29.80 19.06
C VAL C 507 5.70 -29.86 17.66
N CYS C 508 5.07 -30.99 17.34
CA CYS C 508 4.34 -31.13 16.09
C CYS C 508 2.86 -30.88 16.34
N GLU C 509 2.32 -29.82 15.73
CA GLU C 509 0.94 -29.45 15.98
C GLU C 509 -0.05 -30.50 15.49
N GLU C 510 0.17 -31.06 14.30
CA GLU C 510 -0.77 -32.03 13.75
C GLU C 510 -0.79 -33.33 14.53
N GLU C 511 0.37 -33.75 15.05
CA GLU C 511 0.41 -34.97 15.87
C GLU C 511 -0.40 -34.81 17.14
N CYS C 512 -0.17 -33.71 17.87
CA CYS C 512 -0.86 -33.52 19.15
C CYS C 512 -2.32 -33.17 18.95
N LYS C 513 -2.64 -32.39 17.92
CA LYS C 513 -4.02 -32.01 17.68
C LYS C 513 -4.91 -33.23 17.48
N TYR C 514 -4.46 -34.17 16.65
CA TYR C 514 -5.30 -35.32 16.33
C TYR C 514 -5.23 -36.40 17.40
N ALA C 515 -4.12 -36.52 18.12
CA ALA C 515 -4.06 -37.44 19.24
C ALA C 515 -4.99 -37.00 20.37
N MET C 516 -5.02 -35.70 20.66
CA MET C 516 -5.95 -35.17 21.65
C MET C 516 -7.39 -35.29 21.18
N LEU C 517 -7.65 -35.02 19.90
CA LEU C 517 -9.00 -35.19 19.37
C LEU C 517 -9.43 -36.65 19.42
N ALA C 518 -8.50 -37.59 19.20
CA ALA C 518 -8.82 -39.00 19.29
C ALA C 518 -9.05 -39.44 20.73
N LEU C 519 -8.23 -38.95 21.66
CA LEU C 519 -8.41 -39.31 23.06
C LEU C 519 -9.70 -38.74 23.64
N ASN C 520 -10.13 -37.57 23.15
CA ASN C 520 -11.42 -37.03 23.56
C ASN C 520 -12.56 -37.98 23.20
N CYS C 521 -12.38 -38.77 22.14
CA CYS C 521 -13.36 -39.79 21.78
C CYS C 521 -13.28 -41.00 22.70
N ILE C 522 -12.16 -41.20 23.38
CA ILE C 522 -11.99 -42.30 24.33
C ILE C 522 -12.23 -41.79 25.73
N CYS C 523 -11.40 -40.84 26.16
CA CYS C 523 -11.52 -40.20 27.47
C CYS C 523 -12.04 -38.79 27.28
N PRO C 524 -13.25 -38.47 27.70
CA PRO C 524 -13.81 -37.14 27.41
C PRO C 524 -12.99 -36.04 28.06
N ALA C 525 -12.88 -34.92 27.34
CA ALA C 525 -12.19 -33.73 27.83
C ALA C 525 -10.73 -33.99 28.17
N THR C 526 -10.08 -34.88 27.41
CA THR C 526 -8.64 -35.07 27.58
C THR C 526 -7.88 -33.83 27.15
N SER C 527 -8.32 -33.18 26.06
CA SER C 527 -7.67 -31.96 25.61
C SER C 527 -7.76 -30.87 26.66
N THR C 528 -8.91 -30.77 27.34
CA THR C 528 -9.05 -29.82 28.45
C THR C 528 -8.10 -30.17 29.58
N LEU C 529 -7.97 -31.45 29.89
CA LEU C 529 -7.05 -31.88 30.95
C LEU C 529 -5.62 -31.52 30.61
N ILE C 530 -5.20 -31.76 29.37
CA ILE C 530 -3.84 -31.41 28.95
C ILE C 530 -3.66 -29.90 28.92
N THR C 531 -4.70 -29.17 28.50
CA THR C 531 -4.59 -27.72 28.37
C THR C 531 -4.29 -27.07 29.71
N LEU C 532 -5.02 -27.45 30.75
CA LEU C 532 -4.81 -26.84 32.06
C LEU C 532 -3.46 -27.24 32.63
N LEU C 533 -3.01 -28.47 32.39
CA LEU C 533 -1.74 -28.94 32.95
C LEU C 533 -0.55 -28.18 32.38
N VAL C 534 -0.60 -27.83 31.09
CA VAL C 534 0.56 -27.22 30.44
C VAL C 534 0.51 -25.70 30.58
N HIS C 535 -0.44 -25.21 31.37
CA HIS C 535 -0.57 -23.78 31.64
C HIS C 535 -0.11 -23.50 33.06
N THR C 536 0.75 -22.49 33.22
CA THR C 536 1.21 -22.09 34.55
C THR C 536 0.14 -21.27 35.25
N SER C 537 -0.39 -21.81 36.34
CA SER C 537 -1.45 -21.14 37.09
C SER C 537 -1.31 -21.50 38.56
N ARG C 538 -1.79 -20.61 39.42
CA ARG C 538 -1.72 -20.79 40.86
C ARG C 538 -2.99 -21.40 41.44
N GLY C 539 -3.98 -21.72 40.61
CA GLY C 539 -5.23 -22.24 41.11
C GLY C 539 -6.06 -21.24 41.89
N GLN C 540 -6.06 -19.98 41.45
CA GLN C 540 -6.81 -18.93 42.12
C GLN C 540 -8.04 -18.50 41.33
N GLU C 541 -8.37 -19.21 40.25
CA GLU C 541 -9.49 -18.85 39.41
C GLU C 541 -10.80 -19.28 40.04
N GLY C 542 -11.78 -18.38 39.99
CA GLY C 542 -13.12 -18.70 40.47
C GLY C 542 -13.18 -19.04 41.94
N GLN C 543 -12.25 -18.50 42.74
CA GLN C 543 -12.27 -18.76 44.18
C GLN C 543 -13.32 -17.93 44.91
N GLU C 544 -13.80 -16.85 44.29
CA GLU C 544 -14.88 -16.04 44.84
C GLU C 544 -16.25 -16.45 44.28
N SER C 545 -16.28 -17.44 43.40
CA SER C 545 -17.52 -17.80 42.73
C SER C 545 -18.51 -18.41 43.74
N PRO C 546 -19.79 -18.04 43.67
CA PRO C 546 -20.78 -18.68 44.55
C PRO C 546 -21.02 -20.14 44.23
N GLU C 547 -20.69 -20.58 43.01
CA GLU C 547 -20.92 -21.97 42.63
C GLU C 547 -19.79 -22.86 43.14
N GLN C 548 -20.17 -24.01 43.71
CA GLN C 548 -19.18 -24.93 44.25
C GLN C 548 -18.34 -25.55 43.14
N TRP C 549 -18.96 -25.91 42.02
CA TRP C 549 -18.22 -26.54 40.93
C TRP C 549 -17.19 -25.60 40.34
N GLN C 550 -17.47 -24.30 40.30
CA GLN C 550 -16.51 -23.35 39.76
C GLN C 550 -15.30 -23.18 40.67
N ARG C 551 -15.52 -23.19 41.99
CA ARG C 551 -14.42 -23.05 42.92
C ARG C 551 -13.48 -24.25 42.86
N MET C 552 -14.05 -25.46 42.83
CA MET C 552 -13.23 -26.66 42.78
C MET C 552 -12.62 -26.88 41.40
N TYR C 553 -13.26 -26.36 40.35
CA TYR C 553 -12.70 -26.47 39.02
C TYR C 553 -11.55 -25.49 38.82
N GLY C 554 -11.69 -24.27 39.33
CA GLY C 554 -10.61 -23.31 39.25
C GLY C 554 -9.48 -23.62 40.20
N ARG C 555 -9.76 -24.32 41.29
CA ARG C 555 -8.70 -24.73 42.20
C ARG C 555 -7.88 -25.87 41.62
N CYS C 556 -8.55 -26.94 41.19
CA CYS C 556 -7.86 -28.09 40.64
C CYS C 556 -7.14 -27.76 39.34
N SER C 557 -7.49 -26.64 38.69
CA SER C 557 -6.81 -26.24 37.47
C SER C 557 -5.41 -25.71 37.73
N GLY C 558 -5.07 -25.43 38.98
CA GLY C 558 -3.72 -25.01 39.32
C GLY C 558 -2.70 -26.13 39.34
N ASN C 559 -3.13 -27.35 39.07
CA ASN C 559 -2.22 -28.49 39.04
C ASN C 559 -1.28 -28.38 37.83
N GLU C 560 -0.04 -28.81 38.05
CA GLU C 560 0.97 -28.85 36.99
C GLU C 560 1.75 -30.14 37.17
N VAL C 561 2.66 -30.41 36.23
CA VAL C 561 3.54 -31.57 36.31
C VAL C 561 4.93 -31.08 36.70
N TYR C 562 5.45 -31.61 37.80
CA TYR C 562 6.77 -31.25 38.30
C TYR C 562 7.62 -32.49 38.44
N HIS C 563 8.94 -32.29 38.43
CA HIS C 563 9.89 -33.37 38.62
C HIS C 563 10.79 -33.04 39.80
N ILE C 564 11.23 -34.08 40.50
CA ILE C 564 12.13 -33.93 41.63
C ILE C 564 12.86 -35.24 41.84
N ARG C 565 14.13 -35.16 42.25
CA ARG C 565 14.85 -36.35 42.63
C ARG C 565 14.23 -36.95 43.89
N MET C 566 14.05 -38.27 43.88
CA MET C 566 13.30 -38.91 44.96
C MET C 566 13.99 -38.73 46.31
N GLY C 567 15.31 -38.84 46.34
CA GLY C 567 16.03 -38.67 47.60
C GLY C 567 15.90 -37.26 48.15
N ASP C 568 15.83 -36.26 47.27
CA ASP C 568 15.67 -34.88 47.66
C ASP C 568 14.22 -34.48 47.88
N SER C 569 13.28 -35.40 47.67
CA SER C 569 11.86 -35.07 47.69
C SER C 569 11.27 -35.40 49.05
N LYS C 570 10.73 -34.39 49.73
CA LYS C 570 10.02 -34.64 50.97
C LYS C 570 8.70 -35.36 50.76
N PHE C 571 8.21 -35.41 49.52
CA PHE C 571 6.97 -36.14 49.22
C PHE C 571 7.20 -37.65 49.19
N PHE C 572 8.27 -38.10 48.54
CA PHE C 572 8.45 -39.50 48.21
C PHE C 572 9.70 -40.15 48.81
N ARG C 573 10.48 -39.42 49.62
CA ARG C 573 11.70 -40.00 50.16
C ARG C 573 11.41 -41.14 51.13
N GLU C 574 10.32 -41.05 51.89
CA GLU C 574 9.98 -42.07 52.87
C GLU C 574 9.63 -43.41 52.22
N TYR C 575 9.40 -43.45 50.91
CA TYR C 575 9.02 -44.67 50.21
C TYR C 575 10.19 -45.30 49.46
N GLU C 576 11.41 -45.16 49.99
CA GLU C 576 12.56 -45.83 49.39
C GLU C 576 12.40 -47.33 49.57
N GLY C 577 12.69 -48.08 48.52
CA GLY C 577 12.51 -49.53 48.56
C GLY C 577 11.09 -50.00 48.42
N LYS C 578 10.15 -49.09 48.19
CA LYS C 578 8.74 -49.42 48.07
C LYS C 578 8.33 -49.37 46.61
N SER C 579 7.19 -50.01 46.31
CA SER C 579 6.70 -50.04 44.95
C SER C 579 6.23 -48.65 44.52
N PHE C 580 6.20 -48.43 43.21
CA PHE C 580 5.80 -47.14 42.68
C PHE C 580 4.35 -46.81 43.05
N THR C 581 3.47 -47.81 42.96
CA THR C 581 2.07 -47.58 43.24
C THR C 581 1.82 -47.31 44.72
N TYR C 582 2.60 -47.95 45.60
CA TYR C 582 2.49 -47.67 47.02
C TYR C 582 2.88 -46.22 47.32
N ALA C 583 3.95 -45.74 46.70
CA ALA C 583 4.36 -44.35 46.89
C ALA C 583 3.31 -43.39 46.35
N ALA C 584 2.75 -43.69 45.17
CA ALA C 584 1.76 -42.80 44.58
C ALA C 584 0.52 -42.69 45.44
N PHE C 585 0.04 -43.83 45.95
CA PHE C 585 -1.19 -43.81 46.75
C PHE C 585 -0.97 -43.07 48.08
N HIS C 586 0.13 -43.38 48.77
CA HIS C 586 0.36 -42.81 50.09
C HIS C 586 0.75 -41.34 50.03
N ALA C 587 1.49 -40.93 49.00
CA ALA C 587 1.80 -39.52 48.84
C ALA C 587 0.55 -38.70 48.51
N HIS C 588 -0.39 -39.28 47.78
CA HIS C 588 -1.67 -38.61 47.53
C HIS C 588 -2.53 -38.59 48.78
N LYS C 589 -2.53 -39.68 49.54
CA LYS C 589 -3.29 -39.73 50.78
C LYS C 589 -2.76 -38.74 51.80
N LYS C 590 -1.45 -38.49 51.79
CA LYS C 590 -0.80 -37.63 52.78
C LYS C 590 -0.76 -36.17 52.33
N TYR C 591 -0.22 -35.90 51.14
CA TYR C 591 -0.05 -34.54 50.66
C TYR C 591 -0.95 -34.16 49.50
N GLY C 592 -1.63 -35.12 48.86
CA GLY C 592 -2.46 -34.79 47.72
C GLY C 592 -1.71 -34.65 46.42
N VAL C 593 -0.50 -35.21 46.32
CA VAL C 593 0.29 -35.18 45.11
C VAL C 593 0.07 -36.48 44.35
N CYS C 594 0.03 -36.40 43.02
CA CYS C 594 -0.23 -37.55 42.17
C CYS C 594 1.06 -37.93 41.44
N LEU C 595 1.75 -38.94 41.96
CA LEU C 595 2.93 -39.49 41.28
C LEU C 595 2.48 -40.19 40.01
N ILE C 596 2.88 -39.66 38.85
CA ILE C 596 2.40 -40.19 37.58
C ILE C 596 3.49 -40.97 36.86
N GLY C 597 4.75 -40.65 37.13
CA GLY C 597 5.82 -41.33 36.43
C GLY C 597 7.17 -41.03 37.05
N LEU C 598 8.19 -41.70 36.50
CA LEU C 598 9.55 -41.52 36.97
C LEU C 598 10.53 -41.75 35.84
N LYS C 599 11.76 -41.28 36.04
CA LYS C 599 12.86 -41.47 35.11
C LYS C 599 14.06 -41.99 35.89
N ARG C 600 14.46 -43.23 35.59
CA ARG C 600 15.62 -43.81 36.23
C ARG C 600 16.89 -43.08 35.79
N GLU C 601 17.90 -43.09 36.67
CA GLU C 601 19.16 -42.44 36.33
C GLU C 601 19.93 -43.19 35.26
N ASP C 602 19.69 -44.49 35.11
CA ASP C 602 20.38 -45.27 34.08
C ASP C 602 19.92 -44.87 32.68
N ASN C 603 18.61 -44.75 32.48
CA ASN C 603 18.03 -44.45 31.18
C ASN C 603 17.64 -42.98 31.09
N LYS C 604 17.34 -42.55 29.88
CA LYS C 604 16.79 -41.22 29.62
C LYS C 604 15.30 -41.24 29.38
N SER C 605 14.65 -42.40 29.48
CA SER C 605 13.25 -42.55 29.14
C SER C 605 12.38 -42.35 30.36
N ILE C 606 11.32 -41.56 30.22
CA ILE C 606 10.35 -41.32 31.27
C ILE C 606 9.21 -42.32 31.11
N LEU C 607 8.87 -43.02 32.19
CA LEU C 607 7.82 -44.02 32.18
C LEU C 607 6.65 -43.54 33.03
N LEU C 608 5.46 -43.51 32.44
CA LEU C 608 4.25 -43.15 33.15
C LEU C 608 3.68 -44.40 33.82
N ASN C 609 3.54 -44.35 35.14
CA ASN C 609 3.04 -45.47 35.94
C ASN C 609 3.82 -46.74 35.64
N PRO C 610 5.07 -46.85 36.10
CA PRO C 610 5.83 -48.09 35.85
C PRO C 610 5.15 -49.34 36.39
N GLY C 611 4.38 -49.22 37.47
CA GLY C 611 3.62 -50.34 37.98
C GLY C 611 4.06 -50.77 39.35
N PRO C 612 3.42 -51.84 39.88
CA PRO C 612 3.79 -52.32 41.21
C PRO C 612 5.10 -53.07 41.27
N ARG C 613 5.54 -53.66 40.15
CA ARG C 613 6.79 -54.40 40.15
C ARG C 613 8.00 -53.48 40.24
N HIS C 614 7.84 -52.20 39.88
CA HIS C 614 8.94 -51.26 39.94
C HIS C 614 9.20 -50.86 41.39
N ILE C 615 10.47 -50.86 41.78
CA ILE C 615 10.88 -50.51 43.14
C ILE C 615 11.63 -49.18 43.09
N LEU C 616 11.25 -48.26 43.97
CA LEU C 616 11.82 -46.92 43.97
C LEU C 616 13.28 -46.94 44.39
N ALA C 617 14.04 -46.01 43.82
CA ALA C 617 15.43 -45.81 44.19
C ALA C 617 15.68 -44.32 44.37
N ALA C 618 16.61 -43.98 45.27
CA ALA C 618 16.88 -42.60 45.61
C ALA C 618 17.42 -41.80 44.43
N SER C 619 17.91 -42.45 43.39
CA SER C 619 18.42 -41.77 42.21
C SER C 619 17.33 -41.46 41.18
N ASP C 620 16.13 -42.02 41.36
CA ASP C 620 15.07 -41.80 40.38
C ASP C 620 14.52 -40.39 40.46
N THR C 621 14.13 -39.86 39.30
CA THR C 621 13.48 -38.57 39.20
C THR C 621 11.97 -38.79 39.11
N CYS C 622 11.25 -38.30 40.11
CA CYS C 622 9.81 -38.56 40.23
C CYS C 622 9.02 -37.43 39.59
N PHE C 623 8.06 -37.80 38.75
CA PHE C 623 7.18 -36.84 38.09
C PHE C 623 5.81 -36.91 38.75
N TYR C 624 5.34 -35.78 39.27
CA TYR C 624 4.11 -35.74 40.03
C TYR C 624 3.26 -34.56 39.59
N ILE C 625 1.95 -34.68 39.82
CA ILE C 625 1.01 -33.58 39.59
C ILE C 625 0.66 -32.97 40.93
N ASN C 626 0.79 -31.66 41.04
CA ASN C 626 0.49 -30.97 42.29
C ASN C 626 0.20 -29.51 41.99
N ILE C 627 -0.50 -28.86 42.92
CA ILE C 627 -0.80 -27.45 42.79
C ILE C 627 0.48 -26.62 42.77
N THR C 628 1.42 -26.93 43.66
CA THR C 628 2.64 -26.15 43.80
C THR C 628 3.84 -27.08 43.80
N LYS C 629 4.98 -26.54 43.38
CA LYS C 629 6.23 -27.26 43.47
C LYS C 629 6.54 -27.62 44.92
N GLU C 630 7.25 -28.73 45.11
CA GLU C 630 7.58 -29.15 46.47
C GLU C 630 8.42 -28.09 47.18
N GLU C 631 9.40 -27.53 46.49
CA GLU C 631 10.18 -26.44 47.06
C GLU C 631 9.30 -25.21 47.29
N ASN C 632 8.44 -24.89 46.33
CA ASN C 632 7.52 -23.78 46.49
C ASN C 632 6.38 -24.09 47.45
N SER C 633 6.23 -25.35 47.87
CA SER C 633 5.28 -25.73 48.90
C SER C 633 5.92 -25.79 50.28
N ALA C 634 6.89 -24.92 50.55
CA ALA C 634 7.50 -24.89 51.88
C ALA C 634 6.51 -24.49 52.96
N PHE C 635 5.36 -23.92 52.60
CA PHE C 635 4.36 -23.54 53.60
C PHE C 635 3.61 -24.76 54.14
N ILE C 636 3.24 -25.70 53.26
CA ILE C 636 2.45 -26.84 53.71
C ILE C 636 3.27 -27.76 54.61
N PHE C 637 4.57 -27.90 54.30
CA PHE C 637 5.44 -28.67 55.19
C PHE C 637 5.55 -28.00 56.55
N LYS C 638 5.65 -26.68 56.58
CA LYS C 638 5.55 -25.95 57.84
C LYS C 638 4.13 -26.05 58.40
N GLN C 639 3.11 -26.02 57.53
CA GLN C 639 1.74 -26.24 57.98
C GLN C 639 1.57 -27.66 58.52
N GLU C 640 2.32 -28.62 57.97
CA GLU C 640 2.35 -29.96 58.55
C GLU C 640 2.94 -29.90 59.95
N GLU C 641 4.00 -29.11 60.14
CA GLU C 641 4.55 -28.87 61.46
C GLU C 641 3.62 -28.07 62.36
N LYS C 642 2.70 -27.30 61.78
CA LYS C 642 1.70 -26.61 62.59
C LYS C 642 0.78 -27.60 63.29
N ARG C 643 0.42 -28.68 62.60
CA ARG C 643 -0.36 -29.75 63.23
C ARG C 643 0.47 -30.52 64.25
N LYS C 644 1.76 -30.71 64.00
CA LYS C 644 2.63 -31.42 64.91
C LYS C 644 2.90 -30.62 66.18
N ILE C 710 -12.02 -52.12 51.58
CA ILE C 710 -11.03 -52.03 50.53
C ILE C 710 -9.70 -52.63 50.99
N ALA C 711 -9.11 -53.49 50.17
CA ALA C 711 -7.84 -54.09 50.50
C ALA C 711 -6.74 -53.04 50.57
N PRO C 712 -5.78 -53.19 51.47
CA PRO C 712 -4.71 -52.20 51.60
C PRO C 712 -3.66 -52.37 50.52
N VAL C 713 -3.06 -51.25 50.11
CA VAL C 713 -2.00 -51.29 49.11
C VAL C 713 -0.76 -51.93 49.71
N LEU C 714 -0.17 -52.86 48.96
CA LEU C 714 0.96 -53.64 49.45
C LEU C 714 2.28 -52.90 49.23
N GLU C 715 3.19 -53.07 50.19
CA GLU C 715 4.53 -52.50 50.04
C GLU C 715 5.28 -53.12 48.87
N LEU C 716 5.16 -54.43 48.71
CA LEU C 716 5.81 -55.16 47.63
C LEU C 716 4.75 -55.81 46.74
N ALA C 717 5.04 -55.87 45.45
CA ALA C 717 4.11 -56.46 44.49
C ALA C 717 3.97 -57.96 44.72
N VAL C 747 -15.44 -61.35 11.82
CA VAL C 747 -14.02 -61.31 11.51
C VAL C 747 -13.23 -60.88 12.75
N GLU C 748 -12.26 -61.71 13.14
CA GLU C 748 -11.40 -61.41 14.28
C GLU C 748 -10.14 -60.71 13.81
N TYR C 749 -9.63 -59.83 14.66
CA TYR C 749 -8.50 -58.97 14.31
C TYR C 749 -7.20 -59.51 14.88
N VAL C 750 -6.12 -59.29 14.14
CA VAL C 750 -4.78 -59.64 14.61
C VAL C 750 -4.19 -58.44 15.33
N LYS C 751 -3.14 -58.67 16.12
CA LYS C 751 -2.47 -57.62 16.87
C LYS C 751 -1.05 -57.47 16.33
N GLY C 752 -0.76 -56.33 15.72
CA GLY C 752 0.55 -56.09 15.15
C GLY C 752 0.73 -54.63 14.84
N TYR C 753 1.89 -54.32 14.25
CA TYR C 753 2.18 -52.93 13.92
C TYR C 753 1.70 -52.62 12.50
N PRO C 754 1.21 -51.41 12.26
CA PRO C 754 0.82 -51.01 10.90
C PRO C 754 1.99 -51.12 9.96
N PRO C 755 1.80 -51.78 8.80
CA PRO C 755 2.94 -52.07 7.92
C PRO C 755 3.60 -50.83 7.33
N ASN C 756 2.83 -49.97 6.66
CA ASN C 756 3.37 -48.83 5.92
C ASN C 756 3.27 -47.58 6.78
N SER C 757 4.35 -47.24 7.47
CA SER C 757 4.38 -46.01 8.24
C SER C 757 4.37 -44.81 7.30
N PRO C 758 3.48 -43.84 7.51
CA PRO C 758 3.37 -42.74 6.54
C PRO C 758 4.54 -41.79 6.54
N TYR C 759 5.26 -41.64 7.65
CA TYR C 759 6.35 -40.68 7.73
C TYR C 759 7.41 -41.18 8.69
N ILE C 760 8.58 -40.56 8.61
CA ILE C 760 9.70 -40.88 9.49
C ILE C 760 9.47 -40.21 10.84
N GLY C 761 9.66 -40.98 11.91
CA GLY C 761 9.38 -40.49 13.24
C GLY C 761 8.07 -40.95 13.82
N SER C 762 7.22 -41.60 13.01
CA SER C 762 5.97 -42.16 13.51
C SER C 762 6.26 -43.28 14.48
N SER C 763 5.94 -43.08 15.75
CA SER C 763 6.21 -44.10 16.75
C SER C 763 5.36 -45.33 16.48
N PRO C 764 5.94 -46.51 16.40
CA PRO C 764 5.16 -47.72 16.09
C PRO C 764 4.37 -48.19 17.30
N THR C 765 3.05 -48.15 17.18
CA THR C 765 2.15 -48.59 18.23
C THR C 765 1.47 -49.89 17.81
N LEU C 766 1.51 -50.90 18.68
CA LEU C 766 0.77 -52.13 18.43
C LEU C 766 -0.71 -51.83 18.40
N CYS C 767 -1.37 -52.18 17.30
CA CYS C 767 -2.76 -51.83 17.06
C CYS C 767 -3.56 -53.07 16.71
N HIS C 768 -4.88 -52.92 16.72
CA HIS C 768 -5.77 -53.93 16.16
C HIS C 768 -5.71 -53.83 14.64
N LEU C 769 -5.28 -54.91 14.00
CA LEU C 769 -5.07 -54.90 12.56
C LEU C 769 -6.00 -55.91 11.89
N LEU C 770 -6.42 -55.58 10.68
CA LEU C 770 -7.17 -56.53 9.87
C LEU C 770 -6.26 -57.67 9.46
N PRO C 771 -6.77 -58.90 9.42
CA PRO C 771 -5.93 -60.03 8.99
C PRO C 771 -5.38 -59.86 7.58
N VAL C 772 -6.16 -59.26 6.67
CA VAL C 772 -5.72 -58.99 5.31
C VAL C 772 -5.94 -57.51 5.03
N LYS C 773 -5.10 -56.94 4.16
CA LYS C 773 -5.27 -55.55 3.78
C LYS C 773 -6.61 -55.32 3.11
N ALA C 774 -7.30 -54.28 3.54
CA ALA C 774 -8.58 -53.94 2.93
C ALA C 774 -8.36 -53.22 1.61
N PRO C 775 -8.96 -53.69 0.52
CA PRO C 775 -8.82 -52.97 -0.76
C PRO C 775 -9.39 -51.57 -0.66
N PHE C 776 -8.82 -50.66 -1.45
CA PHE C 776 -9.19 -49.26 -1.38
C PHE C 776 -10.66 -49.02 -1.69
N CYS C 777 -11.31 -49.93 -2.42
CA CYS C 777 -12.74 -49.80 -2.66
C CYS C 777 -13.55 -50.04 -1.40
N CYS C 778 -13.10 -50.95 -0.53
CA CYS C 778 -13.84 -51.26 0.68
C CYS C 778 -13.68 -50.19 1.76
N LEU C 779 -12.74 -49.26 1.58
CA LEU C 779 -12.57 -48.17 2.52
C LEU C 779 -13.51 -47.00 2.24
N ARG C 780 -14.28 -47.05 1.16
CA ARG C 780 -15.19 -45.98 0.79
C ARG C 780 -16.59 -46.31 1.27
N LEU C 781 -17.16 -45.43 2.10
CA LEU C 781 -18.52 -45.61 2.57
C LEU C 781 -19.56 -45.15 1.56
N ASP C 782 -19.17 -44.31 0.59
CA ASP C 782 -20.11 -43.84 -0.42
C ASP C 782 -20.45 -44.94 -1.41
N LYS C 783 -19.47 -45.39 -2.19
CA LYS C 783 -19.73 -46.23 -3.33
C LYS C 783 -19.71 -47.70 -2.94
N GLY C 784 -20.64 -48.47 -3.50
CA GLY C 784 -20.59 -49.91 -3.35
C GLY C 784 -19.55 -50.53 -4.26
N CYS C 785 -19.05 -51.69 -3.84
CA CYS C 785 -17.98 -52.35 -4.59
C CYS C 785 -18.32 -53.82 -4.84
N LYS C 786 -17.33 -54.57 -5.32
CA LYS C 786 -17.54 -56.00 -5.58
C LYS C 786 -17.84 -56.74 -4.28
N HIS C 787 -17.14 -56.39 -3.21
CA HIS C 787 -17.31 -57.10 -1.93
C HIS C 787 -18.59 -56.69 -1.21
N ASN C 788 -19.07 -55.46 -1.43
CA ASN C 788 -20.27 -55.00 -0.75
C ASN C 788 -21.00 -53.97 -1.62
N SER C 789 -22.32 -54.02 -1.57
CA SER C 789 -23.17 -53.06 -2.27
C SER C 789 -23.60 -51.91 -1.37
N TYR C 790 -23.05 -51.83 -0.15
CA TYR C 790 -23.46 -50.80 0.80
C TYR C 790 -23.09 -49.42 0.28
N GLU C 791 -24.02 -48.48 0.41
CA GLU C 791 -23.82 -47.11 -0.06
C GLU C 791 -23.88 -46.07 1.05
N ASP C 792 -24.22 -46.47 2.28
CA ASP C 792 -24.19 -45.56 3.42
C ASP C 792 -24.02 -46.41 4.67
N ALA C 793 -23.83 -45.73 5.81
CA ALA C 793 -23.56 -46.42 7.06
C ALA C 793 -24.72 -47.29 7.53
N LYS C 794 -25.96 -46.98 7.11
CA LYS C 794 -27.09 -47.80 7.49
C LYS C 794 -27.01 -49.19 6.89
N ALA C 795 -26.59 -49.29 5.63
CA ALA C 795 -26.42 -50.59 4.99
C ALA C 795 -25.33 -51.42 5.66
N TYR C 796 -24.34 -50.77 6.26
CA TYR C 796 -23.30 -51.51 6.96
C TYR C 796 -23.84 -52.16 8.23
N GLY C 797 -24.64 -51.43 9.00
CA GLY C 797 -25.18 -51.94 10.25
C GLY C 797 -24.13 -52.17 11.30
N PHE C 798 -23.42 -51.10 11.68
CA PHE C 798 -22.38 -51.23 12.68
C PHE C 798 -22.98 -51.56 14.05
N LYS C 799 -22.21 -52.34 14.83
CA LYS C 799 -22.65 -52.67 16.18
C LYS C 799 -22.45 -51.51 17.15
N ASN C 800 -21.37 -50.75 16.99
CA ASN C 800 -21.04 -49.65 17.87
C ASN C 800 -21.34 -48.31 17.22
N LYS C 801 -21.20 -47.25 18.01
CA LYS C 801 -21.45 -45.90 17.52
C LYS C 801 -20.25 -45.37 16.76
N LEU C 802 -20.54 -44.58 15.74
CA LEU C 802 -19.51 -44.13 14.79
C LEU C 802 -18.83 -42.86 15.28
N ILE C 803 -17.57 -42.70 14.89
CA ILE C 803 -16.83 -41.46 15.06
C ILE C 803 -16.64 -40.86 13.68
N ILE C 804 -17.24 -39.69 13.46
CA ILE C 804 -17.19 -39.01 12.17
C ILE C 804 -16.21 -37.85 12.30
N VAL C 805 -15.16 -37.88 11.49
CA VAL C 805 -14.15 -36.82 11.48
C VAL C 805 -14.38 -36.00 10.23
N SER C 806 -14.73 -34.73 10.41
CA SER C 806 -14.95 -33.81 9.30
C SER C 806 -13.65 -33.04 9.06
N ALA C 807 -12.83 -33.57 8.16
CA ALA C 807 -11.55 -32.97 7.83
C ALA C 807 -11.55 -32.49 6.39
N GLU C 808 -10.62 -31.59 6.08
CA GLU C 808 -10.48 -31.08 4.73
C GLU C 808 -9.70 -32.05 3.85
N THR C 809 -8.47 -32.37 4.26
CA THR C 809 -7.61 -33.28 3.52
C THR C 809 -7.13 -34.38 4.45
N ALA C 810 -6.96 -35.58 3.91
CA ALA C 810 -6.48 -36.72 4.67
C ALA C 810 -4.97 -36.82 4.52
N GLY C 811 -4.25 -36.58 5.61
CA GLY C 811 -2.80 -36.61 5.61
C GLY C 811 -2.27 -37.44 6.76
N ASN C 812 -1.06 -37.07 7.20
CA ASN C 812 -0.43 -37.78 8.31
C ASN C 812 -1.06 -37.40 9.65
N GLY C 813 -1.67 -36.22 9.73
CA GLY C 813 -2.39 -35.87 10.94
C GLY C 813 -3.57 -36.77 11.20
N LEU C 814 -4.37 -37.05 10.17
CA LEU C 814 -5.49 -37.97 10.32
C LEU C 814 -5.02 -39.37 10.66
N TYR C 815 -3.81 -39.74 10.24
CA TYR C 815 -3.24 -41.02 10.66
C TYR C 815 -3.03 -41.05 12.17
N ASN C 816 -2.59 -39.93 12.74
CA ASN C 816 -2.42 -39.83 14.18
C ASN C 816 -3.75 -39.77 14.93
N PHE C 817 -4.87 -39.64 14.22
CA PHE C 817 -6.17 -39.73 14.85
C PHE C 817 -6.65 -41.18 14.94
N ILE C 818 -6.35 -41.98 13.91
CA ILE C 818 -6.82 -43.35 13.86
C ILE C 818 -6.00 -44.26 14.77
N VAL C 819 -4.69 -43.98 14.91
CA VAL C 819 -3.82 -44.86 15.68
C VAL C 819 -4.25 -44.99 17.14
N PRO C 820 -4.51 -43.91 17.88
CA PRO C 820 -4.92 -44.10 19.29
C PRO C 820 -6.21 -44.86 19.44
N LEU C 821 -7.14 -44.75 18.49
CA LEU C 821 -8.42 -45.43 18.57
C LEU C 821 -8.35 -46.90 18.20
N ARG C 822 -7.26 -47.33 17.57
CA ARG C 822 -7.09 -48.72 17.17
C ARG C 822 -5.99 -49.42 17.97
N ALA C 823 -5.51 -48.80 19.04
CA ALA C 823 -4.40 -49.35 19.79
C ALA C 823 -4.78 -50.67 20.45
N TYR C 824 -3.77 -51.50 20.72
CA TYR C 824 -4.01 -52.86 21.17
C TYR C 824 -4.62 -52.90 22.56
N TYR C 825 -4.30 -51.93 23.42
CA TYR C 825 -4.89 -51.92 24.75
C TYR C 825 -6.32 -51.41 24.76
N ARG C 826 -6.76 -50.73 23.70
CA ARG C 826 -8.17 -50.38 23.56
C ARG C 826 -8.99 -51.65 23.37
N SER C 827 -10.17 -51.68 23.98
CA SER C 827 -11.03 -52.84 23.90
C SER C 827 -11.47 -53.08 22.46
N ARG C 828 -11.45 -54.34 22.05
CA ARG C 828 -11.82 -54.72 20.70
C ARG C 828 -13.33 -54.67 20.47
N LYS C 829 -14.12 -55.02 21.48
CA LYS C 829 -15.58 -54.93 21.34
C LYS C 829 -16.04 -53.47 21.34
N GLU C 830 -15.35 -52.62 22.09
CA GLU C 830 -15.68 -51.19 22.13
C GLU C 830 -15.06 -50.41 20.98
N LEU C 831 -14.59 -51.08 19.94
CA LEU C 831 -14.02 -50.37 18.80
C LEU C 831 -15.11 -49.60 18.06
N ASN C 832 -14.87 -48.32 17.87
CA ASN C 832 -15.84 -47.45 17.21
C ASN C 832 -15.46 -47.27 15.75
N PRO C 833 -16.38 -47.52 14.82
CA PRO C 833 -16.08 -47.25 13.41
C PRO C 833 -15.73 -45.78 13.20
N ILE C 834 -14.73 -45.55 12.36
CA ILE C 834 -14.24 -44.20 12.09
C ILE C 834 -14.61 -43.87 10.64
N VAL C 835 -15.40 -42.83 10.47
CA VAL C 835 -15.80 -42.36 9.14
C VAL C 835 -15.16 -41.00 8.92
N LEU C 836 -14.31 -40.91 7.90
CA LEU C 836 -13.60 -39.68 7.57
C LEU C 836 -14.40 -38.92 6.52
N LEU C 837 -14.94 -37.77 6.91
CA LEU C 837 -15.73 -36.94 6.01
C LEU C 837 -14.80 -35.91 5.40
N LEU C 838 -14.16 -36.29 4.30
CA LEU C 838 -13.11 -35.49 3.69
C LEU C 838 -13.67 -34.59 2.59
N ASP C 839 -13.12 -33.38 2.50
CA ASP C 839 -13.46 -32.47 1.42
C ASP C 839 -12.83 -32.92 0.11
N ASN C 840 -11.59 -33.40 0.16
CA ASN C 840 -10.86 -33.85 -1.02
C ASN C 840 -10.67 -35.35 -0.97
N LYS C 841 -10.55 -35.97 -2.15
CA LYS C 841 -10.32 -37.40 -2.21
C LYS C 841 -8.94 -37.74 -1.65
N PRO C 842 -8.85 -38.69 -0.74
CA PRO C 842 -7.55 -39.04 -0.17
C PRO C 842 -6.62 -39.64 -1.20
N ASP C 843 -5.34 -39.30 -1.08
CA ASP C 843 -4.33 -39.89 -1.94
C ASP C 843 -4.04 -41.32 -1.52
N HIS C 844 -3.40 -42.07 -2.42
CA HIS C 844 -3.24 -43.51 -2.21
C HIS C 844 -2.25 -43.82 -1.08
N HIS C 845 -1.39 -42.88 -0.71
CA HIS C 845 -0.48 -43.14 0.41
C HIS C 845 -1.23 -43.17 1.73
N PHE C 846 -2.20 -42.27 1.90
CA PHE C 846 -3.02 -42.30 3.12
C PHE C 846 -3.86 -43.57 3.19
N LEU C 847 -4.47 -43.96 2.07
CA LEU C 847 -5.27 -45.17 2.04
C LEU C 847 -4.42 -46.41 2.33
N GLU C 848 -3.21 -46.44 1.79
CA GLU C 848 -2.31 -47.55 2.08
C GLU C 848 -1.88 -47.56 3.54
N ALA C 849 -1.85 -46.39 4.18
CA ALA C 849 -1.48 -46.31 5.59
C ALA C 849 -2.61 -46.78 6.51
N ILE C 850 -3.86 -46.64 6.08
CA ILE C 850 -5.02 -46.96 6.90
C ILE C 850 -5.77 -48.19 6.41
N CYS C 851 -5.28 -48.84 5.36
CA CYS C 851 -5.98 -50.01 4.83
C CYS C 851 -5.93 -51.20 5.77
N CYS C 852 -5.02 -51.21 6.74
CA CYS C 852 -4.89 -52.31 7.67
C CYS C 852 -5.75 -52.15 8.91
N PHE C 853 -6.39 -51.00 9.10
CA PHE C 853 -7.17 -50.70 10.29
C PHE C 853 -8.63 -51.13 10.09
N PRO C 854 -9.21 -51.82 11.08
CA PRO C 854 -10.60 -52.28 10.94
C PRO C 854 -11.58 -51.13 11.11
N MET C 855 -12.63 -51.14 10.29
CA MET C 855 -13.74 -50.18 10.38
C MET C 855 -13.26 -48.74 10.32
N VAL C 856 -12.43 -48.45 9.33
CA VAL C 856 -12.03 -47.07 9.00
C VAL C 856 -12.46 -46.79 7.58
N TYR C 857 -13.41 -45.87 7.42
CA TYR C 857 -13.99 -45.55 6.13
C TYR C 857 -13.88 -44.05 5.89
N TYR C 858 -14.02 -43.65 4.62
CA TYR C 858 -13.95 -42.26 4.24
C TYR C 858 -15.09 -41.93 3.27
N MET C 859 -15.41 -40.65 3.19
CA MET C 859 -16.49 -40.20 2.31
C MET C 859 -16.29 -38.73 1.98
N GLU C 860 -16.78 -38.34 0.80
CA GLU C 860 -16.66 -36.97 0.33
C GLU C 860 -17.83 -36.14 0.86
N GLY C 861 -17.52 -35.02 1.50
CA GLY C 861 -18.54 -34.18 2.07
C GLY C 861 -17.92 -33.22 3.06
N SER C 862 -18.79 -32.54 3.81
CA SER C 862 -18.35 -31.54 4.76
C SER C 862 -19.38 -31.42 5.87
N VAL C 863 -19.00 -30.71 6.93
CA VAL C 863 -19.90 -30.51 8.05
C VAL C 863 -21.06 -29.58 7.70
N ASP C 864 -20.93 -28.76 6.65
CA ASP C 864 -22.01 -27.87 6.25
C ASP C 864 -23.01 -28.54 5.32
N ASN C 865 -22.71 -29.73 4.81
CA ASN C 865 -23.60 -30.46 3.92
C ASN C 865 -24.35 -31.50 4.74
N LEU C 866 -25.65 -31.26 4.97
CA LEU C 866 -26.43 -32.16 5.80
C LEU C 866 -26.69 -33.50 5.11
N ASP C 867 -26.75 -33.52 3.77
CA ASP C 867 -26.92 -34.79 3.07
C ASP C 867 -25.75 -35.72 3.36
N SER C 868 -24.53 -35.21 3.28
CA SER C 868 -23.35 -36.02 3.54
C SER C 868 -23.31 -36.51 4.97
N LEU C 869 -23.65 -35.64 5.92
CA LEU C 869 -23.61 -36.02 7.33
C LEU C 869 -24.60 -37.13 7.64
N LEU C 870 -25.80 -37.07 7.07
CA LEU C 870 -26.77 -38.14 7.25
C LEU C 870 -26.29 -39.43 6.58
N GLN C 871 -25.55 -39.31 5.48
CA GLN C 871 -24.95 -40.49 4.85
C GLN C 871 -23.85 -41.09 5.71
N CYS C 872 -23.14 -40.25 6.47
CA CYS C 872 -22.06 -40.73 7.32
C CYS C 872 -22.59 -41.65 8.41
N GLY C 873 -23.78 -41.36 8.93
CA GLY C 873 -24.30 -42.09 10.07
C GLY C 873 -24.33 -41.22 11.31
N ILE C 874 -24.58 -39.92 11.10
CA ILE C 874 -24.60 -38.97 12.21
C ILE C 874 -25.77 -39.27 13.16
N ILE C 875 -26.74 -40.06 12.72
CA ILE C 875 -27.86 -40.42 13.57
C ILE C 875 -27.39 -41.24 14.76
N TYR C 876 -26.46 -42.16 14.53
CA TYR C 876 -25.96 -43.08 15.55
C TYR C 876 -24.44 -42.94 15.66
N ALA C 877 -23.97 -41.69 15.71
CA ALA C 877 -22.56 -41.38 15.91
C ALA C 877 -22.40 -40.76 17.28
N ASP C 878 -21.53 -41.35 18.11
CA ASP C 878 -21.33 -40.82 19.45
C ASP C 878 -20.50 -39.54 19.44
N ASN C 879 -19.58 -39.43 18.49
CA ASN C 879 -18.70 -38.27 18.40
C ASN C 879 -18.65 -37.76 16.97
N LEU C 880 -18.65 -36.44 16.83
CA LEU C 880 -18.43 -35.77 15.55
C LEU C 880 -17.29 -34.77 15.73
N VAL C 881 -16.12 -35.10 15.17
CA VAL C 881 -14.93 -34.28 15.33
C VAL C 881 -14.81 -33.39 14.11
N VAL C 882 -14.96 -32.08 14.31
CA VAL C 882 -14.86 -31.10 13.24
C VAL C 882 -13.50 -30.44 13.35
N VAL C 883 -12.62 -30.72 12.40
CA VAL C 883 -11.29 -30.12 12.33
C VAL C 883 -11.14 -29.21 11.13
N ASP C 884 -12.25 -28.92 10.45
CA ASP C 884 -12.21 -28.12 9.22
C ASP C 884 -11.64 -26.72 9.49
N LYS C 885 -10.87 -26.22 8.53
CA LYS C 885 -10.31 -24.89 8.61
C LYS C 885 -10.46 -24.19 7.26
N GLU C 886 -10.55 -22.87 7.30
CA GLU C 886 -10.70 -22.07 6.09
C GLU C 886 -9.43 -21.29 5.78
N ALA C 891 -8.58 -14.58 6.82
CA ALA C 891 -9.31 -13.34 7.04
C ALA C 891 -8.40 -12.24 7.57
N GLU C 892 -8.73 -10.99 7.26
CA GLU C 892 -7.95 -9.87 7.76
C GLU C 892 -8.17 -9.68 9.26
N GLU C 893 -9.43 -9.59 9.69
CA GLU C 893 -9.74 -9.57 11.11
C GLU C 893 -9.49 -10.95 11.70
N ASP C 894 -8.60 -11.01 12.69
CA ASP C 894 -8.02 -12.28 13.11
C ASP C 894 -9.07 -13.23 13.66
N TYR C 895 -9.95 -12.72 14.53
CA TYR C 895 -10.89 -13.61 15.21
C TYR C 895 -11.98 -14.13 14.27
N MET C 896 -12.06 -13.58 13.06
CA MET C 896 -13.09 -14.01 12.12
C MET C 896 -12.70 -15.27 11.35
N ALA C 897 -11.49 -15.78 11.57
CA ALA C 897 -11.07 -17.00 10.87
C ALA C 897 -11.94 -18.19 11.25
N ASP C 898 -12.47 -18.20 12.47
CA ASP C 898 -13.30 -19.30 12.95
C ASP C 898 -14.78 -19.07 12.68
N ALA C 899 -15.15 -18.01 11.97
CA ALA C 899 -16.57 -17.69 11.78
C ALA C 899 -17.29 -18.80 11.04
N LYS C 900 -16.67 -19.36 10.00
CA LYS C 900 -17.31 -20.40 9.23
C LYS C 900 -17.43 -21.70 10.03
N THR C 901 -16.38 -22.07 10.76
CA THR C 901 -16.41 -23.29 11.55
C THR C 901 -17.39 -23.17 12.71
N ILE C 902 -17.44 -22.01 13.36
CA ILE C 902 -18.31 -21.84 14.53
C ILE C 902 -19.77 -21.95 14.12
N VAL C 903 -20.16 -21.29 13.04
CA VAL C 903 -21.56 -21.30 12.61
C VAL C 903 -21.96 -22.66 12.06
N ASN C 904 -21.07 -23.30 11.30
CA ASN C 904 -21.36 -24.63 10.77
C ASN C 904 -21.56 -25.64 11.88
N VAL C 905 -20.70 -25.57 12.91
CA VAL C 905 -20.86 -26.45 14.07
C VAL C 905 -22.13 -26.08 14.83
N GLN C 906 -22.46 -24.79 14.88
CA GLN C 906 -23.67 -24.36 15.57
C GLN C 906 -24.92 -24.90 14.90
N THR C 907 -24.93 -24.95 13.57
CA THR C 907 -26.08 -25.47 12.85
C THR C 907 -26.37 -26.92 13.24
N MET C 908 -25.32 -27.73 13.35
CA MET C 908 -25.50 -29.11 13.77
C MET C 908 -25.79 -29.22 15.27
N PHE C 909 -25.36 -28.22 16.04
CA PHE C 909 -25.75 -28.17 17.45
C PHE C 909 -27.25 -27.98 17.58
N ARG C 910 -27.89 -27.27 16.64
CA ARG C 910 -29.33 -27.06 16.67
C ARG C 910 -30.10 -28.18 15.98
N LEU C 911 -29.53 -28.79 14.94
CA LEU C 911 -30.20 -29.89 14.27
C LEU C 911 -30.14 -31.17 15.09
N PHE C 912 -29.00 -31.43 15.74
CA PHE C 912 -28.81 -32.62 16.56
C PHE C 912 -28.34 -32.17 17.94
N PRO C 913 -29.25 -31.77 18.82
CA PRO C 913 -28.83 -31.27 20.14
C PRO C 913 -28.13 -32.32 20.99
N SER C 914 -28.44 -33.60 20.82
CA SER C 914 -27.86 -34.66 21.63
C SER C 914 -26.49 -35.13 21.12
N LEU C 915 -26.10 -34.72 19.92
CA LEU C 915 -24.83 -35.15 19.35
C LEU C 915 -23.67 -34.45 20.05
N SER C 916 -22.57 -35.19 20.19
CA SER C 916 -21.35 -34.66 20.80
C SER C 916 -20.40 -34.23 19.70
N ILE C 917 -20.23 -32.92 19.53
CA ILE C 917 -19.36 -32.35 18.51
C ILE C 917 -18.12 -31.80 19.18
N THR C 918 -16.95 -32.20 18.69
CA THR C 918 -15.67 -31.72 19.20
C THR C 918 -15.00 -30.89 18.12
N THR C 919 -14.58 -29.68 18.47
CA THR C 919 -14.05 -28.73 17.51
C THR C 919 -12.70 -28.19 17.98
N GLU C 920 -11.90 -27.79 17.01
CA GLU C 920 -10.62 -27.12 17.25
C GLU C 920 -10.69 -25.72 16.65
N LEU C 921 -10.38 -24.72 17.46
CA LEU C 921 -10.48 -23.32 17.06
C LEU C 921 -9.11 -22.66 17.10
N THR C 922 -8.88 -21.74 16.17
CA THR C 922 -7.60 -21.03 16.12
C THR C 922 -7.39 -20.15 17.35
N HIS C 923 -8.44 -19.48 17.81
CA HIS C 923 -8.34 -18.52 18.89
C HIS C 923 -9.14 -18.99 20.10
N PRO C 924 -8.53 -19.05 21.29
CA PRO C 924 -9.31 -19.41 22.48
C PRO C 924 -10.40 -18.41 22.82
N SER C 925 -10.29 -17.16 22.34
CA SER C 925 -11.34 -16.17 22.58
C SER C 925 -12.64 -16.55 21.89
N ASN C 926 -12.58 -17.41 20.88
CA ASN C 926 -13.76 -17.85 20.16
C ASN C 926 -14.41 -19.08 20.77
N MET C 927 -13.85 -19.63 21.86
CA MET C 927 -14.41 -20.82 22.47
C MET C 927 -15.79 -20.58 23.07
N ARG C 928 -16.14 -19.33 23.34
CA ARG C 928 -17.45 -19.02 23.90
C ARG C 928 -18.57 -19.21 22.90
N PHE C 929 -18.25 -19.29 21.61
CA PHE C 929 -19.26 -19.35 20.56
C PHE C 929 -19.56 -20.76 20.09
N MET C 930 -18.98 -21.78 20.73
CA MET C 930 -19.14 -23.14 20.23
C MET C 930 -20.57 -23.65 20.34
N GLN C 931 -21.18 -23.56 21.52
CA GLN C 931 -22.58 -23.94 21.68
C GLN C 931 -23.32 -22.76 22.31
N PHE C 932 -23.74 -21.83 21.47
CA PHE C 932 -24.17 -20.52 21.93
C PHE C 932 -25.66 -20.52 22.20
N ARG C 933 -26.03 -20.30 23.46
CA ARG C 933 -27.42 -20.11 23.87
C ARG C 933 -27.58 -18.65 24.23
N ALA C 934 -28.11 -17.85 23.30
CA ALA C 934 -28.28 -16.42 23.54
C ALA C 934 -29.31 -16.14 24.63
N LYS C 935 -30.39 -16.91 24.65
CA LYS C 935 -31.42 -16.78 25.68
C LYS C 935 -31.10 -17.73 26.84
N ASP C 936 -29.98 -17.46 27.49
CA ASP C 936 -29.52 -18.30 28.61
C ASP C 936 -28.74 -17.40 29.57
N SER C 937 -29.31 -17.18 30.76
CA SER C 937 -28.67 -16.29 31.72
C SER C 937 -27.38 -16.89 32.27
N TYR C 938 -27.33 -18.22 32.44
CA TYR C 938 -26.15 -18.84 33.03
C TYR C 938 -24.93 -18.69 32.13
N SER C 939 -25.06 -19.04 30.84
CA SER C 939 -23.95 -18.88 29.91
C SER C 939 -23.60 -17.42 29.70
N LEU C 940 -24.58 -16.52 29.85
CA LEU C 940 -24.32 -15.09 29.76
C LEU C 940 -23.66 -14.56 31.03
N ALA C 941 -23.92 -15.19 32.17
CA ALA C 941 -23.24 -14.81 33.41
C ALA C 941 -21.80 -15.28 33.43
N LEU C 942 -21.48 -16.32 32.67
CA LEU C 942 -20.09 -16.80 32.60
C LEU C 942 -19.19 -15.75 31.95
N SER C 943 -19.76 -14.87 31.13
CA SER C 943 -18.97 -13.77 30.57
C SER C 943 -18.47 -12.85 31.66
N LYS C 944 -19.32 -12.56 32.65
CA LYS C 944 -18.89 -11.72 33.76
C LYS C 944 -17.77 -12.38 34.56
N LEU C 945 -17.89 -13.69 34.80
CA LEU C 945 -16.83 -14.42 35.50
C LEU C 945 -15.54 -14.42 34.69
N GLU C 946 -15.65 -14.63 33.37
CA GLU C 946 -14.46 -14.64 32.52
C GLU C 946 -13.79 -13.28 32.49
N LYS C 947 -14.58 -12.19 32.52
CA LYS C 947 -14.00 -10.86 32.53
C LYS C 947 -13.33 -10.56 33.87
N ARG C 948 -13.89 -11.06 34.97
CA ARG C 948 -13.27 -10.86 36.28
C ARG C 948 -11.93 -11.57 36.35
N GLU C 949 -11.86 -12.80 35.85
CA GLU C 949 -10.59 -13.53 35.83
C GLU C 949 -9.59 -12.83 34.91
N ARG C 950 -10.05 -12.34 33.76
CA ARG C 950 -9.20 -11.55 32.88
C ARG C 950 -8.75 -10.26 33.54
N GLU C 951 -9.57 -9.70 34.45
CA GLU C 951 -9.16 -8.52 35.19
C GLU C 951 -7.99 -8.84 36.12
N ASN C 952 -8.04 -10.00 36.78
CA ASN C 952 -7.00 -10.41 37.72
C ASN C 952 -5.74 -10.92 37.04
N GLY C 953 -5.62 -10.78 35.71
CA GLY C 953 -4.42 -11.21 35.02
C GLY C 953 -4.29 -12.70 34.83
N SER C 954 -5.40 -13.43 34.90
CA SER C 954 -5.35 -14.88 34.73
C SER C 954 -5.19 -15.24 33.26
N ASN C 955 -4.23 -16.12 32.96
CA ASN C 955 -4.07 -16.62 31.61
C ASN C 955 -5.09 -17.69 31.25
N LEU C 956 -5.75 -18.28 32.25
CA LEU C 956 -6.83 -19.25 32.02
C LEU C 956 -8.16 -18.56 32.31
N ALA C 957 -8.63 -17.80 31.33
CA ALA C 957 -9.92 -17.12 31.43
C ALA C 957 -11.02 -17.80 30.63
N PHE C 958 -10.68 -18.39 29.49
CA PHE C 958 -11.59 -19.18 28.68
C PHE C 958 -12.01 -20.43 29.43
N MET C 959 -11.39 -20.66 30.58
CA MET C 959 -11.51 -21.93 31.30
C MET C 959 -12.95 -22.21 31.71
N PHE C 960 -13.67 -21.19 32.17
CA PHE C 960 -15.01 -21.38 32.73
C PHE C 960 -16.10 -21.42 31.67
N ARG C 961 -15.76 -21.26 30.39
CA ARG C 961 -16.74 -21.47 29.33
C ARG C 961 -17.14 -22.94 29.30
N LEU C 962 -18.44 -23.18 29.18
CA LEU C 962 -18.96 -24.55 29.25
C LEU C 962 -18.41 -25.47 28.17
N PRO C 963 -18.33 -25.08 26.89
CA PRO C 963 -17.76 -26.01 25.90
C PRO C 963 -16.34 -26.42 26.19
N PHE C 964 -15.50 -25.52 26.69
CA PHE C 964 -14.12 -25.86 27.00
C PHE C 964 -14.05 -26.83 28.18
N ALA C 965 -14.79 -26.54 29.24
CA ALA C 965 -14.73 -27.38 30.44
C ALA C 965 -15.21 -28.80 30.18
N ALA C 966 -16.11 -28.97 29.22
CA ALA C 966 -16.62 -30.29 28.87
C ALA C 966 -15.82 -30.99 27.80
N GLY C 967 -14.72 -30.38 27.35
CA GLY C 967 -13.90 -30.96 26.31
C GLY C 967 -14.45 -30.82 24.92
N ARG C 968 -15.45 -29.96 24.72
CA ARG C 968 -16.03 -29.80 23.39
C ARG C 968 -15.12 -29.00 22.47
N VAL C 969 -14.28 -28.13 23.02
CA VAL C 969 -13.39 -27.29 22.23
C VAL C 969 -12.01 -27.29 22.86
N PHE C 970 -11.00 -27.20 22.01
CA PHE C 970 -9.65 -26.83 22.43
C PHE C 970 -9.00 -26.08 21.28
N SER C 971 -7.95 -25.35 21.60
CA SER C 971 -7.20 -24.59 20.61
C SER C 971 -5.79 -25.14 20.51
N ILE C 972 -5.19 -24.97 19.32
CA ILE C 972 -3.80 -25.34 19.12
C ILE C 972 -2.84 -24.35 19.79
N SER C 973 -3.32 -23.16 20.14
CA SER C 973 -2.48 -22.18 20.83
C SER C 973 -1.98 -22.70 22.17
N MET C 974 -2.63 -23.71 22.75
CA MET C 974 -2.12 -24.34 23.95
C MET C 974 -0.80 -25.05 23.68
N LEU C 975 -0.65 -25.62 22.48
CA LEU C 975 0.61 -26.25 22.11
C LEU C 975 1.75 -25.24 22.11
N ASP C 976 1.46 -23.98 21.79
CA ASP C 976 2.47 -22.94 21.93
C ASP C 976 2.90 -22.79 23.37
N THR C 977 1.94 -22.81 24.31
CA THR C 977 2.26 -22.72 25.72
C THR C 977 3.07 -23.93 26.18
N LEU C 978 2.78 -25.12 25.61
CA LEU C 978 3.57 -26.29 25.93
C LEU C 978 5.03 -26.11 25.53
N LEU C 979 5.27 -25.51 24.37
CA LEU C 979 6.64 -25.26 23.94
C LEU C 979 7.32 -24.23 24.83
N TYR C 980 6.63 -23.15 25.18
CA TYR C 980 7.22 -22.13 26.04
C TYR C 980 7.50 -22.69 27.43
N GLN C 981 6.64 -23.60 27.91
CA GLN C 981 6.88 -24.25 29.19
C GLN C 981 8.14 -25.11 29.16
N SER C 982 8.50 -25.64 27.98
CA SER C 982 9.65 -26.52 27.89
C SER C 982 10.97 -25.80 28.16
N PHE C 983 10.99 -24.47 28.05
CA PHE C 983 12.19 -23.73 28.44
C PHE C 983 12.45 -23.85 29.93
N VAL C 984 11.39 -24.07 30.72
CA VAL C 984 11.52 -24.28 32.15
C VAL C 984 11.29 -25.73 32.55
N LYS C 985 10.49 -26.48 31.79
CA LYS C 985 10.19 -27.88 32.07
C LYS C 985 10.57 -28.70 30.85
N ASP C 986 11.80 -29.19 30.81
CA ASP C 986 12.28 -29.96 29.68
C ASP C 986 11.57 -31.30 29.53
N TYR C 987 10.81 -31.73 30.54
CA TYR C 987 10.08 -32.98 30.50
C TYR C 987 8.64 -32.82 30.01
N MET C 988 8.17 -31.58 29.84
CA MET C 988 6.75 -31.36 29.60
C MET C 988 6.31 -31.95 28.26
N ILE C 989 7.13 -31.79 27.22
CA ILE C 989 6.79 -32.33 25.91
C ILE C 989 6.71 -33.85 25.98
N THR C 990 7.69 -34.48 26.63
CA THR C 990 7.70 -35.94 26.73
C THR C 990 6.49 -36.46 27.49
N ILE C 991 6.13 -35.78 28.58
CA ILE C 991 4.98 -36.23 29.38
C ILE C 991 3.70 -36.15 28.57
N THR C 992 3.51 -35.06 27.82
CA THR C 992 2.30 -34.90 27.02
C THR C 992 2.19 -36.01 25.98
N ARG C 993 3.27 -36.27 25.24
CA ARG C 993 3.23 -37.31 24.22
C ARG C 993 3.03 -38.70 24.84
N LEU C 994 3.60 -38.93 26.02
CA LEU C 994 3.35 -40.19 26.71
C LEU C 994 1.88 -40.35 27.07
N LEU C 995 1.24 -39.28 27.51
CA LEU C 995 -0.20 -39.33 27.79
C LEU C 995 -0.99 -39.54 26.51
N LEU C 996 -0.62 -38.85 25.44
CA LEU C 996 -1.31 -38.96 24.16
C LEU C 996 -0.96 -40.23 23.41
N GLY C 997 0.03 -40.99 23.85
CA GLY C 997 0.49 -42.14 23.11
C GLY C 997 1.32 -41.81 21.90
N LEU C 998 1.72 -40.54 21.75
CA LEU C 998 2.48 -40.13 20.58
C LEU C 998 3.85 -40.80 20.55
N ASP C 999 4.50 -40.95 21.70
CA ASP C 999 5.71 -41.73 21.82
C ASP C 999 5.46 -42.93 22.72
N THR C 1000 5.91 -44.11 22.28
CA THR C 1000 5.63 -45.37 22.96
C THR C 1000 6.94 -45.91 23.53
N THR C 1001 7.15 -45.72 24.82
CA THR C 1001 8.29 -46.30 25.51
C THR C 1001 7.89 -47.60 26.16
N PRO C 1002 8.60 -48.69 25.92
CA PRO C 1002 8.25 -49.96 26.59
C PRO C 1002 8.31 -49.79 28.10
N GLY C 1003 7.28 -50.31 28.77
CA GLY C 1003 7.14 -50.14 30.21
C GLY C 1003 6.49 -48.86 30.65
N SER C 1004 5.92 -48.08 29.73
CA SER C 1004 5.25 -46.83 30.06
C SER C 1004 3.76 -46.98 29.86
N GLY C 1005 2.98 -46.38 30.78
CA GLY C 1005 1.55 -46.54 30.77
C GLY C 1005 0.86 -45.65 29.76
N TYR C 1006 -0.47 -45.79 29.70
CA TYR C 1006 -1.31 -45.07 28.76
C TYR C 1006 -2.49 -44.45 29.48
N LEU C 1007 -3.00 -43.36 28.92
CA LEU C 1007 -4.16 -42.69 29.50
C LEU C 1007 -5.42 -43.47 29.20
N CYS C 1008 -6.19 -43.77 30.24
CA CYS C 1008 -7.44 -44.50 30.13
C CYS C 1008 -8.52 -43.78 30.93
N ALA C 1009 -9.72 -44.35 30.93
CA ALA C 1009 -10.83 -43.79 31.68
C ALA C 1009 -11.73 -44.92 32.17
N MET C 1010 -12.27 -44.76 33.37
CA MET C 1010 -13.21 -45.71 33.93
C MET C 1010 -14.47 -44.99 34.36
N LYS C 1011 -15.61 -45.65 34.20
CA LYS C 1011 -16.90 -45.09 34.57
C LYS C 1011 -17.25 -45.50 35.99
N ILE C 1012 -17.67 -44.54 36.80
CA ILE C 1012 -18.11 -44.78 38.16
C ILE C 1012 -19.62 -44.94 38.11
N THR C 1013 -20.08 -46.19 38.13
CA THR C 1013 -21.49 -46.52 38.10
C THR C 1013 -22.01 -46.71 39.52
N GLU C 1014 -23.32 -46.91 39.63
CA GLU C 1014 -23.96 -47.05 40.94
C GLU C 1014 -23.43 -48.25 41.72
N GLY C 1015 -22.87 -49.26 41.04
CA GLY C 1015 -22.25 -50.36 41.74
C GLY C 1015 -20.91 -50.03 42.35
N ASP C 1016 -20.34 -48.88 42.01
CA ASP C 1016 -19.08 -48.41 42.57
C ASP C 1016 -19.25 -47.24 43.52
N LEU C 1017 -20.49 -46.87 43.84
CA LEU C 1017 -20.75 -45.76 44.75
C LEU C 1017 -20.52 -46.11 46.21
N TRP C 1018 -20.33 -47.39 46.54
CA TRP C 1018 -19.89 -47.72 47.89
C TRP C 1018 -18.49 -47.19 48.16
N ILE C 1019 -17.71 -46.94 47.11
CA ILE C 1019 -16.45 -46.21 47.22
C ILE C 1019 -16.82 -44.73 47.28
N ARG C 1020 -16.91 -44.19 48.50
CA ARG C 1020 -17.52 -42.87 48.68
C ARG C 1020 -16.64 -41.76 48.11
N THR C 1021 -15.33 -41.84 48.33
CA THR C 1021 -14.45 -40.72 48.02
C THR C 1021 -13.43 -41.11 46.96
N TYR C 1022 -12.77 -40.08 46.42
CA TYR C 1022 -11.74 -40.26 45.39
C TYR C 1022 -10.49 -40.90 45.97
N GLY C 1023 -10.18 -40.65 47.24
CA GLY C 1023 -9.03 -41.29 47.86
C GLY C 1023 -9.22 -42.80 48.02
N ARG C 1024 -10.44 -43.22 48.38
CA ARG C 1024 -10.69 -44.65 48.50
C ARG C 1024 -10.64 -45.34 47.15
N LEU C 1025 -11.02 -44.65 46.08
CA LEU C 1025 -10.83 -45.18 44.73
C LEU C 1025 -9.35 -45.34 44.42
N PHE C 1026 -8.54 -44.36 44.84
CA PHE C 1026 -7.09 -44.47 44.67
C PHE C 1026 -6.55 -45.70 45.37
N GLN C 1027 -7.03 -45.96 46.59
CA GLN C 1027 -6.59 -47.15 47.32
C GLN C 1027 -7.00 -48.43 46.61
N LYS C 1028 -8.25 -48.51 46.16
CA LYS C 1028 -8.73 -49.72 45.50
C LYS C 1028 -7.98 -49.99 44.21
N LEU C 1029 -7.76 -48.94 43.41
CA LEU C 1029 -7.04 -49.12 42.15
C LEU C 1029 -5.59 -49.54 42.39
N CYS C 1030 -4.93 -48.90 43.36
CA CYS C 1030 -3.55 -49.22 43.65
C CYS C 1030 -3.37 -50.55 44.38
N SER C 1031 -4.45 -51.14 44.87
CA SER C 1031 -4.37 -52.44 45.55
C SER C 1031 -4.77 -53.59 44.65
N SER C 1032 -5.49 -53.33 43.55
CA SER C 1032 -5.96 -54.38 42.66
C SER C 1032 -5.32 -54.30 41.28
N SER C 1033 -5.45 -53.17 40.59
CA SER C 1033 -4.95 -53.03 39.23
C SER C 1033 -3.78 -52.06 39.10
N ALA C 1034 -3.41 -51.36 40.18
CA ALA C 1034 -2.24 -50.49 40.19
C ALA C 1034 -2.37 -49.36 39.16
N GLU C 1035 -3.58 -48.80 39.04
CA GLU C 1035 -3.82 -47.67 38.16
C GLU C 1035 -3.88 -46.39 38.98
N ILE C 1036 -3.42 -45.30 38.38
CA ILE C 1036 -3.26 -44.03 39.08
C ILE C 1036 -4.24 -43.00 38.53
N PRO C 1037 -5.25 -42.59 39.30
CA PRO C 1037 -6.24 -41.63 38.80
C PRO C 1037 -5.66 -40.23 38.69
N ILE C 1038 -5.62 -39.70 37.47
CA ILE C 1038 -5.23 -38.31 37.26
C ILE C 1038 -6.29 -37.37 37.83
N GLY C 1039 -7.55 -37.62 37.53
CA GLY C 1039 -8.61 -36.75 37.97
C GLY C 1039 -9.97 -37.33 37.66
N ILE C 1040 -10.99 -36.48 37.76
CA ILE C 1040 -12.38 -36.87 37.55
C ILE C 1040 -12.99 -35.96 36.49
N TYR C 1041 -13.75 -36.57 35.59
CA TYR C 1041 -14.62 -35.84 34.67
C TYR C 1041 -16.03 -35.88 35.24
N ARG C 1042 -16.48 -34.74 35.76
CA ARG C 1042 -17.73 -34.66 36.51
C ARG C 1042 -18.84 -34.08 35.64
N THR C 1043 -20.06 -34.53 35.87
CA THR C 1043 -21.23 -34.07 35.13
C THR C 1043 -22.34 -33.73 36.11
N GLU C 1044 -23.00 -32.59 35.90
CA GLU C 1044 -24.06 -32.11 36.78
C GLU C 1044 -25.30 -31.78 35.95
N SER C 1045 -26.45 -31.77 36.63
CA SER C 1045 -27.72 -31.45 35.99
C SER C 1045 -27.88 -29.94 35.92
N HIS C 1046 -27.92 -29.41 34.70
CA HIS C 1046 -27.95 -27.97 34.46
C HIS C 1046 -28.98 -27.62 33.39
N VAL C 1047 -30.23 -28.06 33.59
CA VAL C 1047 -31.33 -27.78 32.66
C VAL C 1047 -31.29 -26.31 32.21
N PHE C 1048 -31.50 -26.09 30.92
CA PHE C 1048 -31.31 -24.77 30.33
C PHE C 1048 -32.64 -24.08 30.08
N ALA C 1128 -65.90 -27.80 2.59
CA ALA C 1128 -65.52 -27.71 3.99
C ALA C 1128 -64.02 -27.90 4.15
N ALA C 1129 -63.30 -27.92 3.03
CA ALA C 1129 -61.85 -28.08 3.08
C ALA C 1129 -61.18 -26.90 3.76
N ALA C 1130 -61.81 -25.72 3.74
CA ALA C 1130 -61.23 -24.55 4.38
C ALA C 1130 -61.08 -24.75 5.89
N GLU C 1131 -61.98 -25.53 6.50
CA GLU C 1131 -61.85 -25.82 7.93
C GLU C 1131 -60.57 -26.60 8.21
N TRP C 1132 -60.26 -27.58 7.36
CA TRP C 1132 -59.01 -28.32 7.51
C TRP C 1132 -57.81 -27.44 7.21
N ILE C 1133 -57.93 -26.53 6.25
CA ILE C 1133 -56.84 -25.62 5.94
C ILE C 1133 -56.57 -24.69 7.12
N SER C 1134 -57.64 -24.19 7.74
CA SER C 1134 -57.47 -23.33 8.91
C SER C 1134 -56.84 -24.09 10.07
N GLN C 1135 -57.19 -25.38 10.23
CA GLN C 1135 -56.60 -26.18 11.30
C GLN C 1135 -55.10 -26.34 11.08
N GLN C 1136 -54.69 -26.62 9.84
CA GLN C 1136 -53.27 -26.74 9.54
C GLN C 1136 -52.56 -25.40 9.63
N ARG C 1137 -53.26 -24.31 9.32
CA ARG C 1137 -52.65 -22.99 9.39
C ARG C 1137 -52.31 -22.61 10.83
N LEU C 1138 -53.25 -22.85 11.75
CA LEU C 1138 -52.99 -22.53 13.16
C LEU C 1138 -51.93 -23.45 13.75
N SER C 1139 -51.93 -24.72 13.35
CA SER C 1139 -50.93 -25.66 13.84
C SER C 1139 -49.53 -25.25 13.37
N LEU C 1140 -49.40 -24.87 12.11
CA LEU C 1140 -48.09 -24.52 11.58
C LEU C 1140 -47.63 -23.16 12.10
N TYR C 1141 -48.56 -22.28 12.44
CA TYR C 1141 -48.19 -21.01 13.06
C TYR C 1141 -47.73 -21.21 14.50
N ARG C 1142 -48.33 -22.17 15.21
CA ARG C 1142 -47.99 -22.44 16.59
C ARG C 1142 -46.73 -23.29 16.76
N ARG C 1143 -46.27 -23.95 15.69
CA ARG C 1143 -45.15 -24.86 15.81
C ARG C 1143 -43.87 -24.09 16.12
N SER C 1144 -42.99 -24.72 16.91
CA SER C 1144 -41.80 -24.08 17.43
C SER C 1144 -40.63 -24.25 16.47
N GLU C 1145 -39.48 -23.68 16.85
CA GLU C 1145 -38.27 -23.80 16.04
C GLU C 1145 -37.67 -25.20 16.12
N ARG C 1146 -37.82 -25.87 17.27
CA ARG C 1146 -37.34 -27.24 17.39
C ARG C 1146 -38.06 -28.16 16.43
N GLN C 1147 -39.38 -27.98 16.27
CA GLN C 1147 -40.12 -28.76 15.29
C GLN C 1147 -39.68 -28.43 13.88
N GLU C 1148 -39.32 -27.17 13.63
CA GLU C 1148 -38.81 -26.79 12.31
C GLU C 1148 -37.50 -27.50 12.00
N LEU C 1149 -36.59 -27.55 12.97
CA LEU C 1149 -35.32 -28.24 12.76
C LEU C 1149 -35.52 -29.74 12.63
N SER C 1150 -36.45 -30.30 13.43
CA SER C 1150 -36.70 -31.73 13.37
C SER C 1150 -37.27 -32.15 12.03
N GLU C 1151 -38.22 -31.37 11.50
CA GLU C 1151 -38.84 -31.73 10.22
C GLU C 1151 -37.87 -31.55 9.06
N LEU C 1152 -36.94 -30.59 9.15
CA LEU C 1152 -35.94 -30.44 8.10
C LEU C 1152 -35.06 -31.67 8.01
N VAL C 1153 -34.62 -32.19 9.16
CA VAL C 1153 -33.78 -33.39 9.15
C VAL C 1153 -34.56 -34.59 8.64
N LYS C 1154 -35.83 -34.72 9.06
CA LYS C 1154 -36.64 -35.83 8.60
C LYS C 1154 -36.97 -35.74 7.12
N ASN C 1155 -37.20 -34.52 6.60
CA ASN C 1155 -37.41 -34.35 5.17
C ASN C 1155 -36.18 -34.78 4.39
N ARG C 1156 -35.00 -34.41 4.89
CA ARG C 1156 -33.75 -34.80 4.24
C ARG C 1156 -33.53 -36.30 4.35
N MET C 1157 -33.91 -36.90 5.48
CA MET C 1157 -33.70 -38.32 5.70
C MET C 1157 -34.58 -39.17 4.80
N LYS C 1158 -35.86 -38.83 4.68
CA LYS C 1158 -36.73 -39.55 3.77
C LYS C 1158 -36.32 -39.34 2.32
N HIS C 1159 -35.80 -38.16 1.99
CA HIS C 1159 -35.23 -37.95 0.66
C HIS C 1159 -34.08 -38.91 0.40
N LEU C 1160 -33.15 -39.02 1.35
CA LEU C 1160 -32.00 -39.89 1.19
C LEU C 1160 -32.35 -41.36 1.36
N GLY C 1161 -33.55 -41.67 1.87
CA GLY C 1161 -33.98 -43.03 2.06
C GLY C 1161 -33.80 -43.57 3.46
N LEU C 1162 -33.33 -42.76 4.40
CA LEU C 1162 -33.12 -43.23 5.77
C LEU C 1162 -34.40 -43.10 6.58
N PRO C 1163 -34.67 -44.06 7.46
CA PRO C 1163 -35.88 -43.98 8.29
C PRO C 1163 -35.86 -42.76 9.21
N THR C 1164 -37.04 -42.16 9.40
CA THR C 1164 -37.16 -41.04 10.33
C THR C 1164 -36.89 -41.48 11.76
N THR C 1165 -37.45 -42.63 12.14
CA THR C 1165 -37.25 -43.13 13.50
C THR C 1165 -35.78 -43.47 13.73
N GLY C 1166 -35.33 -43.23 14.96
CA GLY C 1166 -33.93 -43.31 15.31
C GLY C 1166 -33.25 -41.97 15.41
N TYR C 1167 -33.80 -40.93 14.76
CA TYR C 1167 -33.33 -39.57 14.95
C TYR C 1167 -33.69 -39.02 16.32
N ASP C 1168 -34.73 -39.57 16.95
CA ASP C 1168 -35.14 -39.13 18.28
C ASP C 1168 -34.11 -39.51 19.33
N HIS C 1173 -31.99 -30.96 24.69
CA HIS C 1173 -31.75 -32.39 24.75
C HIS C 1173 -30.52 -32.72 25.59
N GLN C 1174 -29.65 -31.73 25.74
CA GLN C 1174 -28.41 -31.88 26.52
C GLN C 1174 -28.50 -30.90 27.69
N ASN C 1175 -29.16 -31.35 28.77
CA ASN C 1175 -29.29 -30.54 29.98
C ASN C 1175 -28.28 -31.01 31.03
N THR C 1176 -27.01 -30.83 30.70
CA THR C 1176 -25.92 -31.27 31.58
C THR C 1176 -24.79 -30.26 31.53
N LEU C 1177 -23.99 -30.25 32.60
CA LEU C 1177 -22.82 -29.38 32.71
C LEU C 1177 -21.66 -30.25 33.17
N SER C 1178 -20.54 -30.17 32.46
CA SER C 1178 -19.40 -31.03 32.71
C SER C 1178 -18.13 -30.20 32.88
N TYR C 1179 -17.20 -30.72 33.68
CA TYR C 1179 -15.93 -30.07 33.94
C TYR C 1179 -14.92 -31.12 34.35
N VAL C 1180 -13.65 -30.71 34.43
CA VAL C 1180 -12.54 -31.60 34.69
C VAL C 1180 -11.88 -31.19 36.00
N LEU C 1181 -11.68 -32.15 36.90
CA LEU C 1181 -11.04 -31.93 38.18
C LEU C 1181 -9.68 -32.63 38.15
N ILE C 1182 -8.62 -31.85 37.96
CA ILE C 1182 -7.27 -32.42 37.90
C ILE C 1182 -6.77 -32.65 39.31
N ASN C 1183 -6.43 -33.90 39.63
CA ASN C 1183 -5.88 -34.28 40.92
C ASN C 1183 -6.70 -33.72 42.09
N PRO C 1184 -7.94 -34.16 42.25
CA PRO C 1184 -8.74 -33.70 43.38
C PRO C 1184 -8.22 -34.26 44.69
N PRO C 1185 -8.47 -33.59 45.81
CA PRO C 1185 -8.04 -34.11 47.11
C PRO C 1185 -8.68 -35.45 47.38
N PRO C 1186 -8.04 -36.30 48.19
CA PRO C 1186 -8.58 -37.64 48.45
C PRO C 1186 -9.91 -37.65 49.18
N ASP C 1187 -10.40 -36.50 49.65
CA ASP C 1187 -11.66 -36.43 50.36
C ASP C 1187 -12.84 -36.09 49.46
N THR C 1188 -12.61 -35.81 48.18
CA THR C 1188 -13.71 -35.44 47.30
C THR C 1188 -14.63 -36.62 47.07
N ARG C 1189 -15.93 -36.36 47.11
CA ARG C 1189 -16.92 -37.41 47.00
C ARG C 1189 -17.12 -37.83 45.55
N LEU C 1190 -17.32 -39.13 45.33
CA LEU C 1190 -17.56 -39.67 44.01
C LEU C 1190 -19.06 -39.57 43.70
N GLU C 1191 -19.39 -38.94 42.59
CA GLU C 1191 -20.75 -38.80 42.15
C GLU C 1191 -21.06 -39.81 41.04
N PRO C 1192 -22.33 -40.14 40.84
CA PRO C 1192 -22.68 -41.02 39.73
C PRO C 1192 -22.37 -40.38 38.38
N SER C 1193 -22.11 -41.23 37.39
CA SER C 1193 -21.76 -40.84 36.03
C SER C 1193 -20.42 -40.10 35.97
N ASP C 1194 -19.60 -40.22 37.01
CA ASP C 1194 -18.26 -39.65 37.00
C ASP C 1194 -17.34 -40.53 36.18
N ILE C 1195 -16.43 -39.89 35.44
CA ILE C 1195 -15.43 -40.57 34.63
C ILE C 1195 -14.06 -40.21 35.20
N VAL C 1196 -13.29 -41.23 35.59
CA VAL C 1196 -12.01 -41.03 36.25
C VAL C 1196 -10.90 -41.30 35.24
N TYR C 1197 -10.05 -40.30 35.01
CA TYR C 1197 -8.88 -40.48 34.15
C TYR C 1197 -7.87 -41.36 34.84
N LEU C 1198 -7.34 -42.35 34.12
CA LEU C 1198 -6.41 -43.30 34.69
C LEU C 1198 -5.16 -43.40 33.83
N ILE C 1199 -4.03 -43.68 34.48
CA ILE C 1199 -2.79 -44.04 33.81
C ILE C 1199 -2.54 -45.51 34.13
N ARG C 1200 -2.96 -46.40 33.23
CA ARG C 1200 -2.82 -47.82 33.44
C ARG C 1200 -1.45 -48.29 32.98
N SER C 1201 -0.82 -49.14 33.79
CA SER C 1201 0.53 -49.61 33.48
C SER C 1201 0.53 -50.44 32.19
N ASP C 1202 1.71 -50.56 31.61
CA ASP C 1202 1.84 -51.27 30.34
C ASP C 1202 1.47 -52.74 30.52
N PRO C 1203 0.54 -53.27 29.71
CA PRO C 1203 0.14 -54.66 29.89
C PRO C 1203 1.22 -55.66 29.49
N LEU C 1204 2.01 -55.35 28.46
CA LEU C 1204 3.05 -56.27 28.01
C LEU C 1204 4.31 -56.19 28.85
N ALA C 1205 4.45 -55.18 29.70
CA ALA C 1205 5.62 -55.04 30.54
C ALA C 1205 5.42 -55.80 31.85
N ARG D 110 1.78 -2.22 46.98
CA ARG D 110 2.05 -0.89 46.43
C ARG D 110 2.86 -0.05 47.41
N SER D 111 3.53 -0.71 48.35
CA SER D 111 4.35 0.00 49.32
C SER D 111 5.53 0.69 48.66
N SER D 112 6.05 0.14 47.56
CA SER D 112 7.17 0.77 46.87
C SER D 112 6.77 2.13 46.32
N LEU D 113 5.56 2.25 45.76
CA LEU D 113 5.10 3.54 45.27
C LEU D 113 4.91 4.54 46.40
N ARG D 114 4.49 4.06 47.57
CA ARG D 114 4.39 4.94 48.73
C ARG D 114 5.76 5.48 49.13
N ILE D 115 6.80 4.64 49.05
CA ILE D 115 8.14 5.06 49.45
C ILE D 115 8.64 6.16 48.52
N ARG D 116 8.48 5.97 47.21
CA ARG D 116 8.89 7.01 46.26
C ARG D 116 8.05 8.27 46.40
N LEU D 117 6.75 8.12 46.65
CA LEU D 117 5.90 9.30 46.84
C LEU D 117 6.34 10.10 48.06
N PHE D 118 6.69 9.42 49.15
CA PHE D 118 7.20 10.12 50.32
C PHE D 118 8.54 10.79 50.01
N ASN D 119 9.40 10.11 49.25
CA ASN D 119 10.68 10.72 48.88
C ASN D 119 10.48 11.93 47.99
N PHE D 120 9.52 11.86 47.06
CA PHE D 120 9.21 13.01 46.23
C PHE D 120 8.68 14.16 47.07
N SER D 121 7.83 13.85 48.06
CA SER D 121 7.35 14.88 48.96
C SER D 121 8.49 15.47 49.79
N LEU D 122 9.43 14.63 50.22
CA LEU D 122 10.59 15.11 50.96
C LEU D 122 11.43 16.05 50.09
N LYS D 123 11.64 15.70 48.83
CA LYS D 123 12.51 16.48 47.96
C LYS D 123 11.92 17.87 47.72
N LEU D 124 10.60 17.94 47.49
CA LEU D 124 9.97 19.24 47.29
C LEU D 124 9.88 20.01 48.61
N LEU D 125 9.85 19.30 49.74
CA LEU D 125 9.79 19.98 51.03
C LEU D 125 11.09 20.70 51.34
N THR D 126 12.24 20.06 51.09
CA THR D 126 13.52 20.69 51.40
C THR D 126 13.84 21.82 50.43
N CYS D 127 13.35 21.73 49.18
CA CYS D 127 13.48 22.85 48.27
C CYS D 127 12.68 24.06 48.75
N LEU D 128 11.46 23.82 49.25
CA LEU D 128 10.67 24.91 49.81
C LEU D 128 11.31 25.46 51.07
N LEU D 129 11.94 24.60 51.87
CA LEU D 129 12.65 25.07 53.06
C LEU D 129 13.81 25.98 52.68
N TYR D 130 14.47 25.70 51.56
CA TYR D 130 15.50 26.60 51.05
C TYR D 130 14.89 27.95 50.68
N ILE D 131 13.71 27.93 50.05
CA ILE D 131 13.02 29.17 49.70
C ILE D 131 12.65 29.94 50.97
N VAL D 132 12.18 29.23 51.99
CA VAL D 132 11.86 29.86 53.27
C VAL D 132 13.11 30.52 53.85
N ARG D 133 14.25 29.85 53.74
CA ARG D 133 15.49 30.39 54.29
C ARG D 133 15.89 31.67 53.58
N VAL D 134 15.92 31.65 52.24
CA VAL D 134 16.33 32.82 51.49
C VAL D 134 15.33 33.96 51.62
N LEU D 135 14.06 33.65 51.94
CA LEU D 135 13.09 34.71 52.20
C LEU D 135 13.35 35.40 53.53
N LEU D 136 13.88 34.67 54.51
CA LEU D 136 14.17 35.21 55.83
C LEU D 136 15.63 35.56 56.02
N ASP D 137 16.44 35.49 54.96
CA ASP D 137 17.86 35.76 55.05
C ASP D 137 18.13 37.16 54.52
N ASP D 138 18.46 38.08 55.43
CA ASP D 138 18.77 39.46 55.07
C ASP D 138 20.27 39.68 55.18
N PRO D 139 20.98 39.89 54.07
CA PRO D 139 22.44 40.00 54.14
C PRO D 139 22.93 41.33 54.69
N ALA D 140 22.13 42.38 54.50
CA ALA D 140 22.54 43.71 54.96
C ALA D 140 22.69 43.78 56.47
N LEU D 141 21.97 42.96 57.21
CA LEU D 141 22.12 42.92 58.66
C LEU D 141 23.52 42.47 59.06
N GLY D 142 24.05 41.47 58.37
CA GLY D 142 25.38 40.97 58.62
C GLY D 142 25.56 39.54 58.14
N ILE D 143 26.73 39.25 57.55
CA ILE D 143 27.01 37.94 57.00
C ILE D 143 28.36 37.47 57.53
N GLY D 144 28.43 36.22 57.97
CA GLY D 144 29.65 35.73 58.57
C GLY D 144 29.68 34.23 58.72
N CYS D 145 30.59 33.73 59.56
CA CYS D 145 30.74 32.30 59.83
C CYS D 145 30.07 32.01 61.17
N TRP D 146 28.74 31.80 61.14
CA TRP D 146 28.03 31.34 62.33
C TRP D 146 28.02 31.83 63.77
N GLY D 147 28.59 33.01 64.00
CA GLY D 147 28.70 33.58 65.32
C GLY D 147 29.60 34.52 66.10
N CYS D 148 30.76 34.81 65.52
CA CYS D 148 31.64 35.89 65.96
C CYS D 148 32.22 36.36 64.62
N PRO D 149 32.69 37.64 64.53
CA PRO D 149 32.99 38.24 63.24
C PRO D 149 32.14 38.43 61.99
N LYS D 150 30.84 38.17 62.12
CA LYS D 150 29.98 38.61 61.02
C LYS D 150 30.36 39.99 60.47
N GLN D 151 30.52 40.09 59.16
CA GLN D 151 31.02 41.29 58.53
C GLN D 151 29.99 41.87 57.58
N ASN D 152 29.73 43.17 57.69
CA ASN D 152 28.91 43.88 56.71
C ASN D 152 29.72 44.12 55.45
N TYR D 153 29.03 44.08 54.30
CA TYR D 153 29.70 44.13 53.01
C TYR D 153 28.98 45.08 52.07
N SER D 154 29.71 45.51 51.04
CA SER D 154 29.17 46.37 49.98
C SER D 154 29.78 45.93 48.65
N PHE D 155 29.10 46.28 47.57
CA PHE D 155 29.52 45.91 46.23
C PHE D 155 30.10 47.14 45.53
N ASN D 156 31.31 46.98 44.98
CA ASN D 156 32.00 48.04 44.25
C ASN D 156 32.09 47.63 42.79
N ASP D 157 31.40 48.38 41.92
CA ASP D 157 31.44 48.07 40.50
C ASP D 157 32.80 48.37 39.89
N SER D 158 33.51 49.35 40.43
CA SER D 158 34.83 49.69 39.92
C SER D 158 35.85 48.60 40.20
N SER D 159 35.92 48.15 41.45
CA SER D 159 36.86 47.10 41.82
C SER D 159 36.37 45.76 41.25
N SER D 160 37.20 45.14 40.42
CA SER D 160 36.78 43.92 39.73
C SER D 160 36.75 42.71 40.65
N GLU D 161 37.48 42.74 41.76
CA GLU D 161 37.49 41.60 42.67
C GLU D 161 36.16 41.44 43.36
N ILE D 162 35.75 40.19 43.57
CA ILE D 162 34.44 39.86 44.10
C ILE D 162 34.63 39.15 45.43
N ASN D 163 33.98 39.67 46.47
CA ASN D 163 34.07 39.05 47.79
C ASN D 163 33.22 37.77 47.81
N TRP D 164 33.83 36.67 48.19
CA TRP D 164 33.16 35.37 48.16
C TRP D 164 32.47 35.03 49.48
N ALA D 165 32.65 35.83 50.52
CA ALA D 165 31.95 35.56 51.78
C ALA D 165 30.43 35.58 51.64
N PRO D 166 29.80 36.55 50.95
CA PRO D 166 28.34 36.47 50.79
C PRO D 166 27.87 35.19 50.11
N ILE D 167 28.55 34.74 49.06
CA ILE D 167 28.08 33.55 48.35
C ILE D 167 28.44 32.28 49.12
N LEU D 168 29.53 32.33 49.89
CA LEU D 168 29.98 31.13 50.57
C LEU D 168 29.15 30.89 51.83
N TRP D 169 28.75 31.95 52.50
CA TRP D 169 28.07 31.86 53.79
C TRP D 169 26.65 32.38 53.65
N VAL D 170 25.68 31.61 54.12
CA VAL D 170 24.29 32.06 54.19
C VAL D 170 23.83 31.85 55.63
N GLU D 171 23.27 32.90 56.22
CA GLU D 171 22.83 32.80 57.62
C GLU D 171 21.61 31.90 57.71
N ARG D 172 21.72 30.84 58.50
CA ARG D 172 20.67 29.86 58.68
C ARG D 172 20.16 29.90 60.11
N LYS D 173 18.85 29.89 60.27
CA LYS D 173 18.26 29.86 61.60
C LYS D 173 18.56 28.53 62.28
N MET D 174 18.57 28.56 63.62
CA MET D 174 18.86 27.35 64.38
C MET D 174 17.83 26.25 64.11
N THR D 175 16.55 26.62 64.05
CA THR D 175 15.52 25.64 63.72
C THR D 175 15.65 25.15 62.29
N LEU D 176 16.05 26.04 61.38
CA LEU D 176 16.04 25.69 59.96
C LEU D 176 17.17 24.74 59.61
N TRP D 177 18.36 24.93 60.20
CA TRP D 177 19.48 24.06 59.87
C TRP D 177 19.23 22.64 60.38
N ALA D 178 18.64 22.50 61.56
CA ALA D 178 18.36 21.16 62.10
C ALA D 178 17.26 20.46 61.32
N ILE D 179 16.19 21.18 60.95
CA ILE D 179 15.08 20.53 60.25
C ILE D 179 15.49 20.14 58.84
N GLN D 180 16.34 20.95 58.19
CA GLN D 180 16.83 20.56 56.87
C GLN D 180 17.83 19.42 56.94
N VAL D 181 18.63 19.38 58.01
CA VAL D 181 19.53 18.25 58.23
C VAL D 181 18.72 16.98 58.44
N ILE D 182 17.63 17.06 59.21
CA ILE D 182 16.80 15.88 59.44
C ILE D 182 16.16 15.43 58.13
N VAL D 183 15.70 16.38 57.31
CA VAL D 183 15.08 16.04 56.04
C VAL D 183 16.11 15.41 55.10
N ALA D 184 17.32 15.98 55.06
CA ALA D 184 18.36 15.42 54.20
C ALA D 184 18.73 14.01 54.63
N ILE D 185 18.82 13.77 55.94
CA ILE D 185 19.19 12.44 56.42
C ILE D 185 18.14 11.41 56.03
N ILE D 186 16.86 11.73 56.19
CA ILE D 186 15.81 10.80 55.77
C ILE D 186 15.86 10.59 54.27
N SER D 187 16.06 11.67 53.50
CA SER D 187 16.15 11.54 52.05
C SER D 187 17.33 10.66 51.64
N PHE D 188 18.49 10.87 52.27
CA PHE D 188 19.64 10.02 51.99
C PHE D 188 19.37 8.58 52.43
N LEU D 189 18.70 8.41 53.57
CA LEU D 189 18.41 7.07 54.06
C LEU D 189 17.53 6.30 53.08
N GLU D 190 16.48 6.95 52.56
CA GLU D 190 15.54 6.26 51.70
C GLU D 190 16.14 5.99 50.33
N THR D 191 16.89 6.94 49.77
CA THR D 191 17.54 6.72 48.48
C THR D 191 18.57 5.60 48.58
N MET D 192 19.35 5.58 49.67
CA MET D 192 20.27 4.47 49.87
C MET D 192 19.53 3.20 50.26
N LEU D 193 18.35 3.33 50.86
CA LEU D 193 17.51 2.15 51.10
C LEU D 193 17.09 1.51 49.80
N LEU D 194 16.69 2.32 48.82
CA LEU D 194 16.31 1.78 47.52
C LEU D 194 17.52 1.22 46.77
N ILE D 195 18.67 1.89 46.88
CA ILE D 195 19.87 1.42 46.20
C ILE D 195 20.30 0.05 46.73
N TYR D 196 20.30 -0.10 48.05
CA TYR D 196 20.62 -1.39 48.64
C TYR D 196 19.51 -2.42 48.46
N LEU D 197 18.25 -1.96 48.34
CA LEU D 197 17.15 -2.89 48.12
C LEU D 197 17.24 -3.54 46.74
N SER D 198 17.57 -2.76 45.72
CA SER D 198 17.54 -3.21 44.33
C SER D 198 18.94 -3.08 43.73
N TYR D 199 19.56 -4.22 43.45
CA TYR D 199 20.80 -4.27 42.66
C TYR D 199 20.54 -4.72 41.23
N LYS D 200 19.72 -5.75 41.06
CA LYS D 200 19.33 -6.26 39.73
C LYS D 200 20.57 -6.65 38.91
N GLY D 201 21.51 -7.33 39.55
CA GLY D 201 22.65 -7.88 38.85
C GLY D 201 23.77 -6.93 38.52
N ASN D 202 23.75 -5.71 39.06
CA ASN D 202 24.83 -4.75 38.81
C ASN D 202 25.09 -3.96 40.08
N ILE D 203 26.35 -3.98 40.54
CA ILE D 203 26.74 -3.19 41.69
C ILE D 203 27.33 -1.84 41.26
N TRP D 204 28.00 -1.80 40.11
CA TRP D 204 28.56 -0.57 39.58
C TRP D 204 27.49 0.21 38.83
N GLU D 205 27.91 1.24 38.10
CA GLU D 205 27.10 2.05 37.19
C GLU D 205 26.04 2.88 37.90
N GLN D 206 25.94 2.81 39.23
CA GLN D 206 24.92 3.59 39.93
C GLN D 206 25.29 5.07 39.99
N ILE D 207 26.57 5.40 40.13
CA ILE D 207 26.96 6.79 40.27
C ILE D 207 27.09 7.48 38.91
N PHE D 208 27.39 6.71 37.85
CA PHE D 208 27.49 7.32 36.53
C PHE D 208 26.15 7.76 35.98
N ARG D 209 25.07 7.04 36.27
CA ARG D 209 23.74 7.55 35.97
C ARG D 209 23.50 8.80 36.81
N VAL D 210 23.10 9.89 36.18
CA VAL D 210 23.15 11.17 36.87
C VAL D 210 21.87 11.38 37.67
N SER D 211 21.79 10.70 38.81
CA SER D 211 20.90 11.05 39.92
C SER D 211 21.58 10.91 41.27
N PHE D 212 22.62 10.07 41.38
CA PHE D 212 23.33 9.89 42.63
C PHE D 212 24.24 11.08 42.92
N VAL D 213 24.89 11.61 41.88
CA VAL D 213 25.84 12.70 42.07
C VAL D 213 25.13 13.95 42.60
N LEU D 214 23.94 14.24 42.06
CA LEU D 214 23.17 15.37 42.58
C LEU D 214 22.63 15.07 43.97
N GLU D 215 22.28 13.81 44.24
CA GLU D 215 21.75 13.44 45.53
C GLU D 215 22.79 13.63 46.64
N MET D 216 23.99 13.08 46.45
CA MET D 216 24.98 13.10 47.51
C MET D 216 25.57 14.49 47.71
N ILE D 217 25.88 15.20 46.62
CA ILE D 217 26.46 16.53 46.73
C ILE D 217 25.49 17.52 47.38
N ASN D 218 24.19 17.29 47.26
CA ASN D 218 23.20 18.15 47.90
C ASN D 218 22.76 17.66 49.28
N THR D 219 23.20 16.48 49.71
CA THR D 219 22.76 15.92 50.99
C THR D 219 23.88 15.77 52.01
N LEU D 220 24.97 15.07 51.64
CA LEU D 220 26.04 14.79 52.60
C LEU D 220 26.72 16.06 53.14
N PRO D 221 26.72 17.19 52.44
CA PRO D 221 27.18 18.43 53.09
C PRO D 221 26.39 18.77 54.35
N PHE D 222 25.09 18.47 54.38
CA PHE D 222 24.33 18.66 55.60
C PHE D 222 24.80 17.71 56.70
N ILE D 223 25.30 16.53 56.32
CA ILE D 223 25.80 15.58 57.30
C ILE D 223 27.11 16.08 57.91
N ILE D 224 28.01 16.59 57.07
CA ILE D 224 29.31 17.02 57.57
C ILE D 224 29.21 18.30 58.41
N THR D 225 28.16 19.12 58.18
CA THR D 225 27.99 20.33 58.97
C THR D 225 27.72 20.02 60.44
N ILE D 226 27.26 18.82 60.76
CA ILE D 226 27.04 18.45 62.16
C ILE D 226 28.36 18.44 62.93
N PHE D 227 29.44 18.00 62.28
CA PHE D 227 30.71 17.87 62.97
C PHE D 227 31.28 19.23 63.38
N TRP D 228 31.15 20.23 62.51
CA TRP D 228 31.77 21.54 62.74
C TRP D 228 30.70 22.60 62.94
N PRO D 229 30.53 23.13 64.15
CA PRO D 229 29.51 24.17 64.39
C PRO D 229 29.70 25.41 63.52
N PRO D 230 30.92 25.92 63.33
CA PRO D 230 31.06 27.12 62.50
C PRO D 230 30.70 26.90 61.04
N LEU D 231 30.63 25.65 60.59
CA LEU D 231 30.35 25.34 59.19
C LEU D 231 28.85 25.18 58.94
N ARG D 232 28.02 25.34 59.97
CA ARG D 232 26.59 25.12 59.82
C ARG D 232 25.95 26.08 58.83
N ASN D 233 26.45 27.30 58.75
CA ASN D 233 25.87 28.32 57.87
C ASN D 233 26.58 28.33 56.51
N LEU D 234 26.53 27.18 55.85
CA LEU D 234 27.20 26.99 54.56
C LEU D 234 26.16 26.95 53.44
N PHE D 235 26.51 27.53 52.30
CA PHE D 235 25.65 27.47 51.13
C PHE D 235 25.68 26.02 50.62
N ILE D 236 24.50 25.44 50.43
CA ILE D 236 24.46 24.20 49.64
C ILE D 236 23.38 24.31 48.56
N PRO D 237 23.65 23.97 47.25
CA PRO D 237 22.61 24.04 46.30
C PRO D 237 21.66 23.04 46.89
N VAL D 238 20.45 23.49 47.21
CA VAL D 238 19.45 22.57 47.75
C VAL D 238 18.42 22.76 46.64
N PHE D 239 18.56 23.83 45.85
CA PHE D 239 17.60 24.06 44.76
C PHE D 239 17.77 23.04 43.65
N LEU D 240 19.00 22.58 43.40
CA LEU D 240 19.21 21.52 42.40
C LEU D 240 18.48 20.24 42.77
N ASN D 241 18.13 20.07 44.04
CA ASN D 241 17.47 18.85 44.49
C ASN D 241 16.08 18.72 43.87
N CYS D 242 15.51 19.83 43.40
CA CYS D 242 14.22 19.80 42.73
C CYS D 242 14.29 18.98 41.44
N TRP D 243 15.48 18.91 40.83
CA TRP D 243 15.66 18.06 39.66
C TRP D 243 15.41 16.60 40.01
N LEU D 244 15.87 16.18 41.19
CA LEU D 244 15.65 14.81 41.64
C LEU D 244 14.17 14.55 41.86
N ALA D 245 13.44 15.53 42.38
CA ALA D 245 12.00 15.39 42.58
C ALA D 245 11.30 15.15 41.24
N LYS D 246 11.78 15.80 40.18
CA LYS D 246 11.25 15.53 38.84
C LYS D 246 11.50 14.08 38.43
N HIS D 247 12.71 13.57 38.72
CA HIS D 247 12.99 12.16 38.45
C HIS D 247 12.12 11.25 39.29
N ALA D 248 11.91 11.61 40.56
CA ALA D 248 11.02 10.83 41.42
C ALA D 248 9.58 10.84 40.91
N LEU D 249 9.20 11.87 40.16
CA LEU D 249 7.88 11.90 39.53
C LEU D 249 7.83 11.06 38.27
N GLU D 250 8.95 10.99 37.52
CA GLU D 250 8.99 10.20 36.30
C GLU D 250 8.75 8.73 36.59
N ASN D 251 9.40 8.19 37.62
CA ASN D 251 9.22 6.80 37.99
C ASN D 251 7.83 6.53 38.55
N MET D 252 7.18 7.55 39.12
CA MET D 252 5.81 7.39 39.59
C MET D 252 4.84 7.20 38.44
N ILE D 253 5.09 7.86 37.30
CA ILE D 253 4.24 7.75 36.14
C ILE D 253 4.20 6.32 35.60
N ASN D 254 5.30 5.57 35.75
CA ASN D 254 5.38 4.23 35.18
C ASN D 254 4.37 3.28 35.82
N ASP D 255 4.02 3.50 37.09
CA ASP D 255 3.16 2.57 37.83
C ASP D 255 1.71 3.02 37.88
N PHE D 256 1.45 4.26 38.27
CA PHE D 256 0.09 4.74 38.46
C PHE D 256 -0.14 6.01 37.65
N HIS D 257 -1.34 6.14 37.08
CA HIS D 257 -1.68 7.32 36.31
C HIS D 257 -1.80 8.55 37.21
N ARG D 258 -2.44 8.39 38.36
CA ARG D 258 -2.64 9.50 39.28
C ARG D 258 -2.51 9.05 40.73
N SER D 265 -5.10 9.49 28.93
CA SER D 265 -4.14 10.19 29.78
C SER D 265 -2.73 9.63 29.57
N ALA D 266 -2.44 9.22 28.33
CA ALA D 266 -1.11 8.75 27.96
C ALA D 266 -0.21 9.89 27.49
N MET D 267 -0.77 10.86 26.77
CA MET D 267 -0.06 12.07 26.38
C MET D 267 0.06 13.07 27.52
N PHE D 268 -0.87 13.04 28.48
CA PHE D 268 -0.90 14.05 29.53
C PHE D 268 0.30 13.94 30.45
N ASN D 269 0.84 12.74 30.62
CA ASN D 269 1.98 12.54 31.50
C ASN D 269 3.22 13.24 30.95
N GLN D 270 3.47 13.12 29.65
CA GLN D 270 4.69 13.70 29.08
C GLN D 270 4.67 15.22 29.15
N VAL D 271 3.55 15.84 28.79
CA VAL D 271 3.47 17.31 28.83
C VAL D 271 3.57 17.80 30.27
N LEU D 272 2.97 17.07 31.21
CA LEU D 272 3.12 17.41 32.62
C LEU D 272 4.58 17.30 33.05
N ILE D 273 5.28 16.28 32.56
CA ILE D 273 6.72 16.16 32.83
C ILE D 273 7.47 17.32 32.19
N LEU D 274 7.06 17.72 30.99
CA LEU D 274 7.70 18.86 30.33
C LEU D 274 7.50 20.14 31.13
N PHE D 275 6.32 20.32 31.72
CA PHE D 275 6.10 21.48 32.60
C PHE D 275 6.97 21.38 33.84
N CYS D 276 7.20 20.15 34.33
CA CYS D 276 8.03 19.98 35.51
C CYS D 276 9.48 20.37 35.24
N THR D 277 10.04 19.91 34.12
CA THR D 277 11.42 20.27 33.80
C THR D 277 11.53 21.76 33.46
N LEU D 278 10.45 22.36 32.97
CA LEU D 278 10.42 23.81 32.82
C LEU D 278 10.42 24.49 34.17
N LEU D 279 9.63 23.97 35.12
CA LEU D 279 9.58 24.55 36.45
C LEU D 279 10.93 24.42 37.16
N CYS D 280 11.57 23.24 37.05
CA CYS D 280 12.88 23.06 37.66
C CYS D 280 13.92 23.96 37.03
N LEU D 281 13.85 24.14 35.70
CA LEU D 281 14.78 25.03 35.01
C LEU D 281 14.62 26.46 35.51
N VAL D 282 13.38 26.92 35.65
CA VAL D 282 13.14 28.25 36.20
C VAL D 282 13.52 28.30 37.66
N PHE D 283 13.09 27.31 38.44
CA PHE D 283 13.34 27.30 39.88
C PHE D 283 14.83 27.37 40.19
N THR D 284 15.63 26.53 39.51
CA THR D 284 17.06 26.54 39.76
C THR D 284 17.68 27.85 39.27
N GLY D 285 17.12 28.43 38.21
CA GLY D 285 17.62 29.71 37.73
C GLY D 285 17.42 30.83 38.74
N THR D 286 16.21 30.92 39.31
CA THR D 286 15.94 31.98 40.28
C THR D 286 16.83 31.84 41.51
N CYS D 287 16.94 30.62 42.05
CA CYS D 287 17.75 30.42 43.24
C CYS D 287 19.22 30.68 42.97
N GLY D 288 19.73 30.22 41.82
CA GLY D 288 21.12 30.46 41.49
C GLY D 288 21.42 31.94 41.28
N ILE D 289 20.58 32.62 40.52
CA ILE D 289 20.83 34.04 40.26
C ILE D 289 20.68 34.85 41.54
N GLN D 290 19.67 34.55 42.36
CA GLN D 290 19.45 35.31 43.59
C GLN D 290 20.66 35.23 44.51
N HIS D 291 21.26 34.05 44.64
CA HIS D 291 22.32 33.88 45.62
C HIS D 291 23.68 34.30 45.09
N LEU D 292 24.00 33.97 43.82
CA LEU D 292 25.27 34.44 43.29
C LEU D 292 25.28 35.94 43.06
N GLU D 293 24.11 36.57 42.97
CA GLU D 293 24.05 38.02 43.02
C GLU D 293 23.90 38.57 44.44
N ARG D 294 23.84 37.71 45.45
CA ARG D 294 23.88 38.23 46.82
C ARG D 294 25.21 38.91 47.14
N ALA D 295 26.27 38.56 46.43
CA ALA D 295 27.53 39.30 46.53
C ALA D 295 27.48 40.60 45.75
N GLY D 296 26.76 40.61 44.61
CA GLY D 296 26.69 41.79 43.78
C GLY D 296 25.29 42.21 43.40
N GLU D 297 24.89 43.40 43.86
CA GLU D 297 23.60 44.03 43.57
C GLU D 297 22.44 43.40 44.34
N ASN D 298 22.72 42.31 45.08
CA ASN D 298 21.81 41.73 46.07
C ASN D 298 20.38 41.62 45.53
N LEU D 299 20.23 40.78 44.50
CA LEU D 299 18.92 40.62 43.86
C LEU D 299 17.97 39.88 44.78
N SER D 300 16.72 40.34 44.82
CA SER D 300 15.68 39.64 45.55
C SER D 300 15.16 38.45 44.73
N LEU D 301 14.51 37.52 45.43
CA LEU D 301 13.95 36.35 44.75
C LEU D 301 12.88 36.75 43.74
N LEU D 302 11.99 37.67 44.13
CA LEU D 302 10.93 38.08 43.21
C LEU D 302 11.48 38.75 41.97
N THR D 303 12.54 39.54 42.11
CA THR D 303 13.15 40.16 40.94
C THR D 303 13.91 39.14 40.10
N SER D 304 14.66 38.24 40.74
CA SER D 304 15.40 37.23 40.00
C SER D 304 14.46 36.26 39.31
N PHE D 305 13.29 36.00 39.89
CA PHE D 305 12.30 35.16 39.23
C PHE D 305 11.80 35.81 37.94
N TYR D 306 11.52 37.11 37.99
CA TYR D 306 11.19 37.84 36.77
C TYR D 306 12.37 37.88 35.82
N PHE D 307 13.59 37.90 36.37
CA PHE D 307 14.79 37.92 35.54
C PHE D 307 14.88 36.65 34.69
N CYS D 308 14.63 35.49 35.30
CA CYS D 308 14.81 34.22 34.61
C CYS D 308 13.68 33.94 33.64
N ILE D 309 12.45 34.39 33.95
CA ILE D 309 11.34 34.15 33.04
C ILE D 309 11.56 34.88 31.72
N VAL D 310 12.00 36.14 31.77
CA VAL D 310 12.33 36.87 30.55
C VAL D 310 13.64 36.41 29.93
N THR D 311 14.41 35.59 30.65
CA THR D 311 15.63 35.04 30.08
C THR D 311 15.34 33.79 29.25
N PHE D 312 14.68 32.80 29.86
CA PHE D 312 14.37 31.57 29.15
C PHE D 312 13.33 31.77 28.05
N SER D 313 12.62 32.89 28.08
CA SER D 313 11.73 33.28 26.98
C SER D 313 12.44 34.12 25.93
N THR D 314 13.74 34.34 26.10
CA THR D 314 14.59 35.09 25.17
C THR D 314 14.15 36.54 25.01
N VAL D 315 13.38 37.08 25.96
CA VAL D 315 13.01 38.48 25.89
C VAL D 315 14.21 39.36 26.19
N GLY D 316 14.93 39.06 27.27
CA GLY D 316 16.16 39.78 27.60
C GLY D 316 16.16 41.28 27.84
N TYR D 317 15.29 41.75 28.72
CA TYR D 317 14.99 43.18 28.81
C TYR D 317 16.21 44.00 29.18
N GLY D 318 17.06 43.47 30.06
CA GLY D 318 18.27 44.14 30.46
C GLY D 318 18.12 45.10 31.63
N ASP D 319 16.91 45.31 32.13
CA ASP D 319 16.74 46.14 33.32
C ASP D 319 17.45 45.54 34.53
N VAL D 320 17.41 44.21 34.66
CA VAL D 320 18.20 43.49 35.65
C VAL D 320 19.10 42.54 34.88
N THR D 321 20.40 42.61 35.14
CA THR D 321 21.40 41.83 34.43
C THR D 321 22.50 41.38 35.39
N PRO D 322 23.12 40.24 35.13
CA PRO D 322 24.25 39.82 35.98
C PRO D 322 25.42 40.78 35.84
N LYS D 323 25.82 41.37 36.97
CA LYS D 323 26.87 42.37 36.99
C LYS D 323 28.22 41.81 37.43
N ILE D 324 28.31 40.51 37.70
CA ILE D 324 29.55 39.87 38.12
C ILE D 324 29.77 38.62 37.30
N TRP D 325 31.04 38.25 37.15
CA TRP D 325 31.39 37.13 36.28
C TRP D 325 30.77 35.80 36.70
N PRO D 326 30.73 35.39 37.98
CA PRO D 326 30.08 34.11 38.28
C PRO D 326 28.60 34.10 37.95
N SER D 327 27.92 35.25 38.09
CA SER D 327 26.52 35.33 37.71
C SER D 327 26.35 35.27 36.20
N GLN D 328 27.23 35.94 35.46
CA GLN D 328 27.18 35.90 34.01
C GLN D 328 27.42 34.49 33.49
N LEU D 329 28.40 33.79 34.08
CA LEU D 329 28.67 32.42 33.70
C LEU D 329 27.49 31.50 34.02
N LEU D 330 26.79 31.76 35.13
CA LEU D 330 25.60 30.97 35.45
C LEU D 330 24.56 31.11 34.36
N VAL D 331 24.30 32.34 33.90
CA VAL D 331 23.32 32.54 32.84
C VAL D 331 23.75 31.83 31.56
N VAL D 332 25.05 31.82 31.28
CA VAL D 332 25.55 31.16 30.08
C VAL D 332 25.30 29.66 30.17
N ILE D 333 25.68 29.05 31.28
CA ILE D 333 25.51 27.60 31.41
C ILE D 333 24.03 27.23 31.53
N MET D 334 23.21 28.14 32.07
CA MET D 334 21.78 27.87 32.11
C MET D 334 21.16 27.90 30.72
N ILE D 335 21.57 28.86 29.89
CA ILE D 335 21.08 28.91 28.51
C ILE D 335 21.51 27.66 27.75
N CYS D 336 22.77 27.25 27.93
CA CYS D 336 23.23 26.02 27.30
C CYS D 336 22.48 24.80 27.82
N VAL D 337 22.29 24.72 29.15
CA VAL D 337 21.56 23.59 29.72
C VAL D 337 20.12 23.58 29.22
N ALA D 338 19.48 24.76 29.18
CA ALA D 338 18.11 24.85 28.69
C ALA D 338 18.01 24.39 27.25
N LEU D 339 18.97 24.80 26.41
CA LEU D 339 18.93 24.47 24.99
C LEU D 339 19.32 23.03 24.70
N VAL D 340 19.85 22.29 25.68
CA VAL D 340 20.18 20.88 25.47
C VAL D 340 19.25 19.93 26.22
N VAL D 341 18.48 20.42 27.19
CA VAL D 341 17.57 19.55 27.93
C VAL D 341 16.15 19.66 27.41
N LEU D 342 15.71 20.86 27.02
CA LEU D 342 14.35 21.07 26.53
C LEU D 342 14.07 20.32 25.22
N PRO D 343 14.97 20.35 24.21
CA PRO D 343 14.67 19.62 22.98
C PRO D 343 14.45 18.13 23.18
N LEU D 344 15.11 17.51 24.16
CA LEU D 344 14.88 16.09 24.41
C LEU D 344 13.44 15.82 24.82
N GLN D 345 12.87 16.68 25.67
CA GLN D 345 11.45 16.56 26.00
C GLN D 345 10.58 16.86 24.79
N PHE D 346 11.01 17.82 23.96
CA PHE D 346 10.26 18.12 22.74
C PHE D 346 10.24 16.94 21.79
N GLU D 347 11.38 16.26 21.63
CA GLU D 347 11.42 15.09 20.76
C GLU D 347 10.56 13.95 21.31
N GLU D 348 10.55 13.79 22.64
CA GLU D 348 9.66 12.80 23.24
C GLU D 348 8.20 13.15 22.98
N LEU D 349 7.85 14.43 23.09
CA LEU D 349 6.49 14.86 22.74
C LEU D 349 6.22 14.66 21.26
N VAL D 350 7.19 15.00 20.41
CA VAL D 350 7.03 14.77 18.98
C VAL D 350 6.90 13.28 18.69
N TYR D 351 7.73 12.46 19.32
CA TYR D 351 7.59 11.01 19.18
C TYR D 351 6.26 10.53 19.74
N LEU D 352 5.83 11.07 20.88
CA LEU D 352 4.55 10.66 21.44
C LEU D 352 3.39 11.10 20.56
N TRP D 353 3.49 12.30 19.96
CA TRP D 353 2.39 12.85 19.18
C TRP D 353 2.11 12.03 17.92
N MET D 354 3.16 11.55 17.25
CA MET D 354 2.99 10.97 15.92
C MET D 354 2.23 9.64 15.99
N GLU D 355 2.58 8.78 16.95
CA GLU D 355 1.79 7.57 17.15
C GLU D 355 0.41 7.84 17.75
N ARG D 356 0.19 9.00 18.37
CA ARG D 356 -1.18 9.35 18.72
C ARG D 356 -2.04 9.59 17.50
N GLN D 357 -1.42 9.99 16.38
CA GLN D 357 -2.15 10.26 15.15
C GLN D 357 -2.48 9.00 14.36
N LYS D 358 -2.00 7.84 14.80
CA LYS D 358 -2.32 6.59 14.12
C LYS D 358 -2.90 5.56 15.10
N GLN D 369 -18.24 10.61 26.29
CA GLN D 369 -18.96 11.83 25.92
C GLN D 369 -20.16 12.04 26.83
N THR D 370 -21.36 12.06 26.23
CA THR D 370 -22.62 12.25 26.94
C THR D 370 -23.31 10.90 27.12
N GLU D 371 -24.55 10.95 27.57
CA GLU D 371 -25.34 9.75 27.73
C GLU D 371 -26.09 9.41 26.45
N LYS D 372 -26.73 8.24 26.46
CA LYS D 372 -27.70 7.84 25.44
C LYS D 372 -27.07 7.82 24.04
N HIS D 373 -26.15 6.87 23.85
CA HIS D 373 -25.53 6.66 22.56
C HIS D 373 -25.98 5.34 21.95
N VAL D 374 -25.67 5.14 20.68
CA VAL D 374 -25.91 3.89 19.97
C VAL D 374 -24.63 3.50 19.25
N VAL D 375 -24.41 2.20 19.13
CA VAL D 375 -23.22 1.67 18.47
C VAL D 375 -23.61 1.10 17.12
N LEU D 376 -22.78 1.36 16.11
CA LEU D 376 -23.02 0.91 14.74
C LEU D 376 -21.85 0.02 14.33
N CYS D 377 -22.08 -1.29 14.28
CA CYS D 377 -21.03 -2.26 14.01
C CYS D 377 -21.11 -2.68 12.54
N VAL D 378 -20.06 -2.36 11.78
CA VAL D 378 -19.96 -2.70 10.37
C VAL D 378 -18.57 -3.26 10.11
N SER D 379 -18.43 -3.92 8.96
CA SER D 379 -17.13 -4.39 8.52
C SER D 379 -16.39 -3.34 7.71
N SER D 380 -17.10 -2.63 6.83
CA SER D 380 -16.55 -1.50 6.10
C SER D 380 -17.63 -0.44 5.98
N LEU D 381 -17.32 0.77 6.42
CA LEU D 381 -18.26 1.89 6.38
C LEU D 381 -17.96 2.76 5.18
N LYS D 382 -18.97 2.98 4.34
CA LYS D 382 -18.85 3.85 3.18
C LYS D 382 -19.76 5.07 3.37
N ILE D 383 -19.58 6.05 2.50
CA ILE D 383 -20.30 7.30 2.66
C ILE D 383 -21.80 7.10 2.44
N ASP D 384 -22.19 6.18 1.57
CA ASP D 384 -23.62 5.94 1.35
C ASP D 384 -24.26 5.35 2.60
N LEU D 385 -23.66 4.32 3.19
CA LEU D 385 -24.26 3.68 4.34
C LEU D 385 -24.33 4.64 5.53
N LEU D 386 -23.30 5.46 5.72
CA LEU D 386 -23.28 6.37 6.85
C LEU D 386 -24.37 7.43 6.74
N MET D 387 -24.54 8.02 5.56
CA MET D 387 -25.53 9.09 5.40
C MET D 387 -26.96 8.56 5.50
N ASP D 388 -27.23 7.37 4.96
CA ASP D 388 -28.54 6.79 5.12
C ASP D 388 -28.87 6.55 6.59
N PHE D 389 -27.87 6.14 7.37
CA PHE D 389 -28.10 6.00 8.81
C PHE D 389 -28.28 7.36 9.48
N LEU D 390 -27.39 8.30 9.18
CA LEU D 390 -27.45 9.62 9.84
C LEU D 390 -28.72 10.36 9.49
N ASN D 391 -29.14 10.31 8.23
CA ASN D 391 -30.37 10.99 7.83
C ASN D 391 -31.58 10.39 8.55
N GLU D 392 -31.65 9.06 8.63
CA GLU D 392 -32.79 8.41 9.25
C GLU D 392 -32.73 8.53 10.77
N PHE D 393 -31.54 8.34 11.36
CA PHE D 393 -31.41 8.35 12.82
C PHE D 393 -31.76 9.72 13.39
N TYR D 394 -31.28 10.78 12.76
CA TYR D 394 -31.45 12.13 13.27
C TYR D 394 -32.64 12.86 12.66
N ALA D 395 -33.45 12.17 11.86
CA ALA D 395 -34.69 12.76 11.39
C ALA D 395 -35.75 12.87 12.49
N HIS D 396 -35.50 12.25 13.64
CA HIS D 396 -36.41 12.28 14.77
C HIS D 396 -35.92 13.28 15.82
N PRO D 397 -36.82 14.07 16.40
CA PRO D 397 -36.40 15.05 17.42
C PRO D 397 -36.00 14.38 18.73
N ARG D 398 -36.55 13.19 18.98
CA ARG D 398 -36.23 12.46 20.20
C ARG D 398 -34.79 11.97 20.23
N LEU D 399 -34.18 11.77 19.06
CA LEU D 399 -32.86 11.16 18.95
C LEU D 399 -31.78 12.18 18.61
N GLN D 400 -31.97 13.44 19.02
CA GLN D 400 -30.99 14.48 18.73
C GLN D 400 -29.90 14.58 19.79
N ASP D 401 -30.19 14.20 21.03
CA ASP D 401 -29.17 14.18 22.07
C ASP D 401 -28.31 12.93 22.01
N TYR D 402 -28.54 12.04 21.05
CA TYR D 402 -27.79 10.81 20.92
C TYR D 402 -26.53 11.06 20.10
N TYR D 403 -25.47 10.33 20.43
CA TYR D 403 -24.28 10.29 19.58
C TYR D 403 -24.02 8.86 19.14
N VAL D 404 -23.39 8.74 17.97
CA VAL D 404 -23.27 7.46 17.27
C VAL D 404 -21.81 7.02 17.33
N VAL D 405 -21.59 5.81 17.82
CA VAL D 405 -20.27 5.20 17.85
C VAL D 405 -20.20 4.15 16.75
N ILE D 406 -19.22 4.27 15.87
CA ILE D 406 -19.03 3.35 14.76
C ILE D 406 -17.85 2.45 15.08
N LEU D 407 -18.12 1.15 15.20
CA LEU D 407 -17.09 0.15 15.45
C LEU D 407 -16.84 -0.58 14.15
N CYS D 408 -15.76 -0.21 13.46
CA CYS D 408 -15.43 -0.76 12.16
C CYS D 408 -13.97 -1.17 12.12
N PRO D 409 -13.66 -2.44 11.80
CA PRO D 409 -12.25 -2.86 11.77
C PRO D 409 -11.41 -2.11 10.76
N THR D 410 -11.98 -1.74 9.63
CA THR D 410 -11.22 -1.07 8.58
C THR D 410 -10.88 0.36 8.98
N GLU D 411 -9.84 0.90 8.35
CA GLU D 411 -9.48 2.29 8.55
C GLU D 411 -10.54 3.20 7.95
N MET D 412 -10.69 4.39 8.52
CA MET D 412 -11.76 5.29 8.12
C MET D 412 -11.60 5.71 6.66
N ASP D 413 -12.69 5.62 5.92
CA ASP D 413 -12.68 5.96 4.50
C ASP D 413 -12.49 7.46 4.31
N VAL D 414 -11.83 7.82 3.21
CA VAL D 414 -11.48 9.23 2.97
C VAL D 414 -12.73 10.09 2.82
N GLN D 415 -13.72 9.61 2.06
CA GLN D 415 -14.97 10.35 1.93
C GLN D 415 -15.69 10.44 3.27
N VAL D 416 -15.56 9.41 4.11
CA VAL D 416 -16.16 9.44 5.43
C VAL D 416 -15.47 10.50 6.30
N ARG D 417 -14.15 10.67 6.12
CA ARG D 417 -13.41 11.65 6.90
C ARG D 417 -13.95 13.06 6.69
N ARG D 418 -14.23 13.41 5.44
CA ARG D 418 -14.68 14.78 5.13
C ARG D 418 -16.01 15.08 5.79
N VAL D 419 -16.94 14.12 5.76
CA VAL D 419 -18.27 14.35 6.31
C VAL D 419 -18.22 14.43 7.83
N LEU D 420 -17.36 13.63 8.47
CA LEU D 420 -17.24 13.70 9.92
C LEU D 420 -16.63 15.02 10.36
N GLN D 421 -15.85 15.67 9.48
CA GLN D 421 -15.29 16.97 9.80
C GLN D 421 -16.36 18.05 9.80
N ILE D 422 -17.46 17.83 9.09
CA ILE D 422 -18.61 18.75 9.13
C ILE D 422 -19.06 18.90 10.57
N PRO D 423 -19.23 20.11 11.11
CA PRO D 423 -19.46 20.19 12.56
C PRO D 423 -20.86 19.85 13.04
N LEU D 424 -21.78 19.48 12.13
CA LEU D 424 -23.00 18.81 12.55
C LEU D 424 -22.72 17.39 13.01
N TRP D 425 -21.83 16.70 12.30
CA TRP D 425 -21.51 15.31 12.60
C TRP D 425 -20.21 15.14 13.39
N SER D 426 -19.48 16.22 13.66
CA SER D 426 -18.21 16.09 14.37
C SER D 426 -18.43 15.70 15.83
N GLN D 427 -19.42 16.31 16.48
CA GLN D 427 -19.70 16.00 17.88
C GLN D 427 -20.65 14.82 18.05
N ARG D 428 -21.32 14.40 16.97
CA ARG D 428 -22.31 13.34 17.07
C ARG D 428 -21.77 11.96 16.71
N VAL D 429 -20.82 11.88 15.78
CA VAL D 429 -20.37 10.62 15.24
C VAL D 429 -18.97 10.32 15.75
N ILE D 430 -18.82 9.18 16.42
CA ILE D 430 -17.53 8.69 16.89
C ILE D 430 -17.19 7.43 16.11
N TYR D 431 -15.96 7.37 15.60
CA TYR D 431 -15.50 6.23 14.81
C TYR D 431 -14.40 5.51 15.59
N LEU D 432 -14.64 4.23 15.88
CA LEU D 432 -13.67 3.40 16.58
C LEU D 432 -13.23 2.28 15.64
N GLN D 433 -11.92 2.14 15.48
CA GLN D 433 -11.36 1.04 14.71
C GLN D 433 -11.18 -0.15 15.64
N GLY D 434 -12.02 -1.17 15.46
CA GLY D 434 -11.97 -2.32 16.33
C GLY D 434 -12.98 -3.36 15.87
N SER D 435 -13.02 -4.46 16.62
CA SER D 435 -13.87 -5.59 16.31
C SER D 435 -14.85 -5.84 17.45
N ALA D 436 -16.07 -6.21 17.10
CA ALA D 436 -17.03 -6.65 18.11
C ALA D 436 -16.59 -7.93 18.79
N LEU D 437 -15.70 -8.70 18.16
CA LEU D 437 -15.21 -9.95 18.71
C LEU D 437 -14.10 -9.76 19.72
N LYS D 438 -13.62 -8.53 19.91
CA LYS D 438 -12.68 -8.19 20.97
C LYS D 438 -13.44 -7.39 22.02
N ASP D 439 -13.49 -7.92 23.25
CA ASP D 439 -14.22 -7.24 24.31
C ASP D 439 -13.62 -5.89 24.65
N GLN D 440 -12.31 -5.71 24.42
CA GLN D 440 -11.69 -4.40 24.65
C GLN D 440 -12.28 -3.34 23.73
N ASP D 441 -12.52 -3.69 22.46
CA ASP D 441 -13.14 -2.74 21.54
C ASP D 441 -14.60 -2.48 21.89
N LEU D 442 -15.28 -3.46 22.49
CA LEU D 442 -16.63 -3.23 22.98
C LEU D 442 -16.64 -2.38 24.25
N MET D 443 -15.57 -2.40 25.04
CA MET D 443 -15.47 -1.50 26.18
C MET D 443 -15.21 -0.07 25.74
N ARG D 444 -14.38 0.12 24.72
CA ARG D 444 -14.16 1.46 24.18
C ARG D 444 -15.42 2.04 23.58
N ALA D 445 -16.28 1.20 23.00
CA ALA D 445 -17.54 1.64 22.43
C ALA D 445 -18.61 1.85 23.49
N LYS D 446 -18.33 1.54 24.75
CA LYS D 446 -19.31 1.63 25.83
C LYS D 446 -20.55 0.81 25.50
N MET D 447 -20.32 -0.42 25.06
CA MET D 447 -21.40 -1.27 24.59
C MET D 447 -22.39 -1.61 25.70
N ASP D 448 -21.91 -1.78 26.93
CA ASP D 448 -22.78 -2.05 28.06
C ASP D 448 -23.74 -0.90 28.36
N ASN D 449 -23.45 0.31 27.85
CA ASN D 449 -24.30 1.46 28.06
C ASN D 449 -25.03 1.91 26.80
N GLY D 450 -24.80 1.27 25.67
CA GLY D 450 -25.43 1.71 24.43
C GLY D 450 -26.93 1.50 24.46
N GLU D 451 -27.65 2.43 23.83
CA GLU D 451 -29.10 2.30 23.74
C GLU D 451 -29.49 1.20 22.76
N ALA D 452 -28.72 1.01 21.69
CA ALA D 452 -29.03 0.00 20.69
C ALA D 452 -27.76 -0.36 19.95
N CYS D 453 -27.79 -1.52 19.30
CA CYS D 453 -26.69 -1.98 18.46
C CYS D 453 -27.23 -2.30 17.08
N PHE D 454 -26.55 -1.80 16.06
CA PHE D 454 -26.90 -2.05 14.67
C PHE D 454 -25.77 -2.82 14.00
N ILE D 455 -25.97 -4.12 13.82
CA ILE D 455 -25.03 -4.97 13.09
C ILE D 455 -25.54 -5.07 11.66
N LEU D 456 -24.78 -4.53 10.72
CA LEU D 456 -25.19 -4.47 9.33
C LEU D 456 -24.25 -5.29 8.47
N SER D 457 -24.82 -6.15 7.64
CA SER D 457 -24.02 -6.98 6.75
C SER D 457 -23.43 -6.15 5.63
N SER D 458 -22.34 -6.65 5.05
CA SER D 458 -21.67 -6.02 3.93
C SER D 458 -22.19 -6.64 2.64
N ARG D 459 -22.84 -5.82 1.81
CA ARG D 459 -23.41 -6.30 0.56
C ARG D 459 -22.41 -6.28 -0.59
N ASN D 460 -21.39 -5.42 -0.51
CA ASN D 460 -20.37 -5.38 -1.54
C ASN D 460 -19.50 -6.64 -1.54
N GLU D 461 -19.46 -7.35 -0.41
CA GLU D 461 -18.67 -8.56 -0.33
C GLU D 461 -19.19 -9.60 -1.32
N VAL D 462 -18.26 -10.20 -2.08
CA VAL D 462 -18.65 -11.19 -3.08
C VAL D 462 -19.17 -12.46 -2.43
N ASP D 463 -18.66 -12.81 -1.25
CA ASP D 463 -19.12 -13.99 -0.52
C ASP D 463 -20.10 -13.52 0.55
N ARG D 464 -21.39 -13.75 0.31
CA ARG D 464 -22.42 -13.35 1.24
C ARG D 464 -22.60 -14.33 2.39
N THR D 465 -22.26 -15.61 2.19
CA THR D 465 -22.29 -16.55 3.31
C THR D 465 -21.24 -16.19 4.35
N ALA D 466 -20.03 -15.83 3.91
CA ALA D 466 -18.99 -15.41 4.83
C ALA D 466 -19.38 -14.11 5.54
N ALA D 467 -19.95 -13.18 4.80
CA ALA D 467 -20.40 -11.93 5.41
C ALA D 467 -21.50 -12.19 6.44
N ASP D 468 -22.43 -13.09 6.13
CA ASP D 468 -23.48 -13.44 7.08
C ASP D 468 -22.89 -14.12 8.30
N HIS D 469 -21.85 -14.93 8.13
CA HIS D 469 -21.19 -15.54 9.27
C HIS D 469 -20.55 -14.49 10.18
N GLN D 470 -19.97 -13.45 9.59
CA GLN D 470 -19.34 -12.40 10.38
C GLN D 470 -20.37 -11.63 11.21
N THR D 471 -21.54 -11.35 10.64
CA THR D 471 -22.57 -10.65 11.39
C THR D 471 -23.22 -11.53 12.45
N ILE D 472 -23.28 -12.84 12.20
CA ILE D 472 -23.78 -13.76 13.22
C ILE D 472 -22.84 -13.76 14.42
N LEU D 473 -21.53 -13.78 14.18
CA LEU D 473 -20.57 -13.73 15.27
C LEU D 473 -20.62 -12.39 15.98
N ARG D 474 -20.75 -11.29 15.23
CA ARG D 474 -20.83 -9.97 15.85
C ARG D 474 -22.07 -9.85 16.73
N ALA D 475 -23.20 -10.37 16.26
CA ALA D 475 -24.40 -10.39 17.09
C ALA D 475 -24.19 -11.24 18.33
N TRP D 476 -23.53 -12.39 18.18
CA TRP D 476 -23.22 -13.23 19.32
C TRP D 476 -22.26 -12.54 20.28
N ALA D 477 -21.25 -11.86 19.74
CA ALA D 477 -20.28 -11.18 20.60
C ALA D 477 -20.92 -10.06 21.40
N VAL D 478 -21.78 -9.27 20.76
CA VAL D 478 -22.45 -8.18 21.46
C VAL D 478 -23.44 -8.73 22.49
N LYS D 479 -24.16 -9.79 22.13
CA LYS D 479 -25.08 -10.41 23.08
C LYS D 479 -24.34 -10.99 24.27
N ASP D 480 -23.19 -11.61 24.04
CA ASP D 480 -22.38 -12.12 25.15
C ASP D 480 -21.87 -10.99 26.03
N PHE D 481 -21.38 -9.91 25.41
CA PHE D 481 -20.84 -8.79 26.19
C PHE D 481 -21.97 -8.02 26.89
N ALA D 482 -23.02 -7.66 26.15
CA ALA D 482 -24.09 -6.80 26.63
C ALA D 482 -25.43 -7.47 26.37
N PRO D 483 -25.85 -8.39 27.23
CA PRO D 483 -27.15 -9.05 27.03
C PRO D 483 -28.32 -8.07 27.01
N ASN D 484 -28.29 -7.03 27.83
CA ASN D 484 -29.39 -6.07 27.89
C ASN D 484 -29.15 -4.88 26.95
N CYS D 485 -28.87 -5.20 25.70
CA CYS D 485 -28.69 -4.20 24.65
C CYS D 485 -29.47 -4.68 23.44
N PRO D 486 -30.50 -3.95 23.00
CA PRO D 486 -31.27 -4.40 21.83
C PRO D 486 -30.40 -4.46 20.59
N LEU D 487 -30.47 -5.59 19.89
CA LEU D 487 -29.71 -5.82 18.68
C LEU D 487 -30.58 -5.56 17.46
N TYR D 488 -29.98 -4.92 16.45
CA TYR D 488 -30.64 -4.66 15.18
C TYR D 488 -29.74 -5.21 14.09
N VAL D 489 -30.02 -6.44 13.66
CA VAL D 489 -29.15 -7.19 12.78
C VAL D 489 -29.71 -7.17 11.36
N GLN D 490 -28.84 -6.94 10.38
CA GLN D 490 -29.18 -7.01 8.97
C GLN D 490 -28.55 -8.28 8.41
N ILE D 491 -29.39 -9.22 7.97
CA ILE D 491 -28.94 -10.52 7.49
C ILE D 491 -29.14 -10.58 5.98
N LEU D 492 -28.14 -11.12 5.29
CA LEU D 492 -28.19 -11.24 3.83
C LEU D 492 -29.01 -12.46 3.39
N LYS D 493 -28.60 -13.65 3.79
CA LYS D 493 -29.18 -14.90 3.29
C LYS D 493 -30.16 -15.47 4.29
N PRO D 494 -31.33 -15.92 3.80
CA PRO D 494 -32.37 -16.43 4.71
C PRO D 494 -31.94 -17.64 5.51
N GLU D 495 -31.02 -18.46 4.99
CA GLU D 495 -30.61 -19.65 5.72
C GLU D 495 -29.89 -19.33 7.01
N ASN D 496 -29.32 -18.13 7.13
CA ASN D 496 -28.58 -17.72 8.31
C ASN D 496 -29.42 -16.87 9.26
N LYS D 497 -30.72 -16.73 8.99
CA LYS D 497 -31.57 -15.84 9.77
C LYS D 497 -31.93 -16.41 11.14
N PHE D 498 -31.97 -17.73 11.30
CA PHE D 498 -32.37 -18.32 12.56
C PHE D 498 -31.24 -18.38 13.58
N HIS D 499 -30.03 -17.97 13.20
CA HIS D 499 -28.94 -17.85 14.16
C HIS D 499 -28.98 -16.55 14.94
N VAL D 500 -29.63 -15.52 14.41
CA VAL D 500 -29.75 -14.23 15.08
C VAL D 500 -31.21 -13.95 15.40
N LYS D 501 -32.00 -15.02 15.53
CA LYS D 501 -33.41 -14.87 15.88
C LYS D 501 -33.57 -14.25 17.27
N PHE D 502 -32.59 -14.44 18.15
CA PHE D 502 -32.63 -13.84 19.47
C PHE D 502 -32.62 -12.32 19.43
N ALA D 503 -32.14 -11.73 18.34
CA ALA D 503 -32.08 -10.28 18.24
C ALA D 503 -33.48 -9.69 18.23
N ASP D 504 -33.60 -8.48 18.78
CA ASP D 504 -34.90 -7.83 18.88
C ASP D 504 -35.50 -7.56 17.52
N HIS D 505 -34.69 -7.09 16.57
CA HIS D 505 -35.17 -6.75 15.24
C HIS D 505 -34.17 -7.24 14.20
N VAL D 506 -34.64 -8.10 13.31
CA VAL D 506 -33.79 -8.69 12.27
C VAL D 506 -34.43 -8.43 10.92
N VAL D 507 -33.62 -7.98 9.96
CA VAL D 507 -34.05 -7.74 8.59
C VAL D 507 -33.25 -8.65 7.67
N CYS D 508 -33.95 -9.48 6.90
CA CYS D 508 -33.32 -10.32 5.89
C CYS D 508 -33.47 -9.65 4.53
N GLU D 509 -32.34 -9.30 3.91
CA GLU D 509 -32.40 -8.56 2.65
C GLU D 509 -32.96 -9.41 1.51
N GLU D 510 -32.56 -10.68 1.42
CA GLU D 510 -33.01 -11.50 0.30
C GLU D 510 -34.50 -11.82 0.39
N GLU D 511 -35.03 -11.98 1.60
CA GLU D 511 -36.47 -12.20 1.74
C GLU D 511 -37.27 -11.00 1.26
N CYS D 512 -36.90 -9.80 1.72
CA CYS D 512 -37.66 -8.61 1.36
C CYS D 512 -37.44 -8.22 -0.10
N LYS D 513 -36.21 -8.37 -0.60
CA LYS D 513 -35.92 -7.99 -1.98
C LYS D 513 -36.79 -8.75 -2.96
N TYR D 514 -36.90 -10.06 -2.78
CA TYR D 514 -37.65 -10.88 -3.73
C TYR D 514 -39.14 -10.82 -3.49
N ALA D 515 -39.58 -10.60 -2.24
CA ALA D 515 -41.00 -10.43 -1.99
C ALA D 515 -41.52 -9.14 -2.61
N MET D 516 -40.74 -8.06 -2.51
CA MET D 516 -41.12 -6.81 -3.17
C MET D 516 -41.06 -6.94 -4.69
N LEU D 517 -40.04 -7.63 -5.21
CA LEU D 517 -39.95 -7.84 -6.64
C LEU D 517 -41.11 -8.70 -7.14
N ALA D 518 -41.53 -9.70 -6.37
CA ALA D 518 -42.68 -10.51 -6.76
C ALA D 518 -43.98 -9.73 -6.66
N LEU D 519 -44.14 -8.91 -5.62
CA LEU D 519 -45.35 -8.11 -5.48
C LEU D 519 -45.45 -7.06 -6.56
N ASN D 520 -44.31 -6.53 -7.03
CA ASN D 520 -44.34 -5.61 -8.15
C ASN D 520 -44.93 -6.26 -9.39
N CYS D 521 -44.79 -7.58 -9.52
CA CYS D 521 -45.42 -8.30 -10.62
C CYS D 521 -46.92 -8.49 -10.40
N ILE D 522 -47.39 -8.38 -9.16
CA ILE D 522 -48.82 -8.47 -8.86
C ILE D 522 -49.40 -7.07 -8.75
N CYS D 523 -48.89 -6.30 -7.79
CA CYS D 523 -49.28 -4.92 -7.58
C CYS D 523 -48.16 -4.02 -8.03
N PRO D 524 -48.34 -3.24 -9.10
CA PRO D 524 -47.23 -2.44 -9.62
C PRO D 524 -46.76 -1.41 -8.61
N ALA D 525 -45.43 -1.20 -8.59
CA ALA D 525 -44.79 -0.19 -7.75
C ALA D 525 -45.03 -0.44 -6.26
N THR D 526 -45.14 -1.70 -5.86
CA THR D 526 -45.24 -2.02 -4.44
C THR D 526 -43.95 -1.65 -3.72
N SER D 527 -42.80 -1.88 -4.35
CA SER D 527 -41.53 -1.52 -3.74
C SER D 527 -41.44 -0.01 -3.51
N THR D 528 -41.93 0.78 -4.47
CA THR D 528 -41.97 2.23 -4.28
C THR D 528 -42.89 2.60 -3.12
N LEU D 529 -44.04 1.94 -3.02
CA LEU D 529 -44.96 2.20 -1.92
C LEU D 529 -44.32 1.89 -0.57
N ILE D 530 -43.61 0.77 -0.48
CA ILE D 530 -42.94 0.40 0.76
C ILE D 530 -41.78 1.36 1.03
N THR D 531 -41.07 1.78 -0.03
CA THR D 531 -39.91 2.65 0.15
C THR D 531 -40.30 3.97 0.80
N LEU D 532 -41.35 4.61 0.30
CA LEU D 532 -41.76 5.90 0.83
C LEU D 532 -42.29 5.77 2.26
N LEU D 533 -42.98 4.67 2.55
CA LEU D 533 -43.55 4.49 3.89
C LEU D 533 -42.47 4.34 4.95
N VAL D 534 -41.37 3.67 4.64
CA VAL D 534 -40.36 3.36 5.65
C VAL D 534 -39.34 4.48 5.74
N HIS D 535 -39.59 5.58 5.03
CA HIS D 535 -38.73 6.76 5.07
C HIS D 535 -39.42 7.87 5.86
N THR D 536 -38.70 8.46 6.80
CA THR D 536 -39.25 9.57 7.59
C THR D 536 -39.21 10.85 6.77
N SER D 537 -40.38 11.38 6.44
CA SER D 537 -40.49 12.59 5.64
C SER D 537 -41.73 13.36 6.07
N ARG D 538 -41.69 14.68 5.87
CA ARG D 538 -42.80 15.55 6.25
C ARG D 538 -43.75 15.84 5.09
N GLY D 539 -43.53 15.23 3.93
CA GLY D 539 -44.37 15.49 2.78
C GLY D 539 -44.25 16.89 2.22
N GLN D 540 -43.03 17.44 2.19
CA GLN D 540 -42.79 18.78 1.68
C GLN D 540 -42.08 18.75 0.33
N GLU D 541 -41.92 17.59 -0.27
CA GLU D 541 -41.21 17.48 -1.54
C GLU D 541 -42.10 17.90 -2.71
N GLY D 542 -41.53 18.66 -3.63
CA GLY D 542 -42.23 19.07 -4.83
C GLY D 542 -43.46 19.91 -4.57
N GLN D 543 -43.46 20.65 -3.45
CA GLN D 543 -44.60 21.51 -3.13
C GLN D 543 -44.59 22.80 -3.92
N GLU D 544 -43.45 23.18 -4.49
CA GLU D 544 -43.36 24.34 -5.37
C GLU D 544 -43.42 23.96 -6.84
N SER D 545 -43.58 22.67 -7.14
CA SER D 545 -43.55 22.22 -8.52
C SER D 545 -44.77 22.72 -9.28
N PRO D 546 -44.60 23.19 -10.51
CA PRO D 546 -45.78 23.59 -11.31
C PRO D 546 -46.66 22.42 -11.71
N GLU D 547 -46.14 21.19 -11.71
CA GLU D 547 -46.93 20.03 -12.10
C GLU D 547 -47.80 19.57 -10.94
N GLN D 548 -49.08 19.32 -11.24
CA GLN D 548 -50.01 18.86 -10.21
C GLN D 548 -49.64 17.48 -9.70
N TRP D 549 -49.20 16.59 -10.60
CA TRP D 549 -48.87 15.24 -10.17
C TRP D 549 -47.67 15.22 -9.24
N GLN D 550 -46.72 16.14 -9.41
CA GLN D 550 -45.56 16.18 -8.53
C GLN D 550 -45.92 16.69 -7.15
N ARG D 551 -46.81 17.68 -7.07
CA ARG D 551 -47.22 18.23 -5.78
C ARG D 551 -47.97 17.18 -4.96
N MET D 552 -48.89 16.45 -5.60
CA MET D 552 -49.65 15.43 -4.88
C MET D 552 -48.83 14.18 -4.62
N TYR D 553 -47.81 13.92 -5.46
CA TYR D 553 -46.95 12.77 -5.23
C TYR D 553 -45.98 13.04 -4.09
N GLY D 554 -45.43 14.25 -4.03
CA GLY D 554 -44.54 14.60 -2.94
C GLY D 554 -45.28 14.83 -1.63
N ARG D 555 -46.55 15.22 -1.71
CA ARG D 555 -47.37 15.35 -0.49
C ARG D 555 -47.71 13.99 0.08
N CYS D 556 -48.24 13.09 -0.76
CA CYS D 556 -48.65 11.77 -0.30
C CYS D 556 -47.46 10.93 0.14
N SER D 557 -46.24 11.30 -0.25
CA SER D 557 -45.06 10.55 0.17
C SER D 557 -44.70 10.79 1.62
N GLY D 558 -45.28 11.81 2.25
CA GLY D 558 -45.07 12.05 3.65
C GLY D 558 -45.80 11.11 4.58
N ASN D 559 -46.58 10.19 4.03
CA ASN D 559 -47.29 9.22 4.84
C ASN D 559 -46.33 8.23 5.48
N GLU D 560 -46.66 7.82 6.70
CA GLU D 560 -45.88 6.83 7.43
C GLU D 560 -46.86 5.92 8.15
N VAL D 561 -46.33 4.91 8.84
CA VAL D 561 -47.13 4.00 9.63
C VAL D 561 -46.89 4.30 11.10
N TYR D 562 -47.96 4.60 11.83
CA TYR D 562 -47.89 4.92 13.25
C TYR D 562 -48.81 3.98 14.02
N HIS D 563 -48.56 3.90 15.32
CA HIS D 563 -49.39 3.11 16.22
C HIS D 563 -49.83 3.98 17.38
N ILE D 564 -51.01 3.67 17.92
CA ILE D 564 -51.55 4.40 19.06
C ILE D 564 -52.58 3.51 19.75
N ARG D 565 -52.62 3.58 21.07
CA ARG D 565 -53.69 2.91 21.80
C ARG D 565 -55.03 3.51 21.40
N MET D 566 -56.01 2.65 21.13
CA MET D 566 -57.26 3.13 20.54
C MET D 566 -58.00 4.05 21.49
N GLY D 567 -57.99 3.72 22.79
CA GLY D 567 -58.66 4.58 23.76
C GLY D 567 -58.01 5.95 23.88
N ASP D 568 -56.68 6.01 23.72
CA ASP D 568 -55.96 7.26 23.76
C ASP D 568 -55.95 7.98 22.42
N SER D 569 -56.57 7.42 21.39
CA SER D 569 -56.49 7.96 20.04
C SER D 569 -57.70 8.82 19.75
N LYS D 570 -57.47 10.11 19.46
CA LYS D 570 -58.56 10.98 19.05
C LYS D 570 -59.09 10.63 17.66
N PHE D 571 -58.34 9.84 16.89
CA PHE D 571 -58.81 9.40 15.59
C PHE D 571 -59.88 8.31 15.70
N PHE D 572 -59.68 7.35 16.60
CA PHE D 572 -60.48 6.14 16.62
C PHE D 572 -61.21 5.87 17.93
N ARG D 573 -61.14 6.77 18.91
CA ARG D 573 -61.79 6.52 20.19
C ARG D 573 -63.30 6.48 20.07
N GLU D 574 -63.87 7.28 19.17
CA GLU D 574 -65.33 7.32 19.00
C GLU D 574 -65.89 6.03 18.43
N TYR D 575 -65.05 5.12 17.95
CA TYR D 575 -65.49 3.87 17.35
C TYR D 575 -65.30 2.66 18.27
N GLU D 576 -65.33 2.88 19.59
CA GLU D 576 -65.36 1.76 20.52
C GLU D 576 -66.63 0.94 20.30
N GLY D 577 -66.47 -0.38 20.23
CA GLY D 577 -67.59 -1.26 19.99
C GLY D 577 -68.05 -1.34 18.57
N LYS D 578 -67.37 -0.66 17.64
CA LYS D 578 -67.71 -0.69 16.23
C LYS D 578 -66.73 -1.59 15.49
N SER D 579 -67.14 -2.00 14.28
CA SER D 579 -66.30 -2.88 13.49
C SER D 579 -65.05 -2.15 13.02
N PHE D 580 -64.02 -2.95 12.71
CA PHE D 580 -62.75 -2.37 12.28
C PHE D 580 -62.89 -1.60 10.97
N THR D 581 -63.68 -2.15 10.04
CA THR D 581 -63.83 -1.50 8.74
C THR D 581 -64.65 -0.21 8.85
N TYR D 582 -65.63 -0.19 9.75
CA TYR D 582 -66.38 1.04 9.98
C TYR D 582 -65.47 2.14 10.51
N ALA D 583 -64.59 1.80 11.45
CA ALA D 583 -63.66 2.79 11.97
C ALA D 583 -62.69 3.27 10.90
N ALA D 584 -62.19 2.35 10.08
CA ALA D 584 -61.21 2.73 9.06
C ALA D 584 -61.81 3.68 8.04
N PHE D 585 -63.04 3.39 7.60
CA PHE D 585 -63.69 4.26 6.61
C PHE D 585 -63.99 5.63 7.20
N HIS D 586 -64.60 5.66 8.38
CA HIS D 586 -65.03 6.93 8.96
C HIS D 586 -63.87 7.78 9.43
N ALA D 587 -62.79 7.16 9.91
CA ALA D 587 -61.60 7.93 10.27
C ALA D 587 -60.93 8.53 9.04
N HIS D 588 -60.96 7.82 7.91
CA HIS D 588 -60.42 8.37 6.66
C HIS D 588 -61.33 9.46 6.11
N LYS D 589 -62.65 9.25 6.20
CA LYS D 589 -63.59 10.27 5.73
C LYS D 589 -63.48 11.55 6.56
N LYS D 590 -63.15 11.43 7.84
CA LYS D 590 -63.09 12.58 8.74
C LYS D 590 -61.72 13.22 8.78
N TYR D 591 -60.67 12.44 9.05
CA TYR D 591 -59.33 12.98 9.21
C TYR D 591 -58.36 12.60 8.10
N GLY D 592 -58.73 11.68 7.21
CA GLY D 592 -57.80 11.27 6.17
C GLY D 592 -56.74 10.28 6.62
N VAL D 593 -56.99 9.54 7.70
CA VAL D 593 -56.07 8.53 8.21
C VAL D 593 -56.56 7.16 7.75
N CYS D 594 -55.61 6.29 7.42
CA CYS D 594 -55.92 4.95 6.91
C CYS D 594 -55.58 3.92 7.98
N LEU D 595 -56.60 3.44 8.68
CA LEU D 595 -56.43 2.36 9.64
C LEU D 595 -56.16 1.07 8.87
N ILE D 596 -54.95 0.52 9.04
CA ILE D 596 -54.54 -0.64 8.25
C ILE D 596 -54.48 -1.90 9.10
N GLY D 597 -54.29 -1.75 10.40
CA GLY D 597 -54.19 -2.92 11.24
C GLY D 597 -54.30 -2.57 12.72
N LEU D 598 -54.34 -3.63 13.54
CA LEU D 598 -54.41 -3.47 14.98
C LEU D 598 -53.70 -4.62 15.65
N LYS D 599 -53.37 -4.42 16.92
CA LYS D 599 -52.77 -5.43 17.78
C LYS D 599 -53.55 -5.50 19.08
N ARG D 600 -54.22 -6.63 19.31
CA ARG D 600 -54.96 -6.81 20.55
C ARG D 600 -53.99 -6.89 21.74
N GLU D 601 -54.49 -6.49 22.91
CA GLU D 601 -53.67 -6.56 24.11
C GLU D 601 -53.43 -7.99 24.57
N ASP D 602 -54.31 -8.92 24.21
CA ASP D 602 -54.13 -10.32 24.60
C ASP D 602 -52.95 -10.95 23.86
N ASN D 603 -52.86 -10.74 22.55
CA ASN D 603 -51.83 -11.35 21.73
C ASN D 603 -50.73 -10.34 21.39
N LYS D 604 -49.64 -10.85 20.86
CA LYS D 604 -48.54 -10.03 20.37
C LYS D 604 -48.57 -9.83 18.86
N SER D 605 -49.52 -10.47 18.17
CA SER D 605 -49.53 -10.49 16.71
C SER D 605 -50.28 -9.29 16.16
N ILE D 606 -49.71 -8.66 15.14
CA ILE D 606 -50.36 -7.55 14.45
C ILE D 606 -51.12 -8.10 13.26
N LEU D 607 -52.38 -7.72 13.13
CA LEU D 607 -53.24 -8.18 12.04
C LEU D 607 -53.56 -7.01 11.12
N LEU D 608 -53.26 -7.17 9.83
CA LEU D 608 -53.60 -6.17 8.84
C LEU D 608 -55.03 -6.41 8.36
N ASN D 609 -55.88 -5.42 8.52
CA ASN D 609 -57.30 -5.50 8.16
C ASN D 609 -57.95 -6.74 8.76
N PRO D 610 -58.21 -6.76 10.07
CA PRO D 610 -58.88 -7.92 10.66
C PRO D 610 -60.24 -8.22 10.05
N GLY D 611 -60.93 -7.20 9.54
CA GLY D 611 -62.18 -7.41 8.85
C GLY D 611 -63.37 -6.80 9.56
N PRO D 612 -64.57 -6.99 9.00
CA PRO D 612 -65.77 -6.43 9.62
C PRO D 612 -66.22 -7.18 10.85
N ARG D 613 -65.90 -8.48 10.99
CA ARG D 613 -66.30 -9.23 12.16
C ARG D 613 -65.55 -8.80 13.41
N HIS D 614 -64.40 -8.15 13.26
CA HIS D 614 -63.62 -7.69 14.40
C HIS D 614 -64.26 -6.46 15.02
N ILE D 615 -64.37 -6.44 16.34
CA ILE D 615 -64.99 -5.35 17.08
C ILE D 615 -63.90 -4.65 17.88
N LEU D 616 -63.85 -3.33 17.77
CA LEU D 616 -62.82 -2.55 18.42
C LEU D 616 -63.00 -2.52 19.93
N ALA D 617 -61.88 -2.37 20.64
CA ALA D 617 -61.88 -2.22 22.08
C ALA D 617 -60.81 -1.22 22.48
N ALA D 618 -60.99 -0.60 23.64
CA ALA D 618 -60.11 0.48 24.07
C ALA D 618 -58.67 0.01 24.30
N SER D 619 -58.44 -1.28 24.49
CA SER D 619 -57.11 -1.81 24.72
C SER D 619 -56.34 -2.10 23.43
N ASP D 620 -57.02 -2.11 22.28
CA ASP D 620 -56.34 -2.42 21.03
C ASP D 620 -55.40 -1.30 20.63
N THR D 621 -54.27 -1.69 20.03
CA THR D 621 -53.30 -0.75 19.48
C THR D 621 -53.54 -0.63 17.98
N CYS D 622 -53.90 0.57 17.54
CA CYS D 622 -54.31 0.78 16.15
C CYS D 622 -53.12 1.25 15.32
N PHE D 623 -52.92 0.61 14.18
CA PHE D 623 -51.87 0.96 13.23
C PHE D 623 -52.50 1.67 12.05
N TYR D 624 -52.07 2.90 11.79
CA TYR D 624 -52.67 3.74 10.76
C TYR D 624 -51.59 4.38 9.90
N ILE D 625 -51.96 4.73 8.68
CA ILE D 625 -51.11 5.50 7.79
C ILE D 625 -51.60 6.94 7.77
N ASN D 626 -50.69 7.87 8.02
CA ASN D 626 -51.05 9.29 8.06
C ASN D 626 -49.81 10.11 7.79
N ILE D 627 -50.02 11.36 7.36
CA ILE D 627 -48.92 12.28 7.13
C ILE D 627 -48.17 12.56 8.41
N THR D 628 -48.89 12.79 9.51
CA THR D 628 -48.27 13.15 10.78
C THR D 628 -48.83 12.25 11.88
N LYS D 629 -48.04 12.11 12.95
CA LYS D 629 -48.51 11.42 14.14
C LYS D 629 -49.71 12.15 14.72
N GLU D 630 -50.58 11.37 15.38
CA GLU D 630 -51.76 11.98 16.00
C GLU D 630 -51.37 13.02 17.04
N GLU D 631 -50.40 12.69 17.88
CA GLU D 631 -49.90 13.67 18.85
C GLU D 631 -49.24 14.84 18.14
N ASN D 632 -48.46 14.58 17.10
CA ASN D 632 -47.85 15.64 16.31
C ASN D 632 -48.85 16.35 15.41
N SER D 633 -50.06 15.82 15.26
CA SER D 633 -51.12 16.49 14.54
C SER D 633 -52.02 17.31 15.47
N ALA D 634 -51.45 17.87 16.53
CA ALA D 634 -52.24 18.69 17.45
C ALA D 634 -52.77 19.95 16.78
N PHE D 635 -52.27 20.29 15.58
CA PHE D 635 -52.75 21.48 14.88
C PHE D 635 -54.08 21.21 14.18
N ILE D 636 -54.24 20.04 13.57
CA ILE D 636 -55.47 19.76 12.82
C ILE D 636 -56.65 19.60 13.77
N PHE D 637 -56.42 19.03 14.96
CA PHE D 637 -57.48 18.95 15.95
C PHE D 637 -57.88 20.35 16.42
N LYS D 638 -56.90 21.23 16.61
CA LYS D 638 -57.22 22.64 16.84
C LYS D 638 -57.81 23.28 15.58
N GLN D 639 -57.32 22.89 14.41
CA GLN D 639 -57.92 23.36 13.16
C GLN D 639 -59.35 22.83 13.02
N GLU D 640 -59.61 21.64 13.55
CA GLU D 640 -60.99 21.15 13.62
C GLU D 640 -61.82 22.05 14.53
N GLU D 641 -61.24 22.49 15.64
CA GLU D 641 -61.89 23.47 16.50
C GLU D 641 -61.99 24.84 15.84
N LYS D 642 -61.12 25.15 14.87
CA LYS D 642 -61.25 26.40 14.13
C LYS D 642 -62.55 26.43 13.32
N ARG D 643 -62.95 25.28 12.77
CA ARG D 643 -64.23 25.19 12.09
C ARG D 643 -65.39 25.21 13.07
N LYS D 644 -65.22 24.65 14.26
CA LYS D 644 -66.26 24.63 15.27
C LYS D 644 -66.48 26.02 15.87
N ILE D 710 -74.29 4.35 -3.25
CA ILE D 710 -73.42 3.44 -2.52
C ILE D 710 -74.03 3.13 -1.16
N ALA D 711 -74.09 1.83 -0.83
CA ALA D 711 -74.64 1.41 0.45
C ALA D 711 -73.76 1.91 1.59
N PRO D 712 -74.36 2.19 2.74
CA PRO D 712 -73.59 2.71 3.88
C PRO D 712 -72.82 1.62 4.61
N VAL D 713 -71.67 2.01 5.17
CA VAL D 713 -70.87 1.07 5.95
C VAL D 713 -71.58 0.79 7.27
N LEU D 714 -71.73 -0.48 7.59
CA LEU D 714 -72.50 -0.91 8.75
C LEU D 714 -71.66 -0.86 10.02
N GLU D 715 -72.28 -0.45 11.12
CA GLU D 715 -71.61 -0.47 12.41
C GLU D 715 -71.26 -1.90 12.82
N LEU D 716 -72.18 -2.83 12.61
CA LEU D 716 -71.98 -4.23 12.93
C LEU D 716 -71.99 -5.06 11.65
N ALA D 717 -71.13 -6.09 11.61
CA ALA D 717 -71.04 -6.95 10.45
C ALA D 717 -72.33 -7.77 10.26
N VAL D 747 -55.04 -29.40 -16.28
CA VAL D 747 -54.65 -29.89 -14.96
C VAL D 747 -55.05 -28.89 -13.89
N GLU D 748 -55.85 -29.35 -12.93
CA GLU D 748 -56.28 -28.52 -11.81
C GLU D 748 -55.30 -28.64 -10.66
N TYR D 749 -55.14 -27.55 -9.91
CA TYR D 749 -54.16 -27.47 -8.85
C TYR D 749 -54.80 -27.71 -7.48
N VAL D 750 -54.03 -28.32 -6.59
CA VAL D 750 -54.45 -28.50 -5.21
C VAL D 750 -53.98 -27.32 -4.39
N LYS D 751 -54.57 -27.12 -3.21
CA LYS D 751 -54.21 -26.03 -2.32
C LYS D 751 -53.58 -26.63 -1.06
N GLY D 752 -52.30 -26.37 -0.87
CA GLY D 752 -51.59 -26.89 0.28
C GLY D 752 -50.29 -26.16 0.50
N TYR D 753 -49.55 -26.60 1.50
CA TYR D 753 -48.28 -25.99 1.85
C TYR D 753 -47.14 -26.69 1.10
N PRO D 754 -46.13 -25.94 0.65
CA PRO D 754 -44.98 -26.55 -0.01
C PRO D 754 -44.30 -27.55 0.90
N PRO D 755 -44.05 -28.77 0.41
CA PRO D 755 -43.54 -29.83 1.29
C PRO D 755 -42.14 -29.55 1.85
N ASN D 756 -41.18 -29.30 0.97
CA ASN D 756 -39.78 -29.16 1.39
C ASN D 756 -39.46 -27.70 1.60
N SER D 757 -39.54 -27.24 2.84
CA SER D 757 -39.14 -25.87 3.16
C SER D 757 -37.64 -25.72 3.02
N PRO D 758 -37.15 -24.73 2.28
CA PRO D 758 -35.70 -24.67 2.01
C PRO D 758 -34.88 -24.27 3.21
N TYR D 759 -35.43 -23.54 4.18
CA TYR D 759 -34.65 -23.07 5.31
C TYR D 759 -35.55 -22.92 6.53
N ILE D 760 -34.91 -22.81 7.69
CA ILE D 760 -35.63 -22.62 8.95
C ILE D 760 -36.04 -21.17 9.06
N GLY D 761 -37.30 -20.93 9.43
CA GLY D 761 -37.85 -19.60 9.49
C GLY D 761 -38.71 -19.23 8.30
N SER D 762 -38.75 -20.06 7.27
CA SER D 762 -39.63 -19.83 6.13
C SER D 762 -41.08 -19.96 6.57
N SER D 763 -41.81 -18.86 6.57
CA SER D 763 -43.20 -18.89 7.00
C SER D 763 -44.02 -19.72 6.01
N PRO D 764 -44.79 -20.69 6.50
CA PRO D 764 -45.56 -21.54 5.57
C PRO D 764 -46.79 -20.81 5.05
N THR D 765 -46.82 -20.60 3.74
CA THR D 765 -47.94 -19.96 3.07
C THR D 765 -48.68 -21.00 2.24
N LEU D 766 -50.00 -21.06 2.40
CA LEU D 766 -50.80 -21.95 1.58
C LEU D 766 -50.76 -21.47 0.14
N CYS D 767 -50.35 -22.34 -0.77
CA CYS D 767 -50.08 -21.96 -2.15
C CYS D 767 -50.85 -22.88 -3.09
N HIS D 768 -50.88 -22.48 -4.36
CA HIS D 768 -51.35 -23.37 -5.42
C HIS D 768 -50.27 -24.40 -5.70
N LEU D 769 -50.59 -25.67 -5.52
CA LEU D 769 -49.62 -26.74 -5.64
C LEU D 769 -50.02 -27.71 -6.75
N LEU D 770 -49.01 -28.23 -7.44
CA LEU D 770 -49.26 -29.28 -8.41
C LEU D 770 -49.72 -30.54 -7.68
N PRO D 771 -50.68 -31.28 -8.24
CA PRO D 771 -51.12 -32.53 -7.59
C PRO D 771 -50.00 -33.53 -7.39
N VAL D 772 -49.05 -33.60 -8.32
CA VAL D 772 -47.89 -34.49 -8.21
C VAL D 772 -46.63 -33.66 -8.39
N LYS D 773 -45.56 -34.06 -7.71
CA LYS D 773 -44.29 -33.37 -7.85
C LYS D 773 -43.82 -33.42 -9.31
N ALA D 774 -43.38 -32.27 -9.80
CA ALA D 774 -42.88 -32.20 -11.17
C ALA D 774 -41.44 -32.71 -11.21
N PRO D 775 -41.13 -33.67 -12.08
CA PRO D 775 -39.74 -34.12 -12.19
C PRO D 775 -38.84 -33.00 -12.67
N PHE D 776 -37.57 -33.08 -12.26
CA PHE D 776 -36.62 -32.01 -12.54
C PHE D 776 -36.43 -31.77 -14.03
N CYS D 777 -36.66 -32.79 -14.86
CA CYS D 777 -36.57 -32.60 -16.30
C CYS D 777 -37.68 -31.68 -16.82
N CYS D 778 -38.86 -31.74 -16.19
CA CYS D 778 -39.97 -30.92 -16.64
C CYS D 778 -39.86 -29.47 -16.16
N LEU D 779 -38.96 -29.18 -15.23
CA LEU D 779 -38.74 -27.82 -14.75
C LEU D 779 -37.79 -27.03 -15.64
N ARG D 780 -37.20 -27.66 -16.65
CA ARG D 780 -36.25 -27.01 -17.53
C ARG D 780 -36.95 -26.58 -18.81
N LEU D 781 -36.90 -25.28 -19.11
CA LEU D 781 -37.48 -24.76 -20.34
C LEU D 781 -36.60 -25.03 -21.55
N ASP D 782 -35.29 -25.24 -21.35
CA ASP D 782 -34.37 -25.42 -22.47
C ASP D 782 -34.55 -26.79 -23.10
N LYS D 783 -34.29 -27.85 -22.34
CA LYS D 783 -34.19 -29.20 -22.88
C LYS D 783 -35.55 -29.89 -22.87
N GLY D 784 -35.85 -30.59 -23.96
CA GLY D 784 -37.00 -31.47 -23.98
C GLY D 784 -36.74 -32.76 -23.22
N CYS D 785 -37.82 -33.35 -22.72
CA CYS D 785 -37.70 -34.56 -21.91
C CYS D 785 -38.66 -35.64 -22.39
N LYS D 786 -38.80 -36.70 -21.59
CA LYS D 786 -39.72 -37.78 -21.94
C LYS D 786 -41.16 -37.28 -21.98
N HIS D 787 -41.53 -36.43 -21.03
CA HIS D 787 -42.91 -35.96 -20.95
C HIS D 787 -43.23 -34.91 -22.00
N ASN D 788 -42.24 -34.13 -22.44
CA ASN D 788 -42.49 -33.11 -23.46
C ASN D 788 -41.25 -32.88 -24.30
N SER D 789 -41.46 -32.54 -25.57
CA SER D 789 -40.38 -32.21 -26.49
C SER D 789 -40.16 -30.71 -26.60
N TYR D 790 -40.84 -29.91 -25.80
CA TYR D 790 -40.76 -28.46 -25.90
C TYR D 790 -39.36 -27.98 -25.56
N GLU D 791 -38.82 -27.08 -26.39
CA GLU D 791 -37.50 -26.55 -26.20
C GLU D 791 -37.46 -25.05 -25.93
N ASP D 792 -38.60 -24.37 -26.01
CA ASP D 792 -38.69 -22.95 -25.68
C ASP D 792 -40.12 -22.64 -25.28
N ALA D 793 -40.34 -21.42 -24.80
CA ALA D 793 -41.66 -21.03 -24.30
C ALA D 793 -42.72 -21.02 -25.38
N LYS D 794 -42.35 -20.91 -26.65
CA LYS D 794 -43.33 -20.94 -27.72
C LYS D 794 -43.96 -22.32 -27.86
N ALA D 795 -43.15 -23.37 -27.74
CA ALA D 795 -43.68 -24.74 -27.80
C ALA D 795 -44.62 -25.04 -26.65
N TYR D 796 -44.44 -24.38 -25.49
CA TYR D 796 -45.35 -24.60 -24.38
C TYR D 796 -46.72 -24.01 -24.66
N GLY D 797 -46.77 -22.82 -25.22
CA GLY D 797 -48.04 -22.16 -25.50
C GLY D 797 -48.79 -21.78 -24.24
N PHE D 798 -48.19 -20.95 -23.41
CA PHE D 798 -48.84 -20.53 -22.17
C PHE D 798 -50.04 -19.65 -22.47
N LYS D 799 -51.06 -19.77 -21.61
CA LYS D 799 -52.25 -18.93 -21.75
C LYS D 799 -52.00 -17.52 -21.26
N ASN D 800 -51.20 -17.36 -20.21
CA ASN D 800 -50.94 -16.07 -19.60
C ASN D 800 -49.54 -15.59 -19.95
N LYS D 801 -49.25 -14.34 -19.58
CA LYS D 801 -47.95 -13.74 -19.85
C LYS D 801 -46.92 -14.18 -18.82
N LEU D 802 -45.68 -14.30 -19.27
CA LEU D 802 -44.62 -14.88 -18.48
C LEU D 802 -43.92 -13.84 -17.62
N ILE D 803 -43.43 -14.28 -16.47
CA ILE D 803 -42.54 -13.49 -15.63
C ILE D 803 -41.16 -14.11 -15.72
N ILE D 804 -40.21 -13.36 -16.28
CA ILE D 804 -38.85 -13.84 -16.48
C ILE D 804 -37.98 -13.19 -15.42
N VAL D 805 -37.32 -14.00 -14.61
CA VAL D 805 -36.44 -13.52 -13.55
C VAL D 805 -35.01 -13.80 -13.99
N SER D 806 -34.24 -12.75 -14.21
CA SER D 806 -32.84 -12.86 -14.62
C SER D 806 -31.98 -12.77 -13.37
N ALA D 807 -31.70 -13.93 -12.76
CA ALA D 807 -30.89 -14.00 -11.56
C ALA D 807 -29.59 -14.73 -11.86
N GLU D 808 -28.62 -14.57 -10.96
CA GLU D 808 -27.32 -15.22 -11.12
C GLU D 808 -27.36 -16.66 -10.61
N THR D 809 -27.81 -16.86 -9.37
CA THR D 809 -27.91 -18.17 -8.76
C THR D 809 -29.29 -18.35 -8.17
N ALA D 810 -29.78 -19.58 -8.19
CA ALA D 810 -31.08 -19.91 -7.62
C ALA D 810 -30.86 -20.39 -6.18
N GLY D 811 -31.33 -19.59 -5.22
CA GLY D 811 -31.18 -19.90 -3.82
C GLY D 811 -32.51 -19.75 -3.08
N ASN D 812 -32.41 -19.44 -1.79
CA ASN D 812 -33.59 -19.26 -0.98
C ASN D 812 -34.27 -17.92 -1.25
N GLY D 813 -33.52 -16.94 -1.76
CA GLY D 813 -34.14 -15.69 -2.17
C GLY D 813 -35.11 -15.87 -3.32
N LEU D 814 -34.72 -16.63 -4.33
CA LEU D 814 -35.62 -16.90 -5.45
C LEU D 814 -36.84 -17.70 -4.99
N TYR D 815 -36.70 -18.50 -3.94
CA TYR D 815 -37.85 -19.16 -3.35
C TYR D 815 -38.86 -18.15 -2.81
N ASN D 816 -38.36 -17.07 -2.22
CA ASN D 816 -39.24 -16.02 -1.72
C ASN D 816 -39.83 -15.18 -2.85
N PHE D 817 -39.38 -15.38 -4.08
CA PHE D 817 -39.99 -14.72 -5.23
C PHE D 817 -41.17 -15.53 -5.76
N ILE D 818 -41.07 -16.86 -5.70
CA ILE D 818 -42.11 -17.71 -6.26
C ILE D 818 -43.30 -17.85 -5.31
N VAL D 819 -43.05 -17.82 -3.99
CA VAL D 819 -44.14 -18.03 -3.03
C VAL D 819 -45.24 -16.98 -3.15
N PRO D 820 -44.95 -15.68 -3.18
CA PRO D 820 -46.06 -14.71 -3.29
C PRO D 820 -46.86 -14.86 -4.57
N LEU D 821 -46.23 -15.28 -5.67
CA LEU D 821 -46.91 -15.42 -6.94
C LEU D 821 -47.74 -16.69 -7.04
N ARG D 822 -47.55 -17.64 -6.12
CA ARG D 822 -48.29 -18.89 -6.13
C ARG D 822 -49.23 -19.01 -4.93
N ALA D 823 -49.44 -17.93 -4.18
CA ALA D 823 -50.24 -18.00 -2.97
C ALA D 823 -51.70 -18.33 -3.30
N TYR D 824 -52.38 -18.91 -2.31
CA TYR D 824 -53.72 -19.44 -2.55
C TYR D 824 -54.73 -18.34 -2.84
N TYR D 825 -54.55 -17.15 -2.26
CA TYR D 825 -55.49 -16.07 -2.52
C TYR D 825 -55.27 -15.42 -3.89
N ARG D 826 -54.11 -15.63 -4.50
CA ARG D 826 -53.91 -15.21 -5.87
C ARG D 826 -54.80 -16.02 -6.81
N SER D 827 -55.35 -15.36 -7.82
CA SER D 827 -56.26 -16.02 -8.74
C SER D 827 -55.52 -17.12 -9.51
N ARG D 828 -56.19 -18.27 -9.63
CA ARG D 828 -55.61 -19.41 -10.33
C ARG D 828 -55.60 -19.23 -11.84
N LYS D 829 -56.60 -18.56 -12.40
CA LYS D 829 -56.61 -18.30 -13.84
C LYS D 829 -55.59 -17.22 -14.21
N GLU D 830 -55.35 -16.27 -13.30
CA GLU D 830 -54.38 -15.20 -13.51
C GLU D 830 -52.97 -15.61 -13.13
N LEU D 831 -52.71 -16.90 -12.96
CA LEU D 831 -51.37 -17.36 -12.63
C LEU D 831 -50.43 -17.11 -13.81
N ASN D 832 -49.29 -16.48 -13.52
CA ASN D 832 -48.31 -16.16 -14.55
C ASN D 832 -47.17 -17.16 -14.51
N PRO D 833 -46.84 -17.79 -15.63
CA PRO D 833 -45.67 -18.68 -15.65
C PRO D 833 -44.41 -17.92 -15.25
N ILE D 834 -43.57 -18.57 -14.46
CA ILE D 834 -42.33 -17.98 -13.96
C ILE D 834 -41.17 -18.71 -14.63
N VAL D 835 -40.35 -17.96 -15.36
CA VAL D 835 -39.16 -18.50 -16.01
C VAL D 835 -37.94 -17.90 -15.34
N LEU D 836 -37.11 -18.75 -14.76
CA LEU D 836 -35.90 -18.32 -14.07
C LEU D 836 -34.73 -18.40 -15.04
N LEU D 837 -34.19 -17.24 -15.40
CA LEU D 837 -33.07 -17.17 -16.32
C LEU D 837 -31.79 -17.11 -15.49
N LEU D 838 -31.30 -18.28 -15.11
CA LEU D 838 -30.19 -18.39 -14.18
C LEU D 838 -28.86 -18.47 -14.93
N ASP D 839 -27.84 -17.81 -14.37
CA ASP D 839 -26.49 -17.91 -14.90
C ASP D 839 -25.88 -19.28 -14.61
N ASN D 840 -26.12 -19.81 -13.42
CA ASN D 840 -25.59 -21.10 -13.01
C ASN D 840 -26.73 -22.11 -12.89
N LYS D 841 -26.40 -23.37 -13.11
CA LYS D 841 -27.39 -24.42 -12.99
C LYS D 841 -27.86 -24.54 -11.53
N PRO D 842 -29.17 -24.53 -11.29
CA PRO D 842 -29.66 -24.60 -9.91
C PRO D 842 -29.32 -25.94 -9.27
N ASP D 843 -29.00 -25.88 -7.98
CA ASP D 843 -28.79 -27.09 -7.23
C ASP D 843 -30.11 -27.80 -6.97
N HIS D 844 -30.02 -29.11 -6.70
CA HIS D 844 -31.21 -29.94 -6.55
C HIS D 844 -32.05 -29.56 -5.34
N HIS D 845 -31.47 -28.91 -4.33
CA HIS D 845 -32.29 -28.47 -3.19
C HIS D 845 -33.27 -27.38 -3.60
N PHE D 846 -32.83 -26.46 -4.46
CA PHE D 846 -33.75 -25.45 -4.97
C PHE D 846 -34.85 -26.10 -5.81
N LEU D 847 -34.48 -27.07 -6.64
CA LEU D 847 -35.47 -27.72 -7.50
C LEU D 847 -36.48 -28.50 -6.65
N GLU D 848 -36.04 -29.14 -5.57
CA GLU D 848 -36.98 -29.81 -4.69
C GLU D 848 -37.88 -28.83 -3.97
N ALA D 849 -37.42 -27.59 -3.76
CA ALA D 849 -38.25 -26.59 -3.13
C ALA D 849 -39.32 -26.04 -4.07
N ILE D 850 -39.05 -26.05 -5.38
CA ILE D 850 -39.94 -25.44 -6.37
C ILE D 850 -40.59 -26.47 -7.28
N CYS D 851 -40.35 -27.76 -7.06
CA CYS D 851 -40.93 -28.78 -7.94
C CYS D 851 -42.44 -28.91 -7.77
N CYS D 852 -42.98 -28.42 -6.66
CA CYS D 852 -44.42 -28.52 -6.40
C CYS D 852 -45.20 -27.34 -6.95
N PHE D 853 -44.54 -26.30 -7.44
CA PHE D 853 -45.20 -25.09 -7.89
C PHE D 853 -45.55 -25.20 -9.38
N PRO D 854 -46.78 -24.84 -9.76
CA PRO D 854 -47.18 -24.96 -11.17
C PRO D 854 -46.56 -23.87 -12.02
N MET D 855 -46.13 -24.25 -13.23
CA MET D 855 -45.62 -23.32 -14.24
C MET D 855 -44.46 -22.50 -13.71
N VAL D 856 -43.50 -23.18 -13.09
CA VAL D 856 -42.24 -22.57 -12.68
C VAL D 856 -41.12 -23.32 -13.40
N TYR D 857 -40.42 -22.62 -14.29
CA TYR D 857 -39.38 -23.20 -15.12
C TYR D 857 -38.09 -22.40 -14.97
N TYR D 858 -36.98 -23.02 -15.32
CA TYR D 858 -35.68 -22.37 -15.27
C TYR D 858 -34.95 -22.60 -16.59
N MET D 859 -33.96 -21.75 -16.85
CA MET D 859 -33.23 -21.80 -18.10
C MET D 859 -31.88 -21.11 -17.90
N GLU D 860 -30.90 -21.52 -18.70
CA GLU D 860 -29.55 -20.99 -18.60
C GLU D 860 -29.38 -19.80 -19.55
N GLY D 861 -28.89 -18.70 -19.01
CA GLY D 861 -28.68 -17.51 -19.80
C GLY D 861 -28.59 -16.29 -18.90
N SER D 862 -28.62 -15.11 -19.54
CA SER D 862 -28.52 -13.86 -18.82
C SER D 862 -29.30 -12.79 -19.55
N VAL D 863 -29.42 -11.62 -18.92
CA VAL D 863 -30.12 -10.51 -19.53
C VAL D 863 -29.33 -9.89 -20.68
N ASP D 864 -28.02 -10.09 -20.72
CA ASP D 864 -27.21 -9.56 -21.80
C ASP D 864 -27.18 -10.45 -23.04
N ASN D 865 -27.68 -11.67 -22.93
CA ASN D 865 -27.73 -12.60 -24.05
C ASN D 865 -29.13 -12.54 -24.66
N LEU D 866 -29.22 -11.91 -25.83
CA LEU D 866 -30.53 -11.75 -26.47
C LEU D 866 -31.09 -13.08 -26.96
N ASP D 867 -30.23 -14.01 -27.35
CA ASP D 867 -30.70 -15.32 -27.77
C ASP D 867 -31.41 -16.05 -26.64
N SER D 868 -30.84 -16.00 -25.43
CA SER D 868 -31.47 -16.64 -24.29
C SER D 868 -32.80 -15.99 -23.95
N LEU D 869 -32.87 -14.66 -24.00
CA LEU D 869 -34.10 -13.95 -23.65
C LEU D 869 -35.24 -14.27 -24.61
N LEU D 870 -34.93 -14.37 -25.90
CA LEU D 870 -35.97 -14.75 -26.86
C LEU D 870 -36.43 -16.18 -26.65
N GLN D 871 -35.53 -17.06 -26.18
CA GLN D 871 -35.92 -18.42 -25.86
C GLN D 871 -36.82 -18.47 -24.63
N CYS D 872 -36.59 -17.57 -23.67
CA CYS D 872 -37.39 -17.55 -22.46
C CYS D 872 -38.85 -17.19 -22.75
N GLY D 873 -39.08 -16.37 -23.77
CA GLY D 873 -40.42 -15.93 -24.07
C GLY D 873 -40.62 -14.46 -23.75
N ILE D 874 -39.57 -13.66 -23.99
CA ILE D 874 -39.62 -12.23 -23.69
C ILE D 874 -40.62 -11.51 -24.58
N ILE D 875 -41.03 -12.15 -25.69
CA ILE D 875 -41.99 -11.53 -26.60
C ILE D 875 -43.34 -11.34 -25.91
N TYR D 876 -43.75 -12.32 -25.12
CA TYR D 876 -45.06 -12.31 -24.46
C TYR D 876 -44.86 -12.44 -22.94
N ALA D 877 -43.92 -11.65 -22.41
CA ALA D 877 -43.66 -11.60 -20.98
C ALA D 877 -44.08 -10.22 -20.47
N ASP D 878 -44.97 -10.21 -19.47
CA ASP D 878 -45.44 -8.93 -18.95
C ASP D 878 -44.40 -8.28 -18.04
N ASN D 879 -43.56 -9.09 -17.39
CA ASN D 879 -42.55 -8.58 -16.47
C ASN D 879 -41.22 -9.26 -16.72
N LEU D 880 -40.14 -8.48 -16.61
CA LEU D 880 -38.78 -8.98 -16.66
C LEU D 880 -38.03 -8.43 -15.45
N VAL D 881 -37.80 -9.28 -14.46
CA VAL D 881 -37.14 -8.87 -13.21
C VAL D 881 -35.67 -9.21 -13.33
N VAL D 882 -34.82 -8.21 -13.21
CA VAL D 882 -33.37 -8.37 -13.32
C VAL D 882 -32.78 -8.21 -11.92
N VAL D 883 -32.20 -9.29 -11.41
CA VAL D 883 -31.54 -9.29 -10.12
C VAL D 883 -30.05 -9.58 -10.28
N ASP D 884 -29.54 -9.47 -11.49
CA ASP D 884 -28.16 -9.84 -11.78
C ASP D 884 -27.18 -8.99 -10.99
N LYS D 885 -26.12 -9.62 -10.49
CA LYS D 885 -25.10 -8.97 -9.69
C LYS D 885 -23.76 -9.06 -10.40
N GLU D 886 -23.03 -7.95 -10.42
CA GLU D 886 -21.71 -7.90 -11.05
C GLU D 886 -20.61 -7.79 -10.00
N ALA D 891 -16.42 -3.06 -7.71
CA ALA D 891 -15.69 -1.95 -8.30
C ALA D 891 -15.14 -1.03 -7.22
N GLU D 892 -14.04 -0.34 -7.54
CA GLU D 892 -13.45 0.60 -6.59
C GLU D 892 -14.31 1.85 -6.45
N GLU D 893 -14.59 2.53 -7.57
CA GLU D 893 -15.55 3.62 -7.55
C GLU D 893 -16.94 3.07 -7.25
N ASP D 894 -17.53 3.52 -6.14
CA ASP D 894 -18.69 2.86 -5.56
C ASP D 894 -19.87 2.82 -6.51
N TYR D 895 -20.18 3.95 -7.14
CA TYR D 895 -21.39 4.04 -7.96
C TYR D 895 -21.27 3.27 -9.25
N MET D 896 -20.08 2.75 -9.56
CA MET D 896 -19.87 2.05 -10.81
C MET D 896 -20.24 0.57 -10.73
N ALA D 897 -20.66 0.09 -9.56
CA ALA D 897 -21.05 -1.30 -9.41
C ALA D 897 -22.27 -1.64 -10.25
N ASP D 898 -23.14 -0.67 -10.49
CA ASP D 898 -24.37 -0.88 -11.26
C ASP D 898 -24.18 -0.62 -12.75
N ALA D 899 -22.96 -0.33 -13.19
CA ALA D 899 -22.75 0.04 -14.58
C ALA D 899 -23.14 -1.09 -15.53
N LYS D 900 -22.79 -2.33 -15.19
CA LYS D 900 -23.12 -3.45 -16.04
C LYS D 900 -24.63 -3.71 -16.07
N THR D 901 -25.28 -3.64 -14.89
CA THR D 901 -26.71 -3.88 -14.84
C THR D 901 -27.50 -2.77 -15.53
N ILE D 902 -27.05 -1.52 -15.35
CA ILE D 902 -27.77 -0.38 -15.93
C ILE D 902 -27.74 -0.44 -17.45
N VAL D 903 -26.57 -0.71 -18.03
CA VAL D 903 -26.44 -0.73 -19.48
C VAL D 903 -27.17 -1.93 -20.07
N ASN D 904 -27.05 -3.09 -19.42
CA ASN D 904 -27.72 -4.30 -19.92
C ASN D 904 -29.24 -4.12 -19.92
N VAL D 905 -29.78 -3.54 -18.86
CA VAL D 905 -31.21 -3.24 -18.81
C VAL D 905 -31.57 -2.18 -19.84
N GLN D 906 -30.67 -1.22 -20.06
CA GLN D 906 -30.92 -0.18 -21.06
C GLN D 906 -31.02 -0.77 -22.46
N THR D 907 -30.17 -1.75 -22.77
CA THR D 907 -30.20 -2.37 -24.09
C THR D 907 -31.57 -2.99 -24.37
N MET D 908 -32.14 -3.66 -23.37
CA MET D 908 -33.46 -4.26 -23.54
C MET D 908 -34.56 -3.20 -23.51
N PHE D 909 -34.30 -2.07 -22.85
CA PHE D 909 -35.23 -0.95 -22.93
C PHE D 909 -35.31 -0.40 -24.35
N ARG D 910 -34.23 -0.50 -25.11
CA ARG D 910 -34.22 -0.06 -26.49
C ARG D 910 -34.68 -1.13 -27.47
N LEU D 911 -34.40 -2.40 -27.18
CA LEU D 911 -34.86 -3.47 -28.05
C LEU D 911 -36.35 -3.75 -27.89
N PHE D 912 -36.85 -3.69 -26.65
CA PHE D 912 -38.26 -3.95 -26.34
C PHE D 912 -38.80 -2.76 -25.54
N PRO D 913 -39.17 -1.67 -26.20
CA PRO D 913 -39.66 -0.50 -25.47
C PRO D 913 -40.93 -0.74 -24.66
N SER D 914 -41.79 -1.66 -25.10
CA SER D 914 -43.05 -1.93 -24.42
C SER D 914 -42.90 -2.89 -23.24
N LEU D 915 -41.76 -3.54 -23.10
CA LEU D 915 -41.56 -4.50 -22.02
C LEU D 915 -41.40 -3.78 -20.69
N SER D 916 -41.92 -4.39 -19.63
CA SER D 916 -41.82 -3.88 -18.28
C SER D 916 -40.67 -4.58 -17.57
N ILE D 917 -39.56 -3.86 -17.36
CA ILE D 917 -38.37 -4.40 -16.73
C ILE D 917 -38.28 -3.81 -15.33
N THR D 918 -38.14 -4.67 -14.33
CA THR D 918 -37.98 -4.26 -12.95
C THR D 918 -36.57 -4.62 -12.49
N THR D 919 -35.88 -3.65 -11.90
CA THR D 919 -34.47 -3.79 -11.56
C THR D 919 -34.24 -3.38 -10.10
N GLU D 920 -33.19 -3.96 -9.51
CA GLU D 920 -32.73 -3.61 -8.18
C GLU D 920 -31.31 -3.10 -8.29
N LEU D 921 -31.07 -1.90 -7.76
CA LEU D 921 -29.77 -1.24 -7.85
C LEU D 921 -29.15 -1.07 -6.47
N THR D 922 -27.83 -1.14 -6.41
CA THR D 922 -27.12 -0.99 -5.14
C THR D 922 -27.27 0.43 -4.59
N HIS D 923 -27.19 1.44 -5.46
CA HIS D 923 -27.20 2.83 -5.04
C HIS D 923 -28.44 3.53 -5.56
N PRO D 924 -29.20 4.23 -4.70
CA PRO D 924 -30.35 5.01 -5.20
C PRO D 924 -29.96 6.14 -6.13
N SER D 925 -28.71 6.61 -6.07
CA SER D 925 -28.27 7.67 -6.96
C SER D 925 -28.21 7.20 -8.41
N ASN D 926 -28.18 5.88 -8.63
CA ASN D 926 -28.15 5.32 -9.98
C ASN D 926 -29.53 5.06 -10.55
N MET D 927 -30.60 5.35 -9.79
CA MET D 927 -31.95 5.12 -10.28
C MET D 927 -32.31 6.00 -11.47
N ARG D 928 -31.58 7.10 -11.68
CA ARG D 928 -31.84 7.97 -12.81
C ARG D 928 -31.45 7.35 -14.13
N PHE D 929 -30.63 6.31 -14.12
CA PHE D 929 -30.09 5.72 -15.34
C PHE D 929 -30.87 4.50 -15.82
N MET D 930 -31.99 4.17 -15.16
CA MET D 930 -32.70 2.95 -15.52
C MET D 930 -33.30 2.99 -16.91
N GLN D 931 -34.05 4.03 -17.25
CA GLN D 931 -34.57 4.17 -18.60
C GLN D 931 -34.19 5.55 -19.10
N PHE D 932 -32.99 5.66 -19.65
CA PHE D 932 -32.34 6.94 -19.88
C PHE D 932 -32.69 7.46 -21.27
N ARG D 933 -33.43 8.56 -21.31
CA ARG D 933 -33.71 9.28 -22.54
C ARG D 933 -32.89 10.56 -22.52
N ALA D 934 -31.74 10.54 -23.21
CA ALA D 934 -30.86 11.70 -23.21
C ALA D 934 -31.47 12.88 -23.94
N LYS D 935 -32.23 12.63 -25.01
CA LYS D 935 -32.91 13.69 -25.74
C LYS D 935 -34.36 13.78 -25.24
N ASP D 936 -34.48 14.18 -23.98
CA ASP D 936 -35.80 14.33 -23.35
C ASP D 936 -35.70 15.46 -22.33
N SER D 937 -36.40 16.57 -22.62
CA SER D 937 -36.33 17.74 -21.74
C SER D 937 -36.96 17.47 -20.38
N TYR D 938 -38.07 16.72 -20.34
CA TYR D 938 -38.75 16.48 -19.08
C TYR D 938 -37.90 15.65 -18.13
N SER D 939 -37.35 14.53 -18.62
CA SER D 939 -36.47 13.72 -17.77
C SER D 939 -35.21 14.46 -17.39
N LEU D 940 -34.76 15.40 -18.22
CA LEU D 940 -33.62 16.24 -17.87
C LEU D 940 -34.00 17.33 -16.89
N ALA D 941 -35.25 17.81 -16.94
CA ALA D 941 -35.72 18.80 -15.97
C ALA D 941 -35.93 18.18 -14.60
N LEU D 942 -36.18 16.88 -14.53
CA LEU D 942 -36.33 16.21 -13.23
C LEU D 942 -35.04 16.26 -12.43
N SER D 943 -33.89 16.36 -13.11
CA SER D 943 -32.63 16.52 -12.40
C SER D 943 -32.60 17.82 -11.62
N LYS D 944 -33.15 18.90 -12.20
CA LYS D 944 -33.22 20.17 -11.49
C LYS D 944 -34.11 20.07 -10.27
N LEU D 945 -35.25 19.38 -10.40
CA LEU D 945 -36.15 19.19 -9.27
C LEU D 945 -35.48 18.35 -8.18
N GLU D 946 -34.79 17.28 -8.57
CA GLU D 946 -34.13 16.43 -7.60
C GLU D 946 -33.01 17.18 -6.88
N LYS D 947 -32.30 18.07 -7.58
CA LYS D 947 -31.26 18.87 -6.94
C LYS D 947 -31.86 19.87 -5.97
N ARG D 948 -33.01 20.45 -6.30
CA ARG D 948 -33.67 21.38 -5.39
C ARG D 948 -34.11 20.68 -4.12
N GLU D 949 -34.70 19.48 -4.26
CA GLU D 949 -35.09 18.71 -3.07
C GLU D 949 -33.87 18.30 -2.26
N ARG D 950 -32.79 17.92 -2.95
CA ARG D 950 -31.54 17.62 -2.26
C ARG D 950 -30.96 18.86 -1.59
N GLU D 951 -31.24 20.05 -2.13
CA GLU D 951 -30.81 21.29 -1.49
C GLU D 951 -31.54 21.51 -0.17
N ASN D 952 -32.84 21.22 -0.15
CA ASN D 952 -33.64 21.41 1.06
C ASN D 952 -33.43 20.31 2.10
N GLY D 953 -32.45 19.43 1.90
CA GLY D 953 -32.18 18.40 2.89
C GLY D 953 -33.15 17.24 2.89
N SER D 954 -33.84 17.01 1.78
CA SER D 954 -34.77 15.90 1.68
C SER D 954 -34.02 14.59 1.49
N ASN D 955 -34.38 13.58 2.30
CA ASN D 955 -33.83 12.25 2.12
C ASN D 955 -34.49 11.50 0.97
N LEU D 956 -35.66 11.93 0.52
CA LEU D 956 -36.32 11.35 -0.65
C LEU D 956 -36.13 12.31 -1.82
N ALA D 957 -34.96 12.23 -2.44
CA ALA D 957 -34.65 13.05 -3.61
C ALA D 957 -34.69 12.27 -4.92
N PHE D 958 -34.42 10.98 -4.86
CA PHE D 958 -34.57 10.08 -6.00
C PHE D 958 -36.04 9.86 -6.30
N MET D 959 -36.91 10.35 -5.42
CA MET D 959 -38.33 10.06 -5.48
C MET D 959 -38.95 10.46 -6.81
N PHE D 960 -38.56 11.61 -7.35
CA PHE D 960 -39.21 12.17 -8.52
C PHE D 960 -38.66 11.62 -9.85
N ARG D 961 -37.67 10.73 -9.79
CA ARG D 961 -37.24 10.04 -10.99
C ARG D 961 -38.36 9.14 -11.50
N LEU D 962 -38.59 9.17 -12.81
CA LEU D 962 -39.70 8.41 -13.39
C LEU D 962 -39.61 6.91 -13.15
N PRO D 963 -38.46 6.23 -13.34
CA PRO D 963 -38.44 4.79 -13.08
C PRO D 963 -38.79 4.43 -11.65
N PHE D 964 -38.35 5.22 -10.66
CA PHE D 964 -38.65 4.91 -9.27
C PHE D 964 -40.14 5.09 -8.99
N ALA D 965 -40.71 6.21 -9.45
CA ALA D 965 -42.13 6.48 -9.20
C ALA D 965 -43.04 5.44 -9.84
N ALA D 966 -42.62 4.84 -10.94
CA ALA D 966 -43.40 3.81 -11.63
C ALA D 966 -43.13 2.42 -11.09
N GLY D 967 -42.26 2.28 -10.09
CA GLY D 967 -41.93 0.99 -9.55
C GLY D 967 -40.94 0.19 -10.38
N ARG D 968 -40.29 0.82 -11.35
CA ARG D 968 -39.35 0.10 -12.21
C ARG D 968 -38.05 -0.21 -11.48
N VAL D 969 -37.67 0.59 -10.49
CA VAL D 969 -36.44 0.40 -9.75
C VAL D 969 -36.71 0.59 -8.26
N PHE D 970 -36.01 -0.20 -7.46
CA PHE D 970 -35.85 0.06 -6.03
C PHE D 970 -34.46 -0.39 -5.63
N SER D 971 -33.99 0.12 -4.50
CA SER D 971 -32.70 -0.25 -3.95
C SER D 971 -32.90 -0.99 -2.65
N ILE D 972 -31.91 -1.81 -2.29
CA ILE D 972 -31.94 -2.50 -1.00
C ILE D 972 -31.57 -1.57 0.14
N SER D 973 -30.97 -0.41 -0.16
CA SER D 973 -30.65 0.56 0.87
C SER D 973 -31.89 1.06 1.62
N MET D 974 -33.07 0.96 1.02
CA MET D 974 -34.29 1.30 1.75
C MET D 974 -34.50 0.34 2.93
N LEU D 975 -34.04 -0.90 2.78
CA LEU D 975 -34.18 -1.87 3.86
C LEU D 975 -33.31 -1.50 5.05
N ASP D 976 -32.19 -0.83 4.79
CA ASP D 976 -31.40 -0.27 5.88
C ASP D 976 -32.20 0.78 6.65
N THR D 977 -32.92 1.65 5.93
CA THR D 977 -33.76 2.64 6.57
C THR D 977 -34.88 1.98 7.36
N LEU D 978 -35.38 0.84 6.89
CA LEU D 978 -36.39 0.10 7.65
C LEU D 978 -35.82 -0.37 8.99
N LEU D 979 -34.58 -0.81 9.00
CA LEU D 979 -33.96 -1.25 10.26
C LEU D 979 -33.73 -0.07 11.21
N TYR D 980 -33.24 1.05 10.68
CA TYR D 980 -33.02 2.22 11.53
C TYR D 980 -34.33 2.77 12.07
N GLN D 981 -35.39 2.70 11.27
CA GLN D 981 -36.70 3.11 11.73
C GLN D 981 -37.19 2.24 12.88
N SER D 982 -36.75 0.99 12.93
CA SER D 982 -37.20 0.07 13.98
C SER D 982 -36.70 0.47 15.36
N PHE D 983 -35.65 1.28 15.44
CA PHE D 983 -35.24 1.81 16.72
C PHE D 983 -36.29 2.74 17.32
N VAL D 984 -37.08 3.38 16.46
CA VAL D 984 -38.18 4.23 16.91
C VAL D 984 -39.54 3.59 16.68
N LYS D 985 -39.67 2.73 15.67
CA LYS D 985 -40.93 2.05 15.35
C LYS D 985 -40.68 0.55 15.39
N ASP D 986 -40.90 -0.05 16.56
CA ASP D 986 -40.66 -1.49 16.73
C ASP D 986 -41.63 -2.34 15.92
N TYR D 987 -42.70 -1.74 15.37
CA TYR D 987 -43.68 -2.47 14.58
C TYR D 987 -43.39 -2.42 13.08
N MET D 988 -42.42 -1.60 12.66
CA MET D 988 -42.24 -1.34 11.23
C MET D 988 -41.84 -2.59 10.47
N ILE D 989 -40.95 -3.40 11.03
CA ILE D 989 -40.53 -4.63 10.36
C ILE D 989 -41.70 -5.58 10.21
N THR D 990 -42.49 -5.74 11.27
CA THR D 990 -43.64 -6.64 11.21
C THR D 990 -44.64 -6.18 10.17
N ILE D 991 -44.91 -4.87 10.11
CA ILE D 991 -45.88 -4.34 9.16
C ILE D 991 -45.42 -4.61 7.73
N THR D 992 -44.13 -4.39 7.46
CA THR D 992 -43.61 -4.58 6.11
C THR D 992 -43.75 -6.04 5.68
N ARG D 993 -43.34 -6.98 6.55
CA ARG D 993 -43.45 -8.39 6.20
C ARG D 993 -44.89 -8.83 6.06
N LEU D 994 -45.80 -8.26 6.86
CA LEU D 994 -47.22 -8.56 6.69
C LEU D 994 -47.73 -8.11 5.33
N LEU D 995 -47.29 -6.94 4.87
CA LEU D 995 -47.67 -6.48 3.54
C LEU D 995 -47.03 -7.35 2.46
N LEU D 996 -45.77 -7.75 2.65
CA LEU D 996 -45.08 -8.58 1.69
C LEU D 996 -45.45 -10.04 1.78
N GLY D 997 -46.23 -10.44 2.79
CA GLY D 997 -46.55 -11.84 2.98
C GLY D 997 -45.42 -12.66 3.54
N LEU D 998 -44.34 -12.02 3.99
CA LEU D 998 -43.18 -12.74 4.50
C LEU D 998 -43.52 -13.49 5.79
N ASP D 999 -44.35 -12.90 6.64
CA ASP D 999 -44.89 -13.59 7.80
C ASP D 999 -46.40 -13.70 7.68
N THR D 1000 -46.93 -14.88 7.95
CA THR D 1000 -48.34 -15.19 7.76
C THR D 1000 -48.99 -15.43 9.12
N THR D 1001 -49.69 -14.43 9.62
CA THR D 1001 -50.45 -14.56 10.85
C THR D 1001 -51.89 -14.89 10.53
N PRO D 1002 -52.47 -15.95 11.09
CA PRO D 1002 -53.88 -16.25 10.82
C PRO D 1002 -54.76 -15.08 11.23
N GLY D 1003 -55.67 -14.71 10.33
CA GLY D 1003 -56.52 -13.54 10.54
C GLY D 1003 -55.93 -12.23 10.08
N SER D 1004 -54.81 -12.24 9.37
CA SER D 1004 -54.17 -11.04 8.89
C SER D 1004 -54.29 -10.95 7.37
N GLY D 1005 -54.52 -9.73 6.87
CA GLY D 1005 -54.78 -9.53 5.47
C GLY D 1005 -53.52 -9.53 4.62
N TYR D 1006 -53.74 -9.40 3.31
CA TYR D 1006 -52.67 -9.41 2.32
C TYR D 1006 -52.83 -8.23 1.37
N LEU D 1007 -51.70 -7.78 0.83
CA LEU D 1007 -51.71 -6.67 -0.11
C LEU D 1007 -52.21 -7.14 -1.48
N CYS D 1008 -53.20 -6.44 -2.01
CA CYS D 1008 -53.80 -6.75 -3.30
C CYS D 1008 -53.92 -5.47 -4.11
N ALA D 1009 -54.48 -5.60 -5.32
CA ALA D 1009 -54.69 -4.46 -6.19
C ALA D 1009 -55.96 -4.68 -7.01
N MET D 1010 -56.69 -3.60 -7.25
CA MET D 1010 -57.88 -3.64 -8.09
C MET D 1010 -57.76 -2.57 -9.16
N LYS D 1011 -58.27 -2.89 -10.35
CA LYS D 1011 -58.24 -1.98 -11.49
C LYS D 1011 -59.52 -1.16 -11.53
N ILE D 1012 -59.38 0.14 -11.71
CA ILE D 1012 -60.51 1.05 -11.85
C ILE D 1012 -60.76 1.20 -13.34
N THR D 1013 -61.75 0.48 -13.84
CA THR D 1013 -62.13 0.54 -15.24
C THR D 1013 -63.27 1.54 -15.44
N GLU D 1014 -63.66 1.73 -16.70
CA GLU D 1014 -64.70 2.71 -17.02
C GLU D 1014 -66.05 2.35 -16.42
N GLY D 1015 -66.27 1.06 -16.09
CA GLY D 1015 -67.49 0.69 -15.40
C GLY D 1015 -67.51 1.07 -13.94
N ASP D 1016 -66.38 1.48 -13.39
CA ASP D 1016 -66.27 1.93 -12.02
C ASP D 1016 -66.04 3.43 -11.90
N LEU D 1017 -66.12 4.16 -13.01
CA LEU D 1017 -65.93 5.61 -12.98
C LEU D 1017 -67.13 6.37 -12.42
N TRP D 1018 -68.28 5.71 -12.25
CA TRP D 1018 -69.36 6.35 -11.52
C TRP D 1018 -68.99 6.60 -10.07
N ILE D 1019 -68.02 5.84 -9.53
CA ILE D 1019 -67.40 6.15 -8.25
C ILE D 1019 -66.40 7.27 -8.51
N ARG D 1020 -66.83 8.52 -8.29
CA ARG D 1020 -66.05 9.66 -8.76
C ARG D 1020 -64.75 9.83 -7.98
N THR D 1021 -64.79 9.65 -6.67
CA THR D 1021 -63.66 9.99 -5.81
C THR D 1021 -63.13 8.77 -5.09
N TYR D 1022 -61.95 8.94 -4.49
CA TYR D 1022 -61.29 7.89 -3.73
C TYR D 1022 -62.01 7.59 -2.43
N GLY D 1023 -62.64 8.60 -1.82
CA GLY D 1023 -63.41 8.36 -0.61
C GLY D 1023 -64.64 7.51 -0.85
N ARG D 1024 -65.32 7.72 -1.97
CA ARG D 1024 -66.48 6.91 -2.30
C ARG D 1024 -66.09 5.46 -2.59
N LEU D 1025 -64.90 5.25 -3.16
CA LEU D 1025 -64.40 3.89 -3.30
C LEU D 1025 -64.14 3.25 -1.95
N PHE D 1026 -63.61 4.03 -1.00
CA PHE D 1026 -63.42 3.54 0.36
C PHE D 1026 -64.75 3.10 0.97
N GLN D 1027 -65.81 3.88 0.74
CA GLN D 1027 -67.12 3.53 1.26
C GLN D 1027 -67.65 2.25 0.63
N LYS D 1028 -67.54 2.14 -0.71
CA LYS D 1028 -68.06 0.96 -1.39
C LYS D 1028 -67.31 -0.30 -0.97
N LEU D 1029 -65.98 -0.23 -0.87
CA LEU D 1029 -65.21 -1.40 -0.47
C LEU D 1029 -65.51 -1.81 0.96
N CYS D 1030 -65.60 -0.83 1.87
CA CYS D 1030 -65.88 -1.11 3.27
C CYS D 1030 -67.33 -1.53 3.52
N SER D 1031 -68.22 -1.33 2.55
CA SER D 1031 -69.61 -1.73 2.70
C SER D 1031 -69.91 -3.06 2.04
N SER D 1032 -69.08 -3.52 1.11
CA SER D 1032 -69.31 -4.76 0.38
C SER D 1032 -68.27 -5.83 0.68
N SER D 1033 -66.99 -5.52 0.48
CA SER D 1033 -65.93 -6.50 0.66
C SER D 1033 -65.00 -6.19 1.81
N ALA D 1034 -65.17 -5.05 2.47
CA ALA D 1034 -64.39 -4.69 3.67
C ALA D 1034 -62.89 -4.65 3.38
N GLU D 1035 -62.53 -4.12 2.23
CA GLU D 1035 -61.13 -3.93 1.86
C GLU D 1035 -60.73 -2.48 2.07
N ILE D 1036 -59.47 -2.26 2.45
CA ILE D 1036 -59.00 -0.95 2.84
C ILE D 1036 -57.97 -0.44 1.84
N PRO D 1037 -58.28 0.59 1.06
CA PRO D 1037 -57.34 1.08 0.05
C PRO D 1037 -56.18 1.82 0.68
N ILE D 1038 -54.97 1.30 0.46
CA ILE D 1038 -53.76 2.01 0.88
C ILE D 1038 -53.56 3.27 0.04
N GLY D 1039 -53.65 3.13 -1.27
CA GLY D 1039 -53.39 4.26 -2.14
C GLY D 1039 -53.75 3.93 -3.57
N ILE D 1040 -53.30 4.81 -4.48
CA ILE D 1040 -53.60 4.69 -5.91
C ILE D 1040 -52.29 4.67 -6.69
N TYR D 1041 -52.22 3.78 -7.68
CA TYR D 1041 -51.16 3.79 -8.68
C TYR D 1041 -51.72 4.48 -9.92
N ARG D 1042 -51.28 5.71 -10.15
CA ARG D 1042 -51.85 6.57 -11.18
C ARG D 1042 -50.95 6.58 -12.42
N THR D 1043 -51.58 6.66 -13.58
CA THR D 1043 -50.87 6.70 -14.86
C THR D 1043 -51.40 7.85 -15.69
N GLU D 1044 -50.50 8.61 -16.31
CA GLU D 1044 -50.86 9.77 -17.11
C GLU D 1044 -50.21 9.68 -18.49
N SER D 1045 -50.80 10.40 -19.44
CA SER D 1045 -50.29 10.43 -20.80
C SER D 1045 -49.13 11.41 -20.89
N HIS D 1046 -47.94 10.89 -21.20
CA HIS D 1046 -46.70 11.66 -21.21
C HIS D 1046 -45.87 11.36 -22.45
N VAL D 1047 -46.48 11.50 -23.63
CA VAL D 1047 -45.80 11.29 -24.90
C VAL D 1047 -44.43 11.95 -24.89
N PHE D 1048 -43.39 11.16 -25.17
CA PHE D 1048 -42.02 11.62 -25.05
C PHE D 1048 -41.51 12.24 -26.36
N ALA D 1128 -29.45 -2.86 -65.25
CA ALA D 1128 -30.28 -1.89 -64.55
C ALA D 1128 -30.37 -2.21 -63.06
N ALA D 1129 -29.55 -3.17 -62.63
CA ALA D 1129 -29.54 -3.55 -61.22
C ALA D 1129 -29.05 -2.42 -60.33
N ALA D 1130 -28.24 -1.50 -60.89
CA ALA D 1130 -27.74 -0.38 -60.10
C ALA D 1130 -28.86 0.52 -59.63
N GLU D 1131 -29.95 0.62 -60.40
CA GLU D 1131 -31.11 1.40 -59.96
C GLU D 1131 -31.72 0.80 -58.70
N TRP D 1132 -31.84 -0.53 -58.66
CA TRP D 1132 -32.33 -1.19 -57.45
C TRP D 1132 -31.35 -1.05 -56.30
N ILE D 1133 -30.05 -1.10 -56.58
CA ILE D 1133 -29.05 -0.94 -55.53
C ILE D 1133 -29.12 0.47 -54.95
N SER D 1134 -29.27 1.47 -55.82
CA SER D 1134 -29.42 2.85 -55.36
C SER D 1134 -30.68 3.02 -54.52
N GLN D 1135 -31.77 2.35 -54.91
CA GLN D 1135 -33.01 2.44 -54.13
C GLN D 1135 -32.82 1.85 -52.73
N GLN D 1136 -32.15 0.69 -52.64
CA GLN D 1136 -31.90 0.10 -51.34
C GLN D 1136 -30.88 0.91 -50.55
N ARG D 1137 -29.92 1.54 -51.23
CA ARG D 1137 -28.93 2.36 -50.54
C ARG D 1137 -29.57 3.57 -49.88
N LEU D 1138 -30.48 4.24 -50.59
CA LEU D 1138 -31.14 5.42 -50.02
C LEU D 1138 -32.11 5.05 -48.91
N SER D 1139 -32.88 3.97 -49.10
CA SER D 1139 -33.85 3.56 -48.10
C SER D 1139 -33.15 3.21 -46.78
N LEU D 1140 -32.02 2.51 -46.89
CA LEU D 1140 -31.27 2.03 -45.73
C LEU D 1140 -30.39 3.13 -45.13
N TYR D 1141 -30.15 4.22 -45.88
CA TYR D 1141 -29.55 5.43 -45.29
C TYR D 1141 -30.57 6.22 -44.48
N ARG D 1142 -31.82 6.25 -44.94
CA ARG D 1142 -32.88 6.98 -44.26
C ARG D 1142 -33.46 6.24 -43.07
N ARG D 1143 -33.17 4.95 -42.92
CA ARG D 1143 -33.80 4.15 -41.88
C ARG D 1143 -33.33 4.61 -40.51
N SER D 1144 -34.24 4.55 -39.54
CA SER D 1144 -33.98 5.09 -38.22
C SER D 1144 -33.32 4.05 -37.31
N GLU D 1145 -33.01 4.46 -36.09
CA GLU D 1145 -32.43 3.55 -35.11
C GLU D 1145 -33.46 2.55 -34.60
N ARG D 1146 -34.73 2.95 -34.51
CA ARG D 1146 -35.78 2.01 -34.11
C ARG D 1146 -35.89 0.87 -35.11
N GLN D 1147 -35.78 1.17 -36.40
CA GLN D 1147 -35.79 0.12 -37.41
C GLN D 1147 -34.55 -0.76 -37.27
N GLU D 1148 -33.41 -0.18 -36.89
CA GLU D 1148 -32.20 -0.96 -36.67
C GLU D 1148 -32.38 -1.94 -35.53
N LEU D 1149 -32.96 -1.50 -34.43
CA LEU D 1149 -33.19 -2.39 -33.29
C LEU D 1149 -34.25 -3.43 -33.62
N SER D 1150 -35.29 -3.04 -34.35
CA SER D 1150 -36.35 -3.98 -34.71
C SER D 1150 -35.83 -5.09 -35.60
N GLU D 1151 -35.01 -4.75 -36.60
CA GLU D 1151 -34.50 -5.78 -37.52
C GLU D 1151 -33.51 -6.71 -36.82
N LEU D 1152 -32.75 -6.19 -35.87
CA LEU D 1152 -31.82 -7.04 -35.12
C LEU D 1152 -32.57 -8.11 -34.35
N VAL D 1153 -33.65 -7.73 -33.66
CA VAL D 1153 -34.45 -8.69 -32.92
C VAL D 1153 -35.10 -9.69 -33.87
N LYS D 1154 -35.63 -9.21 -35.00
CA LYS D 1154 -36.24 -10.10 -35.97
C LYS D 1154 -35.21 -11.03 -36.61
N ASN D 1155 -33.99 -10.54 -36.87
CA ASN D 1155 -32.95 -11.41 -37.41
C ASN D 1155 -32.61 -12.51 -36.42
N ARG D 1156 -32.51 -12.17 -35.13
CA ARG D 1156 -32.25 -13.19 -34.12
C ARG D 1156 -33.42 -14.15 -33.98
N MET D 1157 -34.64 -13.64 -34.10
CA MET D 1157 -35.82 -14.49 -33.92
C MET D 1157 -35.93 -15.52 -35.03
N LYS D 1158 -35.72 -15.12 -36.28
CA LYS D 1158 -35.70 -16.09 -37.38
C LYS D 1158 -34.51 -17.04 -37.28
N HIS D 1159 -33.38 -16.58 -36.74
CA HIS D 1159 -32.27 -17.47 -36.50
C HIS D 1159 -32.66 -18.54 -35.48
N LEU D 1160 -33.35 -18.15 -34.41
CA LEU D 1160 -33.78 -19.11 -33.39
C LEU D 1160 -35.02 -19.89 -33.82
N GLY D 1161 -35.72 -19.45 -34.86
CA GLY D 1161 -36.90 -20.13 -35.35
C GLY D 1161 -38.22 -19.55 -34.88
N LEU D 1162 -38.21 -18.43 -34.16
CA LEU D 1162 -39.45 -17.85 -33.68
C LEU D 1162 -40.04 -16.92 -34.74
N PRO D 1163 -41.38 -16.88 -34.84
CA PRO D 1163 -42.01 -15.99 -35.82
C PRO D 1163 -41.70 -14.52 -35.53
N THR D 1164 -41.52 -13.74 -36.61
CA THR D 1164 -41.31 -12.32 -36.45
C THR D 1164 -42.55 -11.62 -35.90
N THR D 1165 -43.72 -12.01 -36.39
CA THR D 1165 -44.96 -11.40 -35.93
C THR D 1165 -45.21 -11.76 -34.47
N GLY D 1166 -45.82 -10.83 -33.74
CA GLY D 1166 -45.96 -10.92 -32.31
C GLY D 1166 -44.95 -10.10 -31.53
N TYR D 1167 -43.81 -9.77 -32.16
CA TYR D 1167 -42.87 -8.83 -31.57
C TYR D 1167 -43.41 -7.40 -31.58
N ASP D 1168 -44.36 -7.10 -32.46
CA ASP D 1168 -44.96 -5.77 -32.53
C ASP D 1168 -45.83 -5.50 -31.31
N HIS D 1173 -42.76 3.54 -27.47
CA HIS D 1173 -43.88 2.61 -27.33
C HIS D 1173 -44.56 2.75 -25.98
N GLN D 1174 -43.84 3.34 -25.02
CA GLN D 1174 -44.34 3.55 -23.67
C GLN D 1174 -44.42 5.06 -23.42
N ASN D 1175 -45.52 5.67 -23.84
CA ASN D 1175 -45.75 7.10 -23.65
C ASN D 1175 -46.67 7.31 -22.46
N THR D 1176 -46.18 6.93 -21.29
CA THR D 1176 -46.97 7.03 -20.06
C THR D 1176 -46.06 7.42 -18.91
N LEU D 1177 -46.68 8.01 -17.88
CA LEU D 1177 -45.99 8.43 -16.67
C LEU D 1177 -46.79 7.92 -15.48
N SER D 1178 -46.12 7.23 -14.55
CA SER D 1178 -46.78 6.59 -13.43
C SER D 1178 -46.15 7.01 -12.11
N TYR D 1179 -46.97 7.05 -11.07
CA TYR D 1179 -46.52 7.42 -9.73
C TYR D 1179 -47.48 6.80 -8.72
N VAL D 1180 -47.06 6.82 -7.45
CA VAL D 1180 -47.79 6.18 -6.36
C VAL D 1180 -48.30 7.25 -5.41
N LEU D 1181 -49.60 7.20 -5.10
CA LEU D 1181 -50.22 8.14 -4.16
C LEU D 1181 -50.57 7.36 -2.89
N ILE D 1182 -49.79 7.55 -1.85
CA ILE D 1182 -50.02 6.85 -0.59
C ILE D 1182 -51.07 7.60 0.21
N ASN D 1183 -52.17 6.92 0.53
CA ASN D 1183 -53.25 7.47 1.33
C ASN D 1183 -53.70 8.85 0.83
N PRO D 1184 -54.26 8.93 -0.37
CA PRO D 1184 -54.75 10.21 -0.86
C PRO D 1184 -55.99 10.64 -0.09
N PRO D 1185 -56.28 11.93 -0.03
CA PRO D 1185 -57.49 12.41 0.66
C PRO D 1185 -58.73 11.85 0.01
N PRO D 1186 -59.84 11.73 0.76
CA PRO D 1186 -61.06 11.12 0.19
C PRO D 1186 -61.68 11.91 -0.95
N ASP D 1187 -61.21 13.13 -1.23
CA ASP D 1187 -61.77 13.94 -2.30
C ASP D 1187 -61.03 13.78 -3.63
N THR D 1188 -59.94 13.02 -3.66
CA THR D 1188 -59.19 12.87 -4.90
C THR D 1188 -60.01 12.09 -5.93
N ARG D 1189 -60.00 12.59 -7.16
CA ARG D 1189 -60.82 12.01 -8.21
C ARG D 1189 -60.18 10.74 -8.76
N LEU D 1190 -61.03 9.76 -9.08
CA LEU D 1190 -60.58 8.51 -9.67
C LEU D 1190 -60.45 8.67 -11.18
N GLU D 1191 -59.28 8.38 -11.70
CA GLU D 1191 -59.03 8.44 -13.12
C GLU D 1191 -59.06 7.04 -13.73
N PRO D 1192 -59.30 6.93 -15.04
CA PRO D 1192 -59.25 5.62 -15.69
C PRO D 1192 -57.85 5.03 -15.65
N SER D 1193 -57.80 3.70 -15.70
CA SER D 1193 -56.57 2.91 -15.62
C SER D 1193 -55.84 3.11 -14.29
N ASP D 1194 -56.54 3.57 -13.26
CA ASP D 1194 -55.96 3.67 -11.93
C ASP D 1194 -55.95 2.30 -11.26
N ILE D 1195 -54.88 2.03 -10.52
CA ILE D 1195 -54.74 0.79 -9.76
C ILE D 1195 -54.71 1.15 -8.29
N VAL D 1196 -55.63 0.59 -7.51
CA VAL D 1196 -55.78 0.91 -6.11
C VAL D 1196 -55.20 -0.22 -5.28
N TYR D 1197 -54.23 0.10 -4.43
CA TYR D 1197 -53.68 -0.90 -3.51
C TYR D 1197 -54.70 -1.21 -2.42
N LEU D 1198 -54.88 -2.48 -2.14
CA LEU D 1198 -55.87 -2.94 -1.17
C LEU D 1198 -55.23 -3.88 -0.15
N ILE D 1199 -55.75 -3.84 1.07
CA ILE D 1199 -55.44 -4.84 2.09
C ILE D 1199 -56.71 -5.65 2.31
N ARG D 1200 -56.81 -6.78 1.63
CA ARG D 1200 -57.98 -7.63 1.73
C ARG D 1200 -57.87 -8.54 2.94
N SER D 1201 -58.96 -8.65 3.68
CA SER D 1201 -58.97 -9.47 4.89
C SER D 1201 -58.75 -10.94 4.55
N ASP D 1202 -58.32 -11.70 5.55
CA ASP D 1202 -57.99 -13.10 5.35
C ASP D 1202 -59.24 -13.87 4.93
N PRO D 1203 -59.21 -14.61 3.83
CA PRO D 1203 -60.41 -15.34 3.40
C PRO D 1203 -60.74 -16.52 4.31
N LEU D 1204 -59.74 -17.18 4.88
CA LEU D 1204 -60.00 -18.33 5.74
C LEU D 1204 -60.37 -17.93 7.16
N ALA D 1205 -60.20 -16.68 7.53
CA ALA D 1205 -60.55 -16.21 8.87
C ALA D 1205 -62.01 -15.78 8.93
ZN ZN E . -17.69 -27.47 -45.18
NA NA F . -11.10 -26.45 -44.41
K K G . 16.52 41.64 24.18
K K H . 17.88 45.07 26.20
K K I . 15.63 39.39 22.90
K K J . -3.47 -14.54 -32.71
K K K . -1.45 22.96 -40.47
K K L . -0.86 17.87 -40.00
ZN ZN M . 7.83 -46.89 -29.05
K K N . 10.57 -32.32 -11.69
K K O . 8.74 -46.99 -22.65
K K P . 43.85 -13.21 -9.06
K K Q . 39.80 -16.40 -8.74
ZN ZN R . -14.60 -53.68 -2.01
K K S . -15.17 -32.08 5.64
K K T . -18.89 -49.39 0.31
K K U . -2.16 -25.54 35.61
K K V . 0.85 -24.49 39.64
ZN ZN W . -40.06 -34.33 -18.09
K K X . -29.13 -14.33 -15.50
K K Y . -38.94 -29.01 -21.24
K K Z . -42.83 8.75 4.31
K K AA . -44.45 11.74 8.25
#